data_6ZV3
#
_entry.id   6ZV3
#
_entity_poly.entity_id   1
_entity_poly.type   'polypeptide(L)'
_entity_poly.pdbx_seq_one_letter_code
;SMTAAPASPQQIRDRLLQAIDPQSNIRNMVAVLEVISSLEKYPITKEALEETRLGKLINDVRKKTKNEELAKRAKKLLRS
WQKLIEPAGS
;
_entity_poly.pdbx_strand_id   A
#
# COMPACT_ATOMS: atom_id res chain seq x y z
N SER A 1 -9.22 -12.65 19.30
CA SER A 1 -9.29 -13.03 17.87
C SER A 1 -8.98 -11.82 17.01
N MET A 2 -8.75 -12.03 15.72
CA MET A 2 -8.48 -10.92 14.79
C MET A 2 -9.74 -10.68 13.98
N THR A 3 -10.11 -9.43 13.78
CA THR A 3 -11.33 -9.08 13.07
C THR A 3 -11.00 -7.96 12.08
N ALA A 4 -11.52 -8.07 10.87
CA ALA A 4 -11.29 -7.07 9.83
C ALA A 4 -12.47 -7.17 8.86
N ALA A 5 -12.60 -6.21 7.98
CA ALA A 5 -13.70 -6.16 7.00
C ALA A 5 -13.13 -5.53 5.71
N PRO A 6 -13.72 -5.82 4.55
CA PRO A 6 -13.18 -5.21 3.33
C PRO A 6 -13.50 -3.73 3.23
N ALA A 7 -12.68 -3.02 2.47
CA ALA A 7 -12.86 -1.60 2.22
C ALA A 7 -12.56 -1.38 0.73
N SER A 8 -13.03 -0.29 0.16
CA SER A 8 -12.75 0.00 -1.24
C SER A 8 -11.29 0.40 -1.36
N PRO A 9 -10.69 0.27 -2.56
CA PRO A 9 -9.26 0.63 -2.65
C PRO A 9 -9.00 2.11 -2.34
N GLN A 10 -9.98 2.97 -2.59
CA GLN A 10 -9.82 4.38 -2.30
C GLN A 10 -9.85 4.62 -0.79
N GLN A 11 -10.67 3.87 -0.06
CA GLN A 11 -10.71 4.02 1.40
C GLN A 11 -9.39 3.52 2.00
N ILE A 12 -8.85 2.45 1.44
CA ILE A 12 -7.56 1.92 1.91
C ILE A 12 -6.45 2.95 1.66
N ARG A 13 -6.50 3.59 0.50
CA ARG A 13 -5.54 4.66 0.16
C ARG A 13 -5.68 5.83 1.13
N ASP A 14 -6.90 6.19 1.45
CA ASP A 14 -7.18 7.31 2.36
C ASP A 14 -6.64 7.00 3.75
N ARG A 15 -6.87 5.80 4.23
CA ARG A 15 -6.38 5.39 5.56
C ARG A 15 -4.85 5.47 5.63
N LEU A 16 -4.19 5.24 4.51
CA LEU A 16 -2.74 5.33 4.47
C LEU A 16 -2.30 6.76 4.63
N LEU A 17 -2.94 7.67 3.92
CA LEU A 17 -2.57 9.08 3.97
C LEU A 17 -2.79 9.63 5.37
N GLN A 18 -3.82 9.15 6.04
CA GLN A 18 -4.11 9.58 7.41
C GLN A 18 -3.15 8.94 8.43
N ALA A 19 -2.32 7.99 7.98
CA ALA A 19 -1.40 7.28 8.86
C ALA A 19 0.08 7.65 8.59
N ILE A 20 0.30 8.46 7.57
CA ILE A 20 1.65 8.89 7.21
C ILE A 20 1.73 10.40 7.11
N ASP A 21 2.94 10.91 7.05
CA ASP A 21 3.20 12.33 6.88
C ASP A 21 3.18 12.59 5.38
N PRO A 22 2.95 13.84 4.92
CA PRO A 22 3.08 14.06 3.47
C PRO A 22 4.46 13.68 2.88
N GLN A 23 5.50 13.64 3.70
CA GLN A 23 6.83 13.20 3.27
C GLN A 23 6.98 11.67 3.34
N SER A 24 5.86 10.98 3.51
CA SER A 24 5.77 9.51 3.64
C SER A 24 6.39 8.97 4.92
N ASN A 25 6.76 9.84 5.84
CA ASN A 25 7.30 9.43 7.13
C ASN A 25 6.17 8.74 7.88
N ILE A 26 6.47 7.70 8.63
CA ILE A 26 5.43 6.96 9.34
C ILE A 26 4.98 7.75 10.57
N ARG A 27 3.67 7.94 10.74
CA ARG A 27 3.15 8.63 11.93
C ARG A 27 2.34 7.68 12.79
N ASN A 28 1.52 6.85 12.16
CA ASN A 28 0.69 5.88 12.87
C ASN A 28 1.00 4.48 12.33
N MET A 29 2.12 3.91 12.77
CA MET A 29 2.60 2.64 12.24
C MET A 29 1.60 1.49 12.25
N VAL A 30 0.80 1.38 13.29
CA VAL A 30 -0.18 0.30 13.38
C VAL A 30 -1.15 0.41 12.21
N ALA A 31 -1.60 1.63 11.91
CA ALA A 31 -2.53 1.84 10.81
C ALA A 31 -1.86 1.58 9.47
N VAL A 32 -0.60 1.94 9.32
CA VAL A 32 0.11 1.68 8.06
C VAL A 32 0.23 0.16 7.86
N LEU A 33 0.59 -0.56 8.92
CA LEU A 33 0.71 -2.02 8.84
C LEU A 33 -0.62 -2.64 8.44
N GLU A 34 -1.70 -2.14 9.01
CA GLU A 34 -3.04 -2.64 8.67
C GLU A 34 -3.41 -2.32 7.23
N VAL A 35 -3.00 -1.17 6.72
CA VAL A 35 -3.25 -0.81 5.33
C VAL A 35 -2.51 -1.79 4.43
N ILE A 36 -1.25 -2.11 4.74
CA ILE A 36 -0.49 -3.04 3.91
C ILE A 36 -1.17 -4.41 3.96
N SER A 37 -1.57 -4.82 5.16
CA SER A 37 -2.23 -6.11 5.34
C SER A 37 -3.54 -6.15 4.58
N SER A 38 -4.24 -5.02 4.55
CA SER A 38 -5.49 -4.93 3.80
C SER A 38 -5.25 -5.07 2.32
N LEU A 39 -4.17 -4.50 1.79
CA LEU A 39 -3.89 -4.58 0.36
C LEU A 39 -3.41 -5.99 -0.02
N GLU A 40 -2.71 -6.65 0.88
CA GLU A 40 -2.29 -8.03 0.64
C GLU A 40 -3.51 -8.97 0.62
N LYS A 41 -4.56 -8.59 1.34
CA LYS A 41 -5.82 -9.38 1.33
C LYS A 41 -6.77 -8.98 0.20
N TYR A 42 -6.78 -7.70 -0.11
CA TYR A 42 -7.71 -7.13 -1.08
C TYR A 42 -6.93 -6.52 -2.25
N PRO A 43 -6.76 -7.29 -3.34
CA PRO A 43 -5.99 -6.71 -4.45
C PRO A 43 -6.72 -5.59 -5.16
N ILE A 44 -5.95 -4.66 -5.68
CA ILE A 44 -6.48 -3.51 -6.42
C ILE A 44 -6.20 -3.81 -7.90
N THR A 45 -6.98 -3.22 -8.80
CA THR A 45 -6.82 -3.46 -10.24
C THR A 45 -5.84 -2.45 -10.83
N LYS A 46 -5.37 -2.67 -12.05
CA LYS A 46 -4.42 -1.75 -12.68
C LYS A 46 -4.98 -0.34 -12.79
N GLU A 47 -6.20 -0.22 -13.28
CA GLU A 47 -6.83 1.09 -13.48
C GLU A 47 -6.99 1.82 -12.15
N ALA A 48 -7.43 1.11 -11.12
CA ALA A 48 -7.62 1.71 -9.82
C ALA A 48 -6.26 2.07 -9.20
N LEU A 49 -5.26 1.24 -9.41
CA LEU A 49 -3.92 1.50 -8.88
C LEU A 49 -3.36 2.79 -9.47
N GLU A 50 -3.68 3.01 -10.74
CA GLU A 50 -3.21 4.18 -11.46
C GLU A 50 -3.78 5.47 -10.84
N GLU A 51 -5.09 5.52 -10.65
CA GLU A 51 -5.72 6.70 -10.04
C GLU A 51 -5.28 6.87 -8.58
N THR A 52 -5.27 5.77 -7.82
CA THR A 52 -4.89 5.85 -6.40
C THR A 52 -3.40 6.17 -6.22
N ARG A 53 -2.60 5.91 -7.25
CA ARG A 53 -1.14 6.17 -7.24
C ARG A 53 -0.50 5.41 -6.09
N LEU A 54 -1.15 4.33 -5.67
CA LEU A 54 -0.72 3.55 -4.52
C LEU A 54 0.64 2.92 -4.79
N GLY A 55 0.93 2.56 -6.04
CA GLY A 55 2.23 2.00 -6.36
C GLY A 55 3.38 2.92 -5.99
N LYS A 56 3.19 4.22 -6.21
CA LYS A 56 4.22 5.20 -5.87
C LYS A 56 4.25 5.40 -4.36
N LEU A 57 3.09 5.46 -3.74
CA LEU A 57 3.01 5.68 -2.29
C LEU A 57 3.67 4.56 -1.49
N ILE A 58 3.31 3.32 -1.78
CA ILE A 58 3.87 2.17 -1.05
C ILE A 58 5.38 2.13 -1.23
N ASN A 59 5.86 2.48 -2.41
CA ASN A 59 7.30 2.48 -2.67
C ASN A 59 8.05 3.50 -1.80
N ASP A 60 7.48 4.67 -1.60
CA ASP A 60 8.16 5.69 -0.79
C ASP A 60 7.99 5.42 0.71
N VAL A 61 6.82 4.92 1.11
CA VAL A 61 6.58 4.54 2.51
C VAL A 61 7.60 3.46 2.88
N ARG A 62 7.88 2.56 1.94
CA ARG A 62 8.88 1.52 2.15
C ARG A 62 10.28 2.10 2.38
N LYS A 63 10.57 3.25 1.78
CA LYS A 63 11.89 3.87 1.99
C LYS A 63 11.98 4.52 3.36
N LYS A 64 10.88 5.09 3.82
CA LYS A 64 10.85 5.81 5.10
C LYS A 64 10.62 4.94 6.34
N THR A 65 10.11 3.73 6.17
CA THR A 65 9.85 2.89 7.34
C THR A 65 11.11 2.26 7.96
N LYS A 66 11.18 2.31 9.28
CA LYS A 66 12.26 1.67 10.04
C LYS A 66 11.89 0.21 10.32
N ASN A 67 10.60 -0.10 10.22
CA ASN A 67 10.13 -1.44 10.52
C ASN A 67 10.32 -2.36 9.32
N GLU A 68 11.18 -3.35 9.50
CA GLU A 68 11.52 -4.26 8.43
C GLU A 68 10.36 -5.13 7.94
N GLU A 69 9.40 -5.45 8.80
CA GLU A 69 8.26 -6.26 8.35
C GLU A 69 7.44 -5.43 7.39
N LEU A 70 7.25 -4.17 7.72
CA LEU A 70 6.51 -3.27 6.84
C LEU A 70 7.23 -3.22 5.49
N ALA A 71 8.55 -3.09 5.53
CA ALA A 71 9.34 -3.05 4.30
C ALA A 71 9.27 -4.38 3.51
N LYS A 72 9.24 -5.51 4.21
CA LYS A 72 9.14 -6.82 3.56
C LYS A 72 7.76 -7.04 2.96
N ARG A 73 6.70 -6.70 3.68
CA ARG A 73 5.33 -6.85 3.16
C ARG A 73 5.15 -5.90 1.98
N ALA A 74 5.67 -4.68 2.09
CA ALA A 74 5.61 -3.72 1.00
C ALA A 74 6.34 -4.27 -0.23
N LYS A 75 7.47 -4.94 -0.02
CA LYS A 75 8.22 -5.53 -1.14
C LYS A 75 7.38 -6.62 -1.84
N LYS A 76 6.66 -7.42 -1.07
CA LYS A 76 5.77 -8.46 -1.63
C LYS A 76 4.68 -7.80 -2.48
N LEU A 77 4.04 -6.80 -1.89
CA LEU A 77 2.94 -6.09 -2.53
C LEU A 77 3.37 -5.43 -3.82
N LEU A 78 4.49 -4.73 -3.80
CA LEU A 78 5.00 -4.06 -5.00
C LEU A 78 5.38 -5.08 -6.07
N ARG A 79 5.89 -6.24 -5.67
CA ARG A 79 6.27 -7.26 -6.66
C ARG A 79 5.03 -7.77 -7.38
N SER A 80 3.94 -7.87 -6.65
CA SER A 80 2.68 -8.31 -7.23
C SER A 80 2.17 -7.24 -8.19
N TRP A 81 2.25 -5.99 -7.77
CA TRP A 81 1.79 -4.87 -8.58
C TRP A 81 2.61 -4.65 -9.85
N GLN A 82 3.84 -5.17 -9.91
CA GLN A 82 4.64 -5.06 -11.13
C GLN A 82 3.96 -5.81 -12.26
N LYS A 83 3.41 -6.98 -11.98
CA LYS A 83 2.69 -7.76 -13.00
C LYS A 83 1.32 -7.20 -13.27
N LEU A 84 0.76 -6.46 -12.31
CA LEU A 84 -0.54 -5.87 -12.46
C LEU A 84 -0.49 -4.72 -13.47
N ILE A 85 0.62 -3.98 -13.45
CA ILE A 85 0.80 -2.87 -14.39
C ILE A 85 1.29 -3.41 -15.74
N GLU A 86 2.18 -4.40 -15.68
CA GLU A 86 2.82 -5.01 -16.86
C GLU A 86 3.36 -3.94 -17.84
N PRO A 87 4.33 -3.12 -17.39
CA PRO A 87 4.83 -2.09 -18.32
C PRO A 87 5.78 -2.64 -19.38
N ALA A 88 5.72 -2.06 -20.57
CA ALA A 88 6.59 -2.45 -21.68
C ALA A 88 7.45 -1.25 -22.08
N GLY A 89 7.54 -0.28 -21.18
CA GLY A 89 8.26 0.95 -21.46
C GLY A 89 8.33 1.75 -20.18
N SER A 90 8.69 3.02 -20.29
CA SER A 90 8.78 3.91 -19.12
C SER A 90 7.41 4.51 -18.81
N SER A 1 -18.58 -5.79 15.62
CA SER A 1 -17.17 -5.56 15.17
C SER A 1 -16.68 -6.73 14.37
N MET A 2 -15.45 -6.66 13.85
CA MET A 2 -14.83 -7.75 13.11
C MET A 2 -15.68 -8.37 11.97
N THR A 3 -16.31 -7.54 11.15
CA THR A 3 -17.14 -8.06 10.07
C THR A 3 -16.32 -8.54 8.86
N ALA A 4 -15.02 -8.20 8.87
CA ALA A 4 -14.07 -8.53 7.77
C ALA A 4 -14.55 -8.04 6.38
N ALA A 5 -15.50 -7.10 6.39
CA ALA A 5 -16.05 -6.52 5.15
C ALA A 5 -14.95 -5.84 4.34
N PRO A 6 -15.05 -5.85 2.99
CA PRO A 6 -14.02 -5.19 2.19
C PRO A 6 -14.19 -3.68 2.18
N ALA A 7 -13.15 -2.98 1.76
CA ALA A 7 -13.18 -1.52 1.63
C ALA A 7 -12.73 -1.15 0.21
N SER A 8 -13.23 -0.06 -0.31
CA SER A 8 -12.90 0.38 -1.67
C SER A 8 -11.43 0.78 -1.71
N PRO A 9 -10.79 0.64 -2.89
CA PRO A 9 -9.35 0.98 -2.91
C PRO A 9 -9.04 2.43 -2.57
N GLN A 10 -9.94 3.35 -2.87
CA GLN A 10 -9.73 4.76 -2.51
C GLN A 10 -9.76 4.93 -0.98
N GLN A 11 -10.61 4.18 -0.28
CA GLN A 11 -10.70 4.28 1.20
C GLN A 11 -9.40 3.80 1.80
N ILE A 12 -8.85 2.72 1.26
CA ILE A 12 -7.61 2.15 1.78
C ILE A 12 -6.45 3.12 1.54
N ARG A 13 -6.45 3.75 0.38
CA ARG A 13 -5.44 4.76 0.04
C ARG A 13 -5.57 5.99 0.97
N ASP A 14 -6.79 6.39 1.30
CA ASP A 14 -7.00 7.50 2.25
C ASP A 14 -6.50 7.14 3.65
N ARG A 15 -6.78 5.91 4.09
CA ARG A 15 -6.34 5.47 5.43
C ARG A 15 -4.84 5.44 5.53
N LEU A 16 -4.18 5.19 4.41
CA LEU A 16 -2.73 5.26 4.39
C LEU A 16 -2.29 6.68 4.60
N LEU A 17 -2.91 7.61 3.89
CA LEU A 17 -2.52 9.02 3.99
C LEU A 17 -2.77 9.55 5.41
N GLN A 18 -3.85 9.08 6.04
CA GLN A 18 -4.13 9.47 7.43
C GLN A 18 -3.11 8.88 8.40
N ALA A 19 -2.51 7.74 8.04
CA ALA A 19 -1.54 7.08 8.90
C ALA A 19 -0.09 7.58 8.71
N ILE A 20 0.14 8.42 7.70
CA ILE A 20 1.47 8.94 7.40
C ILE A 20 1.50 10.46 7.32
N ASP A 21 2.70 10.99 7.31
CA ASP A 21 2.96 12.41 7.18
C ASP A 21 2.94 12.71 5.69
N PRO A 22 2.65 13.97 5.29
CA PRO A 22 2.73 14.23 3.84
C PRO A 22 4.12 13.98 3.20
N GLN A 23 5.17 13.91 4.02
CA GLN A 23 6.53 13.59 3.54
C GLN A 23 6.76 12.05 3.55
N SER A 24 5.67 11.29 3.66
CA SER A 24 5.64 9.82 3.68
C SER A 24 6.27 9.20 4.93
N ASN A 25 6.59 10.06 5.89
CA ASN A 25 7.16 9.58 7.16
C ASN A 25 6.03 8.90 7.94
N ILE A 26 6.35 7.83 8.65
CA ILE A 26 5.31 7.13 9.41
C ILE A 26 4.80 7.96 10.59
N ARG A 27 3.48 8.03 10.78
CA ARG A 27 2.92 8.67 11.97
C ARG A 27 2.26 7.61 12.86
N ASN A 28 1.49 6.71 12.27
CA ASN A 28 0.85 5.62 13.02
C ASN A 28 1.21 4.31 12.34
N MET A 29 2.22 3.64 12.85
CA MET A 29 2.70 2.40 12.23
C MET A 29 1.68 1.28 12.24
N VAL A 30 0.88 1.20 13.27
CA VAL A 30 -0.11 0.11 13.35
C VAL A 30 -1.07 0.25 12.19
N ALA A 31 -1.60 1.45 11.99
CA ALA A 31 -2.52 1.69 10.88
C ALA A 31 -1.85 1.45 9.49
N VAL A 32 -0.57 1.82 9.34
CA VAL A 32 0.16 1.53 8.10
C VAL A 32 0.24 0.01 7.88
N LEU A 33 0.57 -0.74 8.92
CA LEU A 33 0.63 -2.21 8.78
C LEU A 33 -0.74 -2.77 8.48
N GLU A 34 -1.80 -2.23 9.06
CA GLU A 34 -3.16 -2.71 8.77
C GLU A 34 -3.51 -2.45 7.32
N VAL A 35 -3.07 -1.32 6.77
CA VAL A 35 -3.32 -0.98 5.36
C VAL A 35 -2.63 -1.99 4.47
N ILE A 36 -1.41 -2.36 4.81
CA ILE A 36 -0.67 -3.34 4.01
C ILE A 36 -1.40 -4.69 4.05
N SER A 37 -1.76 -5.16 5.25
CA SER A 37 -2.49 -6.43 5.36
C SER A 37 -3.82 -6.38 4.61
N SER A 38 -4.48 -5.22 4.61
CA SER A 38 -5.74 -5.06 3.86
C SER A 38 -5.50 -5.12 2.35
N LEU A 39 -4.39 -4.54 1.88
CA LEU A 39 -4.11 -4.53 0.45
C LEU A 39 -3.67 -5.89 -0.09
N GLU A 40 -3.05 -6.69 0.77
CA GLU A 40 -2.67 -8.04 0.39
C GLU A 40 -3.93 -8.89 0.26
N LYS A 41 -4.96 -8.57 1.05
CA LYS A 41 -6.22 -9.33 1.08
C LYS A 41 -7.21 -8.86 0.03
N TYR A 42 -7.28 -7.56 -0.17
CA TYR A 42 -8.22 -6.93 -1.08
C TYR A 42 -7.47 -6.37 -2.31
N PRO A 43 -7.46 -7.14 -3.41
CA PRO A 43 -6.67 -6.65 -4.54
C PRO A 43 -7.25 -5.43 -5.20
N ILE A 44 -6.37 -4.51 -5.58
CA ILE A 44 -6.73 -3.34 -6.37
C ILE A 44 -6.46 -3.70 -7.82
N THR A 45 -7.19 -3.11 -8.77
CA THR A 45 -6.99 -3.41 -10.21
C THR A 45 -5.90 -2.53 -10.74
N LYS A 46 -5.34 -2.80 -11.90
CA LYS A 46 -4.27 -1.96 -12.43
C LYS A 46 -4.74 -0.53 -12.71
N GLU A 47 -5.94 -0.36 -13.20
CA GLU A 47 -6.47 0.98 -13.48
C GLU A 47 -6.70 1.75 -12.16
N ALA A 48 -7.27 1.07 -11.17
CA ALA A 48 -7.48 1.71 -9.88
C ALA A 48 -6.15 2.02 -9.21
N LEU A 49 -5.12 1.23 -9.49
CA LEU A 49 -3.79 1.48 -8.93
C LEU A 49 -3.23 2.79 -9.43
N GLU A 50 -3.54 3.10 -10.68
CA GLU A 50 -3.09 4.33 -11.29
C GLU A 50 -3.82 5.52 -10.65
N GLU A 51 -5.13 5.42 -10.47
CA GLU A 51 -5.93 6.49 -9.85
C GLU A 51 -5.48 6.77 -8.42
N THR A 52 -5.28 5.70 -7.66
CA THR A 52 -4.87 5.83 -6.28
C THR A 52 -3.39 6.19 -6.14
N ARG A 53 -2.64 5.92 -7.21
CA ARG A 53 -1.19 6.07 -7.26
C ARG A 53 -0.55 5.34 -6.08
N LEU A 54 -1.22 4.28 -5.61
CA LEU A 54 -0.76 3.51 -4.47
C LEU A 54 0.61 2.90 -4.72
N GLY A 55 0.87 2.53 -5.96
CA GLY A 55 2.16 1.92 -6.30
C GLY A 55 3.31 2.88 -5.98
N LYS A 56 3.11 4.18 -6.17
CA LYS A 56 4.14 5.16 -5.82
C LYS A 56 4.22 5.34 -4.30
N LEU A 57 3.08 5.45 -3.65
CA LEU A 57 3.02 5.68 -2.20
C LEU A 57 3.67 4.56 -1.43
N ILE A 58 3.31 3.31 -1.69
CA ILE A 58 3.89 2.18 -0.99
C ILE A 58 5.41 2.11 -1.24
N ASN A 59 5.85 2.46 -2.45
CA ASN A 59 7.28 2.43 -2.76
C ASN A 59 8.06 3.51 -2.01
N ASP A 60 7.40 4.61 -1.69
CA ASP A 60 8.03 5.66 -0.92
C ASP A 60 8.01 5.29 0.55
N VAL A 61 6.88 4.83 1.05
CA VAL A 61 6.74 4.43 2.48
C VAL A 61 7.78 3.35 2.76
N ARG A 62 8.03 2.48 1.79
CA ARG A 62 9.07 1.45 1.91
C ARG A 62 10.47 1.99 2.17
N LYS A 63 10.74 3.21 1.70
CA LYS A 63 12.05 3.83 1.91
C LYS A 63 12.08 4.63 3.23
N LYS A 64 10.94 5.20 3.61
CA LYS A 64 10.87 6.00 4.83
C LYS A 64 10.80 5.18 6.12
N THR A 65 10.24 3.97 6.03
CA THR A 65 10.15 3.10 7.20
C THR A 65 11.50 2.58 7.67
N LYS A 66 11.71 2.61 8.98
CA LYS A 66 12.92 2.04 9.59
C LYS A 66 12.72 0.55 9.86
N ASN A 67 11.48 0.15 10.10
CA ASN A 67 11.15 -1.23 10.42
C ASN A 67 11.31 -2.08 9.19
N GLU A 68 12.28 -2.97 9.19
CA GLU A 68 12.56 -3.82 8.05
C GLU A 68 11.37 -4.65 7.63
N GLU A 69 10.58 -5.16 8.57
CA GLU A 69 9.42 -5.98 8.23
C GLU A 69 8.40 -5.23 7.39
N LEU A 70 8.21 -3.94 7.66
CA LEU A 70 7.26 -3.15 6.89
C LEU A 70 7.82 -3.07 5.48
N ALA A 71 9.12 -2.83 5.37
CA ALA A 71 9.78 -2.79 4.08
C ALA A 71 9.64 -4.16 3.37
N LYS A 72 9.75 -5.25 4.11
CA LYS A 72 9.63 -6.60 3.54
C LYS A 72 8.20 -6.85 3.00
N ARG A 73 7.19 -6.46 3.76
CA ARG A 73 5.78 -6.62 3.32
C ARG A 73 5.46 -5.69 2.15
N ALA A 74 5.95 -4.45 2.21
CA ALA A 74 5.74 -3.48 1.12
C ALA A 74 6.38 -4.03 -0.16
N LYS A 75 7.55 -4.62 -0.01
CA LYS A 75 8.25 -5.24 -1.15
C LYS A 75 7.43 -6.37 -1.75
N LYS A 76 6.79 -7.18 -0.91
CA LYS A 76 5.95 -8.28 -1.41
C LYS A 76 4.79 -7.70 -2.23
N LEU A 77 4.14 -6.72 -1.69
CA LEU A 77 3.00 -6.09 -2.34
C LEU A 77 3.38 -5.39 -3.66
N LEU A 78 4.46 -4.65 -3.67
CA LEU A 78 4.90 -3.97 -4.90
C LEU A 78 5.29 -4.95 -5.98
N ARG A 79 5.93 -6.05 -5.59
CA ARG A 79 6.28 -7.08 -6.56
C ARG A 79 5.04 -7.66 -7.19
N SER A 80 4.01 -7.87 -6.37
CA SER A 80 2.75 -8.40 -6.86
C SER A 80 2.07 -7.39 -7.77
N TRP A 81 2.12 -6.12 -7.41
CA TRP A 81 1.53 -5.07 -8.22
C TRP A 81 2.24 -4.90 -9.56
N GLN A 82 3.53 -5.19 -9.61
CA GLN A 82 4.24 -5.17 -10.87
C GLN A 82 3.59 -6.22 -11.81
N LYS A 83 3.19 -7.37 -11.27
CA LYS A 83 2.58 -8.43 -12.07
C LYS A 83 1.13 -8.08 -12.43
N LEU A 84 0.45 -7.34 -11.57
CA LEU A 84 -0.93 -6.94 -11.77
C LEU A 84 -1.09 -6.05 -13.01
N ILE A 85 -0.11 -5.22 -13.29
CA ILE A 85 -0.16 -4.31 -14.43
C ILE A 85 -0.01 -5.04 -15.75
N GLU A 86 0.79 -6.09 -15.74
CA GLU A 86 1.17 -6.85 -16.96
C GLU A 86 1.66 -5.90 -18.07
N PRO A 87 2.79 -5.20 -17.84
CA PRO A 87 3.27 -4.27 -18.86
C PRO A 87 3.95 -4.92 -20.07
N ALA A 88 4.09 -6.24 -20.03
CA ALA A 88 4.73 -7.01 -21.11
C ALA A 88 6.15 -6.45 -21.45
N GLY A 89 6.53 -6.57 -22.70
CA GLY A 89 7.82 -6.11 -23.21
C GLY A 89 7.71 -6.37 -24.70
N SER A 90 8.71 -5.97 -25.48
CA SER A 90 8.71 -6.17 -26.94
C SER A 90 9.46 -7.45 -27.22
N SER A 1 -14.76 -3.58 16.14
CA SER A 1 -15.58 -4.75 15.70
C SER A 1 -14.66 -5.87 15.26
N MET A 2 -15.04 -7.12 15.51
CA MET A 2 -14.19 -8.25 15.08
C MET A 2 -14.54 -8.70 13.67
N THR A 3 -15.70 -8.30 13.19
CA THR A 3 -16.13 -8.64 11.83
C THR A 3 -15.41 -7.72 10.84
N ALA A 4 -14.68 -8.32 9.91
CA ALA A 4 -13.96 -7.59 8.87
C ALA A 4 -14.86 -7.46 7.64
N ALA A 5 -14.64 -6.43 6.85
CA ALA A 5 -15.43 -6.18 5.64
C ALA A 5 -14.49 -5.56 4.60
N PRO A 6 -14.83 -5.63 3.30
CA PRO A 6 -13.96 -4.98 2.31
C PRO A 6 -14.13 -3.46 2.26
N ALA A 7 -13.17 -2.78 1.66
CA ALA A 7 -13.20 -1.33 1.52
C ALA A 7 -12.81 -1.00 0.08
N SER A 8 -13.31 0.11 -0.44
CA SER A 8 -12.99 0.51 -1.81
C SER A 8 -11.50 0.90 -1.89
N PRO A 9 -10.88 0.75 -3.07
CA PRO A 9 -9.44 1.07 -3.12
C PRO A 9 -9.10 2.53 -2.79
N GLN A 10 -9.97 3.47 -3.14
CA GLN A 10 -9.75 4.87 -2.80
C GLN A 10 -9.77 5.05 -1.28
N GLN A 11 -10.65 4.32 -0.60
CA GLN A 11 -10.75 4.44 0.86
C GLN A 11 -9.49 3.87 1.51
N ILE A 12 -8.98 2.77 0.98
CA ILE A 12 -7.77 2.16 1.53
C ILE A 12 -6.59 3.14 1.32
N ARG A 13 -6.54 3.77 0.15
CA ARG A 13 -5.50 4.78 -0.13
C ARG A 13 -5.59 5.91 0.89
N ASP A 14 -6.79 6.34 1.18
CA ASP A 14 -6.98 7.47 2.09
C ASP A 14 -6.54 7.12 3.51
N ARG A 15 -6.85 5.92 3.96
CA ARG A 15 -6.42 5.50 5.31
C ARG A 15 -4.91 5.51 5.43
N LEU A 16 -4.22 5.19 4.34
CA LEU A 16 -2.77 5.24 4.38
C LEU A 16 -2.30 6.67 4.59
N LEU A 17 -2.90 7.61 3.89
CA LEU A 17 -2.49 9.02 3.97
C LEU A 17 -2.69 9.56 5.38
N GLN A 18 -3.71 9.07 6.06
CA GLN A 18 -3.98 9.49 7.43
C GLN A 18 -2.89 8.97 8.39
N ALA A 19 -2.38 7.77 8.11
CA ALA A 19 -1.41 7.10 8.98
C ALA A 19 0.05 7.52 8.74
N ILE A 20 0.27 8.28 7.68
CA ILE A 20 1.62 8.76 7.33
C ILE A 20 1.63 10.27 7.25
N ASP A 21 2.82 10.83 7.19
CA ASP A 21 3.02 12.26 7.01
C ASP A 21 3.04 12.46 5.50
N PRO A 22 2.67 13.65 4.99
CA PRO A 22 2.79 13.84 3.53
C PRO A 22 4.18 13.56 2.95
N GLN A 23 5.24 13.60 3.77
CA GLN A 23 6.60 13.25 3.33
C GLN A 23 6.81 11.72 3.27
N SER A 24 5.73 10.96 3.39
CA SER A 24 5.69 9.50 3.38
C SER A 24 6.34 8.88 4.63
N ASN A 25 6.63 9.72 5.62
CA ASN A 25 7.22 9.25 6.88
C ASN A 25 6.09 8.65 7.72
N ILE A 26 6.40 7.60 8.47
CA ILE A 26 5.38 6.93 9.29
C ILE A 26 4.99 7.77 10.49
N ARG A 27 3.68 7.89 10.76
CA ARG A 27 3.23 8.56 11.99
C ARG A 27 2.52 7.56 12.89
N ASN A 28 1.69 6.70 12.31
CA ASN A 28 0.97 5.69 13.08
C ASN A 28 1.28 4.31 12.50
N MET A 29 2.33 3.68 12.97
CA MET A 29 2.82 2.43 12.39
C MET A 29 1.79 1.30 12.35
N VAL A 30 1.00 1.15 13.40
CA VAL A 30 0.02 0.06 13.46
C VAL A 30 -0.98 0.21 12.31
N ALA A 31 -1.48 1.42 12.12
CA ALA A 31 -2.45 1.67 11.06
C ALA A 31 -1.83 1.44 9.67
N VAL A 32 -0.56 1.78 9.47
CA VAL A 32 0.09 1.52 8.18
C VAL A 32 0.14 0.01 7.97
N LEU A 33 0.49 -0.76 9.00
CA LEU A 33 0.54 -2.21 8.89
C LEU A 33 -0.85 -2.79 8.61
N GLU A 34 -1.89 -2.21 9.19
CA GLU A 34 -3.27 -2.63 8.91
C GLU A 34 -3.60 -2.37 7.45
N VAL A 35 -3.14 -1.24 6.91
CA VAL A 35 -3.38 -0.94 5.49
C VAL A 35 -2.65 -1.97 4.64
N ILE A 36 -1.41 -2.31 4.98
CA ILE A 36 -0.67 -3.31 4.21
C ILE A 36 -1.48 -4.62 4.24
N SER A 37 -1.99 -4.99 5.40
CA SER A 37 -2.78 -6.21 5.53
C SER A 37 -4.06 -6.12 4.71
N SER A 38 -4.61 -4.93 4.56
CA SER A 38 -5.83 -4.73 3.78
C SER A 38 -5.55 -5.01 2.32
N LEU A 39 -4.45 -4.49 1.77
CA LEU A 39 -4.15 -4.74 0.36
C LEU A 39 -3.73 -6.18 0.11
N GLU A 40 -3.10 -6.80 1.10
CA GLU A 40 -2.74 -8.22 1.02
C GLU A 40 -4.02 -9.07 0.93
N LYS A 41 -5.08 -8.59 1.55
CA LYS A 41 -6.39 -9.27 1.53
C LYS A 41 -7.29 -8.84 0.35
N TYR A 42 -7.13 -7.60 -0.10
CA TYR A 42 -7.97 -7.04 -1.16
C TYR A 42 -7.14 -6.54 -2.35
N PRO A 43 -7.02 -7.36 -3.42
CA PRO A 43 -6.22 -6.90 -4.56
C PRO A 43 -6.83 -5.73 -5.34
N ILE A 44 -6.05 -4.68 -5.49
CA ILE A 44 -6.45 -3.50 -6.27
C ILE A 44 -6.14 -3.80 -7.75
N THR A 45 -6.90 -3.22 -8.67
CA THR A 45 -6.72 -3.46 -10.10
C THR A 45 -5.74 -2.45 -10.72
N LYS A 46 -5.27 -2.73 -11.94
CA LYS A 46 -4.32 -1.84 -12.63
C LYS A 46 -4.86 -0.42 -12.81
N GLU A 47 -6.09 -0.31 -13.26
CA GLU A 47 -6.72 0.99 -13.50
C GLU A 47 -6.86 1.79 -12.21
N ALA A 48 -7.30 1.12 -11.15
CA ALA A 48 -7.48 1.80 -9.87
C ALA A 48 -6.11 2.20 -9.29
N LEU A 49 -5.09 1.40 -9.57
CA LEU A 49 -3.74 1.69 -9.09
C LEU A 49 -3.20 2.98 -9.67
N GLU A 50 -3.61 3.30 -10.89
CA GLU A 50 -3.15 4.52 -11.56
C GLU A 50 -3.66 5.75 -10.81
N GLU A 51 -4.96 5.74 -10.52
CA GLU A 51 -5.62 6.87 -9.85
C GLU A 51 -5.24 6.98 -8.37
N THR A 52 -5.25 5.85 -7.67
CA THR A 52 -4.93 5.85 -6.25
C THR A 52 -3.45 6.12 -6.04
N ARG A 53 -2.66 5.85 -7.09
CA ARG A 53 -1.21 5.99 -7.05
C ARG A 53 -0.63 5.19 -5.87
N LEU A 54 -1.32 4.15 -5.47
CA LEU A 54 -0.93 3.39 -4.28
C LEU A 54 0.44 2.76 -4.49
N GLY A 55 0.73 2.35 -5.71
CA GLY A 55 2.02 1.75 -5.99
C GLY A 55 3.17 2.72 -5.70
N LYS A 56 2.96 4.01 -5.98
CA LYS A 56 4.00 4.99 -5.68
C LYS A 56 4.07 5.23 -4.18
N LEU A 57 2.92 5.36 -3.54
CA LEU A 57 2.87 5.63 -2.10
C LEU A 57 3.53 4.55 -1.29
N ILE A 58 3.16 3.29 -1.56
CA ILE A 58 3.76 2.17 -0.86
C ILE A 58 5.27 2.11 -1.12
N ASN A 59 5.70 2.42 -2.33
CA ASN A 59 7.13 2.38 -2.65
C ASN A 59 7.91 3.47 -1.93
N ASP A 60 7.29 4.63 -1.75
CA ASP A 60 7.96 5.74 -1.06
C ASP A 60 8.01 5.42 0.44
N VAL A 61 6.90 4.96 0.99
CA VAL A 61 6.84 4.59 2.42
C VAL A 61 7.89 3.51 2.71
N ARG A 62 8.04 2.57 1.79
CA ARG A 62 9.03 1.50 1.91
C ARG A 62 10.45 2.05 2.08
N LYS A 63 10.73 3.19 1.47
CA LYS A 63 12.05 3.82 1.60
C LYS A 63 12.18 4.69 2.85
N LYS A 64 11.08 5.29 3.27
CA LYS A 64 11.08 6.18 4.44
C LYS A 64 11.08 5.41 5.76
N THR A 65 10.43 4.26 5.78
CA THR A 65 10.36 3.47 7.00
C THR A 65 11.72 2.82 7.25
N LYS A 66 12.13 2.81 8.52
CA LYS A 66 13.39 2.20 8.92
C LYS A 66 13.13 0.75 9.35
N ASN A 67 11.88 0.46 9.66
CA ASN A 67 11.50 -0.88 10.10
C ASN A 67 11.51 -1.83 8.92
N GLU A 68 12.49 -2.72 8.92
CA GLU A 68 12.69 -3.69 7.85
C GLU A 68 11.48 -4.60 7.58
N GLU A 69 10.71 -4.92 8.60
CA GLU A 69 9.55 -5.80 8.40
C GLU A 69 8.52 -5.17 7.48
N LEU A 70 8.25 -3.89 7.70
CA LEU A 70 7.27 -3.18 6.89
C LEU A 70 7.83 -3.11 5.48
N ALA A 71 9.11 -2.79 5.37
CA ALA A 71 9.76 -2.72 4.07
C ALA A 71 9.72 -4.09 3.33
N LYS A 72 9.90 -5.17 4.08
CA LYS A 72 9.84 -6.52 3.53
C LYS A 72 8.43 -6.89 3.04
N ARG A 73 7.39 -6.50 3.78
CA ARG A 73 6.01 -6.78 3.32
C ARG A 73 5.68 -5.91 2.13
N ALA A 74 6.04 -4.64 2.20
CA ALA A 74 5.82 -3.69 1.11
C ALA A 74 6.52 -4.18 -0.16
N LYS A 75 7.72 -4.73 -0.02
CA LYS A 75 8.45 -5.26 -1.19
C LYS A 75 7.63 -6.34 -1.87
N LYS A 76 6.98 -7.21 -1.09
CA LYS A 76 6.17 -8.27 -1.67
C LYS A 76 4.98 -7.71 -2.39
N LEU A 77 4.30 -6.77 -1.74
CA LEU A 77 3.10 -6.15 -2.31
C LEU A 77 3.40 -5.46 -3.64
N LEU A 78 4.53 -4.74 -3.68
CA LEU A 78 4.95 -4.05 -4.88
C LEU A 78 5.32 -4.99 -6.01
N ARG A 79 5.85 -6.15 -5.68
CA ARG A 79 6.20 -7.13 -6.72
C ARG A 79 4.96 -7.62 -7.44
N SER A 80 3.89 -7.85 -6.68
CA SER A 80 2.64 -8.28 -7.28
C SER A 80 2.11 -7.18 -8.19
N TRP A 81 2.13 -5.95 -7.70
CA TRP A 81 1.63 -4.81 -8.46
C TRP A 81 2.49 -4.53 -9.70
N GLN A 82 3.78 -4.80 -9.63
CA GLN A 82 4.65 -4.62 -10.78
C GLN A 82 4.20 -5.52 -11.92
N LYS A 83 3.87 -6.78 -11.65
CA LYS A 83 3.43 -7.68 -12.73
C LYS A 83 1.97 -7.42 -13.13
N LEU A 84 1.18 -6.88 -12.23
CA LEU A 84 -0.21 -6.55 -12.50
C LEU A 84 -0.30 -5.41 -13.51
N ILE A 85 0.61 -4.45 -13.41
CA ILE A 85 0.67 -3.33 -14.33
C ILE A 85 1.37 -3.78 -15.61
N GLU A 86 2.33 -4.67 -15.43
CA GLU A 86 3.18 -5.19 -16.51
C GLU A 86 3.72 -4.07 -17.42
N PRO A 87 4.52 -3.13 -16.84
CA PRO A 87 4.99 -1.96 -17.59
C PRO A 87 6.21 -2.22 -18.50
N ALA A 88 6.17 -3.30 -19.27
CA ALA A 88 7.26 -3.63 -20.17
C ALA A 88 7.37 -2.58 -21.28
N GLY A 89 6.23 -2.21 -21.84
CA GLY A 89 6.18 -1.23 -22.93
C GLY A 89 6.35 -1.89 -24.29
N SER A 90 6.67 -3.17 -24.28
CA SER A 90 6.83 -3.97 -25.49
C SER A 90 5.67 -4.95 -25.60
N SER A 1 -16.73 -4.10 15.88
CA SER A 1 -15.32 -4.57 15.67
C SER A 1 -15.36 -5.96 15.09
N MET A 2 -14.21 -6.51 14.72
CA MET A 2 -14.07 -7.89 14.18
C MET A 2 -14.95 -8.23 12.95
N THR A 3 -15.26 -7.27 12.10
CA THR A 3 -16.12 -7.56 10.94
C THR A 3 -15.34 -8.12 9.74
N ALA A 4 -14.05 -7.85 9.68
CA ALA A 4 -13.14 -8.29 8.61
C ALA A 4 -13.61 -7.92 7.20
N ALA A 5 -14.47 -6.91 7.15
CA ALA A 5 -15.08 -6.47 5.91
C ALA A 5 -14.08 -5.85 4.92
N PRO A 6 -14.32 -5.99 3.61
CA PRO A 6 -13.46 -5.30 2.64
C PRO A 6 -13.80 -3.82 2.58
N ALA A 7 -12.93 -3.05 1.93
CA ALA A 7 -13.14 -1.61 1.78
C ALA A 7 -12.83 -1.22 0.33
N SER A 8 -13.35 -0.08 -0.11
CA SER A 8 -13.06 0.42 -1.46
C SER A 8 -11.58 0.76 -1.60
N PRO A 9 -10.99 0.65 -2.81
CA PRO A 9 -9.55 0.87 -2.93
C PRO A 9 -9.12 2.28 -2.59
N GLN A 10 -10.00 3.23 -2.88
CA GLN A 10 -9.72 4.64 -2.59
C GLN A 10 -9.68 4.83 -1.07
N GLN A 11 -10.54 4.14 -0.34
CA GLN A 11 -10.60 4.27 1.12
C GLN A 11 -9.34 3.70 1.74
N ILE A 12 -8.84 2.61 1.20
CA ILE A 12 -7.62 2.00 1.72
C ILE A 12 -6.46 3.00 1.53
N ARG A 13 -6.43 3.63 0.36
CA ARG A 13 -5.42 4.64 0.03
C ARG A 13 -5.56 5.85 0.97
N ASP A 14 -6.78 6.26 1.24
CA ASP A 14 -7.04 7.38 2.14
C ASP A 14 -6.50 7.12 3.55
N ARG A 15 -6.73 5.92 4.08
CA ARG A 15 -6.25 5.57 5.42
C ARG A 15 -4.75 5.61 5.49
N LEU A 16 -4.10 5.31 4.38
CA LEU A 16 -2.63 5.33 4.36
C LEU A 16 -2.13 6.74 4.53
N LEU A 17 -2.77 7.67 3.82
CA LEU A 17 -2.39 9.06 3.86
C LEU A 17 -2.62 9.65 5.24
N GLN A 18 -3.66 9.18 5.93
CA GLN A 18 -3.91 9.66 7.30
C GLN A 18 -2.99 9.02 8.33
N ALA A 19 -2.32 7.94 7.94
CA ALA A 19 -1.42 7.23 8.82
C ALA A 19 0.05 7.65 8.65
N ILE A 20 0.32 8.46 7.65
CA ILE A 20 1.69 8.95 7.40
C ILE A 20 1.72 10.48 7.33
N ASP A 21 2.92 11.00 7.39
CA ASP A 21 3.22 12.45 7.34
C ASP A 21 3.24 12.86 5.87
N PRO A 22 3.07 14.15 5.54
CA PRO A 22 3.29 14.50 4.12
C PRO A 22 4.70 14.17 3.58
N GLN A 23 5.67 14.01 4.48
CA GLN A 23 7.03 13.58 4.12
C GLN A 23 7.12 12.05 3.99
N SER A 24 5.93 11.41 3.95
CA SER A 24 5.77 9.94 3.85
C SER A 24 6.28 9.19 5.07
N ASN A 25 6.68 9.91 6.11
CA ASN A 25 7.20 9.27 7.32
C ASN A 25 6.05 8.71 8.16
N ILE A 26 6.26 7.56 8.80
CA ILE A 26 5.23 6.89 9.57
C ILE A 26 4.79 7.76 10.75
N ARG A 27 3.48 7.90 10.95
CA ARG A 27 2.94 8.59 12.13
C ARG A 27 2.18 7.58 12.97
N ASN A 28 1.34 6.77 12.33
CA ASN A 28 0.58 5.73 13.03
C ASN A 28 1.02 4.36 12.50
N MET A 29 1.95 3.73 13.20
CA MET A 29 2.50 2.44 12.73
C MET A 29 1.46 1.35 12.55
N VAL A 30 0.48 1.26 13.46
CA VAL A 30 -0.52 0.20 13.37
C VAL A 30 -1.36 0.34 12.13
N ALA A 31 -1.87 1.55 11.91
CA ALA A 31 -2.72 1.82 10.75
C ALA A 31 -1.98 1.54 9.43
N VAL A 32 -0.70 1.90 9.33
CA VAL A 32 0.05 1.65 8.09
C VAL A 32 0.16 0.14 7.89
N LEU A 33 0.44 -0.63 8.94
CA LEU A 33 0.57 -2.08 8.80
C LEU A 33 -0.76 -2.71 8.37
N GLU A 34 -1.87 -2.21 8.93
CA GLU A 34 -3.20 -2.72 8.57
C GLU A 34 -3.50 -2.42 7.13
N VAL A 35 -3.10 -1.25 6.64
CA VAL A 35 -3.30 -0.92 5.22
C VAL A 35 -2.53 -1.93 4.33
N ILE A 36 -1.33 -2.26 4.75
CA ILE A 36 -0.56 -3.24 3.99
C ILE A 36 -1.32 -4.58 3.99
N SER A 37 -1.73 -5.06 5.15
CA SER A 37 -2.44 -6.33 5.22
C SER A 37 -3.78 -6.29 4.49
N SER A 38 -4.41 -5.14 4.41
CA SER A 38 -5.67 -5.01 3.70
C SER A 38 -5.43 -5.19 2.20
N LEU A 39 -4.34 -4.63 1.68
CA LEU A 39 -4.04 -4.70 0.26
C LEU A 39 -3.54 -6.10 -0.13
N GLU A 40 -2.94 -6.80 0.82
CA GLU A 40 -2.55 -8.17 0.57
C GLU A 40 -3.80 -9.06 0.50
N LYS A 41 -4.79 -8.78 1.33
CA LYS A 41 -6.02 -9.54 1.37
C LYS A 41 -7.03 -9.18 0.28
N TYR A 42 -7.03 -7.92 -0.10
CA TYR A 42 -7.98 -7.38 -1.08
C TYR A 42 -7.18 -6.86 -2.31
N PRO A 43 -7.04 -7.69 -3.38
CA PRO A 43 -6.24 -7.23 -4.52
C PRO A 43 -6.85 -6.10 -5.33
N ILE A 44 -6.24 -4.92 -5.23
CA ILE A 44 -6.64 -3.75 -5.99
C ILE A 44 -6.27 -4.04 -7.46
N THR A 45 -7.11 -3.60 -8.41
CA THR A 45 -6.89 -3.87 -9.82
C THR A 45 -5.99 -2.75 -10.40
N LYS A 46 -5.43 -2.98 -11.59
CA LYS A 46 -4.49 -2.02 -12.19
C LYS A 46 -5.10 -0.66 -12.55
N GLU A 47 -6.36 -0.62 -12.97
CA GLU A 47 -7.03 0.66 -13.28
C GLU A 47 -7.12 1.51 -12.02
N ALA A 48 -7.57 0.90 -10.93
CA ALA A 48 -7.73 1.60 -9.67
C ALA A 48 -6.36 2.02 -9.11
N LEU A 49 -5.30 1.30 -9.50
CA LEU A 49 -3.96 1.59 -9.03
C LEU A 49 -3.47 2.92 -9.60
N GLU A 50 -3.91 3.24 -10.81
CA GLU A 50 -3.56 4.52 -11.45
C GLU A 50 -4.19 5.66 -10.65
N GLU A 51 -5.50 5.58 -10.42
CA GLU A 51 -6.24 6.60 -9.69
C GLU A 51 -5.71 6.78 -8.26
N THR A 52 -5.48 5.68 -7.57
CA THR A 52 -5.04 5.76 -6.16
C THR A 52 -3.57 6.16 -6.05
N ARG A 53 -2.81 5.91 -7.12
CA ARG A 53 -1.35 6.14 -7.17
C ARG A 53 -0.66 5.40 -6.02
N LEU A 54 -1.29 4.32 -5.56
CA LEU A 54 -0.81 3.53 -4.42
C LEU A 54 0.60 2.95 -4.65
N GLY A 55 0.90 2.62 -5.88
CA GLY A 55 2.21 2.11 -6.22
C GLY A 55 3.33 3.06 -5.84
N LYS A 56 3.11 4.36 -5.99
CA LYS A 56 4.11 5.35 -5.65
C LYS A 56 4.16 5.50 -4.14
N LEU A 57 3.00 5.58 -3.51
CA LEU A 57 2.93 5.75 -2.04
C LEU A 57 3.61 4.62 -1.28
N ILE A 58 3.31 3.37 -1.63
CA ILE A 58 3.93 2.23 -0.98
C ILE A 58 5.43 2.23 -1.24
N ASN A 59 5.85 2.58 -2.44
CA ASN A 59 7.26 2.52 -2.78
C ASN A 59 8.07 3.54 -1.97
N ASP A 60 7.48 4.69 -1.65
CA ASP A 60 8.19 5.67 -0.83
C ASP A 60 8.13 5.28 0.66
N VAL A 61 6.99 4.85 1.13
CA VAL A 61 6.85 4.41 2.54
C VAL A 61 7.85 3.29 2.84
N ARG A 62 8.09 2.45 1.85
CA ARG A 62 9.08 1.38 1.98
C ARG A 62 10.49 1.87 2.31
N LYS A 63 10.81 3.13 2.01
CA LYS A 63 12.12 3.73 2.28
C LYS A 63 12.13 4.47 3.62
N LYS A 64 10.98 5.01 3.99
CA LYS A 64 10.84 5.84 5.19
C LYS A 64 10.62 5.02 6.46
N THR A 65 10.20 3.78 6.30
CA THR A 65 9.95 2.91 7.46
C THR A 65 11.24 2.37 8.09
N LYS A 66 11.35 2.49 9.41
CA LYS A 66 12.50 1.92 10.12
C LYS A 66 12.27 0.40 10.30
N ASN A 67 10.98 0.04 10.34
CA ASN A 67 10.60 -1.35 10.54
C ASN A 67 10.90 -2.17 9.29
N GLU A 68 11.95 -2.98 9.34
CA GLU A 68 12.36 -3.84 8.20
C GLU A 68 11.22 -4.76 7.71
N GLU A 69 10.38 -5.19 8.62
CA GLU A 69 9.24 -6.06 8.25
C GLU A 69 8.28 -5.38 7.33
N LEU A 70 8.09 -4.08 7.53
CA LEU A 70 7.15 -3.35 6.70
C LEU A 70 7.78 -3.23 5.33
N ALA A 71 9.07 -2.96 5.30
CA ALA A 71 9.77 -2.84 4.03
C ALA A 71 9.71 -4.15 3.25
N LYS A 72 9.81 -5.28 3.96
CA LYS A 72 9.69 -6.59 3.31
C LYS A 72 8.31 -6.80 2.73
N ARG A 73 7.28 -6.45 3.49
CA ARG A 73 5.91 -6.61 3.04
C ARG A 73 5.58 -5.69 1.88
N ALA A 74 6.02 -4.45 1.96
CA ALA A 74 5.80 -3.48 0.90
C ALA A 74 6.46 -3.99 -0.38
N LYS A 75 7.66 -4.55 -0.26
CA LYS A 75 8.36 -5.15 -1.42
C LYS A 75 7.55 -6.33 -2.04
N LYS A 76 6.92 -7.12 -1.20
CA LYS A 76 6.11 -8.26 -1.66
C LYS A 76 4.89 -7.72 -2.40
N LEU A 77 4.21 -6.75 -1.83
CA LEU A 77 3.04 -6.13 -2.40
C LEU A 77 3.34 -5.45 -3.74
N LEU A 78 4.44 -4.71 -3.80
CA LEU A 78 4.86 -4.07 -5.04
C LEU A 78 5.17 -5.10 -6.14
N ARG A 79 5.71 -6.26 -5.76
CA ARG A 79 5.98 -7.35 -6.73
C ARG A 79 4.64 -7.88 -7.25
N SER A 80 3.66 -8.01 -6.36
CA SER A 80 2.33 -8.46 -6.77
C SER A 80 1.72 -7.46 -7.72
N TRP A 81 1.96 -6.18 -7.51
CA TRP A 81 1.46 -5.15 -8.41
C TRP A 81 2.15 -5.12 -9.77
N GLN A 82 3.44 -5.45 -9.81
CA GLN A 82 4.14 -5.56 -11.10
C GLN A 82 3.50 -6.70 -11.87
N LYS A 83 3.21 -7.79 -11.17
CA LYS A 83 2.59 -8.97 -11.76
C LYS A 83 1.15 -8.71 -12.20
N LEU A 84 0.56 -7.68 -11.66
CA LEU A 84 -0.82 -7.25 -11.98
C LEU A 84 -0.84 -6.36 -13.22
N ILE A 85 0.16 -5.50 -13.36
CA ILE A 85 0.23 -4.60 -14.51
C ILE A 85 0.75 -5.34 -15.73
N GLU A 86 1.66 -6.28 -15.51
CA GLU A 86 2.35 -7.01 -16.60
C GLU A 86 2.98 -6.05 -17.65
N PRO A 87 3.99 -5.27 -17.24
CA PRO A 87 4.56 -4.30 -18.20
C PRO A 87 5.40 -4.91 -19.34
N ALA A 88 5.62 -6.21 -19.29
CA ALA A 88 6.40 -6.93 -20.31
C ALA A 88 7.79 -6.30 -20.53
N GLY A 89 8.21 -6.18 -21.78
CA GLY A 89 9.51 -5.62 -22.14
C GLY A 89 9.60 -5.55 -23.67
N SER A 90 10.76 -5.20 -24.17
CA SER A 90 11.01 -5.13 -25.60
C SER A 90 11.50 -6.49 -26.11
N SER A 1 -12.79 -2.90 19.37
CA SER A 1 -13.03 -2.49 17.96
C SER A 1 -11.77 -2.67 17.14
N MET A 2 -11.90 -2.77 15.83
CA MET A 2 -10.77 -2.96 14.92
C MET A 2 -11.23 -2.54 13.55
N THR A 3 -10.32 -2.40 12.61
CA THR A 3 -10.65 -1.95 11.27
C THR A 3 -10.51 -3.04 10.22
N ALA A 4 -10.41 -4.28 10.68
CA ALA A 4 -10.31 -5.45 9.80
C ALA A 4 -11.68 -5.79 9.19
N ALA A 5 -12.02 -5.11 8.10
CA ALA A 5 -13.29 -5.28 7.41
C ALA A 5 -13.02 -5.07 5.92
N PRO A 6 -13.92 -5.52 5.03
CA PRO A 6 -13.63 -5.21 3.62
C PRO A 6 -13.75 -3.71 3.33
N ALA A 7 -12.86 -3.21 2.49
CA ALA A 7 -12.85 -1.79 2.15
C ALA A 7 -12.55 -1.63 0.65
N SER A 8 -13.04 -0.54 0.08
CA SER A 8 -12.80 -0.23 -1.33
C SER A 8 -11.35 0.26 -1.47
N PRO A 9 -10.75 0.11 -2.66
CA PRO A 9 -9.33 0.52 -2.78
C PRO A 9 -9.06 1.99 -2.49
N GLN A 10 -10.00 2.86 -2.81
CA GLN A 10 -9.83 4.29 -2.53
C GLN A 10 -9.84 4.58 -1.03
N GLN A 11 -10.65 3.83 -0.29
CA GLN A 11 -10.75 4.00 1.16
C GLN A 11 -9.45 3.54 1.82
N ILE A 12 -8.90 2.45 1.31
CA ILE A 12 -7.66 1.92 1.82
C ILE A 12 -6.54 2.93 1.55
N ARG A 13 -6.56 3.57 0.37
CA ARG A 13 -5.57 4.58 0.04
C ARG A 13 -5.69 5.77 0.98
N ASP A 14 -6.90 6.21 1.27
CA ASP A 14 -7.08 7.36 2.16
C ASP A 14 -6.60 7.06 3.57
N ARG A 15 -6.85 5.84 4.04
CA ARG A 15 -6.40 5.43 5.37
C ARG A 15 -4.89 5.51 5.47
N LEU A 16 -4.20 5.23 4.36
CA LEU A 16 -2.76 5.32 4.36
C LEU A 16 -2.33 6.76 4.57
N LEU A 17 -2.97 7.68 3.88
CA LEU A 17 -2.62 9.10 3.96
C LEU A 17 -2.83 9.64 5.38
N GLN A 18 -3.82 9.14 6.08
CA GLN A 18 -4.06 9.54 7.45
C GLN A 18 -2.96 9.02 8.37
N ALA A 19 -2.42 7.85 8.01
CA ALA A 19 -1.42 7.17 8.81
C ALA A 19 0.03 7.63 8.55
N ILE A 20 0.22 8.44 7.51
CA ILE A 20 1.56 8.93 7.17
C ILE A 20 1.58 10.45 7.08
N ASP A 21 2.78 10.99 7.11
CA ASP A 21 3.01 12.41 6.91
C ASP A 21 3.07 12.56 5.39
N PRO A 22 2.77 13.76 4.84
CA PRO A 22 2.90 13.88 3.37
C PRO A 22 4.28 13.51 2.79
N GLN A 23 5.34 13.58 3.60
CA GLN A 23 6.68 13.16 3.18
C GLN A 23 6.88 11.65 3.33
N SER A 24 5.78 10.92 3.47
CA SER A 24 5.77 9.44 3.63
C SER A 24 6.40 8.95 4.93
N ASN A 25 6.67 9.85 5.85
CA ASN A 25 7.19 9.47 7.15
C ASN A 25 6.03 8.83 7.91
N ILE A 26 6.30 7.80 8.70
CA ILE A 26 5.22 7.10 9.39
C ILE A 26 4.72 7.92 10.58
N ARG A 27 3.43 8.21 10.64
CA ARG A 27 2.85 8.89 11.79
C ARG A 27 2.16 7.87 12.71
N ASN A 28 1.50 6.88 12.12
CA ASN A 28 0.84 5.82 12.89
C ASN A 28 1.21 4.45 12.30
N MET A 29 2.21 3.82 12.88
CA MET A 29 2.71 2.53 12.37
C MET A 29 1.66 1.44 12.36
N VAL A 30 0.83 1.37 13.38
CA VAL A 30 -0.17 0.32 13.47
C VAL A 30 -1.14 0.43 12.30
N ALA A 31 -1.58 1.66 12.02
CA ALA A 31 -2.51 1.89 10.93
C ALA A 31 -1.87 1.59 9.57
N VAL A 32 -0.61 1.93 9.37
CA VAL A 32 0.06 1.62 8.10
C VAL A 32 0.14 0.11 7.91
N LEU A 33 0.49 -0.62 8.96
CA LEU A 33 0.59 -2.08 8.86
C LEU A 33 -0.76 -2.69 8.54
N GLU A 34 -1.81 -2.14 9.12
CA GLU A 34 -3.18 -2.60 8.84
C GLU A 34 -3.56 -2.33 7.39
N VAL A 35 -3.14 -1.18 6.87
CA VAL A 35 -3.40 -0.84 5.46
C VAL A 35 -2.69 -1.83 4.54
N ILE A 36 -1.44 -2.17 4.86
CA ILE A 36 -0.70 -3.11 4.03
C ILE A 36 -1.38 -4.47 4.10
N SER A 37 -1.75 -4.89 5.30
CA SER A 37 -2.43 -6.18 5.48
C SER A 37 -3.75 -6.22 4.71
N SER A 38 -4.45 -5.10 4.66
CA SER A 38 -5.69 -5.00 3.91
C SER A 38 -5.43 -5.13 2.43
N LEU A 39 -4.35 -4.54 1.93
CA LEU A 39 -4.05 -4.64 0.49
C LEU A 39 -3.60 -6.05 0.10
N GLU A 40 -2.95 -6.75 1.02
CA GLU A 40 -2.57 -8.15 0.77
C GLU A 40 -3.83 -9.05 0.73
N LYS A 41 -4.86 -8.64 1.46
CA LYS A 41 -6.14 -9.37 1.47
C LYS A 41 -7.05 -8.98 0.31
N TYR A 42 -7.01 -7.71 -0.06
CA TYR A 42 -7.88 -7.15 -1.09
C TYR A 42 -7.05 -6.58 -2.25
N PRO A 43 -6.82 -7.37 -3.31
CA PRO A 43 -6.00 -6.82 -4.38
C PRO A 43 -6.66 -5.70 -5.18
N ILE A 44 -5.86 -4.70 -5.50
CA ILE A 44 -6.30 -3.56 -6.31
C ILE A 44 -5.92 -3.91 -7.75
N THR A 45 -6.57 -3.29 -8.73
CA THR A 45 -6.27 -3.54 -10.14
C THR A 45 -5.38 -2.41 -10.65
N LYS A 46 -4.65 -2.62 -11.75
CA LYS A 46 -3.82 -1.56 -12.34
C LYS A 46 -4.59 -0.24 -12.52
N GLU A 47 -5.82 -0.35 -13.00
CA GLU A 47 -6.66 0.83 -13.25
C GLU A 47 -6.87 1.63 -11.96
N ALA A 48 -7.33 0.96 -10.91
CA ALA A 48 -7.56 1.62 -9.65
C ALA A 48 -6.24 2.04 -8.99
N LEU A 49 -5.17 1.31 -9.27
CA LEU A 49 -3.86 1.61 -8.71
C LEU A 49 -3.36 2.93 -9.26
N GLU A 50 -3.70 3.20 -10.51
CA GLU A 50 -3.32 4.45 -11.15
C GLU A 50 -4.10 5.62 -10.54
N GLU A 51 -5.38 5.42 -10.27
CA GLU A 51 -6.21 6.45 -9.63
C GLU A 51 -5.76 6.69 -8.19
N THR A 52 -5.47 5.62 -7.47
CA THR A 52 -5.06 5.74 -6.07
C THR A 52 -3.62 6.22 -5.92
N ARG A 53 -2.82 6.07 -6.98
CA ARG A 53 -1.38 6.44 -7.00
C ARG A 53 -0.62 5.63 -5.95
N LEU A 54 -1.23 4.57 -5.47
CA LEU A 54 -0.68 3.74 -4.40
C LEU A 54 0.67 3.13 -4.76
N GLY A 55 0.88 2.84 -6.03
CA GLY A 55 2.15 2.25 -6.45
C GLY A 55 3.34 3.09 -6.02
N LYS A 56 3.24 4.40 -6.15
CA LYS A 56 4.32 5.29 -5.75
C LYS A 56 4.37 5.44 -4.23
N LEU A 57 3.20 5.53 -3.60
CA LEU A 57 3.13 5.72 -2.15
C LEU A 57 3.78 4.57 -1.39
N ILE A 58 3.40 3.34 -1.73
CA ILE A 58 3.94 2.17 -1.04
C ILE A 58 5.46 2.10 -1.25
N ASN A 59 5.91 2.41 -2.45
CA ASN A 59 7.35 2.34 -2.75
C ASN A 59 8.15 3.37 -1.97
N ASP A 60 7.56 4.54 -1.70
CA ASP A 60 8.25 5.57 -0.93
C ASP A 60 8.20 5.30 0.56
N VAL A 61 7.05 4.90 1.07
CA VAL A 61 6.89 4.57 2.50
C VAL A 61 7.87 3.46 2.86
N ARG A 62 8.06 2.52 1.94
CA ARG A 62 9.01 1.43 2.13
C ARG A 62 10.44 1.92 2.40
N LYS A 63 10.79 3.08 1.87
CA LYS A 63 12.13 3.65 2.06
C LYS A 63 12.20 4.50 3.32
N LYS A 64 11.09 5.14 3.66
CA LYS A 64 11.04 6.04 4.83
C LYS A 64 10.92 5.29 6.15
N THR A 65 10.51 4.02 6.11
CA THR A 65 10.35 3.24 7.33
C THR A 65 11.57 2.38 7.63
N LYS A 66 11.85 2.18 8.91
CA LYS A 66 12.95 1.32 9.36
C LYS A 66 12.39 0.00 9.91
N ASN A 67 11.10 -0.20 9.73
CA ASN A 67 10.45 -1.44 10.16
C ASN A 67 10.62 -2.47 9.04
N GLU A 68 11.44 -3.48 9.29
CA GLU A 68 11.74 -4.48 8.27
C GLU A 68 10.53 -5.32 7.83
N GLU A 69 9.55 -5.56 8.70
CA GLU A 69 8.38 -6.35 8.28
C GLU A 69 7.60 -5.54 7.28
N LEU A 70 7.41 -4.28 7.58
CA LEU A 70 6.68 -3.36 6.71
C LEU A 70 7.43 -3.31 5.38
N ALA A 71 8.74 -3.16 5.43
CA ALA A 71 9.55 -3.12 4.21
C ALA A 71 9.42 -4.41 3.38
N LYS A 72 9.44 -5.56 4.05
CA LYS A 72 9.30 -6.86 3.38
C LYS A 72 7.91 -7.00 2.76
N ARG A 73 6.88 -6.66 3.52
CA ARG A 73 5.49 -6.75 3.02
C ARG A 73 5.30 -5.80 1.86
N ALA A 74 5.82 -4.58 1.98
CA ALA A 74 5.70 -3.61 0.92
C ALA A 74 6.39 -4.12 -0.35
N LYS A 75 7.55 -4.74 -0.21
CA LYS A 75 8.25 -5.29 -1.38
C LYS A 75 7.43 -6.40 -2.03
N LYS A 76 6.83 -7.26 -1.21
CA LYS A 76 5.96 -8.34 -1.70
C LYS A 76 4.77 -7.75 -2.46
N LEU A 77 4.13 -6.75 -1.87
CA LEU A 77 2.98 -6.10 -2.47
C LEU A 77 3.34 -5.42 -3.80
N LEU A 78 4.47 -4.71 -3.83
CA LEU A 78 4.92 -4.03 -5.03
C LEU A 78 5.26 -5.04 -6.13
N ARG A 79 5.77 -6.21 -5.77
CA ARG A 79 6.08 -7.26 -6.75
C ARG A 79 4.79 -7.75 -7.39
N SER A 80 3.73 -7.82 -6.60
CA SER A 80 2.42 -8.23 -7.13
C SER A 80 1.90 -7.15 -8.08
N TRP A 81 2.11 -5.90 -7.73
CA TRP A 81 1.67 -4.78 -8.55
C TRP A 81 2.53 -4.63 -9.81
N GLN A 82 3.74 -5.15 -9.79
CA GLN A 82 4.60 -5.13 -10.97
C GLN A 82 3.89 -5.92 -12.07
N LYS A 83 3.21 -7.00 -11.69
CA LYS A 83 2.47 -7.83 -12.66
C LYS A 83 1.20 -7.14 -13.17
N LEU A 84 0.62 -6.28 -12.36
CA LEU A 84 -0.57 -5.51 -12.78
C LEU A 84 -0.18 -4.51 -13.85
N ILE A 85 0.96 -3.87 -13.64
CA ILE A 85 1.46 -2.84 -14.55
C ILE A 85 2.06 -3.47 -15.79
N GLU A 86 2.78 -4.57 -15.60
CA GLU A 86 3.47 -5.32 -16.66
C GLU A 86 4.29 -4.38 -17.57
N PRO A 87 5.33 -3.74 -17.02
CA PRO A 87 6.08 -2.80 -17.86
C PRO A 87 6.97 -3.43 -18.93
N ALA A 88 7.20 -4.74 -18.80
CA ALA A 88 8.04 -5.53 -19.73
C ALA A 88 9.45 -4.94 -19.90
N GLY A 89 9.90 -4.18 -18.91
CA GLY A 89 11.18 -3.53 -18.95
C GLY A 89 11.54 -3.03 -17.56
N SER A 90 12.50 -2.13 -17.48
CA SER A 90 12.95 -1.57 -16.19
C SER A 90 12.14 -0.34 -15.80
N SER A 1 -13.79 -4.33 13.75
CA SER A 1 -13.72 -5.74 14.20
C SER A 1 -12.29 -6.11 14.51
N MET A 2 -12.06 -7.23 15.17
CA MET A 2 -10.69 -7.71 15.44
C MET A 2 -10.16 -8.38 14.18
N THR A 3 -11.07 -8.67 13.26
CA THR A 3 -10.74 -9.26 11.98
C THR A 3 -10.82 -8.17 10.92
N ALA A 4 -10.14 -8.38 9.81
CA ALA A 4 -10.15 -7.40 8.71
C ALA A 4 -11.54 -7.39 8.07
N ALA A 5 -11.89 -6.27 7.46
CA ALA A 5 -13.17 -6.11 6.76
C ALA A 5 -12.83 -5.47 5.41
N PRO A 6 -13.64 -5.71 4.37
CA PRO A 6 -13.29 -5.09 3.09
C PRO A 6 -13.54 -3.59 3.06
N ALA A 7 -12.69 -2.88 2.34
CA ALA A 7 -12.83 -1.44 2.15
C ALA A 7 -12.59 -1.19 0.66
N SER A 8 -13.09 -0.10 0.12
CA SER A 8 -12.88 0.21 -1.30
C SER A 8 -11.41 0.61 -1.49
N PRO A 9 -10.87 0.50 -2.71
CA PRO A 9 -9.46 0.88 -2.86
C PRO A 9 -9.20 2.35 -2.53
N GLN A 10 -10.20 3.21 -2.72
CA GLN A 10 -10.07 4.62 -2.39
C GLN A 10 -9.96 4.80 -0.88
N GLN A 11 -10.74 4.03 -0.13
CA GLN A 11 -10.71 4.11 1.33
C GLN A 11 -9.40 3.56 1.88
N ILE A 12 -8.89 2.50 1.28
CA ILE A 12 -7.62 1.91 1.72
C ILE A 12 -6.50 2.93 1.48
N ARG A 13 -6.55 3.60 0.33
CA ARG A 13 -5.58 4.65 0.02
C ARG A 13 -5.69 5.77 1.05
N ASP A 14 -6.91 6.16 1.36
CA ASP A 14 -7.11 7.25 2.32
C ASP A 14 -6.63 6.89 3.71
N ARG A 15 -6.84 5.64 4.13
CA ARG A 15 -6.35 5.20 5.44
C ARG A 15 -4.84 5.33 5.52
N LEU A 16 -4.15 5.13 4.40
CA LEU A 16 -2.71 5.30 4.39
C LEU A 16 -2.36 6.76 4.60
N LEU A 17 -3.07 7.65 3.91
CA LEU A 17 -2.81 9.09 4.04
C LEU A 17 -3.09 9.57 5.46
N GLN A 18 -4.07 8.96 6.10
CA GLN A 18 -4.41 9.30 7.47
C GLN A 18 -3.34 8.80 8.45
N ALA A 19 -2.46 7.94 7.97
CA ALA A 19 -1.43 7.32 8.80
C ALA A 19 -0.01 7.80 8.47
N ILE A 20 0.16 8.58 7.42
CA ILE A 20 1.48 9.10 7.03
C ILE A 20 1.46 10.61 6.84
N ASP A 21 2.63 11.20 6.87
CA ASP A 21 2.83 12.61 6.60
C ASP A 21 2.94 12.69 5.08
N PRO A 22 2.64 13.85 4.45
CA PRO A 22 2.83 13.91 2.99
C PRO A 22 4.25 13.58 2.50
N GLN A 23 5.25 13.70 3.36
CA GLN A 23 6.64 13.33 3.03
C GLN A 23 6.87 11.81 3.14
N SER A 24 5.77 11.07 3.30
CA SER A 24 5.76 9.61 3.48
C SER A 24 6.35 9.16 4.81
N ASN A 25 6.53 10.10 5.73
CA ASN A 25 7.03 9.77 7.06
C ASN A 25 5.89 9.13 7.83
N ILE A 26 6.19 8.14 8.65
CA ILE A 26 5.15 7.42 9.38
C ILE A 26 4.61 8.25 10.55
N ARG A 27 3.29 8.37 10.66
CA ARG A 27 2.66 9.06 11.80
C ARG A 27 1.93 8.05 12.69
N ASN A 28 1.32 7.04 12.09
CA ASN A 28 0.63 5.98 12.84
C ASN A 28 1.06 4.63 12.28
N MET A 29 2.08 4.04 12.89
CA MET A 29 2.64 2.77 12.40
C MET A 29 1.62 1.63 12.34
N VAL A 30 0.75 1.54 13.35
CA VAL A 30 -0.23 0.45 13.38
C VAL A 30 -1.15 0.56 12.17
N ALA A 31 -1.63 1.77 11.90
CA ALA A 31 -2.52 1.98 10.77
C ALA A 31 -1.84 1.69 9.43
N VAL A 32 -0.56 2.04 9.28
CA VAL A 32 0.16 1.75 8.04
C VAL A 32 0.26 0.23 7.87
N LEU A 33 0.61 -0.47 8.94
CA LEU A 33 0.72 -1.94 8.88
C LEU A 33 -0.62 -2.56 8.52
N GLU A 34 -1.70 -2.01 9.04
CA GLU A 34 -3.04 -2.52 8.72
C GLU A 34 -3.37 -2.28 7.24
N VAL A 35 -2.93 -1.16 6.68
CA VAL A 35 -3.16 -0.88 5.26
C VAL A 35 -2.43 -1.93 4.42
N ILE A 36 -1.19 -2.24 4.77
CA ILE A 36 -0.43 -3.25 4.02
C ILE A 36 -1.14 -4.60 4.17
N SER A 37 -1.57 -4.91 5.39
CA SER A 37 -2.26 -6.16 5.66
C SER A 37 -3.55 -6.27 4.85
N SER A 38 -4.22 -5.14 4.63
CA SER A 38 -5.45 -5.12 3.85
C SER A 38 -5.17 -5.26 2.36
N LEU A 39 -4.16 -4.58 1.85
CA LEU A 39 -3.84 -4.64 0.42
C LEU A 39 -3.37 -6.02 -0.01
N GLU A 40 -2.72 -6.73 0.90
CA GLU A 40 -2.31 -8.11 0.64
C GLU A 40 -3.52 -9.05 0.49
N LYS A 41 -4.67 -8.64 1.03
CA LYS A 41 -5.90 -9.44 0.98
C LYS A 41 -6.85 -8.95 -0.11
N TYR A 42 -6.79 -7.66 -0.38
CA TYR A 42 -7.69 -7.02 -1.34
C TYR A 42 -6.87 -6.47 -2.51
N PRO A 43 -6.62 -7.30 -3.54
CA PRO A 43 -5.82 -6.78 -4.64
C PRO A 43 -6.54 -5.69 -5.43
N ILE A 44 -5.93 -4.51 -5.45
CA ILE A 44 -6.45 -3.37 -6.19
C ILE A 44 -6.21 -3.66 -7.69
N THR A 45 -7.03 -3.07 -8.56
CA THR A 45 -6.91 -3.30 -10.01
C THR A 45 -5.89 -2.34 -10.59
N LYS A 46 -5.44 -2.59 -11.81
CA LYS A 46 -4.43 -1.74 -12.46
C LYS A 46 -4.90 -0.29 -12.57
N GLU A 47 -6.13 -0.10 -13.01
CA GLU A 47 -6.69 1.24 -13.20
C GLU A 47 -6.84 1.95 -11.86
N ALA A 48 -7.36 1.24 -10.88
CA ALA A 48 -7.58 1.82 -9.56
C ALA A 48 -6.24 2.15 -8.91
N LEU A 49 -5.23 1.32 -9.15
CA LEU A 49 -3.91 1.55 -8.59
C LEU A 49 -3.32 2.83 -9.12
N GLU A 50 -3.54 3.08 -10.39
CA GLU A 50 -3.04 4.29 -11.02
C GLU A 50 -3.71 5.51 -10.42
N GLU A 51 -5.03 5.47 -10.22
CA GLU A 51 -5.73 6.63 -9.64
C GLU A 51 -5.38 6.82 -8.16
N THR A 52 -5.30 5.73 -7.42
CA THR A 52 -4.96 5.81 -5.99
C THR A 52 -3.50 6.21 -5.83
N ARG A 53 -2.71 6.00 -6.90
CA ARG A 53 -1.29 6.36 -6.93
C ARG A 53 -0.55 5.55 -5.86
N LEU A 54 -1.17 4.47 -5.42
CA LEU A 54 -0.63 3.66 -4.33
C LEU A 54 0.73 3.05 -4.67
N GLY A 55 0.97 2.74 -5.93
CA GLY A 55 2.26 2.19 -6.32
C GLY A 55 3.40 3.14 -5.94
N LYS A 56 3.17 4.44 -6.11
CA LYS A 56 4.16 5.46 -5.76
C LYS A 56 4.28 5.55 -4.25
N LEU A 57 3.15 5.61 -3.57
CA LEU A 57 3.10 5.78 -2.12
C LEU A 57 3.76 4.63 -1.36
N ILE A 58 3.39 3.41 -1.68
CA ILE A 58 3.93 2.24 -0.99
C ILE A 58 5.43 2.15 -1.18
N ASN A 59 5.90 2.45 -2.39
CA ASN A 59 7.33 2.36 -2.68
C ASN A 59 8.15 3.38 -1.89
N ASP A 60 7.59 4.56 -1.62
CA ASP A 60 8.30 5.56 -0.81
C ASP A 60 8.21 5.25 0.68
N VAL A 61 7.03 4.82 1.14
CA VAL A 61 6.84 4.46 2.56
C VAL A 61 7.78 3.30 2.91
N ARG A 62 8.02 2.42 1.95
CA ARG A 62 8.96 1.31 2.11
C ARG A 62 10.37 1.78 2.47
N LYS A 63 10.73 3.00 2.06
CA LYS A 63 12.04 3.56 2.38
C LYS A 63 12.07 4.23 3.74
N LYS A 64 10.94 4.80 4.16
CA LYS A 64 10.86 5.54 5.42
C LYS A 64 10.69 4.65 6.64
N THR A 65 10.11 3.47 6.45
CA THR A 65 9.89 2.57 7.58
C THR A 65 11.22 2.01 8.09
N LYS A 66 11.37 1.97 9.40
CA LYS A 66 12.56 1.37 10.02
C LYS A 66 12.25 -0.08 10.35
N ASN A 67 10.98 -0.42 10.28
CA ASN A 67 10.50 -1.77 10.53
C ASN A 67 10.64 -2.57 9.25
N GLU A 68 11.61 -3.47 9.20
CA GLU A 68 11.85 -4.25 8.00
C GLU A 68 10.68 -5.14 7.63
N GLU A 69 9.86 -5.53 8.61
CA GLU A 69 8.71 -6.40 8.34
C GLU A 69 7.79 -5.69 7.36
N LEU A 70 7.59 -4.40 7.60
CA LEU A 70 6.75 -3.58 6.74
C LEU A 70 7.39 -3.51 5.36
N ALA A 71 8.70 -3.31 5.34
CA ALA A 71 9.43 -3.20 4.07
C ALA A 71 9.35 -4.50 3.24
N LYS A 72 9.46 -5.66 3.88
CA LYS A 72 9.38 -6.93 3.16
C LYS A 72 7.98 -7.15 2.63
N ARG A 73 6.97 -6.82 3.43
CA ARG A 73 5.57 -6.96 2.98
C ARG A 73 5.31 -5.99 1.83
N ALA A 74 5.86 -4.79 1.93
CA ALA A 74 5.73 -3.81 0.86
C ALA A 74 6.40 -4.32 -0.41
N LYS A 75 7.56 -4.95 -0.31
CA LYS A 75 8.23 -5.50 -1.49
C LYS A 75 7.38 -6.60 -2.12
N LYS A 76 6.81 -7.46 -1.29
CA LYS A 76 5.93 -8.54 -1.75
C LYS A 76 4.72 -7.93 -2.48
N LEU A 77 4.11 -6.92 -1.89
CA LEU A 77 2.97 -6.24 -2.49
C LEU A 77 3.34 -5.58 -3.82
N LEU A 78 4.45 -4.87 -3.85
CA LEU A 78 4.90 -4.20 -5.06
C LEU A 78 5.24 -5.20 -6.16
N ARG A 79 5.77 -6.36 -5.81
CA ARG A 79 6.07 -7.39 -6.82
C ARG A 79 4.77 -7.89 -7.43
N SER A 80 3.73 -8.01 -6.63
CA SER A 80 2.42 -8.42 -7.13
C SER A 80 1.91 -7.35 -8.07
N TRP A 81 2.01 -6.10 -7.66
CA TRP A 81 1.57 -4.97 -8.47
C TRP A 81 2.36 -4.83 -9.76
N GLN A 82 3.61 -5.27 -9.78
CA GLN A 82 4.40 -5.24 -11.00
C GLN A 82 3.74 -6.13 -12.07
N LYS A 83 3.22 -7.29 -11.66
CA LYS A 83 2.55 -8.18 -12.61
C LYS A 83 1.19 -7.59 -13.01
N LEU A 84 0.53 -6.94 -12.06
CA LEU A 84 -0.77 -6.34 -12.30
C LEU A 84 -0.68 -5.24 -13.36
N ILE A 85 0.40 -4.47 -13.32
CA ILE A 85 0.63 -3.42 -14.31
C ILE A 85 1.08 -4.04 -15.62
N GLU A 86 1.84 -5.13 -15.53
CA GLU A 86 2.41 -5.84 -16.67
C GLU A 86 3.11 -4.90 -17.69
N PRO A 87 4.19 -4.21 -17.25
CA PRO A 87 4.88 -3.28 -18.16
C PRO A 87 5.85 -3.96 -19.14
N ALA A 88 5.82 -5.30 -19.18
CA ALA A 88 6.67 -6.12 -20.04
C ALA A 88 8.19 -5.91 -19.84
N GLY A 89 8.59 -5.36 -18.71
CA GLY A 89 10.00 -5.14 -18.44
C GLY A 89 10.23 -4.57 -17.06
N SER A 90 11.49 -4.23 -16.76
CA SER A 90 11.90 -3.67 -15.47
C SER A 90 11.52 -4.53 -14.27
N SER A 1 -7.79 -3.95 16.09
CA SER A 1 -8.96 -4.62 16.75
C SER A 1 -10.16 -4.57 15.83
N MET A 2 -11.26 -5.22 16.22
CA MET A 2 -12.47 -5.31 15.39
C MET A 2 -12.07 -5.93 14.03
N THR A 3 -12.74 -5.56 12.95
CA THR A 3 -12.43 -6.10 11.63
C THR A 3 -12.06 -4.94 10.71
N ALA A 4 -11.26 -5.24 9.69
CA ALA A 4 -10.80 -4.21 8.75
C ALA A 4 -11.94 -3.67 7.87
N ALA A 5 -12.98 -4.48 7.70
CA ALA A 5 -14.18 -4.18 6.88
C ALA A 5 -13.86 -4.01 5.38
N PRO A 6 -14.85 -4.27 4.49
CA PRO A 6 -14.52 -4.01 3.09
C PRO A 6 -14.47 -2.51 2.79
N ALA A 7 -13.52 -2.11 1.97
CA ALA A 7 -13.36 -0.71 1.59
C ALA A 7 -13.02 -0.64 0.09
N SER A 8 -13.35 0.46 -0.56
CA SER A 8 -12.99 0.65 -1.96
C SER A 8 -11.50 0.93 -2.02
N PRO A 9 -10.84 0.72 -3.19
CA PRO A 9 -9.40 1.00 -3.19
C PRO A 9 -9.05 2.45 -2.87
N GLN A 10 -9.94 3.37 -3.21
CA GLN A 10 -9.73 4.78 -2.89
C GLN A 10 -9.77 5.03 -1.38
N GLN A 11 -10.62 4.30 -0.68
CA GLN A 11 -10.71 4.44 0.78
C GLN A 11 -9.50 3.80 1.45
N ILE A 12 -9.04 2.66 0.92
CA ILE A 12 -7.87 2.00 1.51
C ILE A 12 -6.64 2.91 1.33
N ARG A 13 -6.56 3.55 0.16
CA ARG A 13 -5.50 4.53 -0.11
C ARG A 13 -5.58 5.66 0.91
N ASP A 14 -6.79 6.12 1.21
CA ASP A 14 -6.95 7.22 2.15
C ASP A 14 -6.52 6.85 3.56
N ARG A 15 -6.77 5.60 3.97
CA ARG A 15 -6.36 5.13 5.29
C ARG A 15 -4.84 5.23 5.44
N LEU A 16 -4.12 5.01 4.34
CA LEU A 16 -2.67 5.12 4.38
C LEU A 16 -2.26 6.55 4.62
N LEU A 17 -2.91 7.49 3.95
CA LEU A 17 -2.56 8.91 4.06
C LEU A 17 -2.77 9.40 5.48
N GLN A 18 -3.80 8.88 6.15
CA GLN A 18 -4.09 9.27 7.53
C GLN A 18 -3.10 8.61 8.53
N ALA A 19 -2.34 7.64 8.05
CA ALA A 19 -1.40 6.91 8.89
C ALA A 19 0.05 7.40 8.71
N ILE A 20 0.27 8.21 7.68
CA ILE A 20 1.62 8.71 7.37
C ILE A 20 1.70 10.24 7.38
N ASP A 21 2.92 10.72 7.36
CA ASP A 21 3.23 12.13 7.29
C ASP A 21 3.19 12.51 5.82
N PRO A 22 2.94 13.80 5.47
CA PRO A 22 2.96 14.11 4.03
C PRO A 22 4.31 13.82 3.35
N GLN A 23 5.40 13.79 4.13
CA GLN A 23 6.72 13.44 3.61
C GLN A 23 6.93 11.92 3.60
N SER A 24 5.84 11.17 3.70
CA SER A 24 5.81 9.69 3.70
C SER A 24 6.48 9.04 4.90
N ASN A 25 6.76 9.85 5.92
CA ASN A 25 7.36 9.32 7.15
C ASN A 25 6.23 8.63 7.91
N ILE A 26 6.56 7.69 8.76
CA ILE A 26 5.54 6.94 9.49
C ILE A 26 5.08 7.75 10.70
N ARG A 27 3.77 7.87 10.90
CA ARG A 27 3.24 8.50 12.12
C ARG A 27 2.49 7.47 12.95
N ASN A 28 1.62 6.70 12.30
CA ASN A 28 0.86 5.66 12.99
C ASN A 28 1.26 4.29 12.42
N MET A 29 2.35 3.73 12.91
CA MET A 29 2.89 2.47 12.37
C MET A 29 1.89 1.32 12.35
N VAL A 30 1.08 1.20 13.40
CA VAL A 30 0.11 0.11 13.48
C VAL A 30 -0.85 0.23 12.30
N ALA A 31 -1.38 1.43 12.08
CA ALA A 31 -2.32 1.66 11.00
C ALA A 31 -1.68 1.40 9.63
N VAL A 32 -0.42 1.77 9.44
CA VAL A 32 0.26 1.51 8.16
C VAL A 32 0.31 0.00 7.91
N LEU A 33 0.67 -0.77 8.92
CA LEU A 33 0.71 -2.23 8.80
C LEU A 33 -0.68 -2.80 8.51
N GLU A 34 -1.70 -2.26 9.16
CA GLU A 34 -3.07 -2.71 8.94
C GLU A 34 -3.54 -2.38 7.52
N VAL A 35 -3.09 -1.26 6.96
CA VAL A 35 -3.42 -0.91 5.57
C VAL A 35 -2.75 -1.90 4.62
N ILE A 36 -1.51 -2.28 4.88
CA ILE A 36 -0.84 -3.26 4.03
C ILE A 36 -1.63 -4.56 4.10
N SER A 37 -2.04 -4.93 5.31
CA SER A 37 -2.82 -6.14 5.51
C SER A 37 -4.16 -6.07 4.76
N SER A 38 -4.74 -4.88 4.69
CA SER A 38 -5.99 -4.69 3.98
C SER A 38 -5.78 -4.80 2.48
N LEU A 39 -4.64 -4.36 1.97
CA LEU A 39 -4.35 -4.45 0.53
C LEU A 39 -4.04 -5.88 0.11
N GLU A 40 -3.42 -6.64 1.00
CA GLU A 40 -3.16 -8.06 0.73
C GLU A 40 -4.51 -8.80 0.69
N LYS A 41 -5.47 -8.35 1.50
CA LYS A 41 -6.82 -8.95 1.55
C LYS A 41 -7.70 -8.48 0.39
N TYR A 42 -7.56 -7.22 0.01
CA TYR A 42 -8.36 -6.60 -1.03
C TYR A 42 -7.45 -6.14 -2.17
N PRO A 43 -7.19 -7.03 -3.14
CA PRO A 43 -6.26 -6.60 -4.20
C PRO A 43 -6.84 -5.52 -5.11
N ILE A 44 -5.98 -4.59 -5.50
CA ILE A 44 -6.33 -3.51 -6.41
C ILE A 44 -5.85 -3.94 -7.79
N THR A 45 -6.42 -3.38 -8.86
CA THR A 45 -6.03 -3.74 -10.22
C THR A 45 -5.21 -2.59 -10.81
N LYS A 46 -4.46 -2.85 -11.89
CA LYS A 46 -3.62 -1.84 -12.55
C LYS A 46 -4.32 -0.51 -12.80
N GLU A 47 -5.54 -0.54 -13.29
CA GLU A 47 -6.28 0.69 -13.62
C GLU A 47 -6.54 1.54 -12.37
N ALA A 48 -7.04 0.90 -11.32
CA ALA A 48 -7.35 1.59 -10.09
C ALA A 48 -6.06 2.02 -9.38
N LEU A 49 -4.99 1.26 -9.59
CA LEU A 49 -3.70 1.57 -8.99
C LEU A 49 -3.19 2.90 -9.50
N GLU A 50 -3.51 3.23 -10.75
CA GLU A 50 -3.12 4.50 -11.33
C GLU A 50 -3.91 5.63 -10.67
N GLU A 51 -5.21 5.46 -10.54
CA GLU A 51 -6.08 6.49 -9.96
C GLU A 51 -5.75 6.75 -8.49
N THR A 52 -5.42 5.70 -7.77
CA THR A 52 -5.07 5.81 -6.35
C THR A 52 -3.62 6.21 -6.16
N ARG A 53 -2.80 6.00 -7.20
CA ARG A 53 -1.35 6.26 -7.18
C ARG A 53 -0.71 5.46 -6.03
N LEU A 54 -1.36 4.37 -5.65
CA LEU A 54 -0.90 3.57 -4.51
C LEU A 54 0.48 2.98 -4.75
N GLY A 55 0.79 2.63 -5.99
CA GLY A 55 2.11 2.08 -6.28
C GLY A 55 3.21 3.05 -5.90
N LYS A 56 2.98 4.34 -6.14
CA LYS A 56 3.95 5.38 -5.80
C LYS A 56 4.05 5.51 -4.28
N LEU A 57 2.90 5.55 -3.62
CA LEU A 57 2.86 5.74 -2.17
C LEU A 57 3.56 4.62 -1.42
N ILE A 58 3.22 3.39 -1.70
CA ILE A 58 3.81 2.24 -1.00
C ILE A 58 5.33 2.21 -1.25
N ASN A 59 5.74 2.50 -2.48
CA ASN A 59 7.16 2.46 -2.81
C ASN A 59 7.96 3.54 -2.06
N ASP A 60 7.36 4.69 -1.81
CA ASP A 60 8.06 5.75 -1.09
C ASP A 60 8.08 5.49 0.43
N VAL A 61 6.95 5.06 0.98
CA VAL A 61 6.85 4.75 2.41
C VAL A 61 7.87 3.66 2.76
N ARG A 62 8.05 2.71 1.84
CA ARG A 62 9.04 1.64 2.00
C ARG A 62 10.46 2.18 2.23
N LYS A 63 10.77 3.33 1.65
CA LYS A 63 12.11 3.94 1.81
C LYS A 63 12.23 4.72 3.10
N LYS A 64 11.15 5.34 3.51
CA LYS A 64 11.17 6.22 4.69
C LYS A 64 11.12 5.44 5.99
N THR A 65 10.51 4.27 5.98
CA THR A 65 10.45 3.44 7.18
C THR A 65 11.80 2.75 7.43
N LYS A 66 12.15 2.61 8.69
CA LYS A 66 13.37 1.89 9.09
C LYS A 66 12.99 0.50 9.57
N ASN A 67 11.70 0.22 9.58
CA ASN A 67 11.19 -1.07 10.02
C ASN A 67 11.34 -2.05 8.87
N GLU A 68 12.27 -2.99 9.02
CA GLU A 68 12.55 -3.98 7.99
C GLU A 68 11.33 -4.77 7.60
N GLU A 69 10.58 -5.26 8.57
CA GLU A 69 9.41 -6.09 8.28
C GLU A 69 8.40 -5.32 7.42
N LEU A 70 8.16 -4.06 7.76
CA LEU A 70 7.25 -3.24 6.96
C LEU A 70 7.82 -3.08 5.54
N ALA A 71 9.12 -2.90 5.43
CA ALA A 71 9.76 -2.78 4.13
C ALA A 71 9.65 -4.09 3.32
N LYS A 72 9.78 -5.24 3.98
CA LYS A 72 9.65 -6.54 3.32
C LYS A 72 8.22 -6.73 2.84
N ARG A 73 7.25 -6.40 3.67
CA ARG A 73 5.83 -6.52 3.29
C ARG A 73 5.52 -5.58 2.14
N ALA A 74 6.02 -4.36 2.20
CA ALA A 74 5.81 -3.41 1.12
C ALA A 74 6.43 -3.97 -0.17
N LYS A 75 7.61 -4.57 -0.07
CA LYS A 75 8.26 -5.15 -1.25
C LYS A 75 7.44 -6.32 -1.81
N LYS A 76 6.85 -7.13 -0.94
CA LYS A 76 5.99 -8.24 -1.39
C LYS A 76 4.78 -7.69 -2.14
N LEU A 77 4.13 -6.71 -1.55
CA LEU A 77 2.95 -6.11 -2.16
C LEU A 77 3.29 -5.47 -3.50
N LEU A 78 4.41 -4.76 -3.55
CA LEU A 78 4.85 -4.14 -4.80
C LEU A 78 5.23 -5.18 -5.84
N ARG A 79 5.67 -6.36 -5.42
CA ARG A 79 6.00 -7.44 -6.36
C ARG A 79 4.71 -8.01 -6.95
N SER A 80 3.64 -8.03 -6.16
CA SER A 80 2.34 -8.46 -6.69
C SER A 80 1.89 -7.42 -7.71
N TRP A 81 2.00 -6.15 -7.36
CA TRP A 81 1.61 -5.06 -8.26
C TRP A 81 2.52 -4.97 -9.49
N GLN A 82 3.74 -5.47 -9.39
CA GLN A 82 4.66 -5.50 -10.53
C GLN A 82 4.04 -6.35 -11.64
N LYS A 83 3.28 -7.37 -11.27
CA LYS A 83 2.63 -8.23 -12.25
C LYS A 83 1.44 -7.54 -12.92
N LEU A 84 0.76 -6.67 -12.18
CA LEU A 84 -0.35 -5.91 -12.75
C LEU A 84 0.17 -4.95 -13.80
N ILE A 85 1.28 -4.31 -13.48
CA ILE A 85 1.86 -3.31 -14.36
C ILE A 85 2.54 -3.99 -15.55
N GLU A 86 3.19 -5.11 -15.28
CA GLU A 86 3.94 -5.90 -16.27
C GLU A 86 4.93 -5.02 -17.09
N PRO A 87 5.98 -4.49 -16.43
CA PRO A 87 6.91 -3.64 -17.18
C PRO A 87 7.81 -4.38 -18.17
N ALA A 88 7.96 -5.69 -17.98
CA ALA A 88 8.75 -6.59 -18.84
C ALA A 88 10.19 -6.13 -19.19
N GLY A 89 10.79 -5.27 -18.36
CA GLY A 89 12.15 -4.82 -18.60
C GLY A 89 13.05 -5.15 -17.43
N SER A 90 13.97 -6.08 -17.63
CA SER A 90 14.91 -6.50 -16.60
C SER A 90 16.11 -7.11 -17.28
N SER A 1 -6.29 -9.54 12.76
CA SER A 1 -7.21 -8.55 13.37
C SER A 1 -8.60 -9.11 13.43
N MET A 2 -9.44 -8.58 14.32
CA MET A 2 -10.82 -9.01 14.45
C MET A 2 -11.69 -8.01 13.73
N THR A 3 -12.97 -8.33 13.55
CA THR A 3 -13.97 -7.43 12.93
C THR A 3 -13.47 -6.74 11.64
N ALA A 4 -12.71 -7.47 10.85
CA ALA A 4 -12.17 -6.94 9.59
C ALA A 4 -13.27 -6.97 8.51
N ALA A 5 -13.32 -5.94 7.69
CA ALA A 5 -14.33 -5.79 6.64
C ALA A 5 -13.64 -5.32 5.35
N PRO A 6 -14.24 -5.56 4.18
CA PRO A 6 -13.57 -5.08 2.94
C PRO A 6 -13.76 -3.57 2.73
N ALA A 7 -12.84 -2.96 2.00
CA ALA A 7 -12.90 -1.52 1.71
C ALA A 7 -12.54 -1.26 0.24
N SER A 8 -13.07 -0.19 -0.30
CA SER A 8 -12.76 0.21 -1.66
C SER A 8 -11.30 0.69 -1.71
N PRO A 9 -10.64 0.56 -2.88
CA PRO A 9 -9.23 0.96 -2.91
C PRO A 9 -8.96 2.44 -2.61
N GLN A 10 -9.92 3.33 -2.88
CA GLN A 10 -9.74 4.75 -2.57
C GLN A 10 -9.81 4.98 -1.04
N GLN A 11 -10.57 4.15 -0.32
CA GLN A 11 -10.66 4.29 1.14
C GLN A 11 -9.37 3.81 1.78
N ILE A 12 -8.82 2.73 1.23
CA ILE A 12 -7.58 2.18 1.74
C ILE A 12 -6.46 3.22 1.52
N ARG A 13 -6.47 3.85 0.35
CA ARG A 13 -5.51 4.91 0.04
C ARG A 13 -5.64 6.05 1.05
N ASP A 14 -6.86 6.43 1.37
CA ASP A 14 -7.08 7.52 2.32
C ASP A 14 -6.59 7.15 3.73
N ARG A 15 -6.88 5.94 4.20
CA ARG A 15 -6.44 5.51 5.54
C ARG A 15 -4.92 5.53 5.63
N LEU A 16 -4.25 5.28 4.53
CA LEU A 16 -2.79 5.33 4.50
C LEU A 16 -2.30 6.74 4.65
N LEU A 17 -2.90 7.67 3.93
CA LEU A 17 -2.51 9.07 4.00
C LEU A 17 -2.76 9.63 5.39
N GLN A 18 -3.79 9.16 6.07
CA GLN A 18 -4.06 9.61 7.45
C GLN A 18 -3.07 8.99 8.44
N ALA A 19 -2.35 7.95 8.03
CA ALA A 19 -1.40 7.25 8.88
C ALA A 19 0.05 7.63 8.62
N ILE A 20 0.29 8.44 7.61
CA ILE A 20 1.63 8.89 7.26
C ILE A 20 1.70 10.42 7.15
N ASP A 21 2.92 10.92 7.18
CA ASP A 21 3.24 12.33 7.07
C ASP A 21 3.17 12.67 5.58
N PRO A 22 2.93 13.96 5.20
CA PRO A 22 3.03 14.24 3.75
C PRO A 22 4.37 13.86 3.11
N GLN A 23 5.43 13.76 3.92
CA GLN A 23 6.75 13.34 3.43
C GLN A 23 6.88 11.81 3.44
N SER A 24 5.75 11.13 3.55
CA SER A 24 5.62 9.66 3.57
C SER A 24 6.25 9.00 4.81
N ASN A 25 6.63 9.80 5.79
CA ASN A 25 7.20 9.28 7.04
C ASN A 25 6.06 8.68 7.85
N ILE A 26 6.34 7.63 8.60
CA ILE A 26 5.31 6.96 9.39
C ILE A 26 4.83 7.84 10.58
N ARG A 27 3.51 7.96 10.76
CA ARG A 27 2.95 8.69 11.92
C ARG A 27 2.26 7.70 12.84
N ASN A 28 1.43 6.83 12.27
CA ASN A 28 0.69 5.84 13.05
C ASN A 28 1.00 4.44 12.57
N MET A 29 2.04 3.85 13.15
CA MET A 29 2.54 2.52 12.74
C MET A 29 1.46 1.45 12.62
N VAL A 30 0.57 1.37 13.59
CA VAL A 30 -0.49 0.35 13.59
C VAL A 30 -1.33 0.46 12.33
N ALA A 31 -1.80 1.66 12.03
CA ALA A 31 -2.67 1.86 10.88
C ALA A 31 -1.94 1.57 9.56
N VAL A 32 -0.65 1.90 9.47
CA VAL A 32 0.11 1.62 8.26
C VAL A 32 0.22 0.10 8.08
N LEU A 33 0.53 -0.61 9.14
CA LEU A 33 0.59 -2.06 9.09
C LEU A 33 -0.79 -2.65 8.72
N GLU A 34 -1.87 -2.05 9.22
CA GLU A 34 -3.23 -2.48 8.86
C GLU A 34 -3.50 -2.28 7.37
N VAL A 35 -3.04 -1.16 6.81
CA VAL A 35 -3.23 -0.88 5.39
C VAL A 35 -2.46 -1.93 4.57
N ILE A 36 -1.23 -2.25 4.95
CA ILE A 36 -0.46 -3.28 4.22
C ILE A 36 -1.25 -4.58 4.26
N SER A 37 -1.82 -4.90 5.42
CA SER A 37 -2.61 -6.11 5.59
C SER A 37 -3.87 -6.07 4.71
N SER A 38 -4.38 -4.87 4.50
CA SER A 38 -5.59 -4.69 3.70
C SER A 38 -5.30 -4.90 2.21
N LEU A 39 -4.20 -4.39 1.68
CA LEU A 39 -3.89 -4.63 0.27
C LEU A 39 -3.46 -6.06 0.04
N GLU A 40 -2.85 -6.68 1.05
CA GLU A 40 -2.45 -8.08 0.93
C GLU A 40 -3.68 -9.01 0.88
N LYS A 41 -4.81 -8.54 1.39
CA LYS A 41 -6.06 -9.32 1.37
C LYS A 41 -7.03 -8.86 0.27
N TYR A 42 -7.01 -7.58 -0.04
CA TYR A 42 -7.93 -7.00 -1.02
C TYR A 42 -7.16 -6.48 -2.22
N PRO A 43 -7.07 -7.29 -3.30
CA PRO A 43 -6.29 -6.82 -4.45
C PRO A 43 -6.90 -5.62 -5.18
N ILE A 44 -6.02 -4.76 -5.69
CA ILE A 44 -6.43 -3.59 -6.45
C ILE A 44 -6.08 -3.85 -7.93
N THR A 45 -6.91 -3.35 -8.84
CA THR A 45 -6.72 -3.57 -10.27
C THR A 45 -5.79 -2.53 -10.88
N LYS A 46 -5.28 -2.81 -12.07
CA LYS A 46 -4.38 -1.89 -12.78
C LYS A 46 -4.94 -0.47 -12.94
N GLU A 47 -6.21 -0.38 -13.33
CA GLU A 47 -6.86 0.90 -13.56
C GLU A 47 -6.98 1.70 -12.26
N ALA A 48 -7.43 1.03 -11.20
CA ALA A 48 -7.58 1.69 -9.92
C ALA A 48 -6.19 2.08 -9.38
N LEU A 49 -5.18 1.30 -9.72
CA LEU A 49 -3.83 1.58 -9.27
C LEU A 49 -3.31 2.88 -9.89
N GLU A 50 -3.81 3.23 -11.07
CA GLU A 50 -3.40 4.47 -11.71
C GLU A 50 -4.01 5.64 -10.94
N GLU A 51 -5.30 5.58 -10.63
CA GLU A 51 -5.96 6.65 -9.87
C GLU A 51 -5.46 6.78 -8.44
N THR A 52 -5.38 5.67 -7.71
CA THR A 52 -4.96 5.70 -6.31
C THR A 52 -3.49 6.02 -6.15
N ARG A 53 -2.73 5.74 -7.22
CA ARG A 53 -1.28 5.89 -7.21
C ARG A 53 -0.66 5.12 -6.05
N LEU A 54 -1.36 4.07 -5.59
CA LEU A 54 -0.92 3.32 -4.41
C LEU A 54 0.45 2.71 -4.60
N GLY A 55 0.76 2.30 -5.83
CA GLY A 55 2.06 1.74 -6.11
C GLY A 55 3.20 2.71 -5.78
N LYS A 56 2.99 3.99 -6.06
CA LYS A 56 4.02 4.98 -5.74
C LYS A 56 4.06 5.23 -4.24
N LEU A 57 2.90 5.30 -3.61
CA LEU A 57 2.85 5.57 -2.17
C LEU A 57 3.54 4.46 -1.38
N ILE A 58 3.19 3.21 -1.66
CA ILE A 58 3.80 2.08 -0.95
C ILE A 58 5.32 2.07 -1.21
N ASN A 59 5.75 2.44 -2.41
CA ASN A 59 7.18 2.44 -2.74
C ASN A 59 7.93 3.48 -1.91
N ASP A 60 7.32 4.63 -1.66
CA ASP A 60 8.00 5.68 -0.90
C ASP A 60 7.95 5.31 0.60
N VAL A 61 6.80 4.85 1.10
CA VAL A 61 6.67 4.45 2.51
C VAL A 61 7.72 3.38 2.80
N ARG A 62 7.92 2.47 1.87
CA ARG A 62 8.93 1.41 2.01
C ARG A 62 10.34 2.00 2.24
N LYS A 63 10.63 3.15 1.63
CA LYS A 63 11.95 3.81 1.78
C LYS A 63 12.04 4.65 3.07
N LYS A 64 10.91 5.17 3.54
CA LYS A 64 10.89 6.04 4.75
C LYS A 64 10.86 5.25 6.05
N THR A 65 10.27 4.08 6.02
CA THR A 65 10.17 3.24 7.23
C THR A 65 11.51 2.57 7.57
N LYS A 66 11.80 2.46 8.86
CA LYS A 66 12.99 1.74 9.36
C LYS A 66 12.60 0.30 9.73
N ASN A 67 11.31 -0.02 9.58
CA ASN A 67 10.79 -1.33 9.95
C ASN A 67 11.01 -2.31 8.80
N GLU A 68 11.97 -3.20 8.97
CA GLU A 68 12.33 -4.16 7.92
C GLU A 68 11.20 -5.09 7.56
N GLU A 69 10.34 -5.45 8.51
CA GLU A 69 9.22 -6.35 8.18
C GLU A 69 8.22 -5.62 7.28
N LEU A 70 8.00 -4.35 7.54
CA LEU A 70 7.08 -3.56 6.74
C LEU A 70 7.71 -3.43 5.35
N ALA A 71 9.00 -3.15 5.30
CA ALA A 71 9.73 -3.05 4.05
C ALA A 71 9.67 -4.36 3.25
N LYS A 72 9.79 -5.50 3.93
CA LYS A 72 9.70 -6.82 3.28
C LYS A 72 8.27 -7.10 2.78
N ARG A 73 7.24 -6.74 3.55
CA ARG A 73 5.85 -6.94 3.08
C ARG A 73 5.56 -6.00 1.92
N ALA A 74 6.02 -4.77 2.03
CA ALA A 74 5.84 -3.80 0.97
C ALA A 74 6.54 -4.29 -0.32
N LYS A 75 7.72 -4.88 -0.18
CA LYS A 75 8.43 -5.45 -1.33
C LYS A 75 7.57 -6.50 -2.03
N LYS A 76 6.82 -7.29 -1.25
CA LYS A 76 5.96 -8.33 -1.85
C LYS A 76 4.81 -7.70 -2.60
N LEU A 77 4.18 -6.68 -2.03
CA LEU A 77 3.06 -6.00 -2.68
C LEU A 77 3.52 -5.36 -3.98
N LEU A 78 4.63 -4.63 -3.91
CA LEU A 78 5.17 -3.96 -5.09
C LEU A 78 5.55 -4.95 -6.17
N ARG A 79 6.09 -6.09 -5.78
CA ARG A 79 6.45 -7.14 -6.74
C ARG A 79 5.20 -7.62 -7.47
N SER A 80 4.12 -7.86 -6.75
CA SER A 80 2.88 -8.32 -7.37
C SER A 80 2.34 -7.24 -8.29
N TRP A 81 2.36 -6.00 -7.84
CA TRP A 81 1.84 -4.90 -8.63
C TRP A 81 2.67 -4.64 -9.88
N GLN A 82 3.96 -4.91 -9.85
CA GLN A 82 4.78 -4.75 -11.04
C GLN A 82 4.27 -5.71 -12.13
N LYS A 83 3.96 -6.94 -11.76
CA LYS A 83 3.43 -7.90 -12.72
C LYS A 83 2.01 -7.51 -13.16
N LEU A 84 1.26 -6.93 -12.24
CA LEU A 84 -0.11 -6.50 -12.51
C LEU A 84 -0.18 -5.34 -13.50
N ILE A 85 0.67 -4.36 -13.33
CA ILE A 85 0.70 -3.17 -14.20
C ILE A 85 1.45 -3.52 -15.48
N GLU A 86 2.52 -4.28 -15.36
CA GLU A 86 3.37 -4.68 -16.50
C GLU A 86 3.76 -3.48 -17.40
N PRO A 87 4.44 -2.47 -16.84
CA PRO A 87 4.86 -1.36 -17.71
C PRO A 87 6.02 -1.77 -18.62
N ALA A 88 6.03 -1.24 -19.84
CA ALA A 88 7.09 -1.56 -20.78
C ALA A 88 8.44 -1.04 -20.25
N GLY A 89 9.51 -1.74 -20.60
CA GLY A 89 10.83 -1.38 -20.15
C GLY A 89 11.82 -2.28 -20.88
N SER A 90 13.07 -2.30 -20.45
CA SER A 90 14.10 -3.11 -21.12
C SER A 90 14.15 -4.49 -20.48
N SER A 1 -9.12 -12.32 18.73
CA SER A 1 -9.33 -12.26 17.26
C SER A 1 -9.24 -10.84 16.77
N MET A 2 -9.03 -10.63 15.48
CA MET A 2 -8.89 -9.29 14.92
C MET A 2 -9.83 -9.16 13.73
N THR A 3 -10.19 -7.94 13.38
CA THR A 3 -11.10 -7.68 12.26
C THR A 3 -10.47 -6.61 11.37
N ALA A 4 -10.91 -6.50 10.13
CA ALA A 4 -10.39 -5.48 9.20
C ALA A 4 -11.46 -4.94 8.25
N ALA A 5 -12.33 -5.84 7.79
CA ALA A 5 -13.47 -5.53 6.88
C ALA A 5 -13.05 -5.06 5.45
N PRO A 6 -13.90 -5.35 4.44
CA PRO A 6 -13.52 -4.88 3.09
C PRO A 6 -13.73 -3.38 2.92
N ALA A 7 -12.87 -2.76 2.13
CA ALA A 7 -12.99 -1.33 1.85
C ALA A 7 -12.71 -1.11 0.35
N SER A 8 -13.23 -0.05 -0.21
CA SER A 8 -12.95 0.29 -1.61
C SER A 8 -11.49 0.72 -1.72
N PRO A 9 -10.86 0.54 -2.90
CA PRO A 9 -9.44 0.89 -2.98
C PRO A 9 -9.12 2.37 -2.70
N GLN A 10 -10.05 3.26 -3.00
CA GLN A 10 -9.85 4.69 -2.72
C GLN A 10 -9.75 4.93 -1.22
N GLN A 11 -10.59 4.25 -0.45
CA GLN A 11 -10.59 4.39 1.00
C GLN A 11 -9.37 3.73 1.62
N ILE A 12 -8.93 2.61 1.07
CA ILE A 12 -7.72 1.95 1.59
C ILE A 12 -6.54 2.91 1.39
N ARG A 13 -6.48 3.57 0.24
CA ARG A 13 -5.45 4.57 -0.04
C ARG A 13 -5.54 5.73 0.94
N ASP A 14 -6.75 6.19 1.21
CA ASP A 14 -6.95 7.32 2.14
C ASP A 14 -6.51 6.97 3.56
N ARG A 15 -6.77 5.75 4.00
CA ARG A 15 -6.38 5.33 5.36
C ARG A 15 -4.87 5.39 5.51
N LEU A 16 -4.13 5.20 4.42
CA LEU A 16 -2.68 5.32 4.47
C LEU A 16 -2.28 6.76 4.69
N LEU A 17 -2.94 7.68 3.99
CA LEU A 17 -2.62 9.10 4.09
C LEU A 17 -2.89 9.60 5.51
N GLN A 18 -3.92 9.06 6.15
CA GLN A 18 -4.27 9.42 7.52
C GLN A 18 -3.26 8.85 8.54
N ALA A 19 -2.41 7.94 8.07
CA ALA A 19 -1.46 7.26 8.93
C ALA A 19 0.01 7.67 8.70
N ILE A 20 0.26 8.47 7.66
CA ILE A 20 1.63 8.90 7.35
C ILE A 20 1.74 10.42 7.28
N ASP A 21 2.99 10.87 7.26
CA ASP A 21 3.33 12.27 7.13
C ASP A 21 3.34 12.59 5.64
N PRO A 22 3.11 13.84 5.24
CA PRO A 22 3.23 14.13 3.79
C PRO A 22 4.58 13.76 3.19
N GLN A 23 5.63 13.73 4.01
CA GLN A 23 6.96 13.34 3.57
C GLN A 23 7.13 11.80 3.57
N SER A 24 6.00 11.10 3.60
CA SER A 24 5.90 9.62 3.62
C SER A 24 6.49 8.95 4.86
N ASN A 25 6.79 9.74 5.88
CA ASN A 25 7.31 9.19 7.14
C ASN A 25 6.15 8.56 7.89
N ILE A 26 6.44 7.58 8.72
CA ILE A 26 5.40 6.89 9.48
C ILE A 26 4.94 7.76 10.65
N ARG A 27 3.64 7.90 10.85
CA ARG A 27 3.11 8.61 12.03
C ARG A 27 2.31 7.65 12.90
N ASN A 28 1.45 6.85 12.28
CA ASN A 28 0.64 5.85 12.99
C ASN A 28 1.04 4.46 12.51
N MET A 29 2.07 3.90 13.12
CA MET A 29 2.65 2.62 12.70
C MET A 29 1.65 1.50 12.46
N VAL A 30 0.76 1.26 13.43
CA VAL A 30 -0.19 0.16 13.34
C VAL A 30 -1.14 0.36 12.16
N ALA A 31 -1.58 1.59 11.94
CA ALA A 31 -2.51 1.87 10.86
C ALA A 31 -1.85 1.63 9.50
N VAL A 32 -0.58 1.98 9.36
CA VAL A 32 0.14 1.75 8.10
C VAL A 32 0.25 0.24 7.87
N LEU A 33 0.56 -0.51 8.91
CA LEU A 33 0.66 -1.96 8.80
C LEU A 33 -0.66 -2.58 8.39
N GLU A 34 -1.76 -2.06 8.93
CA GLU A 34 -3.08 -2.54 8.56
C GLU A 34 -3.45 -2.20 7.12
N VAL A 35 -2.96 -1.10 6.58
CA VAL A 35 -3.21 -0.79 5.17
C VAL A 35 -2.55 -1.90 4.34
N ILE A 36 -1.34 -2.32 4.72
CA ILE A 36 -0.68 -3.40 3.99
C ILE A 36 -1.52 -4.68 4.15
N SER A 37 -1.98 -4.96 5.36
CA SER A 37 -2.81 -6.13 5.61
C SER A 37 -4.09 -6.09 4.78
N SER A 38 -4.66 -4.92 4.60
CA SER A 38 -5.88 -4.75 3.82
C SER A 38 -5.61 -5.01 2.35
N LEU A 39 -4.52 -4.48 1.81
CA LEU A 39 -4.20 -4.64 0.40
C LEU A 39 -3.79 -6.07 0.07
N GLU A 40 -3.16 -6.76 1.01
CA GLU A 40 -2.80 -8.17 0.83
C GLU A 40 -4.08 -9.03 0.76
N LYS A 41 -5.13 -8.62 1.48
CA LYS A 41 -6.41 -9.34 1.48
C LYS A 41 -7.31 -8.93 0.31
N TYR A 42 -7.17 -7.68 -0.10
CA TYR A 42 -8.00 -7.08 -1.14
C TYR A 42 -7.13 -6.47 -2.25
N PRO A 43 -6.65 -7.30 -3.19
CA PRO A 43 -5.79 -6.75 -4.24
C PRO A 43 -6.46 -5.66 -5.08
N ILE A 44 -5.79 -4.52 -5.18
CA ILE A 44 -6.25 -3.41 -5.99
C ILE A 44 -6.04 -3.76 -7.48
N THR A 45 -6.89 -3.23 -8.35
CA THR A 45 -6.83 -3.54 -9.78
C THR A 45 -5.85 -2.62 -10.53
N LYS A 46 -5.56 -2.97 -11.77
CA LYS A 46 -4.62 -2.21 -12.62
C LYS A 46 -5.07 -0.76 -12.78
N GLU A 47 -6.34 -0.58 -13.06
CA GLU A 47 -6.92 0.74 -13.26
C GLU A 47 -6.94 1.54 -11.97
N ALA A 48 -7.40 0.90 -10.90
CA ALA A 48 -7.53 1.57 -9.62
C ALA A 48 -6.16 1.98 -9.07
N LEU A 49 -5.12 1.25 -9.45
CA LEU A 49 -3.77 1.61 -9.01
C LEU A 49 -3.35 2.96 -9.56
N GLU A 50 -3.86 3.31 -10.73
CA GLU A 50 -3.55 4.60 -11.32
C GLU A 50 -4.32 5.70 -10.61
N GLU A 51 -5.58 5.44 -10.28
CA GLU A 51 -6.42 6.39 -9.54
C GLU A 51 -5.87 6.65 -8.14
N THR A 52 -5.45 5.59 -7.46
CA THR A 52 -4.97 5.73 -6.10
C THR A 52 -3.50 6.11 -6.02
N ARG A 53 -2.76 5.85 -7.08
CA ARG A 53 -1.30 6.04 -7.12
C ARG A 53 -0.64 5.27 -5.96
N LEU A 54 -1.29 4.22 -5.52
CA LEU A 54 -0.82 3.47 -4.35
C LEU A 54 0.55 2.87 -4.60
N GLY A 55 0.81 2.47 -5.84
CA GLY A 55 2.11 1.89 -6.16
C GLY A 55 3.24 2.85 -5.87
N LYS A 56 3.01 4.14 -6.10
CA LYS A 56 4.02 5.15 -5.81
C LYS A 56 4.13 5.37 -4.30
N LEU A 57 2.99 5.44 -3.63
CA LEU A 57 2.94 5.69 -2.20
C LEU A 57 3.62 4.58 -1.39
N ILE A 58 3.25 3.34 -1.65
CA ILE A 58 3.83 2.20 -0.93
C ILE A 58 5.34 2.14 -1.18
N ASN A 59 5.75 2.44 -2.41
CA ASN A 59 7.17 2.42 -2.74
C ASN A 59 7.97 3.49 -1.99
N ASP A 60 7.35 4.63 -1.72
CA ASP A 60 8.03 5.68 -0.97
C ASP A 60 8.07 5.33 0.52
N VAL A 61 6.94 4.89 1.06
CA VAL A 61 6.85 4.50 2.49
C VAL A 61 7.84 3.37 2.78
N ARG A 62 8.03 2.48 1.82
CA ARG A 62 8.99 1.37 1.96
C ARG A 62 10.41 1.87 2.27
N LYS A 63 10.76 3.05 1.77
CA LYS A 63 12.09 3.62 2.03
C LYS A 63 12.15 4.36 3.36
N LYS A 64 11.01 4.88 3.79
CA LYS A 64 10.95 5.70 5.01
C LYS A 64 10.76 4.90 6.29
N THR A 65 10.14 3.74 6.18
CA THR A 65 9.92 2.90 7.35
C THR A 65 11.24 2.37 7.89
N LYS A 66 11.44 2.48 9.20
CA LYS A 66 12.64 1.93 9.83
C LYS A 66 12.40 0.45 10.08
N ASN A 67 11.14 0.08 10.23
CA ASN A 67 10.75 -1.31 10.46
C ASN A 67 10.95 -2.12 9.19
N GLU A 68 11.95 -2.98 9.23
CA GLU A 68 12.32 -3.83 8.10
C GLU A 68 11.18 -4.76 7.66
N GLU A 69 10.36 -5.16 8.61
CA GLU A 69 9.22 -6.05 8.34
C GLU A 69 8.26 -5.39 7.36
N LEU A 70 7.99 -4.11 7.57
CA LEU A 70 7.08 -3.37 6.71
C LEU A 70 7.71 -3.26 5.34
N ALA A 71 9.01 -2.98 5.32
CA ALA A 71 9.74 -2.86 4.05
C ALA A 71 9.62 -4.17 3.25
N LYS A 72 9.73 -5.30 3.95
CA LYS A 72 9.63 -6.60 3.30
C LYS A 72 8.22 -6.86 2.79
N ARG A 73 7.19 -6.59 3.59
CA ARG A 73 5.81 -6.82 3.15
C ARG A 73 5.48 -5.90 1.99
N ALA A 74 5.91 -4.65 2.08
CA ALA A 74 5.70 -3.70 1.00
C ALA A 74 6.39 -4.18 -0.27
N LYS A 75 7.60 -4.71 -0.14
CA LYS A 75 8.34 -5.23 -1.31
C LYS A 75 7.59 -6.40 -1.94
N LYS A 76 6.99 -7.27 -1.12
CA LYS A 76 6.20 -8.40 -1.64
C LYS A 76 4.97 -7.88 -2.38
N LEU A 77 4.28 -6.93 -1.78
CA LEU A 77 3.08 -6.33 -2.37
C LEU A 77 3.41 -5.65 -3.70
N LEU A 78 4.50 -4.90 -3.71
CA LEU A 78 4.94 -4.20 -4.92
C LEU A 78 5.38 -5.16 -6.02
N ARG A 79 5.85 -6.34 -5.66
CA ARG A 79 6.22 -7.34 -6.68
C ARG A 79 4.99 -7.74 -7.46
N SER A 80 3.87 -7.88 -6.77
CA SER A 80 2.62 -8.23 -7.42
C SER A 80 2.19 -7.08 -8.30
N TRP A 81 2.22 -5.86 -7.76
CA TRP A 81 1.82 -4.67 -8.51
C TRP A 81 2.67 -4.42 -9.75
N GLN A 82 3.95 -4.78 -9.70
CA GLN A 82 4.82 -4.61 -10.87
C GLN A 82 4.32 -5.43 -12.04
N LYS A 83 3.87 -6.66 -11.77
CA LYS A 83 3.33 -7.53 -12.83
C LYS A 83 1.91 -7.11 -13.21
N LEU A 84 1.17 -6.59 -12.26
CA LEU A 84 -0.19 -6.16 -12.49
C LEU A 84 -0.21 -4.98 -13.47
N ILE A 85 0.73 -4.05 -13.34
CA ILE A 85 0.80 -2.90 -14.25
C ILE A 85 1.54 -3.27 -15.54
N GLU A 86 2.62 -4.04 -15.41
CA GLU A 86 3.48 -4.47 -16.54
C GLU A 86 3.76 -3.35 -17.57
N PRO A 87 4.48 -2.29 -17.17
CA PRO A 87 4.71 -1.17 -18.07
C PRO A 87 5.82 -1.34 -19.12
N ALA A 88 6.42 -2.53 -19.17
CA ALA A 88 7.50 -2.87 -20.12
C ALA A 88 8.69 -1.89 -20.08
N GLY A 89 8.93 -1.29 -18.92
CA GLY A 89 10.03 -0.34 -18.76
C GLY A 89 11.33 -1.02 -18.35
N SER A 90 12.32 -0.20 -18.02
CA SER A 90 13.64 -0.67 -17.60
C SER A 90 14.10 0.25 -16.50
N SER A 1 -13.97 -13.68 16.07
CA SER A 1 -13.61 -13.67 14.62
C SER A 1 -13.32 -12.25 14.18
N MET A 2 -12.51 -12.09 13.13
CA MET A 2 -12.18 -10.76 12.62
C MET A 2 -13.21 -10.38 11.56
N THR A 3 -13.85 -9.23 11.74
CA THR A 3 -14.90 -8.76 10.82
C THR A 3 -14.48 -7.44 10.17
N ALA A 4 -13.24 -7.39 9.69
CA ALA A 4 -12.68 -6.18 9.09
C ALA A 4 -13.44 -5.70 7.84
N ALA A 5 -13.97 -6.67 7.08
CA ALA A 5 -14.74 -6.45 5.84
C ALA A 5 -13.91 -5.82 4.68
N PRO A 6 -14.35 -6.07 3.42
CA PRO A 6 -13.59 -5.43 2.33
C PRO A 6 -13.81 -3.92 2.28
N ALA A 7 -12.84 -3.21 1.72
CA ALA A 7 -12.91 -1.76 1.60
C ALA A 7 -12.51 -1.37 0.19
N SER A 8 -13.07 -0.27 -0.31
CA SER A 8 -12.75 0.21 -1.64
C SER A 8 -11.30 0.70 -1.69
N PRO A 9 -10.63 0.60 -2.86
CA PRO A 9 -9.22 0.98 -2.91
C PRO A 9 -8.93 2.46 -2.58
N GLN A 10 -9.86 3.35 -2.87
CA GLN A 10 -9.67 4.77 -2.57
C GLN A 10 -9.70 5.00 -1.05
N GLN A 11 -10.53 4.25 -0.35
CA GLN A 11 -10.62 4.36 1.11
C GLN A 11 -9.38 3.73 1.76
N ILE A 12 -8.86 2.67 1.16
CA ILE A 12 -7.63 2.05 1.66
C ILE A 12 -6.49 3.08 1.50
N ARG A 13 -6.47 3.79 0.38
CA ARG A 13 -5.49 4.86 0.17
C ARG A 13 -5.66 5.94 1.23
N ASP A 14 -6.89 6.35 1.48
CA ASP A 14 -7.13 7.40 2.48
C ASP A 14 -6.62 7.00 3.84
N ARG A 15 -6.87 5.76 4.25
CA ARG A 15 -6.39 5.28 5.55
C ARG A 15 -4.87 5.35 5.64
N LEU A 16 -4.20 5.16 4.51
CA LEU A 16 -2.75 5.28 4.48
C LEU A 16 -2.33 6.72 4.62
N LEU A 17 -2.99 7.61 3.90
CA LEU A 17 -2.65 9.04 3.93
C LEU A 17 -2.85 9.62 5.33
N GLN A 18 -3.87 9.14 6.03
CA GLN A 18 -4.13 9.60 7.40
C GLN A 18 -3.12 9.02 8.39
N ALA A 19 -2.35 8.02 7.94
CA ALA A 19 -1.38 7.34 8.79
C ALA A 19 0.08 7.72 8.48
N ILE A 20 0.29 8.51 7.44
CA ILE A 20 1.63 8.96 7.07
C ILE A 20 1.67 10.48 6.88
N ASP A 21 2.88 11.02 6.90
CA ASP A 21 3.08 12.44 6.61
C ASP A 21 3.12 12.57 5.09
N PRO A 22 2.96 13.79 4.54
CA PRO A 22 3.15 13.90 3.09
C PRO A 22 4.57 13.50 2.66
N GLN A 23 5.47 13.45 3.63
CA GLN A 23 6.86 13.04 3.43
C GLN A 23 6.99 11.51 3.42
N SER A 24 5.85 10.82 3.47
CA SER A 24 5.76 9.35 3.53
C SER A 24 6.40 8.77 4.78
N ASN A 25 6.58 9.61 5.79
CA ASN A 25 7.13 9.19 7.07
C ASN A 25 5.96 8.65 7.87
N ILE A 26 6.22 7.68 8.72
CA ILE A 26 5.15 7.00 9.46
C ILE A 26 4.64 7.83 10.64
N ARG A 27 3.35 8.10 10.67
CA ARG A 27 2.73 8.80 11.81
C ARG A 27 2.05 7.78 12.72
N ASN A 28 1.42 6.77 12.12
CA ASN A 28 0.77 5.70 12.88
C ASN A 28 1.12 4.36 12.26
N MET A 29 2.10 3.67 12.84
CA MET A 29 2.56 2.40 12.27
C MET A 29 1.50 1.31 12.25
N VAL A 30 0.66 1.24 13.27
CA VAL A 30 -0.35 0.19 13.33
C VAL A 30 -1.30 0.35 12.15
N ALA A 31 -1.70 1.59 11.87
CA ALA A 31 -2.59 1.86 10.76
C ALA A 31 -1.93 1.52 9.41
N VAL A 32 -0.65 1.87 9.26
CA VAL A 32 0.06 1.56 8.01
C VAL A 32 0.15 0.03 7.83
N LEU A 33 0.47 -0.69 8.90
CA LEU A 33 0.55 -2.15 8.82
C LEU A 33 -0.80 -2.75 8.45
N GLU A 34 -1.88 -2.20 8.99
CA GLU A 34 -3.21 -2.68 8.64
C GLU A 34 -3.57 -2.36 7.20
N VAL A 35 -3.09 -1.25 6.66
CA VAL A 35 -3.31 -0.93 5.24
C VAL A 35 -2.62 -2.01 4.40
N ILE A 36 -1.42 -2.40 4.78
CA ILE A 36 -0.70 -3.45 4.05
C ILE A 36 -1.52 -4.74 4.15
N SER A 37 -2.00 -5.08 5.34
CA SER A 37 -2.81 -6.28 5.53
C SER A 37 -4.10 -6.24 4.70
N SER A 38 -4.69 -5.06 4.60
CA SER A 38 -5.91 -4.88 3.83
C SER A 38 -5.64 -5.14 2.36
N LEU A 39 -4.55 -4.61 1.82
CA LEU A 39 -4.23 -4.81 0.41
C LEU A 39 -3.84 -6.26 0.10
N GLU A 40 -3.21 -6.92 1.06
CA GLU A 40 -2.84 -8.33 0.90
C GLU A 40 -4.09 -9.23 0.89
N LYS A 41 -5.20 -8.71 1.42
CA LYS A 41 -6.48 -9.43 1.43
C LYS A 41 -7.40 -8.99 0.30
N TYR A 42 -7.27 -7.74 -0.10
CA TYR A 42 -8.13 -7.12 -1.10
C TYR A 42 -7.28 -6.50 -2.21
N PRO A 43 -6.87 -7.31 -3.20
CA PRO A 43 -6.03 -6.75 -4.27
C PRO A 43 -6.69 -5.60 -5.04
N ILE A 44 -5.87 -4.61 -5.36
CA ILE A 44 -6.31 -3.46 -6.13
C ILE A 44 -6.10 -3.79 -7.62
N THR A 45 -6.85 -3.16 -8.51
CA THR A 45 -6.75 -3.44 -9.95
C THR A 45 -5.80 -2.46 -10.63
N LYS A 46 -5.44 -2.72 -11.89
CA LYS A 46 -4.53 -1.84 -12.64
C LYS A 46 -5.08 -0.41 -12.74
N GLU A 47 -6.35 -0.29 -13.10
CA GLU A 47 -6.98 1.01 -13.28
C GLU A 47 -7.05 1.76 -11.94
N ALA A 48 -7.45 1.05 -10.90
CA ALA A 48 -7.56 1.65 -9.59
C ALA A 48 -6.19 2.06 -9.06
N LEU A 49 -5.14 1.36 -9.46
CA LEU A 49 -3.78 1.70 -9.04
C LEU A 49 -3.36 3.05 -9.60
N GLU A 50 -3.89 3.40 -10.76
CA GLU A 50 -3.56 4.69 -11.37
C GLU A 50 -4.25 5.80 -10.58
N GLU A 51 -5.52 5.62 -10.23
CA GLU A 51 -6.24 6.63 -9.45
C GLU A 51 -5.64 6.77 -8.04
N THR A 52 -5.38 5.65 -7.39
CA THR A 52 -4.88 5.69 -6.02
C THR A 52 -3.41 6.06 -5.92
N ARG A 53 -2.67 5.82 -7.01
CA ARG A 53 -1.21 6.04 -7.05
C ARG A 53 -0.53 5.27 -5.91
N LEU A 54 -1.20 4.22 -5.43
CA LEU A 54 -0.71 3.47 -4.27
C LEU A 54 0.63 2.83 -4.56
N GLY A 55 0.84 2.46 -5.82
CA GLY A 55 2.10 1.87 -6.21
C GLY A 55 3.27 2.79 -5.93
N LYS A 56 3.07 4.09 -6.07
CA LYS A 56 4.13 5.06 -5.76
C LYS A 56 4.21 5.28 -4.25
N LEU A 57 3.07 5.39 -3.60
CA LEU A 57 3.03 5.64 -2.15
C LEU A 57 3.71 4.53 -1.35
N ILE A 58 3.35 3.29 -1.63
CA ILE A 58 3.94 2.15 -0.90
C ILE A 58 5.44 2.10 -1.16
N ASN A 59 5.86 2.41 -2.37
CA ASN A 59 7.29 2.36 -2.68
C ASN A 59 8.08 3.44 -1.94
N ASP A 60 7.48 4.61 -1.72
CA ASP A 60 8.18 5.65 -0.98
C ASP A 60 8.21 5.32 0.51
N VAL A 61 7.07 4.90 1.05
CA VAL A 61 6.97 4.53 2.47
C VAL A 61 7.98 3.42 2.79
N ARG A 62 8.13 2.47 1.86
CA ARG A 62 9.10 1.38 2.00
C ARG A 62 10.53 1.89 2.22
N LYS A 63 10.88 3.02 1.61
CA LYS A 63 12.22 3.59 1.74
C LYS A 63 12.35 4.48 2.97
N LYS A 64 11.23 5.01 3.45
CA LYS A 64 11.23 5.94 4.58
C LYS A 64 11.13 5.23 5.92
N THR A 65 10.45 4.10 5.96
CA THR A 65 10.30 3.35 7.20
C THR A 65 11.64 2.73 7.61
N LYS A 66 11.88 2.69 8.92
CA LYS A 66 13.10 2.09 9.46
C LYS A 66 12.83 0.62 9.77
N ASN A 67 11.57 0.27 9.95
CA ASN A 67 11.17 -1.08 10.31
C ASN A 67 11.24 -2.00 9.10
N GLU A 68 12.20 -2.91 9.11
CA GLU A 68 12.41 -3.83 7.99
C GLU A 68 11.20 -4.65 7.61
N GLU A 69 10.44 -5.13 8.58
CA GLU A 69 9.28 -5.97 8.27
C GLU A 69 8.25 -5.22 7.44
N LEU A 70 8.08 -3.94 7.71
CA LEU A 70 7.14 -3.13 6.94
C LEU A 70 7.68 -3.06 5.51
N ALA A 71 8.98 -2.81 5.39
CA ALA A 71 9.62 -2.72 4.07
C ALA A 71 9.54 -4.07 3.31
N LYS A 72 9.70 -5.18 4.01
CA LYS A 72 9.62 -6.52 3.41
C LYS A 72 8.23 -6.77 2.86
N ARG A 73 7.20 -6.49 3.66
CA ARG A 73 5.81 -6.69 3.20
C ARG A 73 5.49 -5.71 2.08
N ALA A 74 5.98 -4.48 2.17
CA ALA A 74 5.76 -3.50 1.13
C ALA A 74 6.39 -3.98 -0.19
N LYS A 75 7.59 -4.55 -0.12
CA LYS A 75 8.24 -5.08 -1.32
C LYS A 75 7.44 -6.23 -1.90
N LYS A 76 6.87 -7.07 -1.04
CA LYS A 76 6.01 -8.18 -1.51
C LYS A 76 4.84 -7.62 -2.31
N LEU A 77 4.13 -6.64 -1.76
CA LEU A 77 3.01 -6.03 -2.46
C LEU A 77 3.44 -5.40 -3.78
N LEU A 78 4.55 -4.69 -3.77
CA LEU A 78 5.04 -4.04 -4.97
C LEU A 78 5.39 -5.05 -6.06
N ARG A 79 5.89 -6.22 -5.70
CA ARG A 79 6.20 -7.25 -6.70
C ARG A 79 4.93 -7.71 -7.38
N SER A 80 3.87 -7.86 -6.61
CA SER A 80 2.58 -8.26 -7.18
C SER A 80 2.09 -7.16 -8.12
N TRP A 81 2.26 -5.92 -7.69
CA TRP A 81 1.83 -4.77 -8.47
C TRP A 81 2.63 -4.58 -9.76
N GLN A 82 3.88 -5.04 -9.80
CA GLN A 82 4.65 -4.97 -11.04
C GLN A 82 3.97 -5.82 -12.11
N LYS A 83 3.57 -7.04 -11.74
CA LYS A 83 2.90 -7.94 -12.69
C LYS A 83 1.48 -7.46 -13.00
N LEU A 84 0.83 -6.85 -12.02
CA LEU A 84 -0.51 -6.35 -12.19
C LEU A 84 -0.57 -5.22 -13.21
N ILE A 85 0.43 -4.34 -13.19
CA ILE A 85 0.47 -3.23 -14.15
C ILE A 85 1.02 -3.72 -15.49
N GLU A 86 2.08 -4.52 -15.43
CA GLU A 86 2.78 -5.03 -16.63
C GLU A 86 3.05 -3.89 -17.65
N PRO A 87 3.89 -2.90 -17.29
CA PRO A 87 4.07 -1.81 -18.24
C PRO A 87 4.95 -2.17 -19.43
N ALA A 88 4.68 -1.55 -20.57
CA ALA A 88 5.50 -1.75 -21.76
C ALA A 88 6.67 -0.78 -21.67
N GLY A 89 7.82 -1.18 -22.17
CA GLY A 89 9.01 -0.33 -22.13
C GLY A 89 10.14 -1.05 -21.43
N SER A 90 11.01 -0.29 -20.78
CA SER A 90 12.15 -0.84 -20.04
C SER A 90 12.27 -0.02 -18.77
N SER A 1 -8.04 -2.47 13.39
CA SER A 1 -8.22 -3.83 13.93
C SER A 1 -7.47 -4.85 13.10
N MET A 2 -7.23 -6.04 13.64
CA MET A 2 -6.53 -7.09 12.90
C MET A 2 -7.43 -7.59 11.77
N THR A 3 -8.73 -7.56 12.03
CA THR A 3 -9.74 -7.90 11.04
C THR A 3 -10.02 -6.62 10.27
N ALA A 4 -10.43 -6.74 9.01
CA ALA A 4 -10.74 -5.58 8.19
C ALA A 4 -11.89 -5.96 7.27
N ALA A 5 -12.90 -5.12 7.23
CA ALA A 5 -14.07 -5.34 6.37
C ALA A 5 -13.65 -4.99 4.93
N PRO A 6 -14.37 -5.49 3.92
CA PRO A 6 -13.95 -5.06 2.58
C PRO A 6 -14.16 -3.57 2.38
N ALA A 7 -13.21 -2.94 1.71
CA ALA A 7 -13.26 -1.51 1.45
C ALA A 7 -12.81 -1.27 0.01
N SER A 8 -13.21 -0.17 -0.60
CA SER A 8 -12.79 0.13 -1.97
C SER A 8 -11.32 0.51 -1.94
N PRO A 9 -10.61 0.37 -3.07
CA PRO A 9 -9.19 0.76 -3.01
C PRO A 9 -8.96 2.24 -2.71
N GLN A 10 -9.93 3.09 -3.05
CA GLN A 10 -9.83 4.52 -2.74
C GLN A 10 -9.84 4.73 -1.23
N GLN A 11 -10.69 3.99 -0.54
CA GLN A 11 -10.78 4.10 0.92
C GLN A 11 -9.51 3.58 1.56
N ILE A 12 -8.99 2.48 1.05
CA ILE A 12 -7.76 1.90 1.58
C ILE A 12 -6.60 2.90 1.38
N ARG A 13 -6.55 3.55 0.22
CA ARG A 13 -5.54 4.58 -0.05
C ARG A 13 -5.65 5.70 0.95
N ASP A 14 -6.85 6.16 1.22
CA ASP A 14 -7.04 7.29 2.13
C ASP A 14 -6.57 6.96 3.54
N ARG A 15 -6.81 5.74 3.99
CA ARG A 15 -6.36 5.32 5.32
C ARG A 15 -4.84 5.35 5.42
N LEU A 16 -4.14 5.11 4.31
CA LEU A 16 -2.69 5.20 4.32
C LEU A 16 -2.27 6.63 4.54
N LEU A 17 -2.93 7.57 3.87
CA LEU A 17 -2.58 8.99 4.01
C LEU A 17 -2.82 9.46 5.44
N GLN A 18 -3.82 8.90 6.09
CA GLN A 18 -4.14 9.23 7.48
C GLN A 18 -3.12 8.61 8.46
N ALA A 19 -2.29 7.71 7.97
CA ALA A 19 -1.32 7.00 8.80
C ALA A 19 0.13 7.44 8.58
N ILE A 20 0.35 8.28 7.57
CA ILE A 20 1.68 8.79 7.25
C ILE A 20 1.71 10.30 7.21
N ASP A 21 2.91 10.84 7.19
CA ASP A 21 3.13 12.27 7.04
C ASP A 21 3.23 12.51 5.54
N PRO A 22 2.88 13.72 5.05
CA PRO A 22 3.04 13.96 3.60
C PRO A 22 4.47 13.73 3.05
N GLN A 23 5.47 13.77 3.93
CA GLN A 23 6.86 13.47 3.56
C GLN A 23 7.13 11.95 3.41
N SER A 24 6.06 11.16 3.46
CA SER A 24 6.06 9.69 3.39
C SER A 24 6.65 9.06 4.64
N ASN A 25 6.82 9.85 5.68
CA ASN A 25 7.35 9.35 6.94
C ASN A 25 6.20 8.72 7.72
N ILE A 26 6.51 7.77 8.58
CA ILE A 26 5.48 7.07 9.35
C ILE A 26 4.96 7.92 10.50
N ARG A 27 3.63 7.97 10.68
CA ARG A 27 3.04 8.63 11.86
C ARG A 27 2.35 7.61 12.75
N ASN A 28 1.51 6.78 12.14
CA ASN A 28 0.79 5.74 12.89
C ASN A 28 1.17 4.37 12.34
N MET A 29 2.27 3.82 12.85
CA MET A 29 2.79 2.54 12.35
C MET A 29 1.76 1.40 12.34
N VAL A 30 0.94 1.33 13.38
CA VAL A 30 -0.08 0.28 13.46
C VAL A 30 -1.06 0.42 12.28
N ALA A 31 -1.50 1.64 12.02
CA ALA A 31 -2.46 1.86 10.94
C ALA A 31 -1.80 1.57 9.58
N VAL A 32 -0.52 1.89 9.41
CA VAL A 32 0.18 1.60 8.16
C VAL A 32 0.19 0.08 7.96
N LEU A 33 0.54 -0.67 8.99
CA LEU A 33 0.55 -2.14 8.91
C LEU A 33 -0.84 -2.69 8.62
N GLU A 34 -1.88 -2.07 9.17
CA GLU A 34 -3.25 -2.49 8.89
C GLU A 34 -3.62 -2.23 7.43
N VAL A 35 -3.14 -1.13 6.85
CA VAL A 35 -3.39 -0.86 5.43
C VAL A 35 -2.71 -1.93 4.58
N ILE A 36 -1.49 -2.30 4.94
CA ILE A 36 -0.78 -3.35 4.21
C ILE A 36 -1.56 -4.64 4.34
N SER A 37 -2.04 -4.94 5.54
CA SER A 37 -2.84 -6.13 5.79
C SER A 37 -4.10 -6.13 4.94
N SER A 38 -4.73 -4.97 4.81
CA SER A 38 -5.94 -4.82 4.03
C SER A 38 -5.65 -5.04 2.55
N LEU A 39 -4.52 -4.54 2.05
CA LEU A 39 -4.18 -4.69 0.63
C LEU A 39 -3.79 -6.12 0.28
N GLU A 40 -3.21 -6.83 1.23
CA GLU A 40 -2.87 -8.24 1.01
C GLU A 40 -4.14 -9.10 0.98
N LYS A 41 -5.23 -8.60 1.58
CA LYS A 41 -6.51 -9.32 1.59
C LYS A 41 -7.39 -8.89 0.42
N TYR A 42 -7.33 -7.61 0.11
CA TYR A 42 -8.13 -6.98 -0.93
C TYR A 42 -7.25 -6.39 -2.02
N PRO A 43 -7.00 -7.15 -3.11
CA PRO A 43 -6.13 -6.59 -4.16
C PRO A 43 -6.75 -5.42 -4.92
N ILE A 44 -5.89 -4.55 -5.44
CA ILE A 44 -6.29 -3.39 -6.21
C ILE A 44 -6.02 -3.73 -7.69
N THR A 45 -6.73 -3.09 -8.60
CA THR A 45 -6.56 -3.33 -10.04
C THR A 45 -5.58 -2.34 -10.63
N LYS A 46 -5.16 -2.55 -11.87
CA LYS A 46 -4.21 -1.66 -12.55
C LYS A 46 -4.77 -0.25 -12.69
N GLU A 47 -6.03 -0.16 -13.09
CA GLU A 47 -6.68 1.12 -13.35
C GLU A 47 -6.83 1.89 -12.03
N ALA A 48 -7.23 1.17 -11.00
CA ALA A 48 -7.39 1.77 -9.69
C ALA A 48 -6.03 2.19 -9.15
N LEU A 49 -4.97 1.46 -9.50
CA LEU A 49 -3.62 1.80 -9.06
C LEU A 49 -3.15 3.11 -9.68
N GLU A 50 -3.58 3.37 -10.90
CA GLU A 50 -3.23 4.61 -11.59
C GLU A 50 -3.90 5.81 -10.91
N GLU A 51 -5.13 5.60 -10.46
CA GLU A 51 -5.91 6.65 -9.76
C GLU A 51 -5.42 6.87 -8.32
N THR A 52 -5.33 5.79 -7.56
CA THR A 52 -4.95 5.84 -6.14
C THR A 52 -3.48 6.17 -5.97
N ARG A 53 -2.71 5.89 -7.03
CA ARG A 53 -1.26 6.10 -7.06
C ARG A 53 -0.59 5.35 -5.91
N LEU A 54 -1.24 4.28 -5.46
CA LEU A 54 -0.77 3.53 -4.30
C LEU A 54 0.57 2.92 -4.58
N GLY A 55 0.84 2.57 -5.84
CA GLY A 55 2.11 2.00 -6.20
C GLY A 55 3.27 2.92 -5.84
N LYS A 56 3.11 4.22 -6.06
CA LYS A 56 4.16 5.16 -5.68
C LYS A 56 4.20 5.30 -4.17
N LEU A 57 3.05 5.46 -3.55
CA LEU A 57 2.98 5.70 -2.11
C LEU A 57 3.62 4.57 -1.31
N ILE A 58 3.28 3.33 -1.62
CA ILE A 58 3.85 2.18 -0.93
C ILE A 58 5.37 2.16 -1.13
N ASN A 59 5.84 2.44 -2.34
CA ASN A 59 7.27 2.43 -2.59
C ASN A 59 8.00 3.54 -1.86
N ASP A 60 7.35 4.68 -1.70
CA ASP A 60 7.93 5.82 -1.00
C ASP A 60 8.07 5.47 0.47
N VAL A 61 6.97 5.04 1.07
CA VAL A 61 6.95 4.68 2.49
C VAL A 61 7.94 3.55 2.76
N ARG A 62 8.02 2.59 1.85
CA ARG A 62 8.96 1.45 1.97
C ARG A 62 10.40 1.90 2.12
N LYS A 63 10.76 3.01 1.48
CA LYS A 63 12.14 3.52 1.57
C LYS A 63 12.33 4.51 2.73
N LYS A 64 11.25 5.09 3.23
CA LYS A 64 11.34 6.01 4.37
C LYS A 64 11.33 5.27 5.71
N THR A 65 10.64 4.15 5.79
CA THR A 65 10.55 3.42 7.06
C THR A 65 11.83 2.65 7.37
N LYS A 66 12.17 2.59 8.65
CA LYS A 66 13.34 1.81 9.11
C LYS A 66 12.87 0.42 9.59
N ASN A 67 11.56 0.23 9.58
CA ASN A 67 10.97 -1.06 9.97
C ASN A 67 11.13 -2.03 8.80
N GLU A 68 12.07 -2.96 8.92
CA GLU A 68 12.33 -3.93 7.87
C GLU A 68 11.16 -4.87 7.57
N GLU A 69 10.30 -5.16 8.54
CA GLU A 69 9.15 -6.05 8.28
C GLU A 69 8.19 -5.34 7.37
N LEU A 70 7.94 -4.08 7.67
CA LEU A 70 7.06 -3.25 6.87
C LEU A 70 7.68 -3.13 5.49
N ALA A 71 8.97 -2.88 5.42
CA ALA A 71 9.65 -2.76 4.14
C ALA A 71 9.53 -4.07 3.33
N LYS A 72 9.68 -5.21 3.98
CA LYS A 72 9.56 -6.50 3.31
C LYS A 72 8.14 -6.75 2.82
N ARG A 73 7.13 -6.46 3.64
CA ARG A 73 5.73 -6.67 3.22
C ARG A 73 5.35 -5.69 2.13
N ALA A 74 5.86 -4.48 2.20
CA ALA A 74 5.61 -3.51 1.13
C ALA A 74 6.25 -4.03 -0.17
N LYS A 75 7.44 -4.62 -0.09
CA LYS A 75 8.09 -5.18 -1.27
C LYS A 75 7.26 -6.34 -1.82
N LYS A 76 6.68 -7.14 -0.94
CA LYS A 76 5.80 -8.26 -1.36
C LYS A 76 4.66 -7.71 -2.21
N LEU A 77 4.00 -6.65 -1.73
CA LEU A 77 2.88 -6.05 -2.45
C LEU A 77 3.33 -5.47 -3.79
N LEU A 78 4.43 -4.73 -3.77
CA LEU A 78 4.94 -4.10 -4.99
C LEU A 78 5.35 -5.12 -6.03
N ARG A 79 5.82 -6.29 -5.61
CA ARG A 79 6.20 -7.34 -6.54
C ARG A 79 5.01 -7.77 -7.38
N SER A 80 3.86 -7.92 -6.75
CA SER A 80 2.64 -8.27 -7.45
C SER A 80 2.18 -7.13 -8.35
N TRP A 81 2.27 -5.92 -7.83
CA TRP A 81 1.83 -4.74 -8.57
C TRP A 81 2.64 -4.48 -9.83
N GLN A 82 3.89 -4.94 -9.86
CA GLN A 82 4.75 -4.75 -11.03
C GLN A 82 4.13 -5.45 -12.24
N LYS A 83 3.71 -6.70 -12.09
CA LYS A 83 3.11 -7.43 -13.21
C LYS A 83 1.65 -7.08 -13.42
N LEU A 84 1.01 -6.53 -12.40
CA LEU A 84 -0.38 -6.10 -12.51
C LEU A 84 -0.48 -4.89 -13.42
N ILE A 85 0.45 -3.96 -13.27
CA ILE A 85 0.48 -2.77 -14.13
C ILE A 85 1.14 -3.16 -15.46
N GLU A 86 2.15 -4.02 -15.36
CA GLU A 86 2.95 -4.47 -16.50
C GLU A 86 3.41 -3.29 -17.40
N PRO A 87 4.15 -2.33 -16.80
CA PRO A 87 4.53 -1.18 -17.64
C PRO A 87 5.68 -1.49 -18.59
N ALA A 88 5.68 -0.80 -19.72
CA ALA A 88 6.73 -0.90 -20.75
C ALA A 88 6.97 -2.34 -21.23
N GLY A 89 5.89 -3.11 -21.34
CA GLY A 89 6.00 -4.47 -21.86
C GLY A 89 6.12 -4.44 -23.38
N SER A 90 5.72 -3.31 -23.94
CA SER A 90 5.75 -3.03 -25.36
C SER A 90 5.69 -1.52 -25.41
N SER A 1 -6.21 -6.67 11.63
CA SER A 1 -6.27 -6.46 13.10
C SER A 1 -7.41 -5.54 13.43
N MET A 2 -8.01 -5.72 14.62
CA MET A 2 -9.20 -4.93 15.02
C MET A 2 -10.32 -5.16 13.97
N THR A 3 -10.63 -6.44 13.77
CA THR A 3 -11.60 -6.93 12.76
C THR A 3 -11.10 -6.64 11.34
N ALA A 4 -11.97 -6.79 10.35
CA ALA A 4 -11.66 -6.48 8.96
C ALA A 4 -13.00 -6.38 8.24
N ALA A 5 -13.08 -5.52 7.23
CA ALA A 5 -14.29 -5.37 6.41
C ALA A 5 -13.79 -4.90 5.05
N PRO A 6 -14.53 -5.18 3.96
CA PRO A 6 -14.01 -4.67 2.68
C PRO A 6 -14.11 -3.15 2.58
N ALA A 7 -13.17 -2.54 1.87
CA ALA A 7 -13.16 -1.10 1.66
C ALA A 7 -12.78 -0.87 0.20
N SER A 8 -13.20 0.25 -0.36
CA SER A 8 -12.85 0.55 -1.75
C SER A 8 -11.35 0.87 -1.81
N PRO A 9 -10.72 0.73 -2.99
CA PRO A 9 -9.29 1.06 -3.03
C PRO A 9 -9.01 2.53 -2.68
N GLN A 10 -9.99 3.40 -2.90
CA GLN A 10 -9.85 4.82 -2.55
C GLN A 10 -9.83 4.97 -1.03
N GLN A 11 -10.62 4.19 -0.32
CA GLN A 11 -10.66 4.25 1.14
C GLN A 11 -9.40 3.62 1.74
N ILE A 12 -8.91 2.54 1.14
CA ILE A 12 -7.67 1.91 1.61
C ILE A 12 -6.52 2.90 1.43
N ARG A 13 -6.52 3.61 0.31
CA ARG A 13 -5.53 4.66 0.04
C ARG A 13 -5.65 5.76 1.09
N ASP A 14 -6.88 6.15 1.41
CA ASP A 14 -7.10 7.22 2.37
C ASP A 14 -6.60 6.84 3.76
N ARG A 15 -6.83 5.59 4.16
CA ARG A 15 -6.36 5.11 5.47
C ARG A 15 -4.85 5.20 5.58
N LEU A 16 -4.14 5.09 4.46
CA LEU A 16 -2.69 5.25 4.45
C LEU A 16 -2.30 6.69 4.67
N LEU A 17 -3.00 7.59 3.99
CA LEU A 17 -2.71 9.02 4.10
C LEU A 17 -2.99 9.50 5.51
N GLN A 18 -3.98 8.91 6.15
CA GLN A 18 -4.30 9.24 7.55
C GLN A 18 -3.25 8.69 8.52
N ALA A 19 -2.35 7.84 8.00
CA ALA A 19 -1.36 7.19 8.83
C ALA A 19 0.07 7.64 8.55
N ILE A 20 0.27 8.47 7.53
CA ILE A 20 1.60 8.97 7.19
C ILE A 20 1.60 10.49 7.04
N ASP A 21 2.79 11.05 7.10
CA ASP A 21 3.02 12.48 6.93
C ASP A 21 3.05 12.75 5.43
N PRO A 22 2.93 14.02 4.98
CA PRO A 22 3.03 14.28 3.53
C PRO A 22 4.37 13.86 2.90
N GLN A 23 5.39 13.68 3.73
CA GLN A 23 6.70 13.24 3.26
C GLN A 23 6.83 11.71 3.36
N SER A 24 5.68 11.04 3.48
CA SER A 24 5.58 9.56 3.64
C SER A 24 6.18 9.03 4.94
N ASN A 25 6.56 9.94 5.83
CA ASN A 25 7.11 9.57 7.13
C ASN A 25 6.00 8.89 7.93
N ILE A 26 6.33 7.84 8.66
CA ILE A 26 5.34 7.12 9.44
C ILE A 26 4.82 8.00 10.60
N ARG A 27 3.51 8.03 10.77
CA ARG A 27 2.89 8.74 11.90
C ARG A 27 2.19 7.74 12.80
N ASN A 28 1.33 6.93 12.21
CA ASN A 28 0.59 5.91 12.96
C ASN A 28 1.02 4.54 12.46
N MET A 29 2.08 4.01 13.04
CA MET A 29 2.65 2.72 12.60
C MET A 29 1.65 1.57 12.51
N VAL A 30 0.78 1.45 13.50
CA VAL A 30 -0.21 0.37 13.53
C VAL A 30 -1.15 0.50 12.34
N ALA A 31 -1.57 1.72 12.04
CA ALA A 31 -2.49 1.95 10.93
C ALA A 31 -1.83 1.65 9.58
N VAL A 32 -0.56 2.00 9.42
CA VAL A 32 0.14 1.71 8.16
C VAL A 32 0.22 0.20 7.97
N LEU A 33 0.56 -0.53 9.03
CA LEU A 33 0.64 -1.99 8.97
C LEU A 33 -0.72 -2.58 8.64
N GLU A 34 -1.78 -1.96 9.14
CA GLU A 34 -3.13 -2.41 8.85
C GLU A 34 -3.49 -2.18 7.37
N VAL A 35 -3.02 -1.09 6.79
CA VAL A 35 -3.28 -0.83 5.36
C VAL A 35 -2.59 -1.89 4.53
N ILE A 36 -1.36 -2.25 4.91
CA ILE A 36 -0.63 -3.30 4.18
C ILE A 36 -1.44 -4.59 4.35
N SER A 37 -1.94 -4.85 5.55
CA SER A 37 -2.74 -6.04 5.81
C SER A 37 -4.03 -6.04 4.99
N SER A 38 -4.58 -4.86 4.73
CA SER A 38 -5.80 -4.73 3.94
C SER A 38 -5.51 -5.02 2.48
N LEU A 39 -4.43 -4.45 1.95
CA LEU A 39 -4.06 -4.68 0.55
C LEU A 39 -3.70 -6.13 0.27
N GLU A 40 -3.14 -6.79 1.27
CA GLU A 40 -2.81 -8.22 1.13
C GLU A 40 -4.09 -9.10 1.07
N LYS A 41 -5.23 -8.55 1.48
CA LYS A 41 -6.52 -9.27 1.41
C LYS A 41 -7.39 -8.82 0.24
N TYR A 42 -7.27 -7.55 -0.09
CA TYR A 42 -8.10 -6.92 -1.11
C TYR A 42 -7.26 -6.52 -2.32
N PRO A 43 -7.19 -7.37 -3.36
CA PRO A 43 -6.37 -6.96 -4.49
C PRO A 43 -6.95 -5.78 -5.26
N ILE A 44 -6.10 -4.81 -5.57
CA ILE A 44 -6.48 -3.65 -6.35
C ILE A 44 -6.19 -3.98 -7.82
N THR A 45 -6.92 -3.38 -8.74
CA THR A 45 -6.70 -3.63 -10.17
C THR A 45 -5.68 -2.63 -10.68
N LYS A 46 -5.06 -2.87 -11.82
CA LYS A 46 -4.06 -1.93 -12.35
C LYS A 46 -4.66 -0.56 -12.64
N GLU A 47 -5.93 -0.54 -13.04
CA GLU A 47 -6.63 0.70 -13.37
C GLU A 47 -6.83 1.52 -12.10
N ALA A 48 -7.31 0.86 -11.06
CA ALA A 48 -7.55 1.52 -9.78
C ALA A 48 -6.21 1.90 -9.13
N LEU A 49 -5.17 1.11 -9.40
CA LEU A 49 -3.85 1.39 -8.86
C LEU A 49 -3.33 2.71 -9.42
N GLU A 50 -3.64 3.00 -10.67
CA GLU A 50 -3.23 4.27 -11.25
C GLU A 50 -3.97 5.42 -10.57
N GLU A 51 -5.28 5.30 -10.40
CA GLU A 51 -6.06 6.39 -9.75
C GLU A 51 -5.61 6.59 -8.29
N THR A 52 -5.32 5.49 -7.60
CA THR A 52 -4.90 5.59 -6.21
C THR A 52 -3.45 6.00 -6.03
N ARG A 53 -2.63 5.85 -7.09
CA ARG A 53 -1.19 6.18 -7.07
C ARG A 53 -0.46 5.35 -6.00
N LEU A 54 -1.11 4.29 -5.53
CA LEU A 54 -0.59 3.46 -4.45
C LEU A 54 0.77 2.85 -4.75
N GLY A 55 1.03 2.54 -6.01
CA GLY A 55 2.31 1.96 -6.37
C GLY A 55 3.46 2.89 -5.99
N LYS A 56 3.26 4.19 -6.15
CA LYS A 56 4.29 5.15 -5.78
C LYS A 56 4.33 5.32 -4.27
N LEU A 57 3.17 5.40 -3.64
CA LEU A 57 3.09 5.63 -2.20
C LEU A 57 3.72 4.52 -1.39
N ILE A 58 3.38 3.29 -1.70
CA ILE A 58 3.93 2.13 -0.99
C ILE A 58 5.45 2.09 -1.18
N ASN A 59 5.91 2.44 -2.38
CA ASN A 59 7.34 2.44 -2.65
C ASN A 59 8.10 3.49 -1.85
N ASP A 60 7.49 4.63 -1.58
CA ASP A 60 8.16 5.66 -0.78
C ASP A 60 8.09 5.30 0.70
N VAL A 61 6.92 4.87 1.17
CA VAL A 61 6.76 4.45 2.58
C VAL A 61 7.76 3.36 2.92
N ARG A 62 8.02 2.48 1.96
CA ARG A 62 9.01 1.42 2.09
C ARG A 62 10.41 1.96 2.41
N LYS A 63 10.71 3.18 1.96
CA LYS A 63 12.00 3.81 2.21
C LYS A 63 12.02 4.60 3.53
N LYS A 64 10.85 5.00 4.01
CA LYS A 64 10.76 5.83 5.21
C LYS A 64 10.61 5.01 6.48
N THR A 65 10.07 3.81 6.35
CA THR A 65 9.89 2.93 7.50
C THR A 65 11.25 2.40 7.96
N LYS A 66 11.42 2.23 9.26
CA LYS A 66 12.65 1.65 9.83
C LYS A 66 12.39 0.19 10.18
N ASN A 67 11.14 -0.22 10.04
CA ASN A 67 10.75 -1.59 10.33
C ASN A 67 10.91 -2.40 9.07
N GLU A 68 11.97 -3.22 9.03
CA GLU A 68 12.26 -4.04 7.87
C GLU A 68 11.09 -4.95 7.47
N GLU A 69 10.31 -5.39 8.43
CA GLU A 69 9.13 -6.22 8.17
C GLU A 69 8.15 -5.51 7.22
N LEU A 70 7.99 -4.20 7.39
CA LEU A 70 7.06 -3.43 6.58
C LEU A 70 7.68 -3.30 5.21
N ALA A 71 8.98 -3.08 5.17
CA ALA A 71 9.69 -2.95 3.91
C ALA A 71 9.54 -4.23 3.08
N LYS A 72 9.64 -5.37 3.75
CA LYS A 72 9.47 -6.68 3.10
C LYS A 72 8.06 -6.87 2.57
N ARG A 73 7.05 -6.57 3.36
CA ARG A 73 5.66 -6.72 2.90
C ARG A 73 5.35 -5.73 1.79
N ALA A 74 5.87 -4.52 1.91
CA ALA A 74 5.71 -3.52 0.86
C ALA A 74 6.36 -4.00 -0.43
N LYS A 75 7.54 -4.60 -0.33
CA LYS A 75 8.20 -5.14 -1.52
C LYS A 75 7.39 -6.26 -2.15
N LYS A 76 6.78 -7.10 -1.33
CA LYS A 76 5.92 -8.18 -1.84
C LYS A 76 4.75 -7.59 -2.63
N LEU A 77 4.08 -6.60 -2.05
CA LEU A 77 2.94 -5.95 -2.71
C LEU A 77 3.40 -5.31 -4.01
N LEU A 78 4.49 -4.58 -3.98
CA LEU A 78 5.01 -3.92 -5.18
C LEU A 78 5.34 -4.93 -6.25
N ARG A 79 5.90 -6.08 -5.88
CA ARG A 79 6.22 -7.11 -6.87
C ARG A 79 4.97 -7.62 -7.54
N SER A 80 3.93 -7.83 -6.76
CA SER A 80 2.67 -8.32 -7.31
C SER A 80 2.05 -7.26 -8.22
N TRP A 81 2.24 -6.00 -7.87
CA TRP A 81 1.69 -4.90 -8.64
C TRP A 81 2.41 -4.70 -9.97
N GLN A 82 3.67 -5.11 -10.07
CA GLN A 82 4.37 -5.04 -11.34
C GLN A 82 3.68 -6.00 -12.32
N LYS A 83 3.41 -7.22 -11.85
CA LYS A 83 2.77 -8.25 -12.67
C LYS A 83 1.31 -7.91 -12.96
N LEU A 84 0.70 -7.15 -12.06
CA LEU A 84 -0.67 -6.73 -12.21
C LEU A 84 -0.81 -5.77 -13.38
N ILE A 85 0.20 -4.92 -13.58
CA ILE A 85 0.18 -3.95 -14.69
C ILE A 85 0.65 -4.62 -15.98
N GLU A 86 1.74 -5.38 -15.88
CA GLU A 86 2.40 -6.06 -17.02
C GLU A 86 2.47 -5.20 -18.30
N PRO A 87 3.32 -4.15 -18.29
CA PRO A 87 3.36 -3.30 -19.49
C PRO A 87 4.05 -3.96 -20.68
N ALA A 88 3.76 -3.46 -21.87
CA ALA A 88 4.37 -3.98 -23.09
C ALA A 88 5.88 -3.64 -23.08
N GLY A 89 6.69 -4.66 -22.86
CA GLY A 89 8.13 -4.49 -22.82
C GLY A 89 8.71 -4.58 -21.42
N SER A 90 7.83 -4.70 -20.42
CA SER A 90 8.21 -4.80 -19.00
C SER A 90 8.96 -3.55 -18.50
N SER A 1 -10.55 -14.00 15.63
CA SER A 1 -11.58 -13.21 16.35
C SER A 1 -12.33 -12.34 15.37
N MET A 2 -13.65 -12.30 15.47
CA MET A 2 -14.52 -11.54 14.53
C MET A 2 -14.25 -11.97 13.08
N THR A 3 -14.43 -11.06 12.14
CA THR A 3 -14.24 -11.37 10.73
C THR A 3 -13.75 -10.11 10.04
N ALA A 4 -13.34 -10.21 8.78
CA ALA A 4 -12.86 -9.07 8.02
C ALA A 4 -13.97 -8.59 7.08
N ALA A 5 -13.80 -7.42 6.50
CA ALA A 5 -14.76 -6.85 5.57
C ALA A 5 -14.00 -6.13 4.46
N PRO A 6 -14.53 -6.13 3.22
CA PRO A 6 -13.76 -5.47 2.14
C PRO A 6 -13.90 -3.95 2.20
N ALA A 7 -12.95 -3.26 1.59
CA ALA A 7 -12.95 -1.80 1.53
C ALA A 7 -12.59 -1.42 0.08
N SER A 8 -13.02 -0.24 -0.36
CA SER A 8 -12.69 0.21 -1.72
C SER A 8 -11.22 0.64 -1.73
N PRO A 9 -10.56 0.56 -2.90
CA PRO A 9 -9.14 0.93 -2.87
C PRO A 9 -8.90 2.40 -2.54
N GLN A 10 -9.89 3.26 -2.81
CA GLN A 10 -9.78 4.66 -2.48
C GLN A 10 -9.76 4.86 -0.97
N GLN A 11 -10.52 4.04 -0.26
CA GLN A 11 -10.55 4.10 1.21
C GLN A 11 -9.28 3.51 1.80
N ILE A 12 -8.76 2.45 1.20
CA ILE A 12 -7.51 1.87 1.70
C ILE A 12 -6.39 2.94 1.53
N ARG A 13 -6.40 3.60 0.38
CA ARG A 13 -5.45 4.69 0.12
C ARG A 13 -5.63 5.82 1.13
N ASP A 14 -6.87 6.17 1.44
CA ASP A 14 -7.12 7.26 2.40
C ASP A 14 -6.57 6.94 3.77
N ARG A 15 -6.80 5.73 4.25
CA ARG A 15 -6.30 5.33 5.57
C ARG A 15 -4.78 5.41 5.61
N LEU A 16 -4.12 5.17 4.48
CA LEU A 16 -2.65 5.28 4.43
C LEU A 16 -2.27 6.74 4.59
N LEU A 17 -2.93 7.62 3.85
CA LEU A 17 -2.61 9.06 3.89
C LEU A 17 -2.88 9.66 5.26
N GLN A 18 -3.88 9.15 5.97
CA GLN A 18 -4.14 9.59 7.32
C GLN A 18 -3.03 9.12 8.26
N ALA A 19 -2.48 7.95 7.97
CA ALA A 19 -1.46 7.34 8.80
C ALA A 19 -0.03 7.81 8.56
N ILE A 20 0.17 8.61 7.51
CA ILE A 20 1.51 9.12 7.18
C ILE A 20 1.47 10.62 7.02
N ASP A 21 2.64 11.21 7.06
CA ASP A 21 2.78 12.64 6.89
C ASP A 21 2.85 12.91 5.39
N PRO A 22 2.50 14.13 4.93
CA PRO A 22 2.70 14.39 3.49
C PRO A 22 4.15 14.18 3.00
N GLN A 23 5.11 14.21 3.91
CA GLN A 23 6.53 13.94 3.60
C GLN A 23 6.85 12.43 3.69
N SER A 24 5.81 11.60 3.71
CA SER A 24 5.87 10.12 3.82
C SER A 24 6.42 9.62 5.15
N ASN A 25 6.63 10.51 6.10
CA ASN A 25 7.09 10.13 7.45
C ASN A 25 5.95 9.36 8.09
N ILE A 26 6.23 8.32 8.85
CA ILE A 26 5.18 7.55 9.50
C ILE A 26 4.62 8.29 10.71
N ARG A 27 3.30 8.44 10.75
CA ARG A 27 2.65 9.10 11.89
C ARG A 27 1.97 8.05 12.77
N ASN A 28 1.32 7.08 12.16
CA ASN A 28 0.61 6.03 12.90
C ASN A 28 0.99 4.66 12.32
N MET A 29 2.12 4.12 12.76
CA MET A 29 2.64 2.83 12.24
C MET A 29 1.62 1.67 12.26
N VAL A 30 0.80 1.58 13.31
CA VAL A 30 -0.21 0.51 13.40
C VAL A 30 -1.19 0.59 12.22
N ALA A 31 -1.64 1.78 11.87
CA ALA A 31 -2.57 1.95 10.76
C ALA A 31 -1.87 1.66 9.43
N VAL A 32 -0.59 2.01 9.32
CA VAL A 32 0.14 1.70 8.08
C VAL A 32 0.22 0.18 7.93
N LEU A 33 0.52 -0.53 9.01
CA LEU A 33 0.57 -2.00 8.98
C LEU A 33 -0.80 -2.58 8.61
N GLU A 34 -1.88 -1.96 9.09
CA GLU A 34 -3.25 -2.39 8.77
C GLU A 34 -3.55 -2.16 7.29
N VAL A 35 -3.06 -1.07 6.72
CA VAL A 35 -3.22 -0.83 5.29
C VAL A 35 -2.48 -1.91 4.50
N ILE A 36 -1.28 -2.26 4.91
CA ILE A 36 -0.55 -3.32 4.21
C ILE A 36 -1.39 -4.60 4.32
N SER A 37 -1.92 -4.90 5.50
CA SER A 37 -2.72 -6.11 5.66
C SER A 37 -3.97 -6.08 4.79
N SER A 38 -4.56 -4.91 4.64
CA SER A 38 -5.75 -4.75 3.82
C SER A 38 -5.42 -5.04 2.37
N LEU A 39 -4.28 -4.59 1.90
CA LEU A 39 -3.85 -4.80 0.51
C LEU A 39 -3.42 -6.25 0.27
N GLU A 40 -2.87 -6.88 1.30
CA GLU A 40 -2.45 -8.28 1.21
C GLU A 40 -3.66 -9.20 1.09
N LYS A 41 -4.77 -8.81 1.72
CA LYS A 41 -6.04 -9.56 1.67
C LYS A 41 -6.87 -9.14 0.46
N TYR A 42 -6.78 -7.87 0.06
CA TYR A 42 -7.60 -7.32 -1.01
C TYR A 42 -6.74 -6.69 -2.10
N PRO A 43 -6.37 -7.47 -3.12
CA PRO A 43 -5.55 -6.86 -4.15
C PRO A 43 -6.30 -5.79 -4.96
N ILE A 44 -5.63 -4.69 -5.21
CA ILE A 44 -6.18 -3.57 -5.96
C ILE A 44 -6.02 -3.89 -7.47
N THR A 45 -6.88 -3.34 -8.32
CA THR A 45 -6.82 -3.58 -9.77
C THR A 45 -5.88 -2.56 -10.41
N LYS A 46 -5.45 -2.78 -11.64
CA LYS A 46 -4.49 -1.84 -12.27
C LYS A 46 -5.04 -0.45 -12.56
N GLU A 47 -6.31 -0.33 -12.91
CA GLU A 47 -6.90 0.98 -13.17
C GLU A 47 -7.00 1.76 -11.87
N ALA A 48 -7.40 1.08 -10.81
CA ALA A 48 -7.53 1.72 -9.51
C ALA A 48 -6.15 2.11 -9.00
N LEU A 49 -5.14 1.34 -9.38
CA LEU A 49 -3.76 1.65 -8.98
C LEU A 49 -3.30 2.96 -9.61
N GLU A 50 -3.83 3.30 -10.79
CA GLU A 50 -3.51 4.57 -11.43
C GLU A 50 -4.22 5.71 -10.71
N GLU A 51 -5.47 5.52 -10.34
CA GLU A 51 -6.21 6.55 -9.60
C GLU A 51 -5.66 6.78 -8.19
N THR A 52 -5.38 5.69 -7.49
CA THR A 52 -4.92 5.78 -6.10
C THR A 52 -3.44 6.11 -5.98
N ARG A 53 -2.70 5.84 -7.06
CA ARG A 53 -1.25 6.01 -7.12
C ARG A 53 -0.60 5.26 -5.95
N LEU A 54 -1.25 4.21 -5.48
CA LEU A 54 -0.81 3.47 -4.31
C LEU A 54 0.58 2.85 -4.51
N GLY A 55 0.87 2.42 -5.72
CA GLY A 55 2.17 1.85 -5.99
C GLY A 55 3.28 2.83 -5.73
N LYS A 56 3.07 4.12 -6.03
CA LYS A 56 4.07 5.15 -5.77
C LYS A 56 4.19 5.36 -4.25
N LEU A 57 3.06 5.46 -3.56
CA LEU A 57 3.05 5.70 -2.12
C LEU A 57 3.71 4.57 -1.34
N ILE A 58 3.31 3.34 -1.61
CA ILE A 58 3.87 2.19 -0.91
C ILE A 58 5.36 2.09 -1.18
N ASN A 59 5.81 2.38 -2.39
CA ASN A 59 7.24 2.31 -2.71
C ASN A 59 8.06 3.32 -1.92
N ASP A 60 7.46 4.47 -1.64
CA ASP A 60 8.14 5.49 -0.87
C ASP A 60 8.13 5.18 0.64
N VAL A 61 6.99 4.71 1.13
CA VAL A 61 6.87 4.33 2.55
C VAL A 61 7.83 3.19 2.82
N ARG A 62 8.01 2.29 1.85
CA ARG A 62 8.96 1.19 1.98
C ARG A 62 10.39 1.66 2.22
N LYS A 63 10.77 2.80 1.67
CA LYS A 63 12.11 3.37 1.89
C LYS A 63 12.23 4.04 3.25
N LYS A 64 11.14 4.64 3.71
CA LYS A 64 11.11 5.39 4.97
C LYS A 64 10.98 4.53 6.24
N THR A 65 10.21 3.44 6.16
CA THR A 65 9.92 2.61 7.35
C THR A 65 11.17 1.95 7.95
N LYS A 66 11.24 1.96 9.28
CA LYS A 66 12.33 1.30 9.99
C LYS A 66 11.97 -0.17 10.20
N ASN A 67 10.68 -0.46 10.18
CA ASN A 67 10.19 -1.82 10.35
C ASN A 67 10.48 -2.63 9.11
N GLU A 68 11.48 -3.50 9.20
CA GLU A 68 11.85 -4.35 8.08
C GLU A 68 10.68 -5.21 7.66
N GLU A 69 9.86 -5.66 8.59
CA GLU A 69 8.70 -6.47 8.28
C GLU A 69 7.79 -5.73 7.30
N LEU A 70 7.57 -4.46 7.57
CA LEU A 70 6.72 -3.61 6.71
C LEU A 70 7.39 -3.49 5.34
N ALA A 71 8.69 -3.22 5.33
CA ALA A 71 9.43 -3.09 4.10
C ALA A 71 9.39 -4.38 3.26
N LYS A 72 9.52 -5.54 3.91
CA LYS A 72 9.48 -6.84 3.22
C LYS A 72 8.10 -7.06 2.61
N ARG A 73 7.03 -6.81 3.39
CA ARG A 73 5.66 -6.98 2.89
C ARG A 73 5.35 -6.03 1.76
N ALA A 74 5.74 -4.79 1.92
CA ALA A 74 5.57 -3.79 0.88
C ALA A 74 6.32 -4.21 -0.38
N LYS A 75 7.51 -4.79 -0.24
CA LYS A 75 8.26 -5.26 -1.40
C LYS A 75 7.49 -6.34 -2.14
N LYS A 76 6.85 -7.24 -1.40
CA LYS A 76 6.06 -8.30 -2.02
C LYS A 76 4.87 -7.72 -2.77
N LEU A 77 4.16 -6.78 -2.17
CA LEU A 77 3.01 -6.15 -2.83
C LEU A 77 3.44 -5.47 -4.09
N LEU A 78 4.54 -4.75 -4.03
CA LEU A 78 5.04 -4.05 -5.21
C LEU A 78 5.46 -5.01 -6.32
N ARG A 79 5.96 -6.19 -5.97
CA ARG A 79 6.36 -7.17 -6.98
C ARG A 79 5.14 -7.58 -7.80
N SER A 80 4.03 -7.82 -7.11
CA SER A 80 2.80 -8.19 -7.77
C SER A 80 2.26 -7.02 -8.58
N TRP A 81 2.28 -5.84 -8.00
CA TRP A 81 1.77 -4.65 -8.67
C TRP A 81 2.55 -4.33 -9.95
N GLN A 82 3.83 -4.65 -9.98
CA GLN A 82 4.63 -4.42 -11.16
C GLN A 82 4.05 -5.18 -12.36
N LYS A 83 3.70 -6.46 -12.17
CA LYS A 83 3.13 -7.24 -13.27
C LYS A 83 1.65 -6.97 -13.53
N LEU A 84 0.97 -6.45 -12.52
CA LEU A 84 -0.43 -6.12 -12.64
C LEU A 84 -0.59 -4.90 -13.55
N ILE A 85 0.24 -3.90 -13.33
CA ILE A 85 0.21 -2.71 -14.17
C ILE A 85 0.80 -3.09 -15.52
N GLU A 86 1.84 -3.92 -15.49
CA GLU A 86 2.57 -4.35 -16.68
C GLU A 86 3.03 -3.15 -17.54
N PRO A 87 3.89 -2.27 -16.98
CA PRO A 87 4.33 -1.09 -17.74
C PRO A 87 5.43 -1.40 -18.76
N ALA A 88 5.89 -2.66 -18.75
CA ALA A 88 6.87 -3.18 -19.67
C ALA A 88 6.60 -4.69 -19.63
N GLY A 89 6.65 -5.35 -20.76
CA GLY A 89 6.40 -6.77 -20.82
C GLY A 89 6.85 -7.25 -22.19
N SER A 90 6.33 -8.37 -22.65
CA SER A 90 6.65 -8.92 -23.97
C SER A 90 5.36 -9.23 -24.70
N SER A 1 -17.95 -7.05 14.66
CA SER A 1 -16.48 -6.97 14.43
C SER A 1 -16.16 -5.76 13.59
N MET A 2 -14.88 -5.53 13.35
CA MET A 2 -14.42 -4.41 12.51
C MET A 2 -13.62 -5.03 11.36
N THR A 3 -13.34 -4.24 10.33
CA THR A 3 -12.51 -4.67 9.18
C THR A 3 -13.08 -5.94 8.52
N ALA A 4 -14.40 -5.99 8.43
CA ALA A 4 -15.09 -7.11 7.79
C ALA A 4 -15.35 -6.69 6.34
N ALA A 5 -15.25 -7.64 5.41
CA ALA A 5 -15.42 -7.41 3.96
C ALA A 5 -14.31 -6.51 3.33
N PRO A 6 -14.12 -6.58 2.00
CA PRO A 6 -13.13 -5.65 1.46
C PRO A 6 -13.62 -4.18 1.43
N ALA A 7 -12.68 -3.27 1.59
CA ALA A 7 -13.02 -1.87 1.58
C ALA A 7 -12.70 -1.31 0.19
N SER A 8 -13.31 -0.18 -0.16
CA SER A 8 -13.04 0.43 -1.46
C SER A 8 -11.56 0.77 -1.61
N PRO A 9 -11.00 0.67 -2.83
CA PRO A 9 -9.55 0.96 -2.95
C PRO A 9 -9.19 2.40 -2.57
N GLN A 10 -10.07 3.35 -2.83
CA GLN A 10 -9.82 4.75 -2.48
C GLN A 10 -9.82 4.90 -0.95
N GLN A 11 -10.65 4.14 -0.24
CA GLN A 11 -10.69 4.18 1.22
C GLN A 11 -9.40 3.64 1.82
N ILE A 12 -8.93 2.51 1.29
CA ILE A 12 -7.68 1.88 1.77
C ILE A 12 -6.52 2.88 1.53
N ARG A 13 -6.53 3.51 0.34
CA ARG A 13 -5.54 4.54 0.01
C ARG A 13 -5.65 5.72 0.98
N ASP A 14 -6.86 6.17 1.26
CA ASP A 14 -7.02 7.33 2.15
C ASP A 14 -6.55 7.03 3.56
N ARG A 15 -6.84 5.84 4.08
CA ARG A 15 -6.38 5.45 5.41
C ARG A 15 -4.86 5.44 5.50
N LEU A 16 -4.21 5.13 4.40
CA LEU A 16 -2.75 5.21 4.37
C LEU A 16 -2.31 6.65 4.53
N LEU A 17 -2.94 7.56 3.81
CA LEU A 17 -2.55 8.97 3.83
C LEU A 17 -2.74 9.55 5.22
N GLN A 18 -3.73 9.09 5.94
CA GLN A 18 -3.97 9.56 7.29
C GLN A 18 -2.97 8.96 8.31
N ALA A 19 -2.34 7.87 7.91
CA ALA A 19 -1.41 7.16 8.79
C ALA A 19 0.04 7.62 8.59
N ILE A 20 0.27 8.39 7.52
CA ILE A 20 1.63 8.86 7.18
C ILE A 20 1.65 10.37 6.96
N ASP A 21 2.83 10.92 6.99
CA ASP A 21 3.05 12.35 6.73
C ASP A 21 2.97 12.56 5.24
N PRO A 22 2.64 13.77 4.75
CA PRO A 22 2.68 13.92 3.28
C PRO A 22 4.06 13.58 2.63
N GLN A 23 5.14 13.67 3.40
CA GLN A 23 6.46 13.24 2.95
C GLN A 23 6.71 11.75 3.16
N SER A 24 5.65 10.98 3.37
CA SER A 24 5.67 9.52 3.56
C SER A 24 6.34 9.05 4.87
N ASN A 25 6.62 9.97 5.77
CA ASN A 25 7.19 9.61 7.05
C ASN A 25 6.10 8.92 7.86
N ILE A 26 6.42 7.82 8.51
CA ILE A 26 5.45 7.06 9.32
C ILE A 26 4.98 7.95 10.47
N ARG A 27 3.67 7.98 10.69
CA ARG A 27 3.10 8.69 11.85
C ARG A 27 2.42 7.67 12.77
N ASN A 28 1.53 6.87 12.20
CA ASN A 28 0.80 5.85 13.00
C ASN A 28 1.13 4.48 12.39
N MET A 29 2.23 3.86 12.81
CA MET A 29 2.65 2.57 12.22
C MET A 29 1.59 1.47 12.30
N VAL A 30 0.82 1.41 13.38
CA VAL A 30 -0.20 0.38 13.51
C VAL A 30 -1.18 0.53 12.33
N ALA A 31 -1.57 1.75 12.00
CA ALA A 31 -2.52 1.95 10.94
C ALA A 31 -1.88 1.66 9.58
N VAL A 32 -0.59 1.94 9.44
CA VAL A 32 0.09 1.65 8.17
C VAL A 32 0.14 0.12 8.01
N LEU A 33 0.45 -0.61 9.08
CA LEU A 33 0.52 -2.08 9.00
C LEU A 33 -0.85 -2.65 8.64
N GLU A 34 -1.91 -2.07 9.19
CA GLU A 34 -3.27 -2.52 8.88
C GLU A 34 -3.57 -2.29 7.40
N VAL A 35 -3.11 -1.17 6.87
CA VAL A 35 -3.31 -0.91 5.43
C VAL A 35 -2.51 -1.92 4.59
N ILE A 36 -1.29 -2.24 4.98
CA ILE A 36 -0.50 -3.22 4.25
C ILE A 36 -1.23 -4.56 4.31
N SER A 37 -1.72 -4.92 5.48
CA SER A 37 -2.44 -6.20 5.63
C SER A 37 -3.71 -6.18 4.80
N SER A 38 -4.40 -5.05 4.76
CA SER A 38 -5.63 -4.95 3.96
C SER A 38 -5.33 -5.11 2.48
N LEU A 39 -4.20 -4.57 2.02
CA LEU A 39 -3.87 -4.64 0.59
C LEU A 39 -3.44 -6.02 0.17
N GLU A 40 -2.81 -6.78 1.06
CA GLU A 40 -2.43 -8.18 0.76
C GLU A 40 -3.69 -9.04 0.72
N LYS A 41 -4.71 -8.65 1.48
CA LYS A 41 -6.00 -9.39 1.49
C LYS A 41 -6.96 -8.95 0.37
N TYR A 42 -6.88 -7.69 -0.02
CA TYR A 42 -7.81 -7.09 -0.98
C TYR A 42 -7.08 -6.59 -2.21
N PRO A 43 -6.94 -7.46 -3.24
CA PRO A 43 -6.20 -6.94 -4.39
C PRO A 43 -6.91 -5.81 -5.15
N ILE A 44 -6.14 -4.78 -5.43
CA ILE A 44 -6.62 -3.63 -6.20
C ILE A 44 -6.41 -3.95 -7.68
N THR A 45 -7.19 -3.32 -8.56
CA THR A 45 -7.03 -3.52 -10.00
C THR A 45 -5.99 -2.54 -10.51
N LYS A 46 -5.39 -2.79 -11.68
CA LYS A 46 -4.38 -1.89 -12.23
C LYS A 46 -4.98 -0.51 -12.57
N GLU A 47 -6.27 -0.53 -12.94
CA GLU A 47 -6.97 0.70 -13.31
C GLU A 47 -7.07 1.60 -12.06
N ALA A 48 -7.44 1.03 -10.93
CA ALA A 48 -7.56 1.80 -9.70
C ALA A 48 -6.19 2.18 -9.17
N LEU A 49 -5.18 1.37 -9.46
CA LEU A 49 -3.81 1.62 -9.00
C LEU A 49 -3.26 2.89 -9.63
N GLU A 50 -3.73 3.26 -10.81
CA GLU A 50 -3.33 4.50 -11.43
C GLU A 50 -3.82 5.72 -10.62
N GLU A 51 -5.13 5.80 -10.44
CA GLU A 51 -5.74 6.90 -9.69
C GLU A 51 -5.30 6.98 -8.23
N THR A 52 -5.23 5.82 -7.57
CA THR A 52 -4.84 5.81 -6.18
C THR A 52 -3.34 6.04 -6.06
N ARG A 53 -2.61 5.81 -7.16
CA ARG A 53 -1.14 5.93 -7.24
C ARG A 53 -0.48 5.19 -6.09
N LEU A 54 -1.14 4.13 -5.63
CA LEU A 54 -0.68 3.39 -4.46
C LEU A 54 0.71 2.80 -4.64
N GLY A 55 1.05 2.43 -5.87
CA GLY A 55 2.38 1.92 -6.14
C GLY A 55 3.45 2.94 -5.81
N LYS A 56 3.16 4.21 -6.07
CA LYS A 56 4.14 5.25 -5.77
C LYS A 56 4.24 5.44 -4.27
N LEU A 57 3.08 5.48 -3.61
CA LEU A 57 3.01 5.72 -2.16
C LEU A 57 3.69 4.62 -1.35
N ILE A 58 3.35 3.37 -1.64
CA ILE A 58 3.92 2.23 -0.96
C ILE A 58 5.43 2.18 -1.17
N ASN A 59 5.92 2.53 -2.36
CA ASN A 59 7.38 2.51 -2.59
C ASN A 59 8.10 3.58 -1.76
N ASP A 60 7.46 4.70 -1.52
CA ASP A 60 8.07 5.76 -0.74
C ASP A 60 8.01 5.39 0.76
N VAL A 61 6.87 4.84 1.18
CA VAL A 61 6.70 4.39 2.57
C VAL A 61 7.73 3.30 2.84
N ARG A 62 7.97 2.43 1.88
CA ARG A 62 8.94 1.34 2.00
C ARG A 62 10.36 1.84 2.28
N LYS A 63 10.75 2.98 1.71
CA LYS A 63 12.11 3.50 1.95
C LYS A 63 12.16 4.41 3.19
N LYS A 64 10.99 4.90 3.63
CA LYS A 64 10.90 5.75 4.83
C LYS A 64 10.86 4.96 6.14
N THR A 65 10.21 3.82 6.13
CA THR A 65 10.11 3.01 7.34
C THR A 65 11.41 2.24 7.63
N LYS A 66 11.72 2.09 8.92
CA LYS A 66 12.87 1.31 9.35
C LYS A 66 12.46 -0.08 9.83
N ASN A 67 11.17 -0.32 9.84
CA ASN A 67 10.64 -1.61 10.29
C ASN A 67 10.73 -2.61 9.14
N GLU A 68 11.59 -3.60 9.29
CA GLU A 68 11.80 -4.59 8.23
C GLU A 68 10.50 -5.37 7.91
N GLU A 69 9.65 -5.59 8.90
CA GLU A 69 8.40 -6.33 8.70
C GLU A 69 7.48 -5.59 7.73
N LEU A 70 7.46 -4.29 7.83
CA LEU A 70 6.66 -3.47 6.92
C LEU A 70 7.36 -3.44 5.56
N ALA A 71 8.66 -3.19 5.57
CA ALA A 71 9.46 -3.05 4.36
C ALA A 71 9.42 -4.34 3.50
N LYS A 72 9.54 -5.49 4.12
CA LYS A 72 9.49 -6.77 3.40
C LYS A 72 8.11 -6.98 2.76
N ARG A 73 7.04 -6.70 3.50
CA ARG A 73 5.69 -6.91 2.96
C ARG A 73 5.42 -5.90 1.84
N ALA A 74 5.84 -4.66 2.05
CA ALA A 74 5.68 -3.63 1.02
C ALA A 74 6.42 -4.00 -0.27
N LYS A 75 7.59 -4.58 -0.11
CA LYS A 75 8.41 -5.02 -1.24
C LYS A 75 7.66 -6.08 -2.03
N LYS A 76 6.90 -6.95 -1.37
CA LYS A 76 6.14 -7.99 -2.06
C LYS A 76 4.92 -7.40 -2.76
N LEU A 77 4.22 -6.49 -2.11
CA LEU A 77 3.05 -5.85 -2.72
C LEU A 77 3.42 -5.17 -4.02
N LEU A 78 4.52 -4.42 -4.01
CA LEU A 78 4.99 -3.75 -5.22
C LEU A 78 5.37 -4.74 -6.33
N ARG A 79 5.94 -5.88 -5.94
CA ARG A 79 6.33 -6.88 -6.91
C ARG A 79 5.08 -7.47 -7.54
N SER A 80 4.05 -7.65 -6.75
CA SER A 80 2.80 -8.21 -7.26
C SER A 80 2.12 -7.20 -8.18
N TRP A 81 2.12 -5.93 -7.79
CA TRP A 81 1.50 -4.87 -8.59
C TRP A 81 2.13 -4.71 -9.98
N GLN A 82 3.43 -4.92 -10.12
CA GLN A 82 4.03 -4.86 -11.45
C GLN A 82 3.43 -5.91 -12.35
N LYS A 83 3.16 -7.08 -11.80
CA LYS A 83 2.56 -8.20 -12.56
C LYS A 83 1.09 -7.98 -12.85
N LEU A 84 0.44 -7.28 -11.95
CA LEU A 84 -0.97 -6.91 -12.08
C LEU A 84 -1.17 -5.92 -13.21
N ILE A 85 -0.25 -4.97 -13.35
CA ILE A 85 -0.34 -4.00 -14.45
C ILE A 85 0.01 -4.67 -15.79
N GLU A 86 1.06 -5.50 -15.77
CA GLU A 86 1.65 -6.15 -16.96
C GLU A 86 1.88 -5.07 -18.06
N PRO A 87 2.84 -4.15 -17.81
CA PRO A 87 3.02 -3.07 -18.80
C PRO A 87 3.70 -3.52 -20.10
N ALA A 88 3.48 -2.79 -21.19
CA ALA A 88 4.13 -3.10 -22.44
C ALA A 88 5.62 -2.80 -22.21
N GLY A 89 6.48 -3.66 -22.74
CA GLY A 89 7.93 -3.51 -22.56
C GLY A 89 8.50 -4.59 -21.67
N SER A 90 7.60 -5.31 -20.98
CA SER A 90 7.90 -6.43 -20.06
C SER A 90 8.66 -6.02 -18.81
N SER A 1 -16.28 -10.98 17.21
CA SER A 1 -15.70 -11.77 16.08
C SER A 1 -14.52 -10.99 15.46
N MET A 2 -13.67 -11.67 14.68
CA MET A 2 -12.52 -11.02 14.02
C MET A 2 -12.61 -11.12 12.49
N THR A 3 -13.84 -11.26 12.01
CA THR A 3 -14.09 -11.38 10.58
C THR A 3 -13.81 -10.03 9.92
N ALA A 4 -12.92 -10.01 8.94
CA ALA A 4 -12.56 -8.79 8.25
C ALA A 4 -13.59 -8.51 7.18
N ALA A 5 -13.79 -7.23 6.89
CA ALA A 5 -14.72 -6.79 5.85
C ALA A 5 -13.96 -5.97 4.81
N PRO A 6 -14.38 -6.04 3.54
CA PRO A 6 -13.63 -5.29 2.54
C PRO A 6 -13.88 -3.80 2.55
N ALA A 7 -12.95 -3.07 1.97
CA ALA A 7 -13.04 -1.61 1.87
C ALA A 7 -12.66 -1.23 0.43
N SER A 8 -13.07 -0.08 -0.04
CA SER A 8 -12.74 0.28 -1.41
C SER A 8 -11.27 0.62 -1.48
N PRO A 9 -10.65 0.53 -2.66
CA PRO A 9 -9.22 0.84 -2.74
C PRO A 9 -8.90 2.28 -2.36
N GLN A 10 -9.84 3.19 -2.61
CA GLN A 10 -9.62 4.59 -2.26
C GLN A 10 -9.66 4.76 -0.75
N GLN A 11 -10.47 4.00 -0.06
CA GLN A 11 -10.54 4.10 1.40
C GLN A 11 -9.27 3.52 2.02
N ILE A 12 -8.71 2.49 1.40
CA ILE A 12 -7.45 1.92 1.90
C ILE A 12 -6.35 2.95 1.64
N ARG A 13 -6.39 3.57 0.48
CA ARG A 13 -5.41 4.62 0.13
C ARG A 13 -5.55 5.82 1.08
N ASP A 14 -6.77 6.24 1.37
CA ASP A 14 -6.95 7.39 2.24
C ASP A 14 -6.46 7.12 3.67
N ARG A 15 -6.73 5.93 4.18
CA ARG A 15 -6.23 5.57 5.51
C ARG A 15 -4.72 5.58 5.54
N LEU A 16 -4.08 5.24 4.45
CA LEU A 16 -2.63 5.30 4.41
C LEU A 16 -2.16 6.74 4.59
N LEU A 17 -2.79 7.65 3.90
CA LEU A 17 -2.41 9.07 3.96
C LEU A 17 -2.63 9.65 5.36
N GLN A 18 -3.64 9.18 6.07
CA GLN A 18 -3.89 9.65 7.41
C GLN A 18 -2.94 8.98 8.41
N ALA A 19 -2.23 7.95 7.98
CA ALA A 19 -1.33 7.21 8.86
C ALA A 19 0.13 7.67 8.70
N ILE A 20 0.37 8.45 7.65
CA ILE A 20 1.72 8.96 7.36
C ILE A 20 1.70 10.48 7.31
N ASP A 21 2.88 11.07 7.41
CA ASP A 21 3.03 12.52 7.30
C ASP A 21 3.00 12.80 5.80
N PRO A 22 2.62 14.02 5.36
CA PRO A 22 2.72 14.28 3.90
C PRO A 22 4.14 14.08 3.33
N GLN A 23 5.16 14.06 4.17
CA GLN A 23 6.55 13.76 3.75
C GLN A 23 6.81 12.23 3.67
N SER A 24 5.75 11.44 3.71
CA SER A 24 5.72 9.97 3.66
C SER A 24 6.41 9.29 4.86
N ASN A 25 6.67 10.05 5.92
CA ASN A 25 7.30 9.51 7.11
C ASN A 25 6.18 8.88 7.95
N ILE A 26 6.48 7.79 8.65
CA ILE A 26 5.46 7.10 9.41
C ILE A 26 5.07 7.85 10.67
N ARG A 27 3.76 8.04 10.87
CA ARG A 27 3.26 8.65 12.12
C ARG A 27 2.44 7.62 12.90
N ASN A 28 1.60 6.84 12.23
CA ASN A 28 0.85 5.78 12.90
C ASN A 28 1.21 4.45 12.27
N MET A 29 2.21 3.78 12.83
CA MET A 29 2.70 2.52 12.25
C MET A 29 1.64 1.42 12.22
N VAL A 30 0.83 1.35 13.25
CA VAL A 30 -0.19 0.29 13.33
C VAL A 30 -1.18 0.46 12.20
N ALA A 31 -1.63 1.67 11.93
CA ALA A 31 -2.56 1.89 10.82
C ALA A 31 -1.90 1.61 9.45
N VAL A 32 -0.62 1.91 9.31
CA VAL A 32 0.07 1.61 8.05
C VAL A 32 0.07 0.11 7.88
N LEU A 33 0.34 -0.62 8.95
CA LEU A 33 0.33 -2.08 8.88
C LEU A 33 -1.06 -2.61 8.51
N GLU A 34 -2.12 -1.98 9.02
CA GLU A 34 -3.47 -2.39 8.67
C GLU A 34 -3.73 -2.17 7.17
N VAL A 35 -3.24 -1.06 6.64
CA VAL A 35 -3.40 -0.77 5.23
C VAL A 35 -2.66 -1.86 4.45
N ILE A 36 -1.47 -2.23 4.88
CA ILE A 36 -0.71 -3.27 4.18
C ILE A 36 -1.51 -4.58 4.22
N SER A 37 -2.05 -4.95 5.39
CA SER A 37 -2.83 -6.19 5.49
C SER A 37 -4.08 -6.16 4.60
N SER A 38 -4.67 -4.98 4.46
CA SER A 38 -5.87 -4.81 3.65
C SER A 38 -5.52 -5.03 2.16
N LEU A 39 -4.39 -4.49 1.71
CA LEU A 39 -4.00 -4.66 0.31
C LEU A 39 -3.61 -6.09 0.00
N GLU A 40 -3.07 -6.82 0.98
CA GLU A 40 -2.70 -8.22 0.78
C GLU A 40 -3.95 -9.10 0.63
N LYS A 41 -5.04 -8.74 1.31
CA LYS A 41 -6.31 -9.49 1.23
C LYS A 41 -7.25 -9.01 0.11
N TYR A 42 -7.08 -7.77 -0.30
CA TYR A 42 -7.97 -7.16 -1.28
C TYR A 42 -7.17 -6.65 -2.45
N PRO A 43 -6.88 -7.51 -3.44
CA PRO A 43 -6.02 -7.09 -4.55
C PRO A 43 -6.65 -6.02 -5.44
N ILE A 44 -5.95 -4.90 -5.51
CA ILE A 44 -6.36 -3.79 -6.34
C ILE A 44 -6.01 -4.11 -7.80
N THR A 45 -6.79 -3.59 -8.73
CA THR A 45 -6.60 -3.81 -10.16
C THR A 45 -5.66 -2.76 -10.70
N LYS A 46 -5.11 -2.96 -11.91
CA LYS A 46 -4.19 -2.01 -12.51
C LYS A 46 -4.83 -0.62 -12.67
N GLU A 47 -6.06 -0.60 -13.13
CA GLU A 47 -6.76 0.67 -13.36
C GLU A 47 -6.96 1.42 -12.03
N ALA A 48 -7.45 0.74 -11.02
CA ALA A 48 -7.67 1.37 -9.73
C ALA A 48 -6.33 1.78 -9.07
N LEU A 49 -5.27 1.05 -9.39
CA LEU A 49 -3.92 1.33 -8.87
C LEU A 49 -3.38 2.62 -9.48
N GLU A 50 -3.71 2.88 -10.75
CA GLU A 50 -3.28 4.10 -11.41
C GLU A 50 -3.98 5.31 -10.79
N GLU A 51 -5.27 5.16 -10.50
CA GLU A 51 -6.09 6.21 -9.91
C GLU A 51 -5.67 6.54 -8.49
N THR A 52 -5.39 5.51 -7.70
CA THR A 52 -4.99 5.67 -6.29
C THR A 52 -3.49 6.01 -6.11
N ARG A 53 -2.72 5.72 -7.16
CA ARG A 53 -1.26 5.93 -7.21
C ARG A 53 -0.57 5.20 -6.05
N LEU A 54 -1.25 4.19 -5.56
CA LEU A 54 -0.80 3.46 -4.39
C LEU A 54 0.56 2.82 -4.62
N GLY A 55 0.86 2.48 -5.88
CA GLY A 55 2.16 1.90 -6.18
C GLY A 55 3.30 2.85 -5.84
N LYS A 56 3.07 4.14 -6.09
CA LYS A 56 4.06 5.19 -5.79
C LYS A 56 4.14 5.44 -4.26
N LEU A 57 2.97 5.48 -3.61
CA LEU A 57 2.89 5.69 -2.16
C LEU A 57 3.54 4.58 -1.35
N ILE A 58 3.26 3.33 -1.70
CA ILE A 58 3.84 2.20 -0.99
C ILE A 58 5.36 2.18 -1.22
N ASN A 59 5.80 2.64 -2.40
CA ASN A 59 7.24 2.69 -2.69
C ASN A 59 7.91 3.68 -1.75
N ASP A 60 7.30 4.84 -1.60
CA ASP A 60 7.84 5.89 -0.72
C ASP A 60 7.82 5.39 0.73
N VAL A 61 6.70 4.86 1.18
CA VAL A 61 6.58 4.35 2.55
C VAL A 61 7.66 3.29 2.84
N ARG A 62 7.92 2.41 1.86
CA ARG A 62 8.93 1.36 2.01
C ARG A 62 10.34 1.91 2.21
N LYS A 63 10.66 3.04 1.59
CA LYS A 63 12.01 3.61 1.72
C LYS A 63 12.12 4.58 2.90
N LYS A 64 10.99 5.05 3.40
CA LYS A 64 10.96 5.98 4.55
C LYS A 64 10.92 5.24 5.90
N THR A 65 10.25 4.09 5.93
CA THR A 65 10.17 3.30 7.13
C THR A 65 11.49 2.59 7.36
N LYS A 66 11.84 2.44 8.63
CA LYS A 66 13.08 1.74 9.02
C LYS A 66 12.71 0.36 9.57
N ASN A 67 11.43 0.05 9.49
CA ASN A 67 10.90 -1.24 9.96
C ASN A 67 11.04 -2.26 8.82
N GLU A 68 11.96 -3.19 8.97
CA GLU A 68 12.22 -4.20 7.95
C GLU A 68 11.00 -5.06 7.61
N GLU A 69 10.11 -5.37 8.54
CA GLU A 69 8.98 -6.26 8.26
C GLU A 69 7.99 -5.54 7.37
N LEU A 70 7.76 -4.28 7.68
CA LEU A 70 6.84 -3.44 6.87
C LEU A 70 7.44 -3.35 5.48
N ALA A 71 8.74 -3.08 5.41
CA ALA A 71 9.44 -2.98 4.14
C ALA A 71 9.36 -4.31 3.36
N LYS A 72 9.55 -5.43 4.05
CA LYS A 72 9.46 -6.77 3.44
C LYS A 72 8.06 -7.04 2.88
N ARG A 73 7.01 -6.64 3.60
CA ARG A 73 5.63 -6.85 3.12
C ARG A 73 5.33 -5.90 1.99
N ALA A 74 5.76 -4.66 2.12
CA ALA A 74 5.57 -3.68 1.07
C ALA A 74 6.25 -4.17 -0.21
N LYS A 75 7.43 -4.79 -0.10
CA LYS A 75 8.11 -5.33 -1.28
C LYS A 75 7.30 -6.44 -1.93
N LYS A 76 6.62 -7.26 -1.13
CA LYS A 76 5.81 -8.34 -1.69
C LYS A 76 4.67 -7.74 -2.50
N LEU A 77 3.99 -6.75 -1.93
CA LEU A 77 2.91 -6.07 -2.65
C LEU A 77 3.42 -5.43 -3.93
N LEU A 78 4.52 -4.68 -3.85
CA LEU A 78 5.07 -3.99 -5.01
C LEU A 78 5.53 -4.98 -6.08
N ARG A 79 6.05 -6.13 -5.71
CA ARG A 79 6.47 -7.14 -6.69
C ARG A 79 5.27 -7.66 -7.45
N SER A 80 4.15 -7.85 -6.74
CA SER A 80 2.93 -8.30 -7.40
C SER A 80 2.44 -7.21 -8.35
N TRP A 81 2.42 -5.98 -7.86
CA TRP A 81 1.93 -4.83 -8.61
C TRP A 81 2.77 -4.54 -9.86
N GLN A 82 4.07 -4.76 -9.80
CA GLN A 82 4.93 -4.54 -10.96
C GLN A 82 4.50 -5.49 -12.10
N LYS A 83 4.14 -6.74 -11.77
CA LYS A 83 3.70 -7.66 -12.81
C LYS A 83 2.25 -7.35 -13.24
N LEU A 84 1.47 -6.79 -12.34
CA LEU A 84 0.09 -6.41 -12.62
C LEU A 84 0.06 -5.22 -13.57
N ILE A 85 1.05 -4.32 -13.46
CA ILE A 85 1.17 -3.17 -14.35
C ILE A 85 1.77 -3.60 -15.69
N GLU A 86 2.75 -4.51 -15.64
CA GLU A 86 3.51 -4.98 -16.80
C GLU A 86 4.13 -3.81 -17.58
N PRO A 87 5.14 -3.13 -16.99
CA PRO A 87 5.73 -2.01 -17.71
C PRO A 87 6.59 -2.46 -18.90
N ALA A 88 6.56 -1.65 -19.96
CA ALA A 88 7.30 -1.97 -21.18
C ALA A 88 8.77 -1.48 -21.06
N GLY A 89 9.10 -0.84 -19.94
CA GLY A 89 10.43 -0.32 -19.72
C GLY A 89 10.49 0.52 -18.47
N SER A 90 11.62 1.20 -18.27
CA SER A 90 11.88 2.07 -17.09
C SER A 90 11.86 1.24 -15.80
N SER A 1 -6.57 -6.95 10.77
CA SER A 1 -7.47 -7.52 11.82
C SER A 1 -8.19 -8.75 11.30
N MET A 2 -8.55 -9.64 12.19
CA MET A 2 -9.27 -10.85 11.80
C MET A 2 -10.68 -10.46 11.42
N THR A 3 -11.26 -11.21 10.47
CA THR A 3 -12.64 -10.99 10.00
C THR A 3 -12.95 -9.51 9.69
N ALA A 4 -11.95 -8.81 9.15
CA ALA A 4 -12.13 -7.41 8.79
C ALA A 4 -13.07 -7.28 7.58
N ALA A 5 -13.93 -6.28 7.62
CA ALA A 5 -14.85 -6.00 6.53
C ALA A 5 -14.07 -5.39 5.34
N PRO A 6 -14.59 -5.57 4.11
CA PRO A 6 -13.89 -4.96 2.97
C PRO A 6 -14.03 -3.44 2.88
N ALA A 7 -13.14 -2.82 2.12
CA ALA A 7 -13.18 -1.38 1.87
C ALA A 7 -12.84 -1.16 0.37
N SER A 8 -13.25 -0.04 -0.20
CA SER A 8 -12.94 0.25 -1.60
C SER A 8 -11.45 0.59 -1.69
N PRO A 9 -10.83 0.46 -2.88
CA PRO A 9 -9.41 0.82 -2.91
C PRO A 9 -9.12 2.28 -2.60
N GLN A 10 -10.08 3.16 -2.89
CA GLN A 10 -9.92 4.59 -2.60
C GLN A 10 -9.89 4.80 -1.08
N GLN A 11 -10.68 4.02 -0.35
CA GLN A 11 -10.71 4.12 1.12
C GLN A 11 -9.43 3.58 1.72
N ILE A 12 -8.94 2.48 1.17
CA ILE A 12 -7.70 1.87 1.65
C ILE A 12 -6.57 2.88 1.42
N ARG A 13 -6.57 3.52 0.25
CA ARG A 13 -5.60 4.59 -0.06
C ARG A 13 -5.72 5.70 0.98
N ASP A 14 -6.93 6.09 1.31
CA ASP A 14 -7.15 7.16 2.28
C ASP A 14 -6.64 6.83 3.67
N ARG A 15 -6.84 5.59 4.12
CA ARG A 15 -6.34 5.15 5.43
C ARG A 15 -4.82 5.29 5.52
N LEU A 16 -4.14 5.13 4.39
CA LEU A 16 -2.70 5.28 4.37
C LEU A 16 -2.33 6.74 4.53
N LEU A 17 -3.04 7.61 3.85
CA LEU A 17 -2.75 9.05 3.90
C LEU A 17 -2.99 9.61 5.30
N GLN A 18 -3.96 9.03 6.02
CA GLN A 18 -4.25 9.44 7.38
C GLN A 18 -3.20 8.89 8.35
N ALA A 19 -2.40 7.95 7.88
CA ALA A 19 -1.41 7.28 8.72
C ALA A 19 0.02 7.82 8.51
N ILE A 20 0.21 8.60 7.46
CA ILE A 20 1.53 9.16 7.14
C ILE A 20 1.45 10.69 6.98
N ASP A 21 2.60 11.32 6.97
CA ASP A 21 2.71 12.76 6.73
C ASP A 21 2.85 12.97 5.21
N PRO A 22 2.51 14.16 4.66
CA PRO A 22 2.82 14.32 3.23
C PRO A 22 4.30 14.15 2.89
N GLN A 23 5.17 14.31 3.88
CA GLN A 23 6.61 14.05 3.71
C GLN A 23 6.92 12.56 3.80
N SER A 24 5.89 11.73 3.75
CA SER A 24 5.96 10.25 3.87
C SER A 24 6.46 9.76 5.23
N ASN A 25 6.58 10.65 6.19
CA ASN A 25 7.01 10.27 7.53
C ASN A 25 5.89 9.49 8.17
N ILE A 26 6.22 8.45 8.93
CA ILE A 26 5.20 7.63 9.55
C ILE A 26 4.63 8.37 10.75
N ARG A 27 3.32 8.44 10.83
CA ARG A 27 2.64 9.10 11.96
C ARG A 27 1.87 8.08 12.80
N ASN A 28 1.30 7.08 12.14
CA ASN A 28 0.58 6.01 12.83
C ASN A 28 1.04 4.66 12.26
N MET A 29 2.09 4.11 12.83
CA MET A 29 2.67 2.86 12.33
C MET A 29 1.65 1.72 12.32
N VAL A 30 0.81 1.64 13.34
CA VAL A 30 -0.16 0.54 13.41
C VAL A 30 -1.11 0.60 12.22
N ALA A 31 -1.57 1.80 11.90
CA ALA A 31 -2.50 1.97 10.79
C ALA A 31 -1.80 1.67 9.46
N VAL A 32 -0.54 2.07 9.29
CA VAL A 32 0.20 1.75 8.05
C VAL A 32 0.28 0.23 7.90
N LEU A 33 0.57 -0.49 8.98
CA LEU A 33 0.63 -1.94 8.93
C LEU A 33 -0.70 -2.58 8.57
N GLU A 34 -1.79 -2.06 9.11
CA GLU A 34 -3.13 -2.56 8.75
C GLU A 34 -3.44 -2.27 7.28
N VAL A 35 -2.98 -1.15 6.75
CA VAL A 35 -3.19 -0.87 5.32
C VAL A 35 -2.47 -1.91 4.49
N ILE A 36 -1.26 -2.26 4.87
CA ILE A 36 -0.51 -3.29 4.13
C ILE A 36 -1.31 -4.59 4.16
N SER A 37 -1.74 -5.03 5.34
CA SER A 37 -2.53 -6.27 5.44
C SER A 37 -3.87 -6.16 4.68
N SER A 38 -4.46 -4.97 4.64
CA SER A 38 -5.73 -4.76 3.93
C SER A 38 -5.50 -4.91 2.43
N LEU A 39 -4.37 -4.44 1.93
CA LEU A 39 -4.06 -4.57 0.50
C LEU A 39 -3.70 -6.01 0.17
N GLU A 40 -3.05 -6.68 1.10
CA GLU A 40 -2.69 -8.08 0.91
C GLU A 40 -3.96 -8.96 0.85
N LYS A 41 -5.00 -8.56 1.58
CA LYS A 41 -6.28 -9.28 1.57
C LYS A 41 -7.19 -8.84 0.43
N TYR A 42 -7.14 -7.56 0.09
CA TYR A 42 -7.96 -6.97 -0.96
C TYR A 42 -7.06 -6.43 -2.07
N PRO A 43 -6.76 -7.26 -3.09
CA PRO A 43 -5.86 -6.77 -4.14
C PRO A 43 -6.45 -5.70 -5.04
N ILE A 44 -5.82 -4.54 -5.04
CA ILE A 44 -6.18 -3.43 -5.92
C ILE A 44 -5.77 -3.83 -7.34
N THR A 45 -6.47 -3.32 -8.35
CA THR A 45 -6.18 -3.64 -9.75
C THR A 45 -5.30 -2.57 -10.41
N LYS A 46 -4.74 -2.85 -11.58
CA LYS A 46 -3.90 -1.87 -12.29
C LYS A 46 -4.58 -0.49 -12.44
N GLU A 47 -5.81 -0.48 -12.94
CA GLU A 47 -6.55 0.76 -13.21
C GLU A 47 -6.78 1.55 -11.95
N ALA A 48 -7.17 0.86 -10.89
CA ALA A 48 -7.38 1.50 -9.63
C ALA A 48 -6.05 1.98 -9.04
N LEU A 49 -4.97 1.26 -9.34
CA LEU A 49 -3.65 1.65 -8.87
C LEU A 49 -3.22 2.96 -9.53
N GLU A 50 -3.66 3.19 -10.75
CA GLU A 50 -3.34 4.43 -11.46
C GLU A 50 -4.10 5.60 -10.83
N GLU A 51 -5.36 5.36 -10.50
CA GLU A 51 -6.21 6.36 -9.84
C GLU A 51 -5.71 6.70 -8.42
N THR A 52 -5.45 5.68 -7.62
CA THR A 52 -5.05 5.85 -6.21
C THR A 52 -3.58 6.22 -6.03
N ARG A 53 -2.79 5.95 -7.06
CA ARG A 53 -1.32 6.16 -7.08
C ARG A 53 -0.63 5.39 -5.95
N LEU A 54 -1.28 4.33 -5.47
CA LEU A 54 -0.78 3.57 -4.32
C LEU A 54 0.60 2.97 -4.55
N GLY A 55 0.91 2.60 -5.80
CA GLY A 55 2.22 2.04 -6.10
C GLY A 55 3.35 3.00 -5.72
N LYS A 56 3.12 4.30 -5.90
CA LYS A 56 4.15 5.29 -5.54
C LYS A 56 4.22 5.46 -4.02
N LEU A 57 3.07 5.51 -3.38
CA LEU A 57 2.99 5.70 -1.93
C LEU A 57 3.67 4.57 -1.19
N ILE A 58 3.33 3.34 -1.54
CA ILE A 58 3.89 2.16 -0.88
C ILE A 58 5.41 2.12 -1.07
N ASN A 59 5.89 2.50 -2.25
CA ASN A 59 7.32 2.47 -2.49
C ASN A 59 8.08 3.50 -1.66
N ASP A 60 7.46 4.63 -1.38
CA ASP A 60 8.13 5.65 -0.56
C ASP A 60 8.10 5.23 0.92
N VAL A 61 6.98 4.66 1.37
CA VAL A 61 6.90 4.15 2.73
C VAL A 61 7.93 3.03 2.91
N ARG A 62 8.12 2.23 1.89
CA ARG A 62 9.10 1.13 1.90
C ARG A 62 10.55 1.62 2.10
N LYS A 63 10.89 2.78 1.56
CA LYS A 63 12.25 3.33 1.73
C LYS A 63 12.38 4.18 2.99
N LYS A 64 11.26 4.67 3.53
CA LYS A 64 11.29 5.50 4.73
C LYS A 64 11.30 4.64 5.99
N THR A 65 10.59 3.53 5.96
CA THR A 65 10.46 2.68 7.13
C THR A 65 11.77 2.02 7.55
N LYS A 66 11.91 1.80 8.85
CA LYS A 66 13.08 1.10 9.41
C LYS A 66 12.65 -0.31 9.79
N ASN A 67 11.34 -0.53 9.78
CA ASN A 67 10.79 -1.85 10.11
C ASN A 67 11.01 -2.77 8.90
N GLU A 68 11.97 -3.66 9.03
CA GLU A 68 12.31 -4.59 7.97
C GLU A 68 11.10 -5.43 7.50
N GLU A 69 10.22 -5.79 8.42
CA GLU A 69 9.04 -6.57 8.04
C GLU A 69 8.16 -5.78 7.11
N LEU A 70 7.98 -4.50 7.39
CA LEU A 70 7.11 -3.64 6.58
C LEU A 70 7.75 -3.56 5.22
N ALA A 71 9.06 -3.38 5.18
CA ALA A 71 9.79 -3.27 3.92
C ALA A 71 9.61 -4.54 3.08
N LYS A 72 9.61 -5.70 3.73
CA LYS A 72 9.40 -6.98 3.04
C LYS A 72 7.96 -7.13 2.51
N ARG A 73 6.97 -6.82 3.32
CA ARG A 73 5.57 -6.92 2.87
C ARG A 73 5.29 -5.92 1.77
N ALA A 74 5.84 -4.72 1.88
CA ALA A 74 5.69 -3.72 0.85
C ALA A 74 6.33 -4.19 -0.45
N LYS A 75 7.50 -4.83 -0.35
CA LYS A 75 8.17 -5.35 -1.55
C LYS A 75 7.34 -6.48 -2.19
N LYS A 76 6.72 -7.32 -1.37
CA LYS A 76 5.81 -8.38 -1.84
C LYS A 76 4.64 -7.75 -2.60
N LEU A 77 4.01 -6.73 -2.02
CA LEU A 77 2.91 -6.06 -2.69
C LEU A 77 3.34 -5.42 -3.98
N LEU A 78 4.47 -4.74 -3.95
CA LEU A 78 4.97 -4.09 -5.16
C LEU A 78 5.28 -5.09 -6.25
N ARG A 79 5.75 -6.28 -5.89
CA ARG A 79 6.07 -7.30 -6.89
C ARG A 79 4.80 -7.75 -7.60
N SER A 80 3.71 -7.84 -6.85
CA SER A 80 2.41 -8.20 -7.42
C SER A 80 1.92 -7.06 -8.31
N TRP A 81 2.14 -5.84 -7.86
CA TRP A 81 1.72 -4.66 -8.63
C TRP A 81 2.54 -4.51 -9.91
N GLN A 82 3.78 -4.96 -9.93
CA GLN A 82 4.56 -4.96 -11.17
C GLN A 82 3.90 -5.91 -12.17
N LYS A 83 3.40 -7.04 -11.68
CA LYS A 83 2.74 -8.00 -12.58
C LYS A 83 1.40 -7.45 -13.07
N LEU A 84 0.77 -6.62 -12.27
CA LEU A 84 -0.49 -5.97 -12.65
C LEU A 84 -0.29 -4.97 -13.77
N ILE A 85 0.78 -4.19 -13.69
CA ILE A 85 1.02 -3.15 -14.67
C ILE A 85 1.59 -3.74 -15.98
N GLU A 86 2.55 -4.65 -15.85
CA GLU A 86 3.27 -5.28 -16.99
C GLU A 86 3.25 -4.47 -18.31
N PRO A 87 4.03 -3.38 -18.36
CA PRO A 87 4.03 -2.57 -19.57
C PRO A 87 4.81 -3.19 -20.71
N ALA A 88 4.51 -2.72 -21.91
CA ALA A 88 5.21 -3.17 -23.11
C ALA A 88 6.67 -2.67 -23.01
N GLY A 89 7.56 -3.37 -23.67
CA GLY A 89 8.99 -3.02 -23.64
C GLY A 89 9.67 -3.96 -24.63
N SER A 90 10.98 -4.06 -24.58
CA SER A 90 11.76 -4.93 -25.47
C SER A 90 13.01 -5.27 -24.69
N SER A 1 -18.09 -7.38 15.06
CA SER A 1 -16.71 -6.91 14.94
C SER A 1 -15.90 -7.94 14.20
N MET A 2 -14.66 -7.61 13.86
CA MET A 2 -13.74 -8.55 13.14
C MET A 2 -14.36 -9.08 11.83
N THR A 3 -15.13 -8.25 11.16
CA THR A 3 -15.78 -8.60 9.90
C THR A 3 -14.79 -8.87 8.77
N ALA A 4 -13.73 -8.08 8.74
CA ALA A 4 -12.68 -8.20 7.73
C ALA A 4 -13.22 -8.19 6.29
N ALA A 5 -14.29 -7.45 6.06
CA ALA A 5 -14.91 -7.34 4.73
C ALA A 5 -14.12 -6.34 3.87
N PRO A 6 -14.20 -6.47 2.53
CA PRO A 6 -13.49 -5.49 1.68
C PRO A 6 -13.99 -4.05 1.74
N ALA A 7 -13.09 -3.13 1.42
CA ALA A 7 -13.41 -1.72 1.39
C ALA A 7 -12.93 -1.21 0.04
N SER A 8 -13.44 -0.06 -0.37
CA SER A 8 -13.11 0.51 -1.66
C SER A 8 -11.63 0.89 -1.71
N PRO A 9 -11.00 0.73 -2.89
CA PRO A 9 -9.55 1.01 -2.95
C PRO A 9 -9.18 2.43 -2.57
N GLN A 10 -10.07 3.40 -2.80
CA GLN A 10 -9.77 4.77 -2.40
C GLN A 10 -9.83 4.95 -0.88
N GLN A 11 -10.68 4.20 -0.18
CA GLN A 11 -10.77 4.28 1.29
C GLN A 11 -9.50 3.70 1.89
N ILE A 12 -8.95 2.66 1.27
CA ILE A 12 -7.70 2.05 1.75
C ILE A 12 -6.54 3.03 1.52
N ARG A 13 -6.53 3.65 0.35
CA ARG A 13 -5.52 4.66 0.03
C ARG A 13 -5.66 5.83 1.02
N ASP A 14 -6.87 6.25 1.33
CA ASP A 14 -7.07 7.37 2.26
C ASP A 14 -6.59 7.02 3.67
N ARG A 15 -6.87 5.78 4.10
CA ARG A 15 -6.38 5.32 5.40
C ARG A 15 -4.87 5.40 5.49
N LEU A 16 -4.20 5.08 4.40
CA LEU A 16 -2.76 5.22 4.34
C LEU A 16 -2.35 6.66 4.52
N LEU A 17 -3.04 7.55 3.83
CA LEU A 17 -2.69 8.97 3.85
C LEU A 17 -2.85 9.58 5.24
N GLN A 18 -3.82 9.06 5.98
CA GLN A 18 -4.03 9.55 7.34
C GLN A 18 -3.02 8.95 8.32
N ALA A 19 -2.30 7.93 7.89
CA ALA A 19 -1.37 7.20 8.76
C ALA A 19 0.08 7.57 8.47
N ILE A 20 0.34 8.36 7.43
CA ILE A 20 1.68 8.79 7.08
C ILE A 20 1.67 10.30 6.98
N ASP A 21 2.86 10.86 7.03
CA ASP A 21 3.04 12.26 6.84
C ASP A 21 3.02 12.54 5.32
N PRO A 22 2.74 13.78 4.88
CA PRO A 22 2.87 14.01 3.44
C PRO A 22 4.30 13.83 2.91
N GLN A 23 5.26 13.76 3.82
CA GLN A 23 6.65 13.48 3.55
C GLN A 23 6.90 11.97 3.57
N SER A 24 5.82 11.18 3.58
CA SER A 24 5.81 9.72 3.60
C SER A 24 6.40 9.05 4.85
N ASN A 25 6.76 9.85 5.83
CA ASN A 25 7.27 9.32 7.09
C ASN A 25 6.11 8.75 7.87
N ILE A 26 6.37 7.83 8.76
CA ILE A 26 5.29 7.18 9.50
C ILE A 26 4.71 8.13 10.58
N ARG A 27 3.38 8.19 10.67
CA ARG A 27 2.69 8.93 11.71
C ARG A 27 1.93 8.01 12.66
N ASN A 28 1.29 6.99 12.11
CA ASN A 28 0.58 5.98 12.91
C ASN A 28 0.98 4.58 12.44
N MET A 29 1.98 4.00 13.11
CA MET A 29 2.55 2.72 12.68
C MET A 29 1.53 1.60 12.56
N VAL A 30 0.58 1.50 13.49
CA VAL A 30 -0.43 0.45 13.46
C VAL A 30 -1.29 0.53 12.21
N ALA A 31 -1.81 1.72 11.92
CA ALA A 31 -2.69 1.91 10.78
C ALA A 31 -1.96 1.67 9.43
N VAL A 32 -0.69 2.01 9.36
CA VAL A 32 0.09 1.75 8.14
C VAL A 32 0.17 0.23 7.96
N LEU A 33 0.41 -0.51 9.04
CA LEU A 33 0.52 -1.97 8.93
C LEU A 33 -0.80 -2.61 8.54
N GLU A 34 -1.88 -2.02 9.02
CA GLU A 34 -3.20 -2.50 8.68
C GLU A 34 -3.47 -2.32 7.19
N VAL A 35 -3.04 -1.21 6.60
CA VAL A 35 -3.21 -0.97 5.15
C VAL A 35 -2.46 -2.02 4.38
N ILE A 36 -1.26 -2.37 4.82
CA ILE A 36 -0.50 -3.43 4.18
C ILE A 36 -1.27 -4.74 4.28
N SER A 37 -1.74 -5.08 5.48
CA SER A 37 -2.51 -6.32 5.66
C SER A 37 -3.78 -6.31 4.81
N SER A 38 -4.39 -5.16 4.65
CA SER A 38 -5.65 -5.05 3.89
C SER A 38 -5.38 -5.26 2.40
N LEU A 39 -4.34 -4.65 1.89
CA LEU A 39 -4.02 -4.77 0.46
C LEU A 39 -3.48 -6.14 0.13
N GLU A 40 -2.88 -6.81 1.09
CA GLU A 40 -2.46 -8.19 0.88
C GLU A 40 -3.66 -9.12 0.71
N LYS A 41 -4.81 -8.75 1.28
CA LYS A 41 -6.06 -9.52 1.17
C LYS A 41 -6.97 -9.04 0.03
N TYR A 42 -7.00 -7.75 -0.21
CA TYR A 42 -7.90 -7.14 -1.21
C TYR A 42 -7.12 -6.66 -2.44
N PRO A 43 -7.09 -7.48 -3.52
CA PRO A 43 -6.34 -6.99 -4.67
C PRO A 43 -6.99 -5.81 -5.37
N ILE A 44 -6.22 -4.73 -5.51
CA ILE A 44 -6.65 -3.56 -6.26
C ILE A 44 -6.41 -3.89 -7.72
N THR A 45 -7.18 -3.27 -8.62
CA THR A 45 -6.96 -3.46 -10.07
C THR A 45 -6.02 -2.34 -10.55
N LYS A 46 -5.40 -2.54 -11.71
CA LYS A 46 -4.43 -1.58 -12.25
C LYS A 46 -5.06 -0.21 -12.53
N GLU A 47 -6.31 -0.19 -12.95
CA GLU A 47 -7.02 1.07 -13.22
C GLU A 47 -7.09 1.93 -11.94
N ALA A 48 -7.52 1.31 -10.85
CA ALA A 48 -7.62 2.02 -9.58
C ALA A 48 -6.23 2.30 -8.98
N LEU A 49 -5.29 1.43 -9.25
CA LEU A 49 -3.92 1.58 -8.75
C LEU A 49 -3.26 2.84 -9.30
N GLU A 50 -3.54 3.15 -10.55
CA GLU A 50 -2.99 4.37 -11.14
C GLU A 50 -3.59 5.59 -10.47
N GLU A 51 -4.90 5.63 -10.38
CA GLU A 51 -5.58 6.79 -9.76
C GLU A 51 -5.18 6.98 -8.28
N THR A 52 -5.09 5.89 -7.55
CA THR A 52 -4.71 5.98 -6.14
C THR A 52 -3.24 6.27 -5.96
N ARG A 53 -2.44 6.01 -6.99
CA ARG A 53 -0.99 6.21 -6.97
C ARG A 53 -0.40 5.39 -5.83
N LEU A 54 -1.10 4.32 -5.46
CA LEU A 54 -0.73 3.50 -4.32
C LEU A 54 0.63 2.85 -4.55
N GLY A 55 0.93 2.49 -5.79
CA GLY A 55 2.22 1.91 -6.09
C GLY A 55 3.37 2.86 -5.75
N LYS A 56 3.19 4.15 -5.96
CA LYS A 56 4.22 5.12 -5.66
C LYS A 56 4.27 5.32 -4.14
N LEU A 57 3.12 5.42 -3.51
CA LEU A 57 3.03 5.63 -2.07
C LEU A 57 3.70 4.50 -1.27
N ILE A 58 3.36 3.25 -1.61
CA ILE A 58 3.92 2.10 -0.90
C ILE A 58 5.43 2.07 -1.06
N ASN A 59 5.93 2.38 -2.27
CA ASN A 59 7.36 2.35 -2.50
C ASN A 59 8.09 3.51 -1.80
N ASP A 60 7.43 4.63 -1.54
CA ASP A 60 8.08 5.75 -0.86
C ASP A 60 8.09 5.42 0.64
N VAL A 61 6.95 4.99 1.17
CA VAL A 61 6.87 4.58 2.58
C VAL A 61 7.88 3.45 2.88
N ARG A 62 8.06 2.54 1.94
CA ARG A 62 9.06 1.46 2.04
C ARG A 62 10.50 2.01 2.32
N LYS A 63 10.81 3.23 1.86
CA LYS A 63 12.11 3.82 2.08
C LYS A 63 12.18 4.65 3.36
N LYS A 64 11.05 5.13 3.86
CA LYS A 64 11.02 5.95 5.09
C LYS A 64 10.87 5.14 6.36
N THR A 65 10.30 3.94 6.24
CA THR A 65 10.05 3.13 7.41
C THR A 65 11.33 2.61 8.06
N LYS A 66 11.31 2.59 9.38
CA LYS A 66 12.44 2.05 10.17
C LYS A 66 12.31 0.52 10.30
N ASN A 67 11.12 0.01 10.02
CA ASN A 67 10.81 -1.41 10.23
C ASN A 67 11.06 -2.18 8.97
N GLU A 68 12.10 -3.01 9.01
CA GLU A 68 12.47 -3.88 7.90
C GLU A 68 11.34 -4.79 7.48
N GLU A 69 10.53 -5.19 8.44
CA GLU A 69 9.41 -6.07 8.13
C GLU A 69 8.43 -5.38 7.23
N LEU A 70 8.22 -4.08 7.46
CA LEU A 70 7.31 -3.31 6.63
C LEU A 70 7.89 -3.25 5.20
N ALA A 71 9.18 -2.99 5.08
CA ALA A 71 9.84 -2.93 3.82
C ALA A 71 9.80 -4.27 3.05
N LYS A 72 9.88 -5.38 3.81
CA LYS A 72 9.78 -6.70 3.18
C LYS A 72 8.38 -6.91 2.63
N ARG A 73 7.37 -6.63 3.46
CA ARG A 73 5.97 -6.79 3.01
C ARG A 73 5.60 -5.83 1.86
N ALA A 74 6.08 -4.60 1.94
CA ALA A 74 5.87 -3.63 0.90
C ALA A 74 6.45 -4.12 -0.42
N LYS A 75 7.67 -4.68 -0.38
CA LYS A 75 8.29 -5.22 -1.61
C LYS A 75 7.48 -6.40 -2.18
N LYS A 76 6.91 -7.23 -1.32
CA LYS A 76 6.08 -8.37 -1.76
C LYS A 76 4.90 -7.77 -2.53
N LEU A 77 4.24 -6.80 -1.91
CA LEU A 77 3.05 -6.17 -2.48
C LEU A 77 3.36 -5.50 -3.82
N LEU A 78 4.44 -4.74 -3.90
CA LEU A 78 4.84 -4.08 -5.15
C LEU A 78 5.15 -5.05 -6.24
N ARG A 79 5.69 -6.22 -5.88
CA ARG A 79 6.00 -7.22 -6.88
C ARG A 79 4.70 -7.77 -7.47
N SER A 80 3.68 -7.97 -6.64
CA SER A 80 2.38 -8.41 -7.12
C SER A 80 1.78 -7.31 -8.00
N TRP A 81 1.95 -6.06 -7.61
CA TRP A 81 1.42 -4.96 -8.41
C TRP A 81 2.09 -4.83 -9.75
N GLN A 82 3.37 -5.18 -9.88
CA GLN A 82 4.00 -5.18 -11.22
C GLN A 82 3.35 -6.22 -12.12
N LYS A 83 3.08 -7.37 -11.53
CA LYS A 83 2.46 -8.49 -12.26
C LYS A 83 1.02 -8.15 -12.62
N LEU A 84 0.39 -7.31 -11.82
CA LEU A 84 -0.96 -6.83 -12.07
C LEU A 84 -1.02 -5.77 -13.19
N ILE A 85 -0.02 -4.90 -13.24
CA ILE A 85 0.01 -3.83 -14.23
C ILE A 85 0.31 -4.36 -15.61
N GLU A 86 1.25 -5.28 -15.70
CA GLU A 86 1.74 -5.81 -16.98
C GLU A 86 2.21 -4.69 -17.90
N PRO A 87 3.39 -4.09 -17.64
CA PRO A 87 3.86 -2.98 -18.48
C PRO A 87 4.40 -3.42 -19.87
N ALA A 88 4.24 -4.70 -20.20
CA ALA A 88 4.73 -5.23 -21.50
C ALA A 88 6.25 -4.96 -21.72
N GLY A 89 6.66 -4.82 -22.96
CA GLY A 89 8.04 -4.52 -23.30
C GLY A 89 8.11 -4.22 -24.76
N SER A 90 9.33 -4.00 -25.25
CA SER A 90 9.58 -3.72 -26.67
C SER A 90 9.46 -4.96 -27.53
N SER A 1 -11.53 -14.31 15.46
CA SER A 1 -10.74 -13.07 15.23
C SER A 1 -11.64 -11.94 14.76
N MET A 2 -11.06 -10.78 14.54
CA MET A 2 -11.81 -9.61 14.09
C MET A 2 -12.36 -9.89 12.70
N THR A 3 -13.59 -9.50 12.45
CA THR A 3 -14.21 -9.74 11.16
C THR A 3 -13.81 -8.69 10.16
N ALA A 4 -12.82 -9.00 9.33
CA ALA A 4 -12.38 -8.07 8.31
C ALA A 4 -13.46 -7.91 7.21
N ALA A 5 -13.58 -6.70 6.69
CA ALA A 5 -14.53 -6.44 5.61
C ALA A 5 -13.81 -5.59 4.55
N PRO A 6 -14.20 -5.77 3.28
CA PRO A 6 -13.52 -4.98 2.23
C PRO A 6 -13.89 -3.48 2.24
N ALA A 7 -13.04 -2.71 1.58
CA ALA A 7 -13.20 -1.30 1.41
C ALA A 7 -12.80 -0.95 -0.01
N SER A 8 -13.28 0.17 -0.53
CA SER A 8 -12.90 0.61 -1.86
C SER A 8 -11.39 0.93 -1.87
N PRO A 9 -10.71 0.75 -3.02
CA PRO A 9 -9.28 1.05 -3.00
C PRO A 9 -8.95 2.50 -2.69
N GLN A 10 -9.86 3.42 -3.00
CA GLN A 10 -9.61 4.80 -2.67
C GLN A 10 -9.73 4.99 -1.13
N GLN A 11 -10.60 4.23 -0.47
CA GLN A 11 -10.75 4.31 0.99
C GLN A 11 -9.51 3.77 1.64
N ILE A 12 -8.95 2.71 1.11
CA ILE A 12 -7.73 2.12 1.65
C ILE A 12 -6.59 3.14 1.51
N ARG A 13 -6.55 3.85 0.40
CA ARG A 13 -5.55 4.88 0.19
C ARG A 13 -5.73 6.01 1.21
N ASP A 14 -6.96 6.40 1.47
CA ASP A 14 -7.20 7.46 2.46
C ASP A 14 -6.70 7.04 3.84
N ARG A 15 -6.95 5.79 4.21
CA ARG A 15 -6.45 5.25 5.49
C ARG A 15 -4.91 5.39 5.56
N LEU A 16 -4.24 5.11 4.46
CA LEU A 16 -2.79 5.22 4.42
C LEU A 16 -2.33 6.64 4.59
N LEU A 17 -3.01 7.56 3.94
CA LEU A 17 -2.65 8.96 3.97
C LEU A 17 -2.87 9.52 5.35
N GLN A 18 -3.86 9.03 6.07
CA GLN A 18 -4.09 9.49 7.44
C GLN A 18 -3.12 8.84 8.43
N ALA A 19 -2.34 7.89 7.94
CA ALA A 19 -1.38 7.19 8.78
C ALA A 19 0.07 7.64 8.52
N ILE A 20 0.27 8.43 7.48
CA ILE A 20 1.61 8.95 7.13
C ILE A 20 1.62 10.46 7.09
N ASP A 21 2.81 11.03 7.17
CA ASP A 21 2.96 12.49 7.04
C ASP A 21 2.96 12.75 5.53
N PRO A 22 2.65 13.99 5.07
CA PRO A 22 2.81 14.18 3.63
C PRO A 22 4.20 13.87 3.06
N GLN A 23 5.23 13.87 3.92
CA GLN A 23 6.62 13.53 3.57
C GLN A 23 6.82 11.99 3.60
N SER A 24 5.70 11.27 3.58
CA SER A 24 5.69 9.81 3.58
C SER A 24 6.31 9.15 4.79
N ASN A 25 6.65 9.93 5.81
CA ASN A 25 7.20 9.37 7.03
C ASN A 25 6.04 8.86 7.89
N ILE A 26 6.28 7.84 8.67
CA ILE A 26 5.23 7.18 9.44
C ILE A 26 4.76 8.01 10.65
N ARG A 27 3.45 8.20 10.79
CA ARG A 27 2.92 8.85 11.99
C ARG A 27 2.16 7.83 12.85
N ASN A 28 1.49 6.88 12.22
CA ASN A 28 0.79 5.82 12.95
C ASN A 28 1.20 4.45 12.40
N MET A 29 2.18 3.82 13.05
CA MET A 29 2.65 2.50 12.59
C MET A 29 1.56 1.43 12.57
N VAL A 30 0.69 1.45 13.57
CA VAL A 30 -0.34 0.42 13.69
C VAL A 30 -1.23 0.48 12.49
N ALA A 31 -1.64 1.67 12.11
CA ALA A 31 -2.52 1.89 10.97
C ALA A 31 -1.84 1.57 9.64
N VAL A 32 -0.56 1.90 9.51
CA VAL A 32 0.12 1.61 8.22
C VAL A 32 0.19 0.09 8.00
N LEU A 33 0.52 -0.65 9.05
CA LEU A 33 0.59 -2.11 8.94
C LEU A 33 -0.81 -2.69 8.60
N GLU A 34 -1.86 -2.10 9.18
CA GLU A 34 -3.22 -2.53 8.88
C GLU A 34 -3.54 -2.30 7.40
N VAL A 35 -3.05 -1.21 6.83
CA VAL A 35 -3.28 -0.91 5.41
C VAL A 35 -2.58 -1.95 4.52
N ILE A 36 -1.36 -2.33 4.88
CA ILE A 36 -0.61 -3.36 4.15
C ILE A 36 -1.41 -4.66 4.21
N SER A 37 -1.90 -5.00 5.40
CA SER A 37 -2.68 -6.24 5.60
C SER A 37 -3.96 -6.23 4.78
N SER A 38 -4.59 -5.07 4.74
CA SER A 38 -5.82 -4.91 3.97
C SER A 38 -5.56 -5.08 2.47
N LEU A 39 -4.45 -4.56 1.97
CA LEU A 39 -4.11 -4.66 0.52
C LEU A 39 -3.67 -6.11 0.17
N GLU A 40 -3.06 -6.84 1.11
CA GLU A 40 -2.65 -8.21 0.89
C GLU A 40 -3.90 -9.08 0.83
N LYS A 41 -4.92 -8.76 1.62
CA LYS A 41 -6.20 -9.51 1.57
C LYS A 41 -7.08 -9.16 0.37
N TYR A 42 -7.06 -7.89 0.00
CA TYR A 42 -7.93 -7.36 -1.08
C TYR A 42 -7.08 -6.82 -2.22
N PRO A 43 -6.88 -7.61 -3.30
CA PRO A 43 -6.04 -7.08 -4.40
C PRO A 43 -6.67 -5.92 -5.15
N ILE A 44 -5.92 -4.85 -5.28
CA ILE A 44 -6.35 -3.66 -6.01
C ILE A 44 -6.14 -3.93 -7.52
N THR A 45 -6.96 -3.35 -8.37
CA THR A 45 -6.85 -3.57 -9.83
C THR A 45 -5.88 -2.55 -10.46
N LYS A 46 -5.43 -2.81 -11.68
CA LYS A 46 -4.47 -1.92 -12.36
C LYS A 46 -5.06 -0.56 -12.70
N GLU A 47 -6.34 -0.55 -13.02
CA GLU A 47 -7.02 0.70 -13.32
C GLU A 47 -7.07 1.55 -12.06
N ALA A 48 -7.40 0.92 -10.94
CA ALA A 48 -7.47 1.64 -9.68
C ALA A 48 -6.11 2.15 -9.22
N LEU A 49 -5.05 1.50 -9.67
CA LEU A 49 -3.69 1.88 -9.33
C LEU A 49 -3.33 3.25 -9.97
N GLU A 50 -4.00 3.60 -11.05
CA GLU A 50 -3.75 4.87 -11.75
C GLU A 50 -4.20 6.03 -10.87
N GLU A 51 -5.45 5.97 -10.43
CA GLU A 51 -6.09 7.04 -9.64
C GLU A 51 -5.42 7.09 -8.26
N THR A 52 -5.25 5.93 -7.64
CA THR A 52 -4.72 5.88 -6.28
C THR A 52 -3.25 6.20 -6.22
N ARG A 53 -2.52 5.92 -7.29
CA ARG A 53 -1.06 6.05 -7.30
C ARG A 53 -0.42 5.32 -6.12
N LEU A 54 -1.11 4.27 -5.64
CA LEU A 54 -0.69 3.53 -4.44
C LEU A 54 0.67 2.88 -4.68
N GLY A 55 0.96 2.49 -5.89
CA GLY A 55 2.24 1.90 -6.19
C GLY A 55 3.40 2.80 -5.86
N LYS A 56 3.22 4.11 -6.08
CA LYS A 56 4.25 5.06 -5.70
C LYS A 56 4.27 5.30 -4.21
N LEU A 57 3.09 5.37 -3.60
CA LEU A 57 2.98 5.62 -2.17
C LEU A 57 3.65 4.50 -1.40
N ILE A 58 3.33 3.27 -1.70
CA ILE A 58 3.93 2.13 -1.00
C ILE A 58 5.45 2.11 -1.21
N ASN A 59 5.90 2.43 -2.41
CA ASN A 59 7.36 2.44 -2.67
C ASN A 59 8.10 3.52 -1.89
N ASP A 60 7.45 4.63 -1.61
CA ASP A 60 8.05 5.69 -0.79
C ASP A 60 8.01 5.29 0.67
N VAL A 61 6.85 4.85 1.15
CA VAL A 61 6.70 4.42 2.54
C VAL A 61 7.73 3.33 2.83
N ARG A 62 7.97 2.45 1.86
CA ARG A 62 8.97 1.39 1.99
C ARG A 62 10.39 1.91 2.25
N LYS A 63 10.68 3.08 1.69
CA LYS A 63 12.02 3.70 1.83
C LYS A 63 12.11 4.60 3.05
N LYS A 64 11.00 5.15 3.46
CA LYS A 64 10.98 6.05 4.60
C LYS A 64 10.95 5.30 5.93
N THR A 65 10.34 4.12 5.95
CA THR A 65 10.22 3.37 7.20
C THR A 65 11.53 2.68 7.59
N LYS A 66 11.76 2.59 8.90
CA LYS A 66 12.91 1.88 9.47
C LYS A 66 12.50 0.43 9.77
N ASN A 67 11.23 0.14 9.57
CA ASN A 67 10.70 -1.17 9.93
C ASN A 67 10.87 -2.18 8.79
N GLU A 68 11.88 -3.01 8.93
CA GLU A 68 12.20 -4.05 7.94
C GLU A 68 11.02 -4.95 7.68
N GLU A 69 10.24 -5.24 8.70
CA GLU A 69 9.08 -6.13 8.55
C GLU A 69 8.02 -5.48 7.62
N LEU A 70 7.95 -4.15 7.67
CA LEU A 70 7.04 -3.38 6.81
C LEU A 70 7.66 -3.37 5.42
N ALA A 71 8.94 -3.11 5.35
CA ALA A 71 9.66 -2.98 4.08
C ALA A 71 9.62 -4.29 3.27
N LYS A 72 9.72 -5.42 3.96
CA LYS A 72 9.61 -6.75 3.35
C LYS A 72 8.26 -6.93 2.75
N ARG A 73 7.21 -6.62 3.49
CA ARG A 73 5.84 -6.83 2.95
C ARG A 73 5.58 -5.86 1.80
N ALA A 74 5.97 -4.62 2.00
CA ALA A 74 5.81 -3.57 1.00
C ALA A 74 6.48 -3.99 -0.32
N LYS A 75 7.69 -4.57 -0.23
CA LYS A 75 8.41 -5.02 -1.45
C LYS A 75 7.65 -6.15 -2.14
N LYS A 76 7.11 -7.08 -1.37
CA LYS A 76 6.41 -8.23 -1.92
C LYS A 76 5.16 -7.70 -2.64
N LEU A 77 4.43 -6.82 -1.97
CA LEU A 77 3.21 -6.24 -2.53
C LEU A 77 3.50 -5.53 -3.84
N LEU A 78 4.57 -4.78 -3.89
CA LEU A 78 4.96 -4.09 -5.11
C LEU A 78 5.27 -5.03 -6.27
N ARG A 79 5.82 -6.20 -5.98
CA ARG A 79 6.10 -7.19 -7.03
C ARG A 79 4.79 -7.74 -7.58
N SER A 80 3.82 -7.92 -6.70
CA SER A 80 2.49 -8.37 -7.14
C SER A 80 1.95 -7.29 -8.09
N TRP A 81 2.16 -6.01 -7.76
CA TRP A 81 1.64 -4.92 -8.62
C TRP A 81 2.42 -4.75 -9.94
N GLN A 82 3.69 -5.12 -9.95
CA GLN A 82 4.45 -5.12 -11.19
C GLN A 82 3.85 -6.12 -12.16
N LYS A 83 3.49 -7.30 -11.64
CA LYS A 83 2.87 -8.35 -12.44
C LYS A 83 1.45 -8.00 -12.81
N LEU A 84 0.83 -7.10 -12.07
CA LEU A 84 -0.52 -6.65 -12.35
C LEU A 84 -0.53 -5.57 -13.45
N ILE A 85 0.51 -4.76 -13.48
CA ILE A 85 0.60 -3.70 -14.47
C ILE A 85 1.08 -4.28 -15.80
N GLU A 86 1.93 -5.31 -15.73
CA GLU A 86 2.52 -5.93 -16.94
C GLU A 86 3.20 -4.89 -17.86
N PRO A 87 4.27 -4.25 -17.34
CA PRO A 87 4.87 -3.24 -18.24
C PRO A 87 5.64 -3.89 -19.38
N ALA A 88 5.63 -3.23 -20.54
CA ALA A 88 6.38 -3.66 -21.69
C ALA A 88 7.88 -3.59 -21.37
N GLY A 89 8.68 -4.45 -22.01
CA GLY A 89 10.11 -4.51 -21.81
C GLY A 89 10.69 -5.42 -22.86
N SER A 90 12.00 -5.53 -22.92
CA SER A 90 12.68 -6.41 -23.89
C SER A 90 12.77 -7.82 -23.33
N SER A 1 -21.32 -11.27 9.03
CA SER A 1 -21.05 -10.08 9.92
C SER A 1 -20.17 -9.09 9.23
N MET A 2 -20.36 -7.79 9.48
CA MET A 2 -19.59 -6.76 8.80
C MET A 2 -18.23 -6.57 9.51
N THR A 3 -17.41 -7.61 9.48
CA THR A 3 -16.13 -7.64 10.17
C THR A 3 -15.10 -8.09 9.17
N ALA A 4 -13.95 -7.38 9.12
CA ALA A 4 -12.88 -7.65 8.14
C ALA A 4 -13.52 -7.72 6.72
N ALA A 5 -14.44 -6.78 6.47
CA ALA A 5 -15.13 -6.70 5.19
C ALA A 5 -14.27 -6.01 4.16
N PRO A 6 -14.45 -6.30 2.85
CA PRO A 6 -13.60 -5.57 1.90
C PRO A 6 -13.93 -4.05 1.82
N ALA A 7 -12.93 -3.24 1.48
CA ALA A 7 -13.11 -1.77 1.39
C ALA A 7 -12.78 -1.31 -0.04
N SER A 8 -13.34 -0.17 -0.42
CA SER A 8 -13.05 0.45 -1.69
C SER A 8 -11.56 0.80 -1.77
N PRO A 9 -10.93 0.66 -2.94
CA PRO A 9 -9.49 0.94 -2.99
C PRO A 9 -9.15 2.38 -2.64
N GLN A 10 -10.05 3.28 -3.00
CA GLN A 10 -9.90 4.71 -2.67
C GLN A 10 -9.90 4.94 -1.15
N GLN A 11 -10.67 4.17 -0.41
CA GLN A 11 -10.71 4.29 1.06
C GLN A 11 -9.48 3.64 1.70
N ILE A 12 -8.95 2.60 1.08
CA ILE A 12 -7.75 1.96 1.63
C ILE A 12 -6.61 2.98 1.49
N ARG A 13 -6.57 3.63 0.34
CA ARG A 13 -5.59 4.69 0.08
C ARG A 13 -5.76 5.85 1.08
N ASP A 14 -7.00 6.23 1.31
CA ASP A 14 -7.35 7.29 2.26
C ASP A 14 -6.80 6.97 3.65
N ARG A 15 -7.02 5.74 4.10
CA ARG A 15 -6.55 5.33 5.44
C ARG A 15 -5.03 5.42 5.54
N LEU A 16 -4.32 5.15 4.45
CA LEU A 16 -2.87 5.26 4.49
C LEU A 16 -2.42 6.70 4.67
N LEU A 17 -3.06 7.60 3.95
CA LEU A 17 -2.68 9.01 4.01
C LEU A 17 -2.95 9.61 5.40
N GLN A 18 -3.96 9.13 6.08
CA GLN A 18 -4.22 9.61 7.46
C GLN A 18 -3.23 9.00 8.49
N ALA A 19 -2.34 8.10 8.01
CA ALA A 19 -1.40 7.43 8.88
C ALA A 19 0.06 7.77 8.60
N ILE A 20 0.33 8.45 7.51
CA ILE A 20 1.72 8.84 7.16
C ILE A 20 1.78 10.34 7.00
N ASP A 21 3.00 10.87 7.08
CA ASP A 21 3.23 12.25 6.81
C ASP A 21 3.16 12.39 5.29
N PRO A 22 2.91 13.59 4.74
CA PRO A 22 2.95 13.68 3.25
C PRO A 22 4.32 13.26 2.68
N GLN A 23 5.37 13.41 3.46
CA GLN A 23 6.71 12.95 3.03
C GLN A 23 6.89 11.44 3.27
N SER A 24 5.78 10.74 3.50
CA SER A 24 5.76 9.27 3.68
C SER A 24 6.49 8.75 4.92
N ASN A 25 6.80 9.64 5.81
CA ASN A 25 7.44 9.25 7.03
C ASN A 25 6.33 8.71 7.88
N ILE A 26 6.58 7.70 8.70
CA ILE A 26 5.53 7.04 9.48
C ILE A 26 5.04 7.91 10.61
N ARG A 27 3.71 7.99 10.80
CA ARG A 27 3.14 8.72 11.94
C ARG A 27 2.33 7.77 12.83
N ASN A 28 1.69 6.77 12.22
CA ASN A 28 0.94 5.78 12.96
C ASN A 28 1.26 4.36 12.40
N MET A 29 2.30 3.76 12.97
CA MET A 29 2.79 2.46 12.51
C MET A 29 1.73 1.37 12.46
N VAL A 30 0.90 1.27 13.49
CA VAL A 30 -0.13 0.22 13.59
C VAL A 30 -1.10 0.37 12.43
N ALA A 31 -1.53 1.62 12.19
CA ALA A 31 -2.48 1.88 11.13
C ALA A 31 -1.87 1.59 9.74
N VAL A 32 -0.61 1.91 9.57
CA VAL A 32 0.07 1.69 8.27
C VAL A 32 0.15 0.21 7.99
N LEU A 33 0.44 -0.57 9.03
CA LEU A 33 0.55 -2.02 8.87
C LEU A 33 -0.79 -2.63 8.48
N GLU A 34 -1.87 -2.11 9.06
CA GLU A 34 -3.23 -2.56 8.72
C GLU A 34 -3.58 -2.26 7.29
N VAL A 35 -3.06 -1.17 6.75
CA VAL A 35 -3.27 -0.89 5.32
C VAL A 35 -2.54 -1.95 4.49
N ILE A 36 -1.30 -2.27 4.82
CA ILE A 36 -0.59 -3.28 4.04
C ILE A 36 -1.37 -4.60 4.08
N SER A 37 -1.80 -4.98 5.25
CA SER A 37 -2.57 -6.20 5.43
C SER A 37 -3.86 -6.23 4.63
N SER A 38 -4.47 -5.07 4.43
CA SER A 38 -5.73 -4.96 3.71
C SER A 38 -5.49 -5.18 2.24
N LEU A 39 -4.46 -4.54 1.71
CA LEU A 39 -4.14 -4.68 0.31
C LEU A 39 -3.68 -6.12 0.01
N GLU A 40 -2.99 -6.76 0.94
CA GLU A 40 -2.54 -8.16 0.76
C GLU A 40 -3.73 -9.09 0.60
N LYS A 41 -4.80 -8.74 1.26
CA LYS A 41 -6.06 -9.51 1.20
C LYS A 41 -6.95 -9.09 0.02
N TYR A 42 -7.06 -7.77 -0.19
CA TYR A 42 -7.95 -7.22 -1.24
C TYR A 42 -7.14 -6.71 -2.45
N PRO A 43 -7.12 -7.49 -3.59
CA PRO A 43 -6.28 -7.00 -4.68
C PRO A 43 -6.85 -5.79 -5.40
N ILE A 44 -6.02 -4.78 -5.58
CA ILE A 44 -6.42 -3.57 -6.27
C ILE A 44 -6.16 -3.86 -7.76
N THR A 45 -6.97 -3.26 -8.62
CA THR A 45 -6.88 -3.46 -10.08
C THR A 45 -5.89 -2.45 -10.68
N LYS A 46 -5.45 -2.68 -11.91
CA LYS A 46 -4.48 -1.76 -12.56
C LYS A 46 -5.08 -0.34 -12.73
N GLU A 47 -6.36 -0.27 -13.08
CA GLU A 47 -7.04 1.03 -13.24
C GLU A 47 -7.20 1.77 -11.92
N ALA A 48 -7.50 1.05 -10.85
CA ALA A 48 -7.64 1.68 -9.53
C ALA A 48 -6.30 2.09 -8.96
N LEU A 49 -5.27 1.32 -9.31
CA LEU A 49 -3.94 1.66 -8.87
C LEU A 49 -3.49 2.96 -9.56
N GLU A 50 -3.91 3.16 -10.81
CA GLU A 50 -3.60 4.37 -11.55
C GLU A 50 -4.24 5.64 -10.91
N GLU A 51 -5.45 5.48 -10.42
CA GLU A 51 -6.21 6.55 -9.76
C GLU A 51 -5.65 6.84 -8.34
N THR A 52 -5.28 5.80 -7.60
CA THR A 52 -4.84 5.94 -6.22
C THR A 52 -3.32 6.25 -6.12
N ARG A 53 -2.56 5.96 -7.17
CA ARG A 53 -1.08 6.13 -7.18
C ARG A 53 -0.46 5.41 -6.01
N LEU A 54 -1.10 4.33 -5.57
CA LEU A 54 -0.67 3.55 -4.40
C LEU A 54 0.67 2.90 -4.70
N GLY A 55 0.99 2.64 -5.95
CA GLY A 55 2.30 2.09 -6.30
C GLY A 55 3.42 2.99 -5.89
N LYS A 56 3.24 4.28 -6.13
CA LYS A 56 4.27 5.22 -5.74
C LYS A 56 4.33 5.37 -4.23
N LEU A 57 3.18 5.55 -3.60
CA LEU A 57 3.09 5.75 -2.13
C LEU A 57 3.66 4.57 -1.37
N ILE A 58 3.35 3.36 -1.77
CA ILE A 58 3.87 2.22 -1.01
C ILE A 58 5.39 2.15 -1.12
N ASN A 59 5.90 2.45 -2.31
CA ASN A 59 7.36 2.40 -2.51
C ASN A 59 8.06 3.51 -1.78
N ASP A 60 7.36 4.62 -1.59
CA ASP A 60 7.98 5.71 -0.90
C ASP A 60 8.06 5.39 0.57
N VAL A 61 6.94 4.91 1.13
CA VAL A 61 6.87 4.43 2.50
C VAL A 61 7.95 3.36 2.74
N ARG A 62 8.11 2.42 1.83
CA ARG A 62 9.17 1.38 1.95
C ARG A 62 10.58 1.96 2.13
N LYS A 63 10.86 3.04 1.44
CA LYS A 63 12.17 3.68 1.55
C LYS A 63 12.23 4.46 2.85
N LYS A 64 11.17 5.18 3.17
CA LYS A 64 11.25 6.07 4.31
C LYS A 64 11.24 5.31 5.68
N THR A 65 10.59 4.17 5.76
CA THR A 65 10.47 3.45 7.02
C THR A 65 11.79 2.76 7.38
N LYS A 66 12.06 2.57 8.66
CA LYS A 66 13.30 1.86 9.05
C LYS A 66 12.92 0.41 9.37
N ASN A 67 11.60 0.23 9.57
CA ASN A 67 11.02 -1.04 9.99
C ASN A 67 11.16 -2.11 8.89
N GLU A 68 12.08 -3.05 9.09
CA GLU A 68 12.33 -4.11 8.12
C GLU A 68 11.10 -4.99 7.80
N GLU A 69 10.25 -5.21 8.79
CA GLU A 69 9.03 -6.00 8.62
C GLU A 69 8.08 -5.34 7.66
N LEU A 70 7.92 -4.02 7.78
CA LEU A 70 7.02 -3.27 6.90
C LEU A 70 7.62 -3.28 5.52
N ALA A 71 8.93 -3.04 5.50
CA ALA A 71 9.67 -3.00 4.25
C ALA A 71 9.56 -4.32 3.48
N LYS A 72 9.61 -5.46 4.17
CA LYS A 72 9.52 -6.77 3.52
C LYS A 72 8.13 -6.97 2.91
N ARG A 73 7.10 -6.62 3.66
CA ARG A 73 5.72 -6.77 3.18
C ARG A 73 5.46 -5.81 2.01
N ALA A 74 5.97 -4.57 2.09
CA ALA A 74 5.80 -3.63 1.00
C ALA A 74 6.44 -4.19 -0.27
N LYS A 75 7.61 -4.80 -0.15
CA LYS A 75 8.27 -5.36 -1.30
C LYS A 75 7.45 -6.50 -1.92
N LYS A 76 6.78 -7.33 -1.11
CA LYS A 76 5.96 -8.43 -1.63
C LYS A 76 4.78 -7.80 -2.38
N LEU A 77 4.20 -6.75 -1.79
CA LEU A 77 3.05 -6.10 -2.38
C LEU A 77 3.39 -5.36 -3.69
N LEU A 78 4.53 -4.70 -3.75
CA LEU A 78 4.96 -4.04 -4.98
C LEU A 78 5.34 -5.04 -6.07
N ARG A 79 5.88 -6.18 -5.68
CA ARG A 79 6.23 -7.22 -6.66
C ARG A 79 4.95 -7.74 -7.28
N SER A 80 3.89 -7.89 -6.50
CA SER A 80 2.62 -8.35 -7.04
C SER A 80 2.05 -7.32 -7.98
N TRP A 81 2.19 -6.03 -7.61
CA TRP A 81 1.71 -4.95 -8.46
C TRP A 81 2.52 -4.78 -9.72
N GLN A 82 3.74 -5.25 -9.79
CA GLN A 82 4.52 -5.09 -11.03
C GLN A 82 3.89 -6.05 -12.05
N LYS A 83 3.42 -7.19 -11.57
CA LYS A 83 2.74 -8.18 -12.41
C LYS A 83 1.35 -7.68 -12.81
N LEU A 84 0.74 -6.87 -11.94
CA LEU A 84 -0.58 -6.29 -12.24
C LEU A 84 -0.51 -5.25 -13.34
N ILE A 85 0.50 -4.42 -13.24
CA ILE A 85 0.71 -3.38 -14.24
C ILE A 85 1.18 -3.99 -15.56
N GLU A 86 2.15 -4.90 -15.47
CA GLU A 86 2.79 -5.55 -16.63
C GLU A 86 3.13 -4.50 -17.73
N PRO A 87 4.13 -3.66 -17.45
CA PRO A 87 4.48 -2.54 -18.34
C PRO A 87 4.95 -3.04 -19.67
N ALA A 88 4.83 -2.16 -20.66
CA ALA A 88 5.16 -2.49 -22.02
C ALA A 88 6.69 -2.66 -22.12
N GLY A 89 7.11 -3.48 -23.09
CA GLY A 89 8.52 -3.75 -23.32
C GLY A 89 9.09 -4.85 -22.44
N SER A 90 8.23 -5.50 -21.68
CA SER A 90 8.66 -6.60 -20.81
C SER A 90 8.85 -7.82 -21.70
N SER A 1 -14.11 -12.45 16.85
CA SER A 1 -13.18 -11.31 17.08
C SER A 1 -12.49 -10.95 15.77
N MET A 2 -11.93 -9.74 15.65
CA MET A 2 -11.19 -9.32 14.43
C MET A 2 -11.91 -9.62 13.11
N THR A 3 -13.19 -9.24 13.06
CA THR A 3 -14.00 -9.51 11.89
C THR A 3 -13.51 -8.65 10.73
N ALA A 4 -13.43 -9.24 9.55
CA ALA A 4 -12.95 -8.53 8.37
C ALA A 4 -14.13 -8.11 7.49
N ALA A 5 -14.02 -6.93 6.91
CA ALA A 5 -15.01 -6.42 5.97
C ALA A 5 -14.20 -5.75 4.85
N PRO A 6 -14.71 -5.76 3.61
CA PRO A 6 -13.92 -5.14 2.54
C PRO A 6 -13.99 -3.61 2.58
N ALA A 7 -13.02 -2.99 1.94
CA ALA A 7 -12.95 -1.54 1.82
C ALA A 7 -12.61 -1.25 0.37
N SER A 8 -13.11 -0.14 -0.15
CA SER A 8 -12.82 0.23 -1.52
C SER A 8 -11.35 0.65 -1.58
N PRO A 9 -10.70 0.52 -2.76
CA PRO A 9 -9.28 0.91 -2.78
C PRO A 9 -9.05 2.41 -2.48
N GLN A 10 -10.06 3.23 -2.71
CA GLN A 10 -9.95 4.66 -2.41
C GLN A 10 -9.95 4.88 -0.90
N GLN A 11 -10.75 4.11 -0.17
CA GLN A 11 -10.81 4.22 1.29
C GLN A 11 -9.50 3.70 1.89
N ILE A 12 -8.93 2.67 1.29
CA ILE A 12 -7.66 2.14 1.77
C ILE A 12 -6.57 3.19 1.55
N ARG A 13 -6.60 3.86 0.40
CA ARG A 13 -5.64 4.94 0.12
C ARG A 13 -5.79 6.06 1.14
N ASP A 14 -7.03 6.38 1.46
CA ASP A 14 -7.31 7.44 2.41
C ASP A 14 -6.71 7.14 3.79
N ARG A 15 -6.93 5.92 4.25
CA ARG A 15 -6.42 5.50 5.54
C ARG A 15 -4.91 5.52 5.57
N LEU A 16 -4.27 5.22 4.44
CA LEU A 16 -2.83 5.29 4.37
C LEU A 16 -2.37 6.73 4.55
N LEU A 17 -3.02 7.67 3.86
CA LEU A 17 -2.62 9.08 3.92
C LEU A 17 -2.84 9.65 5.31
N GLN A 18 -3.83 9.15 6.04
CA GLN A 18 -4.07 9.58 7.40
C GLN A 18 -3.02 8.99 8.35
N ALA A 19 -2.36 7.92 7.91
CA ALA A 19 -1.40 7.21 8.73
C ALA A 19 0.05 7.68 8.51
N ILE A 20 0.25 8.48 7.47
CA ILE A 20 1.60 8.99 7.14
C ILE A 20 1.59 10.52 6.96
N ASP A 21 2.77 11.09 6.97
CA ASP A 21 2.94 12.49 6.71
C ASP A 21 3.11 12.63 5.18
N PRO A 22 2.78 13.79 4.58
CA PRO A 22 3.03 13.91 3.14
C PRO A 22 4.49 13.69 2.72
N GLN A 23 5.43 13.79 3.66
CA GLN A 23 6.84 13.51 3.41
C GLN A 23 7.13 11.99 3.49
N SER A 24 6.06 11.19 3.53
CA SER A 24 6.10 9.74 3.65
C SER A 24 6.68 9.27 5.01
N ASN A 25 6.72 10.17 5.99
CA ASN A 25 7.18 9.80 7.33
C ASN A 25 6.01 9.07 7.98
N ILE A 26 6.31 8.02 8.72
CA ILE A 26 5.26 7.26 9.39
C ILE A 26 4.74 8.06 10.57
N ARG A 27 3.42 8.18 10.71
CA ARG A 27 2.84 8.87 11.87
C ARG A 27 2.11 7.86 12.74
N ASN A 28 1.31 7.01 12.13
CA ASN A 28 0.58 5.96 12.85
C ASN A 28 1.00 4.61 12.28
N MET A 29 2.09 4.05 12.78
CA MET A 29 2.64 2.78 12.26
C MET A 29 1.63 1.63 12.26
N VAL A 30 0.79 1.55 13.28
CA VAL A 30 -0.21 0.47 13.36
C VAL A 30 -1.11 0.52 12.14
N ALA A 31 -1.61 1.71 11.82
CA ALA A 31 -2.52 1.86 10.69
C ALA A 31 -1.80 1.58 9.36
N VAL A 32 -0.51 1.91 9.25
CA VAL A 32 0.22 1.62 8.03
C VAL A 32 0.33 0.10 7.88
N LEU A 33 0.60 -0.61 8.96
CA LEU A 33 0.66 -2.07 8.93
C LEU A 33 -0.70 -2.66 8.58
N GLU A 34 -1.78 -2.05 9.06
CA GLU A 34 -3.13 -2.49 8.72
C GLU A 34 -3.37 -2.32 7.23
N VAL A 35 -2.95 -1.20 6.65
CA VAL A 35 -3.12 -0.96 5.22
C VAL A 35 -2.37 -2.02 4.43
N ILE A 36 -1.14 -2.33 4.82
CA ILE A 36 -0.37 -3.35 4.09
C ILE A 36 -1.12 -4.68 4.14
N SER A 37 -1.65 -5.03 5.30
CA SER A 37 -2.37 -6.27 5.46
C SER A 37 -3.67 -6.25 4.66
N SER A 38 -4.26 -5.07 4.49
CA SER A 38 -5.50 -4.92 3.76
C SER A 38 -5.30 -5.14 2.27
N LEU A 39 -4.22 -4.65 1.70
CA LEU A 39 -3.99 -4.85 0.26
C LEU A 39 -3.64 -6.29 -0.05
N GLU A 40 -2.93 -6.93 0.86
CA GLU A 40 -2.56 -8.34 0.66
C GLU A 40 -3.86 -9.22 0.68
N LYS A 41 -4.90 -8.75 1.37
CA LYS A 41 -6.18 -9.46 1.43
C LYS A 41 -7.15 -9.02 0.32
N TYR A 42 -7.12 -7.73 0.00
CA TYR A 42 -8.04 -7.15 -0.99
C TYR A 42 -7.21 -6.62 -2.15
N PRO A 43 -7.01 -7.43 -3.19
CA PRO A 43 -6.15 -6.95 -4.26
C PRO A 43 -6.75 -5.78 -5.05
N ILE A 44 -5.87 -4.87 -5.46
CA ILE A 44 -6.23 -3.72 -6.27
C ILE A 44 -5.71 -4.06 -7.69
N THR A 45 -6.29 -3.46 -8.72
CA THR A 45 -5.89 -3.74 -10.09
C THR A 45 -5.16 -2.51 -10.64
N LYS A 46 -4.40 -2.71 -11.72
CA LYS A 46 -3.64 -1.63 -12.38
C LYS A 46 -4.44 -0.35 -12.64
N GLU A 47 -5.69 -0.48 -13.06
CA GLU A 47 -6.54 0.67 -13.39
C GLU A 47 -6.79 1.51 -12.14
N ALA A 48 -7.09 0.85 -11.03
CA ALA A 48 -7.34 1.56 -9.78
C ALA A 48 -6.03 2.07 -9.20
N LEU A 49 -4.94 1.40 -9.54
CA LEU A 49 -3.61 1.84 -9.09
C LEU A 49 -3.29 3.23 -9.64
N GLU A 50 -3.88 3.58 -10.78
CA GLU A 50 -3.69 4.92 -11.36
C GLU A 50 -4.44 5.96 -10.53
N GLU A 51 -5.68 5.69 -10.19
CA GLU A 51 -6.51 6.62 -9.41
C GLU A 51 -5.97 6.79 -7.99
N THR A 52 -5.59 5.69 -7.37
CA THR A 52 -5.12 5.72 -5.98
C THR A 52 -3.65 6.10 -5.85
N ARG A 53 -2.89 5.94 -6.93
CA ARG A 53 -1.45 6.18 -6.96
C ARG A 53 -0.71 5.37 -5.88
N LEU A 54 -1.35 4.31 -5.40
CA LEU A 54 -0.82 3.48 -4.30
C LEU A 54 0.54 2.90 -4.59
N GLY A 55 0.81 2.57 -5.84
CA GLY A 55 2.11 2.05 -6.21
C GLY A 55 3.22 3.03 -5.85
N LYS A 56 2.98 4.32 -6.04
CA LYS A 56 3.99 5.33 -5.70
C LYS A 56 4.11 5.47 -4.20
N LEU A 57 2.99 5.47 -3.51
CA LEU A 57 2.97 5.66 -2.05
C LEU A 57 3.69 4.52 -1.32
N ILE A 58 3.33 3.28 -1.64
CA ILE A 58 3.91 2.11 -0.97
C ILE A 58 5.42 2.08 -1.26
N ASN A 59 5.80 2.42 -2.48
CA ASN A 59 7.21 2.46 -2.86
C ASN A 59 8.02 3.43 -2.00
N ASP A 60 7.43 4.57 -1.67
CA ASP A 60 8.13 5.56 -0.85
C ASP A 60 8.10 5.22 0.65
N VAL A 61 6.95 4.76 1.15
CA VAL A 61 6.81 4.33 2.55
C VAL A 61 7.83 3.25 2.86
N ARG A 62 8.06 2.34 1.90
CA ARG A 62 9.03 1.26 2.08
C ARG A 62 10.46 1.77 2.33
N LYS A 63 10.79 2.92 1.77
CA LYS A 63 12.13 3.52 1.93
C LYS A 63 12.27 4.28 3.24
N LYS A 64 11.18 4.90 3.64
CA LYS A 64 11.17 5.77 4.84
C LYS A 64 11.05 5.01 6.13
N THR A 65 10.39 3.87 6.09
CA THR A 65 10.19 3.08 7.31
C THR A 65 11.48 2.37 7.73
N LYS A 66 11.70 2.25 9.04
CA LYS A 66 12.84 1.51 9.58
C LYS A 66 12.37 0.14 10.07
N ASN A 67 11.05 -0.10 9.95
CA ASN A 67 10.47 -1.37 10.34
C ASN A 67 10.71 -2.35 9.19
N GLU A 68 11.57 -3.33 9.41
CA GLU A 68 11.92 -4.27 8.35
C GLU A 68 10.74 -5.07 7.87
N GLU A 69 9.91 -5.57 8.77
CA GLU A 69 8.80 -6.40 8.35
C GLU A 69 7.87 -5.66 7.41
N LEU A 70 7.60 -4.42 7.75
CA LEU A 70 6.76 -3.56 6.92
C LEU A 70 7.44 -3.46 5.56
N ALA A 71 8.73 -3.22 5.53
CA ALA A 71 9.47 -3.11 4.27
C ALA A 71 9.46 -4.42 3.46
N LYS A 72 9.57 -5.57 4.12
CA LYS A 72 9.56 -6.87 3.45
C LYS A 72 8.20 -7.14 2.83
N ARG A 73 7.12 -6.85 3.56
CA ARG A 73 5.76 -7.07 3.05
C ARG A 73 5.42 -6.06 1.95
N ALA A 74 5.81 -4.81 2.13
CA ALA A 74 5.61 -3.81 1.10
C ALA A 74 6.39 -4.22 -0.16
N LYS A 75 7.57 -4.78 0.00
CA LYS A 75 8.36 -5.24 -1.15
C LYS A 75 7.60 -6.35 -1.90
N LYS A 76 6.96 -7.26 -1.17
CA LYS A 76 6.20 -8.35 -1.79
C LYS A 76 5.01 -7.79 -2.53
N LEU A 77 4.26 -6.90 -1.89
CA LEU A 77 3.07 -6.29 -2.49
C LEU A 77 3.40 -5.58 -3.80
N LEU A 78 4.50 -4.83 -3.80
CA LEU A 78 4.91 -4.11 -5.00
C LEU A 78 5.26 -5.06 -6.13
N ARG A 79 5.79 -6.24 -5.81
CA ARG A 79 6.16 -7.20 -6.86
C ARG A 79 4.90 -7.76 -7.52
N SER A 80 3.80 -7.81 -6.79
CA SER A 80 2.51 -8.23 -7.37
C SER A 80 2.02 -7.11 -8.28
N TRP A 81 2.19 -5.88 -7.84
CA TRP A 81 1.76 -4.73 -8.64
C TRP A 81 2.57 -4.53 -9.91
N GLN A 82 3.80 -5.02 -9.92
CA GLN A 82 4.62 -4.96 -11.12
C GLN A 82 3.94 -5.78 -12.22
N LYS A 83 3.27 -6.86 -11.81
CA LYS A 83 2.58 -7.75 -12.75
C LYS A 83 1.25 -7.19 -13.22
N LEU A 84 0.70 -6.27 -12.47
CA LEU A 84 -0.54 -5.63 -12.88
C LEU A 84 -0.25 -4.73 -14.08
N ILE A 85 0.92 -4.09 -14.04
CA ILE A 85 1.26 -3.06 -15.03
C ILE A 85 2.05 -3.62 -16.21
N GLU A 86 2.92 -4.58 -15.93
CA GLU A 86 3.83 -5.15 -16.95
C GLU A 86 4.55 -4.05 -17.76
N PRO A 87 5.34 -3.18 -17.09
CA PRO A 87 6.05 -2.16 -17.88
C PRO A 87 7.24 -2.79 -18.66
N ALA A 88 6.92 -3.32 -19.84
CA ALA A 88 7.86 -4.03 -20.71
C ALA A 88 8.40 -5.29 -19.99
N GLY A 89 7.61 -5.84 -19.09
CA GLY A 89 7.97 -7.02 -18.32
C GLY A 89 7.71 -6.79 -16.85
N SER A 90 7.92 -7.79 -16.00
CA SER A 90 7.72 -7.65 -14.54
C SER A 90 8.71 -8.55 -13.79
N SER A 1 -17.29 -5.44 15.52
CA SER A 1 -15.78 -5.35 15.70
C SER A 1 -15.15 -6.61 15.18
N MET A 2 -13.84 -6.61 14.88
CA MET A 2 -13.14 -7.81 14.32
C MET A 2 -13.86 -8.37 13.11
N THR A 3 -14.46 -7.49 12.34
CA THR A 3 -15.27 -7.89 11.21
C THR A 3 -14.45 -8.26 9.99
N ALA A 4 -13.29 -7.61 9.82
CA ALA A 4 -12.44 -7.82 8.64
C ALA A 4 -13.22 -7.68 7.31
N ALA A 5 -14.11 -6.69 7.25
CA ALA A 5 -14.89 -6.44 6.06
C ALA A 5 -14.04 -5.69 5.03
N PRO A 6 -14.32 -5.86 3.73
CA PRO A 6 -13.52 -5.16 2.73
C PRO A 6 -13.79 -3.68 2.66
N ALA A 7 -12.87 -2.97 1.98
CA ALA A 7 -13.02 -1.52 1.79
C ALA A 7 -12.62 -1.19 0.33
N SER A 8 -13.11 -0.08 -0.17
CA SER A 8 -12.81 0.36 -1.54
C SER A 8 -11.33 0.71 -1.66
N PRO A 9 -10.74 0.56 -2.85
CA PRO A 9 -9.31 0.88 -2.81
C PRO A 9 -8.96 2.37 -2.49
N GLN A 10 -9.80 3.29 -2.87
CA GLN A 10 -9.57 4.68 -2.53
C GLN A 10 -9.73 4.88 -0.99
N GLN A 11 -10.63 4.13 -0.35
CA GLN A 11 -10.77 4.25 1.12
C GLN A 11 -9.51 3.75 1.80
N ILE A 12 -8.95 2.66 1.29
CA ILE A 12 -7.72 2.08 1.86
C ILE A 12 -6.53 3.06 1.67
N ARG A 13 -6.46 3.68 0.50
CA ARG A 13 -5.48 4.71 0.20
C ARG A 13 -5.60 5.84 1.20
N ASP A 14 -6.83 6.29 1.47
CA ASP A 14 -7.06 7.39 2.41
C ASP A 14 -6.55 7.06 3.81
N ARG A 15 -6.83 5.83 4.26
CA ARG A 15 -6.34 5.38 5.55
C ARG A 15 -4.81 5.40 5.59
N LEU A 16 -4.16 5.08 4.47
CA LEU A 16 -2.71 5.19 4.41
C LEU A 16 -2.25 6.61 4.61
N LEU A 17 -2.90 7.54 3.92
CA LEU A 17 -2.51 8.95 3.99
C LEU A 17 -2.73 9.56 5.34
N GLN A 18 -3.73 9.10 6.05
CA GLN A 18 -3.99 9.55 7.42
C GLN A 18 -2.97 8.95 8.39
N ALA A 19 -2.29 7.87 7.94
CA ALA A 19 -1.35 7.18 8.81
C ALA A 19 0.09 7.61 8.55
N ILE A 20 0.33 8.37 7.50
CA ILE A 20 1.65 8.85 7.17
C ILE A 20 1.64 10.36 7.02
N ASP A 21 2.81 10.93 7.10
CA ASP A 21 2.99 12.37 6.90
C ASP A 21 2.92 12.63 5.41
N PRO A 22 2.67 13.88 4.97
CA PRO A 22 2.85 14.10 3.53
C PRO A 22 4.28 13.77 3.05
N GLN A 23 5.29 13.82 3.91
CA GLN A 23 6.66 13.42 3.53
C GLN A 23 6.82 11.87 3.62
N SER A 24 5.70 11.17 3.71
CA SER A 24 5.58 9.70 3.82
C SER A 24 6.21 9.07 5.04
N ASN A 25 6.68 9.88 6.00
CA ASN A 25 7.21 9.34 7.23
C ASN A 25 6.05 8.80 8.06
N ILE A 26 6.34 7.78 8.86
CA ILE A 26 5.33 7.09 9.66
C ILE A 26 4.78 8.02 10.74
N ARG A 27 3.45 8.07 10.85
CA ARG A 27 2.79 8.86 11.93
C ARG A 27 1.99 7.89 12.86
N ASN A 28 1.35 6.89 12.27
CA ASN A 28 0.57 5.91 13.03
C ASN A 28 0.94 4.50 12.52
N MET A 29 2.00 3.92 13.04
CA MET A 29 2.56 2.67 12.49
C MET A 29 1.53 1.53 12.43
N VAL A 30 0.67 1.43 13.44
CA VAL A 30 -0.29 0.33 13.51
C VAL A 30 -1.27 0.49 12.33
N ALA A 31 -1.75 1.70 12.07
CA ALA A 31 -2.68 1.95 10.97
C ALA A 31 -1.99 1.56 9.65
N VAL A 32 -0.72 1.95 9.51
CA VAL A 32 0.02 1.60 8.29
C VAL A 32 0.10 0.10 8.06
N LEU A 33 0.39 -0.67 9.12
CA LEU A 33 0.46 -2.13 9.00
C LEU A 33 -0.88 -2.73 8.62
N GLU A 34 -1.94 -2.19 9.14
CA GLU A 34 -3.30 -2.63 8.80
C GLU A 34 -3.52 -2.41 7.34
N VAL A 35 -3.10 -1.24 6.81
CA VAL A 35 -3.28 -0.94 5.41
C VAL A 35 -2.47 -1.91 4.56
N ILE A 36 -1.25 -2.19 4.95
CA ILE A 36 -0.42 -3.11 4.20
C ILE A 36 -1.14 -4.44 4.12
N SER A 37 -1.65 -4.94 5.25
CA SER A 37 -2.29 -6.25 5.27
C SER A 37 -3.60 -6.25 4.50
N SER A 38 -4.26 -5.09 4.47
CA SER A 38 -5.55 -4.93 3.76
C SER A 38 -5.30 -5.01 2.26
N LEU A 39 -4.25 -4.35 1.78
CA LEU A 39 -3.95 -4.40 0.34
C LEU A 39 -3.35 -5.78 -0.05
N GLU A 40 -2.72 -6.47 0.87
CA GLU A 40 -2.25 -7.84 0.60
C GLU A 40 -3.46 -8.73 0.40
N LYS A 41 -4.51 -8.52 1.19
CA LYS A 41 -5.73 -9.32 1.13
C LYS A 41 -6.63 -8.94 -0.06
N TYR A 42 -6.86 -7.65 -0.26
CA TYR A 42 -7.81 -7.16 -1.26
C TYR A 42 -7.04 -6.61 -2.48
N PRO A 43 -6.98 -7.42 -3.56
CA PRO A 43 -6.17 -6.89 -4.69
C PRO A 43 -6.84 -5.71 -5.40
N ILE A 44 -6.15 -4.56 -5.39
CA ILE A 44 -6.55 -3.40 -6.16
C ILE A 44 -6.30 -3.71 -7.66
N THR A 45 -7.14 -3.19 -8.55
CA THR A 45 -7.01 -3.43 -9.97
C THR A 45 -5.92 -2.51 -10.52
N LYS A 46 -5.35 -2.83 -11.69
CA LYS A 46 -4.31 -1.96 -12.26
C LYS A 46 -4.92 -0.66 -12.72
N GLU A 47 -6.20 -0.67 -13.04
CA GLU A 47 -6.89 0.56 -13.47
C GLU A 47 -6.97 1.51 -12.30
N ALA A 48 -7.36 0.97 -11.16
CA ALA A 48 -7.51 1.79 -9.96
C ALA A 48 -6.18 2.24 -9.46
N LEU A 49 -5.15 1.43 -9.65
CA LEU A 49 -3.80 1.81 -9.25
C LEU A 49 -3.34 3.12 -9.87
N GLU A 50 -3.81 3.41 -11.08
CA GLU A 50 -3.45 4.65 -11.76
C GLU A 50 -4.13 5.87 -11.11
N GLU A 51 -5.33 5.67 -10.62
CA GLU A 51 -6.05 6.73 -9.94
C GLU A 51 -5.52 6.90 -8.50
N THR A 52 -5.21 5.83 -7.82
CA THR A 52 -4.76 5.96 -6.45
C THR A 52 -3.27 6.34 -6.34
N ARG A 53 -2.48 5.97 -7.39
CA ARG A 53 -1.02 6.16 -7.42
C ARG A 53 -0.37 5.41 -6.25
N LEU A 54 -1.05 4.35 -5.81
CA LEU A 54 -0.62 3.58 -4.63
C LEU A 54 0.73 2.90 -4.83
N GLY A 55 1.05 2.57 -6.06
CA GLY A 55 2.35 1.99 -6.37
C GLY A 55 3.46 2.92 -5.95
N LYS A 56 3.26 4.22 -6.13
CA LYS A 56 4.28 5.18 -5.77
C LYS A 56 4.30 5.37 -4.26
N LEU A 57 3.10 5.47 -3.66
CA LEU A 57 2.97 5.66 -2.21
C LEU A 57 3.60 4.51 -1.40
N ILE A 58 3.26 3.27 -1.71
CA ILE A 58 3.84 2.11 -1.00
C ILE A 58 5.36 2.11 -1.16
N ASN A 59 5.85 2.42 -2.34
CA ASN A 59 7.30 2.41 -2.54
C ASN A 59 7.96 3.53 -1.73
N ASP A 60 7.32 4.67 -1.62
CA ASP A 60 7.90 5.81 -0.88
C ASP A 60 7.91 5.53 0.64
N VAL A 61 6.83 4.93 1.15
CA VAL A 61 6.72 4.57 2.56
C VAL A 61 7.74 3.48 2.88
N ARG A 62 7.93 2.55 1.93
CA ARG A 62 8.96 1.53 2.09
C ARG A 62 10.35 2.12 2.35
N LYS A 63 10.65 3.27 1.78
CA LYS A 63 11.95 3.92 1.95
C LYS A 63 12.04 4.64 3.30
N LYS A 64 10.90 5.15 3.78
CA LYS A 64 10.87 5.91 5.05
C LYS A 64 10.83 5.01 6.29
N THR A 65 10.20 3.84 6.17
CA THR A 65 10.06 2.97 7.35
C THR A 65 11.39 2.40 7.78
N LYS A 66 11.57 2.28 9.09
CA LYS A 66 12.80 1.69 9.63
C LYS A 66 12.56 0.21 9.86
N ASN A 67 11.30 -0.16 10.15
CA ASN A 67 11.00 -1.56 10.43
C ASN A 67 11.18 -2.37 9.15
N GLU A 68 12.04 -3.38 9.22
CA GLU A 68 12.29 -4.25 8.08
C GLU A 68 11.05 -5.07 7.66
N GLU A 69 10.26 -5.48 8.62
CA GLU A 69 9.03 -6.25 8.35
C GLU A 69 8.11 -5.51 7.39
N LEU A 70 7.96 -4.22 7.61
CA LEU A 70 7.07 -3.38 6.78
C LEU A 70 7.67 -3.21 5.40
N ALA A 71 8.98 -3.05 5.37
CA ALA A 71 9.68 -2.93 4.11
C ALA A 71 9.54 -4.21 3.28
N LYS A 72 9.61 -5.37 3.90
CA LYS A 72 9.54 -6.61 3.15
C LYS A 72 8.12 -6.82 2.63
N ARG A 73 7.11 -6.52 3.43
CA ARG A 73 5.72 -6.66 2.96
C ARG A 73 5.45 -5.72 1.81
N ALA A 74 5.93 -4.51 1.90
CA ALA A 74 5.73 -3.53 0.84
C ALA A 74 6.43 -3.97 -0.46
N LYS A 75 7.64 -4.53 -0.36
CA LYS A 75 8.33 -5.03 -1.55
C LYS A 75 7.51 -6.18 -2.16
N LYS A 76 6.97 -7.06 -1.32
CA LYS A 76 6.14 -8.20 -1.77
C LYS A 76 4.90 -7.70 -2.54
N LEU A 77 4.22 -6.71 -1.95
CA LEU A 77 3.02 -6.13 -2.53
C LEU A 77 3.32 -5.48 -3.87
N LEU A 78 4.41 -4.71 -3.91
CA LEU A 78 4.80 -4.05 -5.15
C LEU A 78 5.15 -5.05 -6.25
N ARG A 79 5.76 -6.19 -5.91
CA ARG A 79 6.09 -7.21 -6.91
C ARG A 79 4.82 -7.89 -7.39
N SER A 80 3.89 -8.06 -6.49
CA SER A 80 2.58 -8.63 -6.84
C SER A 80 1.88 -7.67 -7.79
N TRP A 81 2.03 -6.38 -7.56
CA TRP A 81 1.43 -5.38 -8.42
C TRP A 81 2.09 -5.34 -9.82
N GLN A 82 3.35 -5.73 -9.89
CA GLN A 82 4.07 -5.73 -11.16
C GLN A 82 3.45 -6.78 -12.08
N LYS A 83 3.09 -7.91 -11.49
CA LYS A 83 2.43 -9.03 -12.23
C LYS A 83 1.02 -8.68 -12.63
N LEU A 84 0.39 -7.83 -11.82
CA LEU A 84 -0.97 -7.36 -12.09
C LEU A 84 -1.03 -6.36 -13.27
N ILE A 85 -0.10 -5.42 -13.29
CA ILE A 85 -0.11 -4.35 -14.32
C ILE A 85 0.22 -4.91 -15.69
N GLU A 86 1.24 -5.81 -15.76
CA GLU A 86 1.66 -6.38 -17.05
C GLU A 86 1.96 -5.23 -18.08
N PRO A 87 2.98 -4.38 -17.84
CA PRO A 87 3.24 -3.30 -18.77
C PRO A 87 3.93 -3.64 -20.08
N ALA A 88 4.39 -4.88 -20.21
CA ALA A 88 5.08 -5.33 -21.40
C ALA A 88 6.31 -4.49 -21.71
N GLY A 89 6.71 -4.54 -22.97
CA GLY A 89 7.90 -3.83 -23.43
C GLY A 89 8.01 -4.00 -24.92
N SER A 90 8.90 -3.20 -25.51
CA SER A 90 9.15 -3.25 -26.94
C SER A 90 10.06 -4.46 -27.23
N SER A 1 -7.52 -5.06 14.71
CA SER A 1 -6.66 -5.49 13.58
C SER A 1 -7.41 -6.48 12.71
N MET A 2 -6.86 -6.83 11.54
CA MET A 2 -7.46 -7.83 10.63
C MET A 2 -8.82 -7.42 10.08
N THR A 3 -8.83 -6.50 9.13
CA THR A 3 -10.07 -6.06 8.47
C THR A 3 -10.77 -7.21 7.74
N ALA A 4 -12.00 -7.51 8.15
CA ALA A 4 -12.75 -8.63 7.58
C ALA A 4 -13.48 -8.29 6.30
N ALA A 5 -14.12 -7.12 6.27
CA ALA A 5 -14.89 -6.70 5.11
C ALA A 5 -14.02 -5.94 4.10
N PRO A 6 -14.31 -6.11 2.79
CA PRO A 6 -13.55 -5.35 1.81
C PRO A 6 -13.97 -3.88 1.78
N ALA A 7 -13.09 -3.03 1.29
CA ALA A 7 -13.36 -1.60 1.16
C ALA A 7 -12.82 -1.10 -0.19
N SER A 8 -13.39 0.00 -0.67
CA SER A 8 -12.98 0.60 -1.94
C SER A 8 -11.47 0.92 -1.88
N PRO A 9 -10.74 0.76 -3.00
CA PRO A 9 -9.29 1.04 -2.96
C PRO A 9 -8.97 2.49 -2.61
N GLN A 10 -9.87 3.41 -2.94
CA GLN A 10 -9.66 4.82 -2.62
C GLN A 10 -9.76 5.03 -1.11
N GLN A 11 -10.62 4.26 -0.46
CA GLN A 11 -10.81 4.36 1.00
C GLN A 11 -9.60 3.79 1.71
N ILE A 12 -9.08 2.69 1.21
CA ILE A 12 -7.85 2.10 1.76
C ILE A 12 -6.70 3.13 1.58
N ARG A 13 -6.65 3.80 0.43
CA ARG A 13 -5.61 4.82 0.21
C ARG A 13 -5.77 5.95 1.22
N ASP A 14 -7.00 6.32 1.53
CA ASP A 14 -7.27 7.41 2.48
C ASP A 14 -6.69 7.04 3.85
N ARG A 15 -6.91 5.81 4.29
CA ARG A 15 -6.38 5.36 5.58
C ARG A 15 -4.85 5.42 5.61
N LEU A 16 -4.22 5.17 4.48
CA LEU A 16 -2.76 5.25 4.40
C LEU A 16 -2.33 6.69 4.52
N LEU A 17 -2.98 7.58 3.80
CA LEU A 17 -2.61 8.98 3.82
C LEU A 17 -2.75 9.55 5.22
N GLN A 18 -3.77 9.12 5.96
CA GLN A 18 -3.97 9.58 7.34
C GLN A 18 -2.99 8.91 8.33
N ALA A 19 -2.29 7.88 7.89
CA ALA A 19 -1.39 7.13 8.74
C ALA A 19 0.09 7.51 8.50
N ILE A 20 0.32 8.32 7.48
CA ILE A 20 1.66 8.79 7.16
C ILE A 20 1.69 10.32 7.09
N ASP A 21 2.91 10.84 7.11
CA ASP A 21 3.17 12.25 6.97
C ASP A 21 3.14 12.56 5.47
N PRO A 22 2.88 13.83 5.05
CA PRO A 22 3.00 14.09 3.61
C PRO A 22 4.37 13.80 3.02
N GLN A 23 5.41 13.67 3.86
CA GLN A 23 6.73 13.29 3.40
C GLN A 23 6.95 11.77 3.47
N SER A 24 5.85 11.03 3.55
CA SER A 24 5.79 9.56 3.62
C SER A 24 6.47 8.98 4.87
N ASN A 25 6.69 9.81 5.86
CA ASN A 25 7.26 9.36 7.11
C ASN A 25 6.12 8.71 7.91
N ILE A 26 6.41 7.66 8.66
CA ILE A 26 5.34 6.96 9.39
C ILE A 26 4.79 7.82 10.53
N ARG A 27 3.47 7.96 10.64
CA ARG A 27 2.87 8.70 11.76
C ARG A 27 2.12 7.73 12.68
N ASN A 28 1.44 6.76 12.11
CA ASN A 28 0.73 5.73 12.91
C ASN A 28 1.07 4.34 12.44
N MET A 29 2.01 3.72 13.12
CA MET A 29 2.52 2.40 12.73
C MET A 29 1.48 1.34 12.57
N VAL A 30 0.60 1.22 13.55
CA VAL A 30 -0.44 0.18 13.53
C VAL A 30 -1.37 0.35 12.35
N ALA A 31 -1.77 1.58 12.08
CA ALA A 31 -2.64 1.87 10.95
C ALA A 31 -1.95 1.58 9.63
N VAL A 32 -0.67 1.92 9.47
CA VAL A 32 0.05 1.59 8.23
C VAL A 32 0.10 0.08 8.05
N LEU A 33 0.46 -0.63 9.12
CA LEU A 33 0.54 -2.10 9.07
C LEU A 33 -0.83 -2.74 8.72
N GLU A 34 -1.90 -2.15 9.21
CA GLU A 34 -3.25 -2.62 8.89
C GLU A 34 -3.59 -2.36 7.44
N VAL A 35 -3.16 -1.24 6.90
CA VAL A 35 -3.36 -0.95 5.48
C VAL A 35 -2.59 -1.96 4.62
N ILE A 36 -1.38 -2.27 5.04
CA ILE A 36 -0.61 -3.27 4.32
C ILE A 36 -1.36 -4.61 4.36
N SER A 37 -1.88 -4.97 5.52
CA SER A 37 -2.63 -6.22 5.66
C SER A 37 -3.87 -6.21 4.79
N SER A 38 -4.54 -5.06 4.71
CA SER A 38 -5.73 -4.94 3.91
C SER A 38 -5.42 -5.04 2.41
N LEU A 39 -4.28 -4.50 2.00
CA LEU A 39 -3.90 -4.55 0.59
C LEU A 39 -3.49 -5.96 0.20
N GLU A 40 -2.89 -6.70 1.12
CA GLU A 40 -2.53 -8.09 0.85
C GLU A 40 -3.80 -8.93 0.73
N LYS A 41 -4.82 -8.56 1.47
CA LYS A 41 -6.13 -9.25 1.47
C LYS A 41 -7.06 -8.80 0.33
N TYR A 42 -6.91 -7.56 -0.13
CA TYR A 42 -7.77 -6.99 -1.17
C TYR A 42 -6.96 -6.47 -2.37
N PRO A 43 -6.82 -7.28 -3.43
CA PRO A 43 -6.02 -6.74 -4.55
C PRO A 43 -6.71 -5.58 -5.29
N ILE A 44 -5.95 -4.54 -5.52
CA ILE A 44 -6.42 -3.37 -6.25
C ILE A 44 -6.19 -3.69 -7.74
N THR A 45 -6.99 -3.14 -8.63
CA THR A 45 -6.87 -3.41 -10.06
C THR A 45 -5.85 -2.47 -10.70
N LYS A 46 -5.43 -2.77 -11.93
CA LYS A 46 -4.46 -1.92 -12.63
C LYS A 46 -4.98 -0.49 -12.79
N GLU A 47 -6.23 -0.35 -13.19
CA GLU A 47 -6.85 0.97 -13.43
C GLU A 47 -6.98 1.77 -12.13
N ALA A 48 -7.44 1.12 -11.07
CA ALA A 48 -7.58 1.78 -9.77
C ALA A 48 -6.20 2.16 -9.22
N LEU A 49 -5.18 1.41 -9.59
CA LEU A 49 -3.82 1.71 -9.14
C LEU A 49 -3.32 3.01 -9.75
N GLU A 50 -3.81 3.37 -10.93
CA GLU A 50 -3.43 4.63 -11.55
C GLU A 50 -4.05 5.81 -10.81
N GLU A 51 -5.30 5.65 -10.40
CA GLU A 51 -6.03 6.70 -9.66
C GLU A 51 -5.47 6.89 -8.26
N THR A 52 -5.28 5.80 -7.55
CA THR A 52 -4.81 5.84 -6.17
C THR A 52 -3.29 6.08 -6.04
N ARG A 53 -2.57 5.72 -7.09
CA ARG A 53 -1.09 5.79 -7.15
C ARG A 53 -0.50 5.08 -5.94
N LEU A 54 -1.19 4.04 -5.47
CA LEU A 54 -0.75 3.29 -4.29
C LEU A 54 0.60 2.66 -4.53
N GLY A 55 0.87 2.27 -5.78
CA GLY A 55 2.16 1.71 -6.12
C GLY A 55 3.29 2.68 -5.82
N LYS A 56 3.09 3.95 -6.14
CA LYS A 56 4.11 4.95 -5.85
C LYS A 56 4.18 5.24 -4.36
N LEU A 57 3.03 5.34 -3.72
CA LEU A 57 2.96 5.61 -2.27
C LEU A 57 3.65 4.55 -1.44
N ILE A 58 3.32 3.29 -1.69
CA ILE A 58 3.90 2.17 -0.96
C ILE A 58 5.41 2.12 -1.21
N ASN A 59 5.84 2.45 -2.43
CA ASN A 59 7.27 2.43 -2.74
C ASN A 59 8.03 3.50 -1.97
N ASP A 60 7.42 4.66 -1.76
CA ASP A 60 8.06 5.72 -0.98
C ASP A 60 8.07 5.34 0.49
N VAL A 61 6.93 4.93 1.02
CA VAL A 61 6.84 4.56 2.43
C VAL A 61 7.87 3.46 2.72
N ARG A 62 8.04 2.52 1.78
CA ARG A 62 9.02 1.44 1.93
C ARG A 62 10.45 1.94 2.17
N LYS A 63 10.82 3.03 1.52
CA LYS A 63 12.18 3.57 1.67
C LYS A 63 12.29 4.59 2.81
N LYS A 64 11.16 5.04 3.33
CA LYS A 64 11.14 5.98 4.46
C LYS A 64 11.09 5.26 5.78
N THR A 65 10.46 4.11 5.82
CA THR A 65 10.38 3.34 7.08
C THR A 65 11.68 2.63 7.41
N LYS A 66 12.01 2.56 8.70
CA LYS A 66 13.22 1.81 9.12
C LYS A 66 12.84 0.42 9.58
N ASN A 67 11.55 0.12 9.52
CA ASN A 67 11.06 -1.21 9.93
C ASN A 67 11.20 -2.14 8.74
N GLU A 68 12.15 -3.05 8.85
CA GLU A 68 12.41 -3.97 7.75
C GLU A 68 11.22 -4.89 7.47
N GLU A 69 10.42 -5.25 8.47
CA GLU A 69 9.25 -6.10 8.26
C GLU A 69 8.25 -5.38 7.33
N LEU A 70 8.03 -4.10 7.60
CA LEU A 70 7.13 -3.28 6.78
C LEU A 70 7.75 -3.21 5.39
N ALA A 71 9.05 -3.00 5.30
CA ALA A 71 9.71 -2.91 4.01
C ALA A 71 9.61 -4.22 3.22
N LYS A 72 9.73 -5.37 3.88
CA LYS A 72 9.57 -6.69 3.23
C LYS A 72 8.13 -6.91 2.75
N ARG A 73 7.15 -6.54 3.55
CA ARG A 73 5.74 -6.70 3.14
C ARG A 73 5.40 -5.73 2.01
N ALA A 74 5.96 -4.54 2.07
CA ALA A 74 5.76 -3.58 1.01
C ALA A 74 6.44 -4.12 -0.26
N LYS A 75 7.60 -4.73 -0.13
CA LYS A 75 8.31 -5.32 -1.28
C LYS A 75 7.46 -6.43 -1.90
N LYS A 76 6.76 -7.20 -1.06
CA LYS A 76 5.85 -8.26 -1.55
C LYS A 76 4.73 -7.65 -2.38
N LEU A 77 4.09 -6.62 -1.84
CA LEU A 77 3.03 -5.94 -2.57
C LEU A 77 3.53 -5.31 -3.85
N LEU A 78 4.66 -4.63 -3.79
CA LEU A 78 5.21 -3.97 -4.97
C LEU A 78 5.56 -4.94 -6.11
N ARG A 79 6.07 -6.13 -5.79
CA ARG A 79 6.37 -7.10 -6.84
C ARG A 79 5.08 -7.65 -7.45
N SER A 80 4.06 -7.80 -6.62
CA SER A 80 2.76 -8.24 -7.13
C SER A 80 2.19 -7.18 -8.08
N TRP A 81 2.24 -5.93 -7.66
CA TRP A 81 1.73 -4.84 -8.47
C TRP A 81 2.58 -4.62 -9.70
N GLN A 82 3.86 -4.95 -9.64
CA GLN A 82 4.75 -4.81 -10.80
C GLN A 82 4.22 -5.63 -11.98
N LYS A 83 3.79 -6.86 -11.68
CA LYS A 83 3.26 -7.76 -12.71
C LYS A 83 1.84 -7.40 -13.12
N LEU A 84 1.08 -6.83 -12.21
CA LEU A 84 -0.28 -6.42 -12.47
C LEU A 84 -0.37 -5.19 -13.39
N ILE A 85 0.54 -4.25 -13.20
CA ILE A 85 0.62 -3.07 -14.06
C ILE A 85 1.25 -3.44 -15.39
N GLU A 86 2.25 -4.31 -15.36
CA GLU A 86 3.01 -4.72 -16.56
C GLU A 86 3.50 -3.48 -17.32
N PRO A 87 4.35 -2.65 -16.68
CA PRO A 87 4.75 -1.44 -17.36
C PRO A 87 5.82 -1.70 -18.42
N ALA A 88 6.02 -0.73 -19.29
CA ALA A 88 7.03 -0.84 -20.35
C ALA A 88 8.09 0.22 -20.04
N GLY A 89 9.37 -0.15 -20.10
CA GLY A 89 10.41 0.79 -19.76
C GLY A 89 10.79 0.82 -18.29
N SER A 90 11.32 1.97 -17.87
CA SER A 90 11.79 2.18 -16.51
C SER A 90 10.90 3.17 -15.82
N SER A 1 -19.98 -7.20 14.51
CA SER A 1 -18.61 -6.63 14.40
C SER A 1 -17.60 -7.73 13.98
N MET A 2 -16.32 -7.36 13.84
CA MET A 2 -15.25 -8.30 13.53
C MET A 2 -15.55 -9.12 12.24
N THR A 3 -16.17 -8.49 11.27
CA THR A 3 -16.55 -9.16 10.04
C THR A 3 -15.42 -9.16 9.02
N ALA A 4 -14.41 -8.32 9.26
CA ALA A 4 -13.25 -8.16 8.36
C ALA A 4 -13.69 -7.92 6.89
N ALA A 5 -14.75 -7.14 6.74
CA ALA A 5 -15.32 -6.83 5.44
C ALA A 5 -14.28 -6.02 4.64
N PRO A 6 -14.31 -6.10 3.31
CA PRO A 6 -13.34 -5.33 2.51
C PRO A 6 -13.61 -3.81 2.53
N ALA A 7 -12.67 -3.04 1.99
CA ALA A 7 -12.80 -1.59 1.88
C ALA A 7 -12.46 -1.23 0.43
N SER A 8 -13.00 -0.13 -0.06
CA SER A 8 -12.75 0.28 -1.45
C SER A 8 -11.29 0.72 -1.56
N PRO A 9 -10.67 0.55 -2.74
CA PRO A 9 -9.24 0.92 -2.85
C PRO A 9 -8.94 2.40 -2.56
N GLN A 10 -9.85 3.31 -2.90
CA GLN A 10 -9.63 4.71 -2.59
C GLN A 10 -9.64 4.94 -1.07
N GLN A 11 -10.52 4.22 -0.39
CA GLN A 11 -10.61 4.35 1.08
C GLN A 11 -9.36 3.77 1.75
N ILE A 12 -8.86 2.64 1.22
CA ILE A 12 -7.63 2.04 1.74
C ILE A 12 -6.48 3.00 1.50
N ARG A 13 -6.48 3.68 0.36
CA ARG A 13 -5.46 4.69 0.06
C ARG A 13 -5.55 5.83 1.09
N ASP A 14 -6.75 6.27 1.42
CA ASP A 14 -6.88 7.40 2.35
C ASP A 14 -6.38 7.01 3.75
N ARG A 15 -6.66 5.80 4.18
CA ARG A 15 -6.18 5.36 5.51
C ARG A 15 -4.67 5.43 5.58
N LEU A 16 -3.99 5.19 4.48
CA LEU A 16 -2.54 5.32 4.47
C LEU A 16 -2.12 6.76 4.68
N LEU A 17 -2.82 7.66 4.02
CA LEU A 17 -2.51 9.07 4.12
C LEU A 17 -2.79 9.56 5.51
N GLN A 18 -3.85 9.07 6.14
CA GLN A 18 -4.20 9.45 7.50
C GLN A 18 -3.22 8.86 8.52
N ALA A 19 -2.38 7.94 8.08
CA ALA A 19 -1.44 7.25 8.97
C ALA A 19 0.00 7.73 8.76
N ILE A 20 0.22 8.58 7.79
CA ILE A 20 1.55 9.13 7.51
C ILE A 20 1.59 10.66 7.47
N ASP A 21 2.80 11.16 7.58
CA ASP A 21 3.07 12.60 7.46
C ASP A 21 3.09 12.93 5.96
N PRO A 22 2.81 14.19 5.54
CA PRO A 22 2.93 14.42 4.08
C PRO A 22 4.32 14.18 3.48
N GLN A 23 5.37 14.19 4.29
CA GLN A 23 6.71 13.83 3.80
C GLN A 23 6.99 12.33 3.98
N SER A 24 5.89 11.58 4.09
CA SER A 24 5.89 10.12 4.19
C SER A 24 6.53 9.52 5.43
N ASN A 25 6.78 10.37 6.42
CA ASN A 25 7.32 9.91 7.69
C ASN A 25 6.18 9.23 8.42
N ILE A 26 6.45 8.16 9.15
CA ILE A 26 5.38 7.42 9.85
C ILE A 26 4.84 8.21 11.02
N ARG A 27 3.51 8.25 11.10
CA ARG A 27 2.79 8.91 12.22
C ARG A 27 2.01 7.91 13.07
N ASN A 28 1.40 6.95 12.41
CA ASN A 28 0.64 5.90 13.10
C ASN A 28 1.07 4.54 12.59
N MET A 29 2.01 3.91 13.28
CA MET A 29 2.61 2.65 12.79
C MET A 29 1.59 1.53 12.59
N VAL A 30 0.65 1.38 13.51
CA VAL A 30 -0.37 0.31 13.44
C VAL A 30 -1.24 0.54 12.22
N ALA A 31 -1.73 1.76 12.00
CA ALA A 31 -2.61 2.00 10.86
C ALA A 31 -1.89 1.75 9.52
N VAL A 32 -0.61 2.11 9.43
CA VAL A 32 0.11 1.85 8.19
C VAL A 32 0.21 0.33 7.92
N LEU A 33 0.42 -0.42 8.99
CA LEU A 33 0.55 -1.88 8.87
C LEU A 33 -0.80 -2.50 8.53
N GLU A 34 -1.90 -1.94 9.04
CA GLU A 34 -3.23 -2.41 8.68
C GLU A 34 -3.47 -2.25 7.19
N VAL A 35 -3.07 -1.12 6.63
CA VAL A 35 -3.23 -0.84 5.20
C VAL A 35 -2.45 -1.86 4.39
N ILE A 36 -1.22 -2.18 4.78
CA ILE A 36 -0.39 -3.13 4.05
C ILE A 36 -1.03 -4.51 4.10
N SER A 37 -1.44 -4.92 5.29
CA SER A 37 -2.13 -6.19 5.43
C SER A 37 -3.44 -6.22 4.67
N SER A 38 -4.14 -5.09 4.56
CA SER A 38 -5.40 -5.07 3.82
C SER A 38 -5.17 -5.24 2.34
N LEU A 39 -4.15 -4.62 1.81
CA LEU A 39 -3.81 -4.73 0.39
C LEU A 39 -3.26 -6.11 0.06
N GLU A 40 -2.67 -6.78 1.04
CA GLU A 40 -2.23 -8.16 0.85
C GLU A 40 -3.44 -9.11 0.76
N LYS A 41 -4.56 -8.75 1.39
CA LYS A 41 -5.77 -9.55 1.43
C LYS A 41 -6.81 -9.14 0.35
N TYR A 42 -6.82 -7.87 -0.02
CA TYR A 42 -7.74 -7.35 -1.02
C TYR A 42 -6.94 -6.84 -2.22
N PRO A 43 -6.85 -7.66 -3.28
CA PRO A 43 -6.07 -7.15 -4.40
C PRO A 43 -6.76 -6.04 -5.18
N ILE A 44 -6.05 -4.95 -5.36
CA ILE A 44 -6.56 -3.84 -6.16
C ILE A 44 -6.47 -4.23 -7.64
N THR A 45 -7.36 -3.70 -8.46
CA THR A 45 -7.32 -3.96 -9.92
C THR A 45 -6.32 -2.96 -10.48
N LYS A 46 -5.72 -3.29 -11.62
CA LYS A 46 -4.76 -2.39 -12.25
C LYS A 46 -5.38 -1.05 -12.61
N GLU A 47 -6.66 -1.09 -12.97
CA GLU A 47 -7.39 0.13 -13.34
C GLU A 47 -7.43 1.13 -12.17
N ALA A 48 -7.73 0.64 -10.98
CA ALA A 48 -7.80 1.51 -9.83
C ALA A 48 -6.40 1.83 -9.34
N LEU A 49 -5.44 0.93 -9.57
CA LEU A 49 -4.05 1.17 -9.15
C LEU A 49 -3.46 2.36 -9.93
N GLU A 50 -3.84 2.46 -11.20
CA GLU A 50 -3.40 3.56 -12.05
C GLU A 50 -3.84 4.88 -11.47
N GLU A 51 -5.10 4.99 -11.07
CA GLU A 51 -5.67 6.23 -10.51
C GLU A 51 -5.22 6.51 -9.07
N THR A 52 -5.21 5.48 -8.23
CA THR A 52 -4.84 5.66 -6.82
C THR A 52 -3.34 5.97 -6.70
N ARG A 53 -2.58 5.56 -7.72
CA ARG A 53 -1.11 5.74 -7.78
C ARG A 53 -0.47 5.15 -6.54
N LEU A 54 -1.13 4.13 -6.00
CA LEU A 54 -0.71 3.51 -4.75
C LEU A 54 0.71 2.94 -4.86
N GLY A 55 1.08 2.49 -6.05
CA GLY A 55 2.43 2.00 -6.27
C GLY A 55 3.47 3.01 -5.86
N LYS A 56 3.25 4.29 -6.13
CA LYS A 56 4.22 5.31 -5.75
C LYS A 56 4.27 5.43 -4.23
N LEU A 57 3.07 5.54 -3.63
CA LEU A 57 2.96 5.73 -2.16
C LEU A 57 3.59 4.58 -1.34
N ILE A 58 3.26 3.34 -1.69
CA ILE A 58 3.78 2.17 -0.96
C ILE A 58 5.32 2.14 -1.10
N ASN A 59 5.83 2.54 -2.25
CA ASN A 59 7.26 2.49 -2.49
C ASN A 59 8.00 3.54 -1.65
N ASP A 60 7.33 4.65 -1.36
CA ASP A 60 7.95 5.71 -0.56
C ASP A 60 7.95 5.27 0.90
N VAL A 61 6.80 4.79 1.35
CA VAL A 61 6.66 4.32 2.75
C VAL A 61 7.64 3.18 2.99
N ARG A 62 7.90 2.34 2.00
CA ARG A 62 8.90 1.28 2.10
C ARG A 62 10.28 1.83 2.43
N LYS A 63 10.60 3.02 1.95
CA LYS A 63 11.91 3.61 2.21
C LYS A 63 11.94 4.29 3.55
N LYS A 64 10.80 4.81 3.95
CA LYS A 64 10.68 5.56 5.19
C LYS A 64 10.50 4.75 6.46
N THR A 65 10.02 3.54 6.36
CA THR A 65 9.78 2.71 7.55
C THR A 65 11.10 2.14 8.08
N LYS A 66 11.13 1.99 9.39
CA LYS A 66 12.29 1.37 10.05
C LYS A 66 11.93 -0.12 10.32
N ASN A 67 10.66 -0.47 10.17
CA ASN A 67 10.24 -1.87 10.39
C ASN A 67 10.51 -2.70 9.17
N GLU A 68 11.41 -3.65 9.32
CA GLU A 68 11.77 -4.56 8.24
C GLU A 68 10.60 -5.36 7.70
N GLU A 69 9.67 -5.71 8.58
CA GLU A 69 8.53 -6.50 8.16
C GLU A 69 7.72 -5.71 7.14
N LEU A 70 7.55 -4.43 7.41
CA LEU A 70 6.75 -3.56 6.57
C LEU A 70 7.44 -3.47 5.24
N ALA A 71 8.76 -3.25 5.27
CA ALA A 71 9.55 -3.10 4.05
C ALA A 71 9.46 -4.38 3.19
N LYS A 72 9.47 -5.56 3.82
CA LYS A 72 9.38 -6.82 3.06
C LYS A 72 7.99 -7.00 2.49
N ARG A 73 6.93 -6.70 3.25
CA ARG A 73 5.55 -6.82 2.73
C ARG A 73 5.33 -5.82 1.62
N ALA A 74 5.82 -4.60 1.79
CA ALA A 74 5.75 -3.59 0.74
C ALA A 74 6.44 -4.08 -0.55
N LYS A 75 7.59 -4.70 -0.42
CA LYS A 75 8.29 -5.26 -1.58
C LYS A 75 7.45 -6.36 -2.25
N LYS A 76 6.86 -7.25 -1.44
CA LYS A 76 5.99 -8.35 -1.94
C LYS A 76 4.85 -7.74 -2.71
N LEU A 77 4.17 -6.78 -2.12
CA LEU A 77 3.00 -6.13 -2.73
C LEU A 77 3.34 -5.41 -4.03
N LEU A 78 4.38 -4.59 -4.03
CA LEU A 78 4.80 -3.87 -5.23
C LEU A 78 5.22 -4.77 -6.37
N ARG A 79 5.86 -5.87 -6.05
CA ARG A 79 6.27 -6.83 -7.06
C ARG A 79 5.05 -7.47 -7.69
N SER A 80 4.05 -7.72 -6.86
CA SER A 80 2.81 -8.31 -7.34
C SER A 80 2.05 -7.28 -8.19
N TRP A 81 2.08 -6.01 -7.79
CA TRP A 81 1.42 -4.95 -8.55
C TRP A 81 1.97 -4.75 -9.95
N GLN A 82 3.26 -4.96 -10.17
CA GLN A 82 3.78 -4.84 -11.52
C GLN A 82 3.29 -5.98 -12.41
N LYS A 83 3.13 -7.17 -11.84
CA LYS A 83 2.65 -8.36 -12.56
C LYS A 83 1.17 -8.17 -12.88
N LEU A 84 0.45 -7.55 -11.96
CA LEU A 84 -1.00 -7.28 -12.04
C LEU A 84 -1.39 -6.34 -13.19
N ILE A 85 -0.52 -5.40 -13.48
CA ILE A 85 -0.74 -4.45 -14.57
C ILE A 85 -0.60 -5.16 -15.94
N GLU A 86 0.26 -6.17 -16.00
CA GLU A 86 0.57 -6.89 -17.26
C GLU A 86 0.93 -5.90 -18.40
N PRO A 87 2.04 -5.16 -18.26
CA PRO A 87 2.42 -4.16 -19.27
C PRO A 87 3.02 -4.75 -20.56
N ALA A 88 3.09 -6.07 -20.66
CA ALA A 88 3.66 -6.77 -21.81
C ALA A 88 5.03 -6.20 -22.20
N GLY A 89 5.20 -5.90 -23.47
CA GLY A 89 6.42 -5.31 -23.98
C GLY A 89 6.12 -4.93 -25.43
N SER A 90 7.09 -4.34 -26.10
CA SER A 90 6.95 -3.95 -27.52
C SER A 90 7.49 -5.12 -28.36
N SER A 1 -4.68 -7.29 11.95
CA SER A 1 -5.29 -8.49 12.54
C SER A 1 -6.78 -8.43 12.39
N MET A 2 -7.41 -7.34 12.85
CA MET A 2 -8.84 -7.18 12.67
C MET A 2 -9.16 -7.28 11.19
N THR A 3 -10.27 -7.93 10.89
CA THR A 3 -10.69 -8.15 9.52
C THR A 3 -12.20 -8.06 9.53
N ALA A 4 -12.77 -7.28 8.64
CA ALA A 4 -14.21 -7.12 8.54
C ALA A 4 -14.69 -7.48 7.13
N ALA A 5 -14.62 -6.49 6.24
CA ALA A 5 -15.10 -6.67 4.88
C ALA A 5 -14.17 -5.90 3.92
N PRO A 6 -14.19 -6.21 2.61
CA PRO A 6 -13.45 -5.40 1.63
C PRO A 6 -13.87 -3.95 1.63
N ALA A 7 -12.97 -3.07 1.27
CA ALA A 7 -13.22 -1.64 1.19
C ALA A 7 -12.74 -1.22 -0.20
N SER A 8 -13.20 -0.07 -0.68
CA SER A 8 -12.80 0.40 -2.00
C SER A 8 -11.31 0.66 -1.91
N PRO A 9 -10.58 0.51 -3.02
CA PRO A 9 -9.14 0.80 -2.93
C PRO A 9 -8.86 2.25 -2.61
N GLN A 10 -9.80 3.13 -2.91
CA GLN A 10 -9.64 4.53 -2.57
C GLN A 10 -9.75 4.73 -1.07
N GLN A 11 -10.62 3.99 -0.41
CA GLN A 11 -10.71 4.10 1.06
C GLN A 11 -9.46 3.54 1.73
N ILE A 12 -8.91 2.50 1.13
CA ILE A 12 -7.69 1.89 1.67
C ILE A 12 -6.56 2.90 1.53
N ARG A 13 -6.50 3.60 0.40
CA ARG A 13 -5.54 4.69 0.17
C ARG A 13 -5.69 5.76 1.23
N ASP A 14 -6.92 6.14 1.53
CA ASP A 14 -7.20 7.23 2.47
C ASP A 14 -6.70 6.85 3.86
N ARG A 15 -6.90 5.60 4.27
CA ARG A 15 -6.40 5.15 5.57
C ARG A 15 -4.88 5.30 5.64
N LEU A 16 -4.21 5.09 4.52
CA LEU A 16 -2.76 5.23 4.47
C LEU A 16 -2.33 6.68 4.58
N LEU A 17 -3.05 7.56 3.89
CA LEU A 17 -2.74 8.98 3.87
C LEU A 17 -2.86 9.58 5.29
N GLN A 18 -3.84 9.12 6.04
CA GLN A 18 -4.08 9.63 7.40
C GLN A 18 -3.09 8.99 8.39
N ALA A 19 -2.30 8.01 7.92
CA ALA A 19 -1.36 7.31 8.79
C ALA A 19 0.12 7.68 8.48
N ILE A 20 0.36 8.49 7.46
CA ILE A 20 1.74 8.88 7.12
C ILE A 20 1.84 10.40 6.96
N ASP A 21 3.06 10.89 7.03
CA ASP A 21 3.33 12.30 6.88
C ASP A 21 3.29 12.58 5.38
N PRO A 22 3.00 13.82 4.96
CA PRO A 22 3.11 14.07 3.50
C PRO A 22 4.49 13.76 2.88
N GLN A 23 5.51 13.66 3.72
CA GLN A 23 6.84 13.30 3.29
C GLN A 23 7.04 11.79 3.31
N SER A 24 5.94 11.05 3.36
CA SER A 24 5.92 9.56 3.43
C SER A 24 6.53 8.93 4.71
N ASN A 25 6.92 9.74 5.69
CA ASN A 25 7.48 9.25 6.95
C ASN A 25 6.32 8.67 7.75
N ILE A 26 6.59 7.70 8.60
CA ILE A 26 5.53 7.03 9.35
C ILE A 26 5.03 7.91 10.50
N ARG A 27 3.73 8.03 10.65
CA ARG A 27 3.17 8.74 11.81
C ARG A 27 2.46 7.72 12.70
N ASN A 28 1.63 6.85 12.13
CA ASN A 28 0.92 5.86 12.92
C ASN A 28 1.20 4.47 12.36
N MET A 29 2.26 3.83 12.81
CA MET A 29 2.71 2.54 12.30
C MET A 29 1.64 1.46 12.28
N VAL A 30 0.82 1.38 13.32
CA VAL A 30 -0.21 0.36 13.39
C VAL A 30 -1.16 0.51 12.21
N ALA A 31 -1.55 1.74 11.92
CA ALA A 31 -2.49 2.00 10.85
C ALA A 31 -1.83 1.65 9.49
N VAL A 32 -0.56 1.96 9.32
CA VAL A 32 0.16 1.64 8.06
C VAL A 32 0.22 0.13 7.83
N LEU A 33 0.50 -0.59 8.90
CA LEU A 33 0.51 -2.07 8.86
C LEU A 33 -0.84 -2.62 8.53
N GLU A 34 -1.89 -2.03 9.08
CA GLU A 34 -3.23 -2.48 8.79
C GLU A 34 -3.58 -2.21 7.32
N VAL A 35 -3.04 -1.14 6.74
CA VAL A 35 -3.26 -0.86 5.30
C VAL A 35 -2.56 -1.94 4.48
N ILE A 36 -1.32 -2.30 4.80
CA ILE A 36 -0.61 -3.35 4.05
C ILE A 36 -1.39 -4.65 4.19
N SER A 37 -1.91 -4.94 5.38
CA SER A 37 -2.66 -6.16 5.60
C SER A 37 -3.97 -6.12 4.83
N SER A 38 -4.56 -4.94 4.65
CA SER A 38 -5.78 -4.83 3.89
C SER A 38 -5.50 -5.07 2.42
N LEU A 39 -4.39 -4.52 1.92
CA LEU A 39 -4.05 -4.63 0.52
C LEU A 39 -3.69 -6.05 0.11
N GLU A 40 -3.08 -6.79 1.03
CA GLU A 40 -2.77 -8.19 0.75
C GLU A 40 -4.07 -9.02 0.62
N LYS A 41 -5.11 -8.66 1.38
CA LYS A 41 -6.41 -9.36 1.31
C LYS A 41 -7.32 -8.86 0.17
N TYR A 42 -7.16 -7.58 -0.18
CA TYR A 42 -8.02 -6.96 -1.17
C TYR A 42 -7.25 -6.49 -2.39
N PRO A 43 -7.12 -7.36 -3.41
CA PRO A 43 -6.27 -6.90 -4.54
C PRO A 43 -6.85 -5.74 -5.34
N ILE A 44 -6.03 -4.74 -5.59
CA ILE A 44 -6.41 -3.53 -6.37
C ILE A 44 -6.09 -3.78 -7.87
N THR A 45 -6.76 -3.08 -8.79
CA THR A 45 -6.55 -3.29 -10.22
C THR A 45 -5.51 -2.30 -10.70
N LYS A 46 -4.97 -2.51 -11.89
CA LYS A 46 -3.99 -1.58 -12.47
C LYS A 46 -4.63 -0.21 -12.72
N GLU A 47 -5.88 -0.24 -13.15
CA GLU A 47 -6.65 0.98 -13.43
C GLU A 47 -6.84 1.79 -12.13
N ALA A 48 -7.18 1.14 -11.03
CA ALA A 48 -7.35 1.82 -9.77
C ALA A 48 -6.00 2.33 -9.26
N LEU A 49 -4.92 1.63 -9.56
CA LEU A 49 -3.58 2.05 -9.12
C LEU A 49 -3.17 3.38 -9.79
N GLU A 50 -3.65 3.62 -11.01
CA GLU A 50 -3.40 4.88 -11.73
C GLU A 50 -3.99 6.06 -10.97
N GLU A 51 -5.21 5.88 -10.53
CA GLU A 51 -5.93 6.93 -9.83
C GLU A 51 -5.55 7.06 -8.33
N THR A 52 -5.42 5.93 -7.65
CA THR A 52 -5.09 5.94 -6.21
C THR A 52 -3.63 6.24 -5.96
N ARG A 53 -2.78 6.06 -6.98
CA ARG A 53 -1.33 6.26 -6.92
C ARG A 53 -0.68 5.40 -5.83
N LEU A 54 -1.38 4.37 -5.40
CA LEU A 54 -0.90 3.54 -4.30
C LEU A 54 0.44 2.91 -4.56
N GLY A 55 0.71 2.58 -5.80
CA GLY A 55 2.01 1.98 -6.12
C GLY A 55 3.18 2.88 -5.78
N LYS A 56 3.02 4.19 -6.04
CA LYS A 56 4.06 5.19 -5.74
C LYS A 56 4.15 5.38 -4.22
N LEU A 57 2.99 5.43 -3.59
CA LEU A 57 2.91 5.63 -2.13
C LEU A 57 3.61 4.51 -1.39
N ILE A 58 3.23 3.27 -1.65
CA ILE A 58 3.86 2.15 -0.95
C ILE A 58 5.36 2.09 -1.21
N ASN A 59 5.77 2.39 -2.44
CA ASN A 59 7.19 2.37 -2.79
C ASN A 59 7.99 3.42 -2.03
N ASP A 60 7.39 4.57 -1.74
CA ASP A 60 8.09 5.63 -1.00
C ASP A 60 8.08 5.29 0.49
N VAL A 61 6.93 4.87 1.02
CA VAL A 61 6.80 4.50 2.44
C VAL A 61 7.81 3.43 2.81
N ARG A 62 8.01 2.48 1.91
CA ARG A 62 8.97 1.41 2.09
C ARG A 62 10.39 1.93 2.29
N LYS A 63 10.75 3.04 1.66
CA LYS A 63 12.11 3.56 1.78
C LYS A 63 12.29 4.54 2.95
N LYS A 64 11.18 5.06 3.47
CA LYS A 64 11.23 5.98 4.62
C LYS A 64 11.18 5.22 5.95
N THR A 65 10.39 4.16 6.00
CA THR A 65 10.26 3.38 7.22
C THR A 65 11.59 2.67 7.54
N LYS A 66 11.85 2.43 8.82
CA LYS A 66 13.09 1.74 9.27
C LYS A 66 12.73 0.30 9.66
N ASN A 67 11.44 0.04 9.63
CA ASN A 67 10.92 -1.26 10.04
C ASN A 67 11.09 -2.20 8.87
N GLU A 68 12.01 -3.16 9.03
CA GLU A 68 12.30 -4.16 8.02
C GLU A 68 11.10 -5.03 7.68
N GLU A 69 10.29 -5.39 8.65
CA GLU A 69 9.16 -6.29 8.41
C GLU A 69 8.18 -5.53 7.52
N LEU A 70 7.96 -4.26 7.82
CA LEU A 70 7.03 -3.45 7.04
C LEU A 70 7.63 -3.34 5.64
N ALA A 71 8.94 -3.08 5.55
CA ALA A 71 9.58 -2.92 4.27
C ALA A 71 9.49 -4.23 3.47
N LYS A 72 9.65 -5.36 4.12
CA LYS A 72 9.55 -6.66 3.43
C LYS A 72 8.14 -6.92 2.91
N ARG A 73 7.11 -6.62 3.69
CA ARG A 73 5.73 -6.83 3.21
C ARG A 73 5.40 -5.86 2.08
N ALA A 74 5.82 -4.61 2.22
CA ALA A 74 5.61 -3.58 1.19
C ALA A 74 6.32 -4.02 -0.10
N LYS A 75 7.51 -4.62 0.04
CA LYS A 75 8.27 -5.12 -1.12
C LYS A 75 7.58 -6.30 -1.81
N LYS A 76 7.03 -7.21 -1.02
CA LYS A 76 6.27 -8.37 -1.56
C LYS A 76 5.05 -7.86 -2.35
N LEU A 77 4.31 -6.92 -1.77
CA LEU A 77 3.10 -6.35 -2.39
C LEU A 77 3.43 -5.60 -3.68
N LEU A 78 4.47 -4.80 -3.66
CA LEU A 78 4.88 -4.05 -4.86
C LEU A 78 5.30 -4.96 -5.98
N ARG A 79 5.85 -6.10 -5.63
CA ARG A 79 6.27 -7.06 -6.66
C ARG A 79 5.04 -7.59 -7.37
N SER A 80 3.99 -7.82 -6.62
CA SER A 80 2.73 -8.27 -7.23
C SER A 80 2.17 -7.18 -8.14
N TRP A 81 2.29 -5.93 -7.73
CA TRP A 81 1.72 -4.81 -8.49
C TRP A 81 2.47 -4.52 -9.78
N GLN A 82 3.75 -4.82 -9.81
CA GLN A 82 4.58 -4.62 -11.01
C GLN A 82 4.03 -5.63 -12.05
N LYS A 83 3.81 -6.88 -11.63
CA LYS A 83 3.25 -7.92 -12.50
C LYS A 83 1.80 -7.61 -12.92
N LEU A 84 1.06 -6.94 -12.05
CA LEU A 84 -0.34 -6.59 -12.30
C LEU A 84 -0.48 -5.53 -13.39
N ILE A 85 0.43 -4.55 -13.39
CA ILE A 85 0.37 -3.50 -14.40
C ILE A 85 0.73 -4.15 -15.73
N GLU A 86 1.72 -5.03 -15.68
CA GLU A 86 2.24 -5.70 -16.87
C GLU A 86 2.66 -4.68 -17.98
N PRO A 87 3.72 -3.89 -17.70
CA PRO A 87 4.09 -2.94 -18.75
C PRO A 87 4.81 -3.68 -19.90
N ALA A 88 4.65 -3.17 -21.13
CA ALA A 88 5.33 -3.76 -22.29
C ALA A 88 6.85 -3.65 -22.13
N GLY A 89 7.58 -4.72 -22.43
CA GLY A 89 9.02 -4.74 -22.27
C GLY A 89 9.44 -5.02 -20.86
N SER A 90 9.03 -4.16 -19.93
CA SER A 90 9.27 -4.26 -18.46
C SER A 90 10.75 -4.22 -18.09
N SER A 1 -11.90 -0.62 18.58
CA SER A 1 -12.02 -1.97 17.94
C SER A 1 -11.87 -1.85 16.45
N MET A 2 -10.89 -2.51 15.85
CA MET A 2 -10.71 -2.43 14.41
C MET A 2 -11.69 -3.42 13.76
N THR A 3 -11.92 -3.28 12.48
CA THR A 3 -12.90 -4.17 11.81
C THR A 3 -12.29 -4.82 10.60
N ALA A 4 -12.47 -6.13 10.52
CA ALA A 4 -11.95 -6.95 9.43
C ALA A 4 -13.02 -7.03 8.32
N ALA A 5 -13.10 -5.98 7.52
CA ALA A 5 -14.07 -5.89 6.41
C ALA A 5 -13.41 -5.33 5.12
N PRO A 6 -13.87 -5.77 3.93
CA PRO A 6 -13.27 -5.16 2.76
C PRO A 6 -13.64 -3.69 2.57
N ALA A 7 -12.78 -2.95 1.91
CA ALA A 7 -13.06 -1.52 1.66
C ALA A 7 -12.69 -1.15 0.22
N SER A 8 -13.26 -0.09 -0.31
CA SER A 8 -12.87 0.37 -1.66
C SER A 8 -11.42 0.80 -1.72
N PRO A 9 -10.77 0.66 -2.90
CA PRO A 9 -9.35 0.98 -2.90
C PRO A 9 -9.04 2.43 -2.66
N GLN A 10 -9.91 3.36 -3.12
CA GLN A 10 -9.67 4.79 -2.90
C GLN A 10 -9.75 5.12 -1.40
N GLN A 11 -10.55 4.35 -0.65
CA GLN A 11 -10.61 4.54 0.80
C GLN A 11 -9.37 3.98 1.47
N ILE A 12 -8.87 2.82 1.01
CA ILE A 12 -7.67 2.24 1.61
C ILE A 12 -6.53 3.20 1.41
N ARG A 13 -6.49 3.86 0.26
CA ARG A 13 -5.46 4.88 -0.03
C ARG A 13 -5.55 6.04 0.94
N ASP A 14 -6.76 6.46 1.23
CA ASP A 14 -6.98 7.59 2.13
C ASP A 14 -6.54 7.12 3.56
N ARG A 15 -6.78 5.88 3.92
CA ARG A 15 -6.40 5.43 5.28
C ARG A 15 -4.89 5.38 5.43
N LEU A 16 -4.17 5.17 4.32
CA LEU A 16 -2.71 5.17 4.33
C LEU A 16 -2.24 6.58 4.56
N LEU A 17 -2.82 7.52 3.80
CA LEU A 17 -2.38 8.92 3.85
C LEU A 17 -2.61 9.51 5.26
N GLN A 18 -3.65 9.12 5.92
CA GLN A 18 -3.90 9.53 7.32
C GLN A 18 -2.94 8.86 8.31
N ALA A 19 -2.42 7.67 7.98
CA ALA A 19 -1.52 6.93 8.92
C ALA A 19 -0.03 7.45 8.84
N ILE A 20 0.26 8.23 7.78
CA ILE A 20 1.58 8.80 7.52
C ILE A 20 1.53 10.35 7.50
N ASP A 21 2.68 10.96 7.55
CA ASP A 21 2.84 12.43 7.51
C ASP A 21 2.83 12.83 6.05
N PRO A 22 2.53 14.08 5.71
CA PRO A 22 2.61 14.37 4.28
C PRO A 22 4.03 14.16 3.75
N GLN A 23 5.01 14.22 4.65
CA GLN A 23 6.43 13.98 4.35
C GLN A 23 6.73 12.48 4.17
N SER A 24 5.66 11.70 4.20
CA SER A 24 5.68 10.24 4.05
C SER A 24 6.31 9.49 5.19
N ASN A 25 6.67 10.19 6.26
CA ASN A 25 7.23 9.52 7.44
C ASN A 25 6.07 8.90 8.20
N ILE A 26 6.31 7.85 8.98
CA ILE A 26 5.24 7.12 9.71
C ILE A 26 4.79 7.86 10.96
N ARG A 27 3.49 7.94 11.16
CA ARG A 27 2.92 8.61 12.32
C ARG A 27 2.16 7.59 13.17
N ASN A 28 1.45 6.68 12.49
CA ASN A 28 0.76 5.56 13.18
C ASN A 28 1.14 4.24 12.53
N MET A 29 2.24 3.61 12.95
CA MET A 29 2.68 2.36 12.31
C MET A 29 1.68 1.25 12.37
N VAL A 30 0.96 1.15 13.48
CA VAL A 30 -0.02 0.11 13.63
C VAL A 30 -1.00 0.23 12.43
N ALA A 31 -1.47 1.43 12.17
CA ALA A 31 -2.36 1.69 11.06
C ALA A 31 -1.70 1.46 9.68
N VAL A 32 -0.44 1.86 9.49
CA VAL A 32 0.23 1.58 8.24
C VAL A 32 0.30 0.07 7.97
N LEU A 33 0.58 -0.70 9.02
CA LEU A 33 0.66 -2.15 8.89
C LEU A 33 -0.70 -2.77 8.61
N GLU A 34 -1.75 -2.16 9.16
CA GLU A 34 -3.12 -2.61 8.90
C GLU A 34 -3.48 -2.38 7.43
N VAL A 35 -3.08 -1.24 6.89
CA VAL A 35 -3.27 -0.92 5.48
C VAL A 35 -2.50 -1.89 4.60
N ILE A 36 -1.26 -2.18 4.95
CA ILE A 36 -0.49 -3.13 4.16
C ILE A 36 -1.27 -4.44 4.19
N SER A 37 -1.75 -4.86 5.35
CA SER A 37 -2.51 -6.14 5.48
C SER A 37 -3.75 -6.12 4.64
N SER A 38 -4.48 -4.99 4.59
CA SER A 38 -5.74 -4.85 3.82
C SER A 38 -5.45 -5.06 2.33
N LEU A 39 -4.39 -4.46 1.83
CA LEU A 39 -4.05 -4.57 0.40
C LEU A 39 -3.54 -5.94 0.04
N GLU A 40 -2.81 -6.57 0.96
CA GLU A 40 -2.35 -7.94 0.74
C GLU A 40 -3.57 -8.90 0.68
N LYS A 41 -4.62 -8.60 1.45
CA LYS A 41 -5.84 -9.42 1.50
C LYS A 41 -6.84 -9.11 0.35
N TYR A 42 -6.90 -7.84 -0.06
CA TYR A 42 -7.86 -7.36 -1.09
C TYR A 42 -7.13 -6.81 -2.37
N PRO A 43 -7.05 -7.64 -3.44
CA PRO A 43 -6.39 -7.14 -4.67
C PRO A 43 -7.01 -5.93 -5.35
N ILE A 44 -6.23 -4.87 -5.43
CA ILE A 44 -6.63 -3.62 -6.12
C ILE A 44 -6.45 -3.87 -7.62
N THR A 45 -7.32 -3.32 -8.42
CA THR A 45 -7.28 -3.53 -9.85
C THR A 45 -6.26 -2.63 -10.49
N LYS A 46 -5.84 -2.98 -11.68
CA LYS A 46 -4.85 -2.20 -12.41
C LYS A 46 -5.37 -0.82 -12.73
N GLU A 47 -6.65 -0.78 -13.00
CA GLU A 47 -7.35 0.42 -13.30
C GLU A 47 -7.38 1.32 -12.08
N ALA A 48 -7.66 0.72 -10.93
CA ALA A 48 -7.69 1.49 -9.70
C ALA A 48 -6.28 1.93 -9.30
N LEU A 49 -5.29 1.10 -9.61
CA LEU A 49 -3.93 1.44 -9.31
C LEU A 49 -3.47 2.69 -10.06
N GLU A 50 -3.99 2.88 -11.26
CA GLU A 50 -3.70 4.07 -12.08
C GLU A 50 -4.23 5.35 -11.44
N GLU A 51 -5.43 5.28 -10.91
CA GLU A 51 -6.08 6.41 -10.23
C GLU A 51 -5.50 6.70 -8.85
N THR A 52 -5.23 5.66 -8.10
CA THR A 52 -4.74 5.83 -6.72
C THR A 52 -3.27 6.10 -6.60
N ARG A 53 -2.53 5.63 -7.61
CA ARG A 53 -1.07 5.70 -7.64
C ARG A 53 -0.53 5.11 -6.36
N LEU A 54 -1.16 4.04 -5.88
CA LEU A 54 -0.78 3.44 -4.60
C LEU A 54 0.65 2.90 -4.69
N GLY A 55 1.08 2.44 -5.87
CA GLY A 55 2.45 1.94 -6.04
C GLY A 55 3.51 2.95 -5.67
N LYS A 56 3.26 4.18 -6.03
CA LYS A 56 4.18 5.25 -5.73
C LYS A 56 4.21 5.49 -4.23
N LEU A 57 3.03 5.43 -3.61
CA LEU A 57 2.90 5.67 -2.17
C LEU A 57 3.57 4.57 -1.36
N ILE A 58 3.32 3.32 -1.72
CA ILE A 58 3.87 2.16 -1.00
C ILE A 58 5.39 2.19 -1.17
N ASN A 59 5.87 2.62 -2.34
CA ASN A 59 7.32 2.65 -2.58
C ASN A 59 7.94 3.73 -1.70
N ASP A 60 7.35 4.89 -1.67
CA ASP A 60 7.86 5.97 -0.82
C ASP A 60 7.90 5.53 0.67
N VAL A 61 6.78 4.97 1.16
CA VAL A 61 6.67 4.47 2.55
C VAL A 61 7.73 3.39 2.87
N ARG A 62 7.93 2.46 1.96
CA ARG A 62 8.91 1.40 2.13
C ARG A 62 10.32 1.94 2.37
N LYS A 63 10.65 3.05 1.70
CA LYS A 63 11.97 3.68 1.83
C LYS A 63 12.04 4.59 3.05
N LYS A 64 10.92 5.15 3.47
CA LYS A 64 10.92 6.05 4.65
C LYS A 64 11.01 5.30 5.96
N THR A 65 10.45 4.10 6.00
CA THR A 65 10.47 3.35 7.25
C THR A 65 11.77 2.56 7.43
N LYS A 66 12.10 2.24 8.67
CA LYS A 66 13.30 1.43 8.94
C LYS A 66 12.86 0.07 9.49
N ASN A 67 11.57 -0.14 9.63
CA ASN A 67 11.03 -1.40 10.13
C ASN A 67 11.11 -2.39 8.97
N GLU A 68 11.97 -3.37 9.09
CA GLU A 68 12.20 -4.34 8.07
C GLU A 68 10.94 -5.16 7.77
N GLU A 69 10.08 -5.41 8.76
CA GLU A 69 8.85 -6.20 8.54
C GLU A 69 7.93 -5.46 7.53
N LEU A 70 7.79 -4.15 7.74
CA LEU A 70 6.94 -3.31 6.88
C LEU A 70 7.56 -3.25 5.50
N ALA A 71 8.87 -3.08 5.47
CA ALA A 71 9.60 -3.01 4.22
C ALA A 71 9.46 -4.29 3.38
N LYS A 72 9.60 -5.47 4.01
CA LYS A 72 9.48 -6.72 3.26
C LYS A 72 8.11 -6.90 2.67
N ARG A 73 7.09 -6.65 3.46
CA ARG A 73 5.71 -6.81 2.99
C ARG A 73 5.43 -5.82 1.89
N ALA A 74 5.92 -4.59 2.04
CA ALA A 74 5.71 -3.55 1.02
C ALA A 74 6.36 -3.98 -0.29
N LYS A 75 7.53 -4.58 -0.20
CA LYS A 75 8.19 -5.11 -1.41
C LYS A 75 7.38 -6.26 -1.99
N LYS A 76 6.85 -7.17 -1.17
CA LYS A 76 6.06 -8.27 -1.69
C LYS A 76 4.87 -7.68 -2.45
N LEU A 77 4.21 -6.69 -1.86
CA LEU A 77 3.03 -6.04 -2.46
C LEU A 77 3.40 -5.31 -3.78
N LEU A 78 4.44 -4.50 -3.77
CA LEU A 78 4.94 -3.86 -4.99
C LEU A 78 5.26 -4.88 -6.07
N ARG A 79 5.85 -5.99 -5.74
CA ARG A 79 6.16 -6.98 -6.77
C ARG A 79 4.88 -7.57 -7.37
N SER A 80 3.87 -7.77 -6.54
CA SER A 80 2.57 -8.30 -6.98
C SER A 80 1.88 -7.30 -7.91
N TRP A 81 1.94 -6.00 -7.56
CA TRP A 81 1.36 -4.97 -8.40
C TRP A 81 2.09 -4.87 -9.72
N GLN A 82 3.35 -5.23 -9.73
CA GLN A 82 4.10 -5.19 -11.01
C GLN A 82 3.53 -6.24 -11.95
N LYS A 83 3.24 -7.41 -11.40
CA LYS A 83 2.64 -8.52 -12.17
C LYS A 83 1.21 -8.15 -12.64
N LEU A 84 0.49 -7.37 -11.86
CA LEU A 84 -0.88 -6.90 -12.19
C LEU A 84 -0.95 -6.01 -13.43
N ILE A 85 0.11 -5.22 -13.65
CA ILE A 85 0.20 -4.38 -14.83
C ILE A 85 0.19 -5.30 -16.07
N GLU A 86 0.81 -6.48 -15.92
CA GLU A 86 0.98 -7.45 -17.02
C GLU A 86 1.05 -6.84 -18.44
N PRO A 87 2.15 -6.11 -18.75
CA PRO A 87 2.20 -5.56 -20.13
C PRO A 87 2.52 -6.58 -21.26
N ALA A 88 2.80 -7.81 -20.87
CA ALA A 88 3.02 -8.90 -21.81
C ALA A 88 4.18 -8.62 -22.83
N GLY A 89 5.22 -7.95 -22.36
CA GLY A 89 6.40 -7.72 -23.17
C GLY A 89 6.75 -6.24 -23.22
N SER A 90 7.65 -5.84 -24.15
CA SER A 90 8.00 -4.44 -24.29
C SER A 90 6.89 -3.59 -24.89
N SER A 1 -12.50 -12.23 11.63
CA SER A 1 -13.40 -12.38 12.79
C SER A 1 -14.34 -11.21 12.86
N MET A 2 -15.44 -11.37 13.62
CA MET A 2 -16.42 -10.33 13.89
C MET A 2 -16.88 -9.58 12.59
N THR A 3 -17.28 -10.33 11.56
CA THR A 3 -17.76 -9.73 10.28
C THR A 3 -16.81 -8.69 9.68
N ALA A 4 -15.66 -9.13 9.27
CA ALA A 4 -14.68 -8.27 8.63
C ALA A 4 -15.18 -8.12 7.19
N ALA A 5 -14.94 -6.99 6.55
CA ALA A 5 -15.46 -6.74 5.19
C ALA A 5 -14.46 -5.97 4.35
N PRO A 6 -14.51 -6.10 3.01
CA PRO A 6 -13.55 -5.36 2.18
C PRO A 6 -13.73 -3.85 2.13
N ALA A 7 -12.65 -3.17 1.80
CA ALA A 7 -12.69 -1.71 1.70
C ALA A 7 -12.32 -1.38 0.27
N SER A 8 -12.85 -0.31 -0.28
CA SER A 8 -12.56 0.02 -1.65
C SER A 8 -11.12 0.55 -1.72
N PRO A 9 -10.47 0.42 -2.88
CA PRO A 9 -9.07 0.88 -2.81
C PRO A 9 -8.92 2.37 -2.50
N GLN A 10 -9.93 3.15 -2.83
CA GLN A 10 -9.92 4.58 -2.56
C GLN A 10 -9.94 4.84 -1.01
N GLN A 11 -10.67 4.04 -0.29
CA GLN A 11 -10.71 4.08 1.18
C GLN A 11 -9.40 3.59 1.75
N ILE A 12 -8.83 2.54 1.19
CA ILE A 12 -7.57 2.02 1.69
C ILE A 12 -6.43 3.06 1.51
N ARG A 13 -6.43 3.75 0.38
CA ARG A 13 -5.46 4.81 0.15
C ARG A 13 -5.62 5.93 1.19
N ASP A 14 -6.86 6.31 1.48
CA ASP A 14 -7.16 7.41 2.44
C ASP A 14 -6.61 7.09 3.82
N ARG A 15 -6.77 5.83 4.22
CA ARG A 15 -6.24 5.37 5.50
C ARG A 15 -4.72 5.55 5.55
N LEU A 16 -4.05 5.21 4.46
CA LEU A 16 -2.60 5.33 4.42
C LEU A 16 -2.18 6.76 4.60
N LEU A 17 -2.82 7.69 3.88
CA LEU A 17 -2.43 9.10 3.93
C LEU A 17 -2.63 9.69 5.34
N GLN A 18 -3.61 9.20 6.09
CA GLN A 18 -3.85 9.64 7.48
C GLN A 18 -2.80 9.07 8.42
N ALA A 19 -2.19 7.93 8.05
CA ALA A 19 -1.21 7.29 8.89
C ALA A 19 0.21 7.71 8.59
N ILE A 20 0.44 8.51 7.55
CA ILE A 20 1.78 8.93 7.20
C ILE A 20 1.81 10.46 7.11
N ASP A 21 2.98 11.00 7.19
CA ASP A 21 3.20 12.45 7.06
C ASP A 21 3.18 12.81 5.59
N PRO A 22 2.92 14.10 5.20
CA PRO A 22 3.05 14.36 3.74
C PRO A 22 4.46 14.06 3.22
N GLN A 23 5.47 14.03 4.07
CA GLN A 23 6.85 13.65 3.68
C GLN A 23 7.08 12.13 3.61
N SER A 24 5.98 11.38 3.74
CA SER A 24 5.93 9.89 3.76
C SER A 24 6.54 9.27 5.04
N ASN A 25 6.86 10.11 6.04
CA ASN A 25 7.40 9.58 7.31
C ASN A 25 6.24 8.93 8.07
N ILE A 26 6.50 7.90 8.85
CA ILE A 26 5.42 7.21 9.57
C ILE A 26 4.92 8.00 10.80
N ARG A 27 3.59 8.16 10.89
CA ARG A 27 2.92 8.80 12.04
C ARG A 27 2.11 7.79 12.86
N ASN A 28 1.52 6.82 12.18
CA ASN A 28 0.81 5.73 12.87
C ASN A 28 1.18 4.37 12.24
N MET A 29 2.18 3.71 12.80
CA MET A 29 2.59 2.40 12.26
C MET A 29 1.53 1.33 12.32
N VAL A 30 0.74 1.31 13.41
CA VAL A 30 -0.33 0.31 13.53
C VAL A 30 -1.28 0.46 12.37
N ALA A 31 -1.64 1.69 12.02
CA ALA A 31 -2.55 1.90 10.92
C ALA A 31 -1.93 1.59 9.55
N VAL A 32 -0.63 1.87 9.40
CA VAL A 32 0.07 1.58 8.15
C VAL A 32 0.07 0.08 7.94
N LEU A 33 0.35 -0.68 9.00
CA LEU A 33 0.33 -2.15 8.87
C LEU A 33 -1.04 -2.67 8.49
N GLU A 34 -2.07 -2.00 8.97
CA GLU A 34 -3.44 -2.37 8.63
C GLU A 34 -3.76 -2.11 7.17
N VAL A 35 -3.09 -1.11 6.57
CA VAL A 35 -3.24 -0.86 5.14
C VAL A 35 -2.57 -2.00 4.36
N ILE A 36 -1.38 -2.37 4.77
CA ILE A 36 -0.63 -3.43 4.10
C ILE A 36 -1.46 -4.72 4.18
N SER A 37 -1.99 -5.02 5.37
CA SER A 37 -2.85 -6.20 5.57
C SER A 37 -4.10 -6.17 4.73
N SER A 38 -4.69 -4.97 4.59
CA SER A 38 -5.88 -4.87 3.77
C SER A 38 -5.60 -5.07 2.28
N LEU A 39 -4.49 -4.59 1.78
CA LEU A 39 -4.19 -4.79 0.34
C LEU A 39 -3.85 -6.27 0.04
N GLU A 40 -3.26 -6.93 1.00
CA GLU A 40 -2.98 -8.37 0.85
C GLU A 40 -4.29 -9.12 0.73
N LYS A 41 -5.27 -8.72 1.53
CA LYS A 41 -6.58 -9.38 1.57
C LYS A 41 -7.45 -9.00 0.42
N TYR A 42 -7.39 -7.71 0.06
CA TYR A 42 -8.23 -7.09 -0.96
C TYR A 42 -7.35 -6.53 -2.05
N PRO A 43 -7.17 -7.30 -3.16
CA PRO A 43 -6.23 -6.79 -4.17
C PRO A 43 -6.75 -5.60 -4.99
N ILE A 44 -5.83 -4.72 -5.37
CA ILE A 44 -6.15 -3.58 -6.20
C ILE A 44 -5.82 -3.93 -7.66
N THR A 45 -6.61 -3.41 -8.60
CA THR A 45 -6.43 -3.67 -10.03
C THR A 45 -5.60 -2.60 -10.67
N LYS A 46 -5.09 -2.87 -11.88
CA LYS A 46 -4.25 -1.87 -12.57
C LYS A 46 -5.02 -0.54 -12.79
N GLU A 47 -6.31 -0.65 -13.11
CA GLU A 47 -7.18 0.53 -13.34
C GLU A 47 -7.28 1.38 -12.07
N ALA A 48 -7.52 0.70 -10.95
CA ALA A 48 -7.66 1.40 -9.68
C ALA A 48 -6.28 1.95 -9.25
N LEU A 49 -5.21 1.22 -9.58
CA LEU A 49 -3.85 1.68 -9.32
C LEU A 49 -3.60 3.01 -10.07
N GLU A 50 -4.16 3.17 -11.28
CA GLU A 50 -4.00 4.43 -12.07
C GLU A 50 -4.61 5.65 -11.28
N GLU A 51 -5.71 5.38 -10.59
CA GLU A 51 -6.48 6.39 -9.84
C GLU A 51 -5.89 6.69 -8.42
N THR A 52 -5.42 5.66 -7.76
CA THR A 52 -4.92 5.79 -6.42
C THR A 52 -3.43 6.07 -6.30
N ARG A 53 -2.66 5.75 -7.35
CA ARG A 53 -1.18 5.90 -7.32
C ARG A 53 -0.59 5.14 -6.12
N LEU A 54 -1.27 4.08 -5.66
CA LEU A 54 -0.84 3.38 -4.45
C LEU A 54 0.53 2.78 -4.52
N GLY A 55 0.92 2.38 -5.73
CA GLY A 55 2.22 1.76 -5.96
C GLY A 55 3.34 2.72 -5.58
N LYS A 56 3.20 3.97 -6.04
CA LYS A 56 4.15 5.05 -5.77
C LYS A 56 4.16 5.35 -4.28
N LEU A 57 2.99 5.38 -3.66
CA LEU A 57 2.88 5.64 -2.23
C LEU A 57 3.54 4.56 -1.38
N ILE A 58 3.22 3.29 -1.65
CA ILE A 58 3.81 2.20 -0.88
C ILE A 58 5.32 2.18 -1.03
N ASN A 59 5.83 2.45 -2.22
CA ASN A 59 7.25 2.45 -2.46
C ASN A 59 7.94 3.56 -1.66
N ASP A 60 7.22 4.65 -1.44
CA ASP A 60 7.76 5.80 -0.68
C ASP A 60 7.77 5.48 0.82
N VAL A 61 6.74 4.84 1.30
CA VAL A 61 6.68 4.37 2.69
C VAL A 61 7.74 3.32 2.92
N ARG A 62 7.96 2.50 1.92
CA ARG A 62 8.96 1.41 2.00
C ARG A 62 10.37 1.98 2.29
N LYS A 63 10.73 3.07 1.66
CA LYS A 63 12.05 3.65 1.87
C LYS A 63 12.15 4.53 3.13
N LYS A 64 11.03 5.11 3.60
CA LYS A 64 11.05 6.01 4.76
C LYS A 64 10.99 5.29 6.11
N THR A 65 10.43 4.11 6.10
CA THR A 65 10.27 3.37 7.37
C THR A 65 11.55 2.67 7.81
N LYS A 66 11.71 2.61 9.14
CA LYS A 66 12.85 1.87 9.73
C LYS A 66 12.47 0.41 9.88
N ASN A 67 11.18 0.13 9.90
CA ASN A 67 10.71 -1.24 10.13
C ASN A 67 10.99 -2.17 8.93
N GLU A 68 12.00 -3.00 9.06
CA GLU A 68 12.46 -3.89 7.99
C GLU A 68 11.36 -4.86 7.52
N GLU A 69 10.56 -5.33 8.46
CA GLU A 69 9.48 -6.24 8.11
C GLU A 69 8.42 -5.50 7.29
N LEU A 70 8.16 -4.25 7.59
CA LEU A 70 7.19 -3.46 6.83
C LEU A 70 7.73 -3.34 5.40
N ALA A 71 9.03 -3.03 5.26
CA ALA A 71 9.67 -2.91 3.95
C ALA A 71 9.58 -4.21 3.16
N LYS A 72 9.73 -5.31 3.85
CA LYS A 72 9.65 -6.60 3.19
C LYS A 72 8.20 -6.88 2.72
N ARG A 73 7.21 -6.55 3.51
CA ARG A 73 5.82 -6.78 3.05
C ARG A 73 5.51 -5.82 1.91
N ALA A 74 5.89 -4.58 2.04
CA ALA A 74 5.71 -3.57 0.99
C ALA A 74 6.40 -4.04 -0.32
N LYS A 75 7.60 -4.58 -0.23
CA LYS A 75 8.34 -5.10 -1.40
C LYS A 75 7.53 -6.21 -2.11
N LYS A 76 6.81 -7.04 -1.36
CA LYS A 76 6.06 -8.14 -1.94
C LYS A 76 4.79 -7.61 -2.61
N LEU A 77 4.17 -6.57 -2.09
CA LEU A 77 3.01 -5.98 -2.75
C LEU A 77 3.44 -5.35 -4.05
N LEU A 78 4.59 -4.69 -4.02
CA LEU A 78 5.11 -4.00 -5.20
C LEU A 78 5.52 -5.04 -6.29
N ARG A 79 5.95 -6.24 -5.87
CA ARG A 79 6.27 -7.29 -6.85
C ARG A 79 4.95 -7.71 -7.54
N SER A 80 3.92 -7.91 -6.75
CA SER A 80 2.60 -8.28 -7.27
C SER A 80 2.10 -7.23 -8.24
N TRP A 81 2.22 -5.98 -7.84
CA TRP A 81 1.81 -4.89 -8.70
C TRP A 81 2.68 -4.74 -9.94
N GLN A 82 3.95 -5.11 -9.88
CA GLN A 82 4.79 -5.00 -11.06
C GLN A 82 4.25 -5.97 -12.14
N LYS A 83 3.81 -7.17 -11.73
CA LYS A 83 3.24 -8.12 -12.70
C LYS A 83 1.82 -7.63 -13.13
N LEU A 84 1.15 -6.88 -12.27
CA LEU A 84 -0.19 -6.36 -12.61
C LEU A 84 -0.09 -5.24 -13.65
N ILE A 85 0.90 -4.37 -13.52
CA ILE A 85 1.12 -3.25 -14.47
C ILE A 85 1.77 -3.78 -15.73
N GLU A 86 2.70 -4.71 -15.51
CA GLU A 86 3.52 -5.32 -16.57
C GLU A 86 4.24 -4.31 -17.49
N PRO A 87 5.18 -3.53 -16.95
CA PRO A 87 5.90 -2.63 -17.86
C PRO A 87 6.96 -3.30 -18.70
N ALA A 88 7.53 -2.55 -19.62
CA ALA A 88 8.59 -3.08 -20.45
C ALA A 88 9.88 -3.04 -19.62
N GLY A 89 10.74 -4.06 -19.77
CA GLY A 89 11.95 -4.13 -18.95
C GLY A 89 11.62 -4.56 -17.53
N SER A 90 12.48 -4.16 -16.60
CA SER A 90 12.30 -4.46 -15.17
C SER A 90 12.14 -5.95 -14.86
N SER A 1 -10.78 -10.58 18.79
CA SER A 1 -10.10 -9.92 17.66
C SER A 1 -10.96 -8.78 17.15
N MET A 2 -10.42 -7.92 16.32
CA MET A 2 -11.18 -6.83 15.74
C MET A 2 -12.07 -7.40 14.64
N THR A 3 -13.14 -6.67 14.32
CA THR A 3 -14.06 -7.06 13.27
C THR A 3 -13.44 -6.64 11.92
N ALA A 4 -13.42 -7.58 10.99
CA ALA A 4 -12.85 -7.34 9.67
C ALA A 4 -13.93 -7.08 8.64
N ALA A 5 -13.69 -6.13 7.76
CA ALA A 5 -14.61 -5.85 6.65
C ALA A 5 -13.78 -5.30 5.43
N PRO A 6 -14.24 -5.52 4.16
CA PRO A 6 -13.55 -4.94 3.01
C PRO A 6 -13.79 -3.45 2.85
N ALA A 7 -12.86 -2.77 2.16
CA ALA A 7 -12.93 -1.33 1.90
C ALA A 7 -12.61 -1.15 0.42
N SER A 8 -13.10 -0.05 -0.15
CA SER A 8 -12.85 0.30 -1.57
C SER A 8 -11.40 0.75 -1.73
N PRO A 9 -10.84 0.65 -2.95
CA PRO A 9 -9.42 1.02 -3.09
C PRO A 9 -9.10 2.46 -2.69
N GLN A 10 -9.99 3.41 -2.96
CA GLN A 10 -9.73 4.80 -2.61
C GLN A 10 -9.73 4.95 -1.06
N GLN A 11 -10.56 4.17 -0.37
CA GLN A 11 -10.66 4.25 1.11
C GLN A 11 -9.37 3.72 1.76
N ILE A 12 -8.85 2.64 1.19
CA ILE A 12 -7.59 2.06 1.66
C ILE A 12 -6.42 3.07 1.46
N ARG A 13 -6.43 3.72 0.31
CA ARG A 13 -5.47 4.80 0.00
C ARG A 13 -5.60 5.96 0.99
N ASP A 14 -6.80 6.34 1.31
CA ASP A 14 -7.05 7.44 2.25
C ASP A 14 -6.57 7.11 3.66
N ARG A 15 -6.83 5.87 4.09
CA ARG A 15 -6.33 5.40 5.40
C ARG A 15 -4.82 5.50 5.46
N LEU A 16 -4.14 5.18 4.39
CA LEU A 16 -2.68 5.26 4.37
C LEU A 16 -2.19 6.67 4.54
N LEU A 17 -2.85 7.60 3.89
CA LEU A 17 -2.44 9.00 3.89
C LEU A 17 -2.58 9.60 5.27
N GLN A 18 -3.67 9.24 5.94
CA GLN A 18 -3.92 9.74 7.30
C GLN A 18 -3.04 9.11 8.35
N ALA A 19 -2.29 8.05 7.98
CA ALA A 19 -1.41 7.31 8.91
C ALA A 19 0.10 7.61 8.71
N ILE A 20 0.42 8.41 7.68
CA ILE A 20 1.77 8.83 7.40
C ILE A 20 1.85 10.36 7.42
N ASP A 21 3.05 10.91 7.48
CA ASP A 21 3.28 12.33 7.51
C ASP A 21 3.18 12.78 6.06
N PRO A 22 2.90 14.08 5.77
CA PRO A 22 2.98 14.48 4.35
C PRO A 22 4.39 14.22 3.74
N GLN A 23 5.40 14.12 4.58
CA GLN A 23 6.78 13.78 4.14
C GLN A 23 6.99 12.26 4.03
N SER A 24 5.87 11.53 4.00
CA SER A 24 5.79 10.06 3.85
C SER A 24 6.36 9.27 5.02
N ASN A 25 6.77 9.98 6.09
CA ASN A 25 7.36 9.32 7.25
C ASN A 25 6.23 8.75 8.08
N ILE A 26 6.52 7.70 8.80
CA ILE A 26 5.45 6.99 9.55
C ILE A 26 4.93 7.76 10.78
N ARG A 27 3.61 7.84 11.00
CA ARG A 27 3.05 8.54 12.16
C ARG A 27 2.18 7.61 12.99
N ASN A 28 1.43 6.76 12.32
CA ASN A 28 0.66 5.73 12.99
C ASN A 28 0.97 4.34 12.38
N MET A 29 2.04 3.72 12.85
CA MET A 29 2.51 2.44 12.28
C MET A 29 1.51 1.30 12.34
N VAL A 30 0.75 1.21 13.40
CA VAL A 30 -0.25 0.16 13.52
C VAL A 30 -1.24 0.26 12.35
N ALA A 31 -1.67 1.48 12.04
CA ALA A 31 -2.60 1.71 10.88
C ALA A 31 -1.90 1.49 9.53
N VAL A 32 -0.61 1.82 9.41
CA VAL A 32 0.10 1.57 8.16
C VAL A 32 0.22 0.07 7.91
N LEU A 33 0.57 -0.72 8.91
CA LEU A 33 0.70 -2.18 8.78
C LEU A 33 -0.69 -2.76 8.46
N GLU A 34 -1.74 -2.21 9.09
CA GLU A 34 -3.09 -2.70 8.83
C GLU A 34 -3.43 -2.47 7.35
N VAL A 35 -3.11 -1.30 6.81
CA VAL A 35 -3.35 -0.99 5.40
C VAL A 35 -2.56 -1.92 4.48
N ILE A 36 -1.33 -2.25 4.83
CA ILE A 36 -0.50 -3.14 3.99
C ILE A 36 -1.16 -4.52 3.93
N SER A 37 -1.63 -5.02 5.08
CA SER A 37 -2.29 -6.34 5.14
C SER A 37 -3.64 -6.27 4.44
N SER A 38 -4.28 -5.11 4.44
CA SER A 38 -5.54 -4.95 3.75
C SER A 38 -5.32 -5.05 2.26
N LEU A 39 -4.27 -4.42 1.76
CA LEU A 39 -3.97 -4.45 0.32
C LEU A 39 -3.49 -5.83 -0.15
N GLU A 40 -2.83 -6.56 0.74
CA GLU A 40 -2.40 -7.94 0.44
C GLU A 40 -3.61 -8.87 0.41
N LYS A 41 -4.63 -8.53 1.19
CA LYS A 41 -5.85 -9.33 1.31
C LYS A 41 -6.86 -9.00 0.22
N TYR A 42 -6.96 -7.73 -0.14
CA TYR A 42 -7.94 -7.27 -1.11
C TYR A 42 -7.21 -6.75 -2.36
N PRO A 43 -7.16 -7.56 -3.42
CA PRO A 43 -6.32 -7.08 -4.53
C PRO A 43 -6.92 -5.90 -5.31
N ILE A 44 -6.12 -4.86 -5.45
CA ILE A 44 -6.53 -3.69 -6.23
C ILE A 44 -6.33 -4.00 -7.72
N THR A 45 -7.20 -3.43 -8.59
CA THR A 45 -7.06 -3.69 -9.98
C THR A 45 -6.03 -2.73 -10.60
N LYS A 46 -5.59 -3.01 -11.84
CA LYS A 46 -4.66 -2.14 -12.54
C LYS A 46 -5.21 -0.72 -12.72
N GLU A 47 -6.45 -0.67 -13.16
CA GLU A 47 -7.15 0.64 -13.42
C GLU A 47 -7.29 1.44 -12.10
N ALA A 48 -7.64 0.77 -11.01
CA ALA A 48 -7.74 1.48 -9.69
C ALA A 48 -6.35 1.86 -9.15
N LEU A 49 -5.33 1.09 -9.46
CA LEU A 49 -3.97 1.40 -9.01
C LEU A 49 -3.48 2.71 -9.62
N GLU A 50 -3.89 2.95 -10.86
CA GLU A 50 -3.53 4.17 -11.54
C GLU A 50 -4.17 5.41 -10.86
N GLU A 51 -5.44 5.29 -10.48
CA GLU A 51 -6.16 6.38 -9.83
C GLU A 51 -5.72 6.61 -8.39
N THR A 52 -5.44 5.52 -7.69
CA THR A 52 -5.01 5.64 -6.26
C THR A 52 -3.53 5.98 -6.17
N ARG A 53 -2.79 5.75 -7.28
CA ARG A 53 -1.32 5.99 -7.36
C ARG A 53 -0.55 5.29 -6.22
N LEU A 54 -1.17 4.25 -5.69
CA LEU A 54 -0.62 3.51 -4.55
C LEU A 54 0.74 2.91 -4.82
N GLY A 55 1.02 2.51 -6.04
CA GLY A 55 2.34 1.97 -6.36
C GLY A 55 3.44 2.93 -6.06
N LYS A 56 3.16 4.22 -6.16
CA LYS A 56 4.14 5.26 -5.81
C LYS A 56 4.19 5.36 -4.31
N LEU A 57 3.02 5.50 -3.72
CA LEU A 57 2.89 5.74 -2.28
C LEU A 57 3.55 4.67 -1.42
N ILE A 58 3.25 3.41 -1.68
CA ILE A 58 3.78 2.27 -0.92
C ILE A 58 5.32 2.19 -1.09
N ASN A 59 5.85 2.48 -2.28
CA ASN A 59 7.30 2.41 -2.48
C ASN A 59 8.01 3.53 -1.73
N ASP A 60 7.33 4.65 -1.56
CA ASP A 60 7.89 5.78 -0.81
C ASP A 60 7.98 5.37 0.67
N VAL A 61 6.86 4.91 1.21
CA VAL A 61 6.79 4.45 2.60
C VAL A 61 7.82 3.32 2.86
N ARG A 62 7.99 2.40 1.90
CA ARG A 62 8.95 1.30 2.04
C ARG A 62 10.36 1.84 2.28
N LYS A 63 10.70 2.97 1.68
CA LYS A 63 12.03 3.56 1.82
C LYS A 63 12.15 4.42 3.09
N LYS A 64 11.04 4.98 3.51
CA LYS A 64 10.98 5.85 4.69
C LYS A 64 10.91 5.07 5.99
N THR A 65 10.35 3.87 5.99
CA THR A 65 10.16 3.12 7.23
C THR A 65 11.45 2.48 7.76
N LYS A 66 11.57 2.49 9.07
CA LYS A 66 12.70 1.82 9.76
C LYS A 66 12.33 0.42 10.13
N ASN A 67 11.05 0.11 9.97
CA ASN A 67 10.55 -1.22 10.33
C ASN A 67 10.78 -2.21 9.19
N GLU A 68 11.68 -3.15 9.39
CA GLU A 68 12.06 -4.09 8.36
C GLU A 68 10.91 -4.95 7.88
N GLU A 69 10.02 -5.34 8.77
CA GLU A 69 8.88 -6.19 8.37
C GLU A 69 8.01 -5.38 7.40
N LEU A 70 7.73 -4.13 7.77
CA LEU A 70 6.88 -3.26 6.95
C LEU A 70 7.51 -3.14 5.57
N ALA A 71 8.82 -2.91 5.53
CA ALA A 71 9.55 -2.83 4.25
C ALA A 71 9.42 -4.12 3.44
N LYS A 72 9.58 -5.26 4.08
CA LYS A 72 9.46 -6.53 3.34
C LYS A 72 8.03 -6.78 2.80
N ARG A 73 7.02 -6.50 3.60
CA ARG A 73 5.65 -6.67 3.16
C ARG A 73 5.36 -5.71 2.01
N ALA A 74 5.79 -4.45 2.13
CA ALA A 74 5.61 -3.47 1.07
C ALA A 74 6.27 -3.94 -0.21
N LYS A 75 7.47 -4.47 -0.10
CA LYS A 75 8.21 -4.98 -1.27
C LYS A 75 7.45 -6.13 -1.95
N LYS A 76 6.83 -7.01 -1.18
CA LYS A 76 6.13 -8.15 -1.76
C LYS A 76 4.89 -7.67 -2.51
N LEU A 77 4.18 -6.74 -1.89
CA LEU A 77 3.00 -6.16 -2.49
C LEU A 77 3.32 -5.46 -3.78
N LEU A 78 4.41 -4.72 -3.81
CA LEU A 78 4.84 -3.99 -5.00
C LEU A 78 5.24 -4.98 -6.10
N ARG A 79 5.87 -6.09 -5.71
CA ARG A 79 6.23 -7.13 -6.68
C ARG A 79 4.98 -7.73 -7.30
N SER A 80 3.92 -7.88 -6.50
CA SER A 80 2.63 -8.42 -6.94
C SER A 80 2.05 -7.41 -7.93
N TRP A 81 2.14 -6.12 -7.59
CA TRP A 81 1.64 -5.05 -8.46
C TRP A 81 2.43 -4.92 -9.75
N GLN A 82 3.70 -5.30 -9.76
CA GLN A 82 4.46 -5.29 -11.01
C GLN A 82 3.90 -6.34 -11.95
N LYS A 83 3.44 -7.46 -11.41
CA LYS A 83 2.83 -8.50 -12.25
C LYS A 83 1.41 -8.11 -12.69
N LEU A 84 0.73 -7.33 -11.86
CA LEU A 84 -0.64 -6.89 -12.11
C LEU A 84 -0.72 -5.90 -13.28
N ILE A 85 0.27 -5.05 -13.40
CA ILE A 85 0.24 -4.07 -14.48
C ILE A 85 0.61 -4.71 -15.81
N GLU A 86 1.63 -5.57 -15.79
CA GLU A 86 2.20 -6.23 -16.99
C GLU A 86 2.16 -5.33 -18.24
N PRO A 87 3.00 -4.29 -18.27
CA PRO A 87 2.83 -3.43 -19.45
C PRO A 87 3.32 -4.00 -20.76
N ALA A 88 2.70 -3.54 -21.83
CA ALA A 88 3.03 -4.00 -23.17
C ALA A 88 4.20 -3.16 -23.66
N GLY A 89 5.06 -3.78 -24.43
CA GLY A 89 6.23 -3.06 -24.94
C GLY A 89 7.25 -2.84 -23.84
N SER A 90 8.07 -1.82 -24.01
CA SER A 90 9.14 -1.46 -23.07
C SER A 90 10.15 -2.60 -22.86
N SER A 1 -20.74 -3.34 15.34
CA SER A 1 -19.80 -3.99 16.34
C SER A 1 -18.74 -4.82 15.62
N MET A 2 -19.14 -5.92 14.98
CA MET A 2 -18.19 -6.73 14.24
C MET A 2 -17.89 -6.02 12.95
N THR A 3 -16.67 -6.11 12.46
CA THR A 3 -16.29 -5.47 11.17
C THR A 3 -15.61 -6.46 10.22
N ALA A 4 -16.26 -6.86 9.17
CA ALA A 4 -15.70 -7.84 8.22
C ALA A 4 -16.27 -7.53 6.83
N ALA A 5 -15.74 -6.49 6.18
CA ALA A 5 -16.18 -6.12 4.85
C ALA A 5 -14.98 -5.53 4.13
N PRO A 6 -14.93 -5.64 2.80
CA PRO A 6 -13.86 -4.96 2.05
C PRO A 6 -14.15 -3.49 1.93
N ALA A 7 -13.10 -2.72 1.68
CA ALA A 7 -13.18 -1.26 1.46
C ALA A 7 -12.68 -0.97 0.03
N SER A 8 -13.20 0.09 -0.58
CA SER A 8 -12.78 0.43 -1.92
C SER A 8 -11.30 0.81 -1.93
N PRO A 9 -10.58 0.59 -3.03
CA PRO A 9 -9.15 0.95 -3.00
C PRO A 9 -8.83 2.38 -2.65
N GLN A 10 -9.71 3.31 -3.00
CA GLN A 10 -9.52 4.72 -2.68
C GLN A 10 -9.68 5.01 -1.18
N GLN A 11 -10.61 4.30 -0.53
CA GLN A 11 -10.78 4.40 0.93
C GLN A 11 -9.57 3.80 1.64
N ILE A 12 -9.02 2.74 1.10
CA ILE A 12 -7.80 2.13 1.65
C ILE A 12 -6.64 3.13 1.46
N ARG A 13 -6.60 3.81 0.32
CA ARG A 13 -5.58 4.86 0.08
C ARG A 13 -5.64 5.96 1.12
N ASP A 14 -6.85 6.40 1.42
CA ASP A 14 -7.04 7.49 2.38
C ASP A 14 -6.56 7.05 3.77
N ARG A 15 -6.87 5.83 4.18
CA ARG A 15 -6.38 5.35 5.49
C ARG A 15 -4.87 5.42 5.59
N LEU A 16 -4.15 5.17 4.51
CA LEU A 16 -2.70 5.29 4.51
C LEU A 16 -2.27 6.73 4.76
N LEU A 17 -2.94 7.63 4.09
CA LEU A 17 -2.61 9.06 4.18
C LEU A 17 -2.90 9.61 5.57
N GLN A 18 -3.83 9.04 6.28
CA GLN A 18 -4.08 9.49 7.68
C GLN A 18 -2.99 8.96 8.62
N ALA A 19 -2.28 7.92 8.17
CA ALA A 19 -1.29 7.24 9.01
C ALA A 19 0.18 7.71 8.72
N ILE A 20 0.38 8.51 7.67
CA ILE A 20 1.70 9.01 7.34
C ILE A 20 1.68 10.53 7.05
N ASP A 21 2.83 11.13 7.11
CA ASP A 21 2.98 12.54 6.73
C ASP A 21 3.10 12.62 5.22
N PRO A 22 2.91 13.79 4.59
CA PRO A 22 3.14 13.81 3.14
C PRO A 22 4.56 13.41 2.71
N GLN A 23 5.53 13.45 3.64
CA GLN A 23 6.89 13.11 3.38
C GLN A 23 7.16 11.58 3.60
N SER A 24 6.08 10.81 3.75
CA SER A 24 6.08 9.35 4.01
C SER A 24 6.58 8.95 5.37
N ASN A 25 6.78 9.91 6.24
CA ASN A 25 7.21 9.62 7.60
C ASN A 25 6.02 9.01 8.31
N ILE A 26 6.29 8.05 9.18
CA ILE A 26 5.21 7.30 9.79
C ILE A 26 4.66 8.01 11.03
N ARG A 27 3.33 8.16 11.10
CA ARG A 27 2.69 8.78 12.31
C ARG A 27 2.06 7.69 13.14
N ASN A 28 1.39 6.76 12.46
CA ASN A 28 0.69 5.65 13.12
C ASN A 28 1.09 4.30 12.52
N MET A 29 2.16 3.71 13.06
CA MET A 29 2.66 2.42 12.54
C MET A 29 1.63 1.30 12.46
N VAL A 30 0.83 1.06 13.47
CA VAL A 30 -0.18 -0.03 13.44
C VAL A 30 -1.11 0.17 12.22
N ALA A 31 -1.57 1.41 12.02
CA ALA A 31 -2.46 1.72 10.94
C ALA A 31 -1.81 1.48 9.58
N VAL A 32 -0.54 1.78 9.44
CA VAL A 32 0.17 1.51 8.16
C VAL A 32 0.27 -0.04 7.94
N LEU A 33 0.58 -0.77 9.00
CA LEU A 33 0.71 -2.22 8.89
C LEU A 33 -0.69 -2.80 8.50
N GLU A 34 -1.74 -2.23 9.06
CA GLU A 34 -3.09 -2.63 8.77
C GLU A 34 -3.47 -2.31 7.32
N VAL A 35 -2.99 -1.23 6.77
CA VAL A 35 -3.24 -0.90 5.35
C VAL A 35 -2.58 -1.95 4.45
N ILE A 36 -1.36 -2.35 4.78
CA ILE A 36 -0.70 -3.42 3.99
C ILE A 36 -1.51 -4.69 4.11
N SER A 37 -1.94 -5.00 5.32
CA SER A 37 -2.76 -6.19 5.59
C SER A 37 -4.05 -6.14 4.75
N SER A 38 -4.66 -4.94 4.63
CA SER A 38 -5.90 -4.79 3.89
C SER A 38 -5.66 -4.96 2.37
N LEU A 39 -4.58 -4.43 1.82
CA LEU A 39 -4.35 -4.52 0.39
C LEU A 39 -3.97 -5.98 0.03
N GLU A 40 -3.32 -6.69 0.93
CA GLU A 40 -2.94 -8.10 0.69
C GLU A 40 -4.21 -8.93 0.61
N LYS A 41 -5.19 -8.55 1.43
CA LYS A 41 -6.50 -9.23 1.44
C LYS A 41 -7.45 -8.79 0.34
N TYR A 42 -7.39 -7.51 -0.02
CA TYR A 42 -8.24 -6.92 -1.06
C TYR A 42 -7.35 -6.44 -2.22
N PRO A 43 -7.01 -7.29 -3.19
CA PRO A 43 -6.06 -6.82 -4.22
C PRO A 43 -6.63 -5.76 -5.20
N ILE A 44 -5.91 -4.66 -5.27
CA ILE A 44 -6.24 -3.56 -6.16
C ILE A 44 -5.83 -4.01 -7.56
N THR A 45 -6.45 -3.50 -8.60
CA THR A 45 -6.09 -3.86 -10.00
C THR A 45 -5.41 -2.65 -10.67
N LYS A 46 -4.74 -2.89 -11.81
CA LYS A 46 -4.00 -1.81 -12.52
C LYS A 46 -4.82 -0.56 -12.81
N GLU A 47 -6.05 -0.72 -13.20
CA GLU A 47 -6.88 0.45 -13.56
C GLU A 47 -7.10 1.38 -12.35
N ALA A 48 -7.42 0.81 -11.19
CA ALA A 48 -7.59 1.62 -9.97
C ALA A 48 -6.21 2.09 -9.46
N LEU A 49 -5.16 1.33 -9.76
CA LEU A 49 -3.80 1.70 -9.34
C LEU A 49 -3.36 2.98 -10.03
N GLU A 50 -3.88 3.21 -11.24
CA GLU A 50 -3.55 4.39 -12.01
C GLU A 50 -4.09 5.63 -11.27
N GLU A 51 -5.34 5.59 -10.84
CA GLU A 51 -6.00 6.71 -10.11
C GLU A 51 -5.46 6.90 -8.68
N THR A 52 -5.31 5.79 -7.97
CA THR A 52 -4.89 5.85 -6.54
C THR A 52 -3.40 6.10 -6.42
N ARG A 53 -2.65 5.74 -7.45
CA ARG A 53 -1.17 5.87 -7.47
C ARG A 53 -0.56 5.14 -6.26
N LEU A 54 -1.25 4.11 -5.77
CA LEU A 54 -0.82 3.39 -4.59
C LEU A 54 0.55 2.74 -4.68
N GLY A 55 0.92 2.24 -5.84
CA GLY A 55 2.25 1.63 -5.98
C GLY A 55 3.34 2.65 -5.74
N LYS A 56 3.06 3.91 -6.10
CA LYS A 56 4.02 5.00 -5.90
C LYS A 56 4.12 5.27 -4.39
N LEU A 57 2.96 5.35 -3.73
CA LEU A 57 2.90 5.65 -2.28
C LEU A 57 3.56 4.54 -1.44
N ILE A 58 3.19 3.28 -1.67
CA ILE A 58 3.75 2.18 -0.91
C ILE A 58 5.28 2.12 -1.13
N ASN A 59 5.75 2.45 -2.32
CA ASN A 59 7.21 2.43 -2.56
C ASN A 59 7.88 3.56 -1.77
N ASP A 60 7.21 4.71 -1.70
CA ASP A 60 7.76 5.86 -0.97
C ASP A 60 7.89 5.54 0.50
N VAL A 61 6.85 4.95 1.06
CA VAL A 61 6.88 4.48 2.49
C VAL A 61 7.95 3.40 2.70
N ARG A 62 8.08 2.48 1.75
CA ARG A 62 9.10 1.40 1.84
C ARG A 62 10.51 1.97 1.97
N LYS A 63 10.83 3.01 1.19
CA LYS A 63 12.19 3.61 1.21
C LYS A 63 12.38 4.55 2.40
N LYS A 64 11.31 4.94 3.06
CA LYS A 64 11.45 5.88 4.19
C LYS A 64 11.48 5.19 5.56
N THR A 65 10.64 4.18 5.73
CA THR A 65 10.55 3.48 7.03
C THR A 65 11.88 2.81 7.46
N LYS A 66 12.13 2.83 8.76
CA LYS A 66 13.25 2.09 9.36
C LYS A 66 12.79 0.65 9.63
N ASN A 67 11.47 0.45 9.70
CA ASN A 67 10.89 -0.86 10.00
C ASN A 67 11.13 -1.87 8.86
N GLU A 68 11.97 -2.86 9.15
CA GLU A 68 12.34 -3.86 8.18
C GLU A 68 11.19 -4.80 7.77
N GLU A 69 10.30 -5.13 8.69
CA GLU A 69 9.18 -6.01 8.36
C GLU A 69 8.23 -5.21 7.44
N LEU A 70 8.03 -3.93 7.74
CA LEU A 70 7.16 -3.09 6.89
C LEU A 70 7.76 -3.04 5.50
N ALA A 71 9.05 -2.76 5.41
CA ALA A 71 9.74 -2.74 4.11
C ALA A 71 9.62 -4.08 3.39
N LYS A 72 9.70 -5.18 4.09
CA LYS A 72 9.62 -6.50 3.48
C LYS A 72 8.24 -6.78 2.93
N ARG A 73 7.21 -6.45 3.71
CA ARG A 73 5.83 -6.69 3.26
C ARG A 73 5.53 -5.78 2.07
N ALA A 74 6.02 -4.56 2.14
CA ALA A 74 5.81 -3.61 1.01
C ALA A 74 6.45 -4.17 -0.24
N LYS A 75 7.63 -4.76 -0.13
CA LYS A 75 8.33 -5.31 -1.29
C LYS A 75 7.50 -6.42 -1.93
N LYS A 76 6.84 -7.23 -1.10
CA LYS A 76 6.02 -8.34 -1.60
C LYS A 76 4.88 -7.77 -2.43
N LEU A 77 4.15 -6.84 -1.82
CA LEU A 77 3.01 -6.21 -2.45
C LEU A 77 3.35 -5.47 -3.74
N LEU A 78 4.41 -4.68 -3.73
CA LEU A 78 4.85 -3.97 -4.96
C LEU A 78 5.23 -4.92 -6.08
N ARG A 79 5.83 -6.07 -5.71
CA ARG A 79 6.24 -7.07 -6.72
C ARG A 79 5.00 -7.60 -7.39
N SER A 80 3.96 -7.84 -6.58
CA SER A 80 2.70 -8.31 -7.16
C SER A 80 2.17 -7.28 -8.12
N TRP A 81 2.21 -6.02 -7.73
CA TRP A 81 1.72 -4.91 -8.60
C TRP A 81 2.57 -4.66 -9.86
N GLN A 82 3.88 -4.88 -9.84
CA GLN A 82 4.69 -4.74 -11.07
C GLN A 82 4.20 -5.76 -12.11
N LYS A 83 3.94 -6.98 -11.65
CA LYS A 83 3.44 -8.06 -12.50
C LYS A 83 1.98 -7.86 -12.94
N LEU A 84 1.23 -7.13 -12.15
CA LEU A 84 -0.16 -6.80 -12.50
C LEU A 84 -0.21 -5.72 -13.61
N ILE A 85 0.66 -4.75 -13.55
CA ILE A 85 0.64 -3.66 -14.52
C ILE A 85 1.36 -4.07 -15.80
N GLU A 86 2.52 -4.68 -15.62
CA GLU A 86 3.43 -5.14 -16.67
C GLU A 86 3.56 -4.16 -17.86
N PRO A 87 4.27 -3.04 -17.67
CA PRO A 87 4.42 -2.15 -18.83
C PRO A 87 5.36 -2.75 -19.88
N ALA A 88 5.23 -2.26 -21.10
CA ALA A 88 6.07 -2.72 -22.23
C ALA A 88 7.50 -2.24 -22.15
N GLY A 89 7.75 -1.19 -21.36
CA GLY A 89 9.09 -0.65 -21.19
C GLY A 89 9.49 -0.60 -19.73
N SER A 90 10.79 -0.47 -19.47
CA SER A 90 11.29 -0.51 -18.09
C SER A 90 11.37 0.90 -17.49
N SER A 1 -12.61 -16.95 9.05
CA SER A 1 -11.65 -16.88 7.93
C SER A 1 -11.39 -15.42 7.53
N MET A 2 -12.29 -14.80 6.77
CA MET A 2 -12.17 -13.39 6.38
C MET A 2 -12.10 -12.56 7.66
N THR A 3 -11.34 -11.46 7.64
CA THR A 3 -11.16 -10.57 8.77
C THR A 3 -11.34 -9.13 8.30
N ALA A 4 -12.28 -8.41 8.94
CA ALA A 4 -12.68 -7.03 8.63
C ALA A 4 -13.41 -6.93 7.28
N ALA A 5 -14.17 -5.87 7.17
CA ALA A 5 -14.97 -5.61 5.97
C ALA A 5 -14.11 -5.01 4.87
N PRO A 6 -14.43 -5.31 3.60
CA PRO A 6 -13.65 -4.68 2.54
C PRO A 6 -13.99 -3.21 2.39
N ALA A 7 -13.06 -2.45 1.82
CA ALA A 7 -13.26 -1.04 1.55
C ALA A 7 -12.85 -0.76 0.09
N SER A 8 -13.31 0.34 -0.46
CA SER A 8 -12.99 0.70 -1.83
C SER A 8 -11.50 1.09 -1.94
N PRO A 9 -10.87 1.03 -3.14
CA PRO A 9 -9.46 1.42 -3.30
C PRO A 9 -9.17 2.83 -2.79
N GLN A 10 -10.11 3.74 -2.98
CA GLN A 10 -9.94 5.12 -2.52
C GLN A 10 -9.89 5.17 -1.02
N GLN A 11 -10.81 4.47 -0.37
CA GLN A 11 -10.87 4.44 1.09
C GLN A 11 -9.62 3.80 1.70
N ILE A 12 -9.10 2.77 1.06
CA ILE A 12 -7.88 2.13 1.58
C ILE A 12 -6.72 3.11 1.44
N ARG A 13 -6.65 3.80 0.31
CA ARG A 13 -5.58 4.80 0.11
C ARG A 13 -5.70 5.88 1.19
N ASP A 14 -6.92 6.33 1.48
CA ASP A 14 -7.10 7.40 2.45
C ASP A 14 -6.64 6.97 3.85
N ARG A 15 -6.91 5.72 4.24
CA ARG A 15 -6.44 5.21 5.55
C ARG A 15 -4.93 5.33 5.66
N LEU A 16 -4.26 5.10 4.54
CA LEU A 16 -2.80 5.15 4.48
C LEU A 16 -2.32 6.58 4.63
N LEU A 17 -2.99 7.50 3.97
CA LEU A 17 -2.61 8.90 4.00
C LEU A 17 -2.76 9.46 5.38
N GLN A 18 -3.78 9.02 6.09
CA GLN A 18 -3.99 9.45 7.45
C GLN A 18 -3.08 8.73 8.44
N ALA A 19 -2.30 7.78 7.97
CA ALA A 19 -1.43 7.00 8.87
C ALA A 19 0.01 7.42 8.66
N ILE A 20 0.28 8.29 7.71
CA ILE A 20 1.60 8.79 7.43
C ILE A 20 1.62 10.32 7.39
N ASP A 21 2.80 10.90 7.45
CA ASP A 21 2.98 12.34 7.38
C ASP A 21 2.97 12.60 5.88
N PRO A 22 2.65 13.85 5.45
CA PRO A 22 2.80 14.11 3.98
C PRO A 22 4.24 13.87 3.44
N GLN A 23 5.24 13.84 4.30
CA GLN A 23 6.63 13.58 3.91
C GLN A 23 6.88 12.06 3.82
N SER A 24 5.83 11.28 3.84
CA SER A 24 5.84 9.83 3.67
C SER A 24 6.48 9.05 4.83
N ASN A 25 6.65 9.67 5.98
CA ASN A 25 7.17 8.96 7.14
C ASN A 25 6.03 8.50 8.04
N ILE A 26 6.27 7.51 8.86
CA ILE A 26 5.22 6.87 9.65
C ILE A 26 4.74 7.73 10.82
N ARG A 27 3.41 7.92 10.95
CA ARG A 27 2.85 8.62 12.13
C ARG A 27 2.04 7.60 12.97
N ASN A 28 1.42 6.61 12.33
CA ASN A 28 0.69 5.57 13.06
C ASN A 28 1.10 4.24 12.47
N MET A 29 2.09 3.63 13.09
CA MET A 29 2.63 2.35 12.58
C MET A 29 1.59 1.26 12.44
N VAL A 30 0.71 1.15 13.43
CA VAL A 30 -0.29 0.10 13.44
C VAL A 30 -1.21 0.26 12.22
N ALA A 31 -1.66 1.48 11.96
CA ALA A 31 -2.57 1.77 10.86
C ALA A 31 -1.89 1.51 9.49
N VAL A 32 -0.61 1.85 9.35
CA VAL A 32 0.10 1.62 8.08
C VAL A 32 0.23 0.13 7.82
N LEU A 33 0.51 -0.66 8.86
CA LEU A 33 0.65 -2.08 8.70
C LEU A 33 -0.71 -2.69 8.37
N GLU A 34 -1.77 -2.15 8.98
CA GLU A 34 -3.13 -2.58 8.68
C GLU A 34 -3.46 -2.32 7.18
N VAL A 35 -2.95 -1.23 6.59
CA VAL A 35 -3.20 -0.99 5.15
C VAL A 35 -2.52 -2.05 4.29
N ILE A 36 -1.31 -2.45 4.65
CA ILE A 36 -0.61 -3.50 3.93
C ILE A 36 -1.44 -4.77 4.06
N SER A 37 -1.93 -5.05 5.25
CA SER A 37 -2.77 -6.23 5.52
C SER A 37 -4.05 -6.17 4.70
N SER A 38 -4.59 -4.99 4.53
CA SER A 38 -5.84 -4.79 3.82
C SER A 38 -5.64 -5.03 2.34
N LEU A 39 -4.52 -4.57 1.79
CA LEU A 39 -4.28 -4.74 0.37
C LEU A 39 -3.92 -6.19 0.04
N GLU A 40 -3.39 -6.91 1.00
CA GLU A 40 -3.14 -8.37 0.86
C GLU A 40 -4.49 -9.12 0.79
N LYS A 41 -5.49 -8.64 1.52
CA LYS A 41 -6.87 -9.25 1.55
C LYS A 41 -7.72 -8.83 0.37
N TYR A 42 -7.54 -7.59 -0.04
CA TYR A 42 -8.38 -6.96 -1.06
C TYR A 42 -7.52 -6.54 -2.25
N PRO A 43 -7.46 -7.37 -3.32
CA PRO A 43 -6.66 -6.97 -4.46
C PRO A 43 -7.20 -5.72 -5.20
N ILE A 44 -6.30 -4.81 -5.56
CA ILE A 44 -6.67 -3.61 -6.28
C ILE A 44 -6.53 -3.89 -7.77
N THR A 45 -7.42 -3.33 -8.57
CA THR A 45 -7.35 -3.50 -10.01
C THR A 45 -6.28 -2.60 -10.58
N LYS A 46 -5.80 -2.88 -11.78
CA LYS A 46 -4.75 -2.05 -12.38
C LYS A 46 -5.19 -0.61 -12.56
N GLU A 47 -6.40 -0.43 -13.07
CA GLU A 47 -6.90 0.93 -13.31
C GLU A 47 -6.99 1.73 -12.02
N ALA A 48 -7.53 1.10 -10.99
CA ALA A 48 -7.64 1.75 -9.69
C ALA A 48 -6.26 2.06 -9.10
N LEU A 49 -5.28 1.19 -9.38
CA LEU A 49 -3.91 1.39 -8.89
C LEU A 49 -3.32 2.65 -9.53
N GLU A 50 -3.71 2.91 -10.76
CA GLU A 50 -3.20 4.04 -11.49
C GLU A 50 -3.73 5.36 -10.90
N GLU A 51 -5.04 5.39 -10.66
CA GLU A 51 -5.72 6.55 -10.04
C GLU A 51 -5.19 6.80 -8.62
N THR A 52 -5.19 5.74 -7.82
CA THR A 52 -4.75 5.86 -6.42
C THR A 52 -3.28 6.20 -6.32
N ARG A 53 -2.53 5.82 -7.36
CA ARG A 53 -1.07 5.92 -7.45
C ARG A 53 -0.42 5.22 -6.25
N LEU A 54 -1.15 4.24 -5.73
CA LEU A 54 -0.74 3.52 -4.53
C LEU A 54 0.64 2.88 -4.68
N GLY A 55 0.97 2.39 -5.86
CA GLY A 55 2.29 1.77 -6.07
C GLY A 55 3.45 2.71 -5.78
N LYS A 56 3.28 3.95 -6.19
CA LYS A 56 4.28 4.99 -5.95
C LYS A 56 4.35 5.29 -4.43
N LEU A 57 3.18 5.36 -3.81
CA LEU A 57 3.09 5.68 -2.39
C LEU A 57 3.76 4.61 -1.51
N ILE A 58 3.44 3.34 -1.75
CA ILE A 58 3.99 2.24 -0.96
C ILE A 58 5.52 2.20 -1.15
N ASN A 59 6.03 2.53 -2.34
CA ASN A 59 7.47 2.49 -2.58
C ASN A 59 8.15 3.65 -1.88
N ASP A 60 7.45 4.76 -1.68
CA ASP A 60 8.04 5.89 -0.97
C ASP A 60 8.08 5.57 0.52
N VAL A 61 6.99 5.07 1.04
CA VAL A 61 6.92 4.71 2.47
C VAL A 61 7.91 3.62 2.81
N ARG A 62 8.16 2.70 1.87
CA ARG A 62 9.18 1.64 2.03
C ARG A 62 10.57 2.23 2.21
N LYS A 63 10.84 3.39 1.63
CA LYS A 63 12.15 4.03 1.76
C LYS A 63 12.25 4.84 3.03
N LYS A 64 11.14 5.45 3.45
CA LYS A 64 11.11 6.29 4.62
C LYS A 64 10.98 5.54 5.95
N THR A 65 10.45 4.34 5.89
CA THR A 65 10.26 3.57 7.12
C THR A 65 11.57 2.95 7.58
N LYS A 66 11.74 2.88 8.91
CA LYS A 66 12.94 2.27 9.49
C LYS A 66 12.74 0.76 9.77
N ASN A 67 11.50 0.41 10.03
CA ASN A 67 11.15 -0.97 10.35
C ASN A 67 11.30 -1.85 9.13
N GLU A 68 12.29 -2.73 9.15
CA GLU A 68 12.57 -3.58 8.01
C GLU A 68 11.39 -4.52 7.67
N GLU A 69 10.55 -4.86 8.64
CA GLU A 69 9.40 -5.74 8.41
C GLU A 69 8.41 -5.07 7.44
N LEU A 70 8.22 -3.75 7.59
CA LEU A 70 7.26 -3.02 6.76
C LEU A 70 7.85 -3.02 5.37
N ALA A 71 9.13 -2.69 5.31
CA ALA A 71 9.82 -2.67 4.02
C ALA A 71 9.80 -4.01 3.28
N LYS A 72 9.99 -5.11 4.02
CA LYS A 72 9.88 -6.45 3.45
C LYS A 72 8.49 -6.71 2.92
N ARG A 73 7.46 -6.37 3.69
CA ARG A 73 6.06 -6.64 3.24
C ARG A 73 5.69 -5.73 2.08
N ALA A 74 6.13 -4.48 2.13
CA ALA A 74 5.88 -3.52 1.05
C ALA A 74 6.50 -4.03 -0.25
N LYS A 75 7.70 -4.56 -0.19
CA LYS A 75 8.32 -5.11 -1.38
C LYS A 75 7.54 -6.33 -1.95
N LYS A 76 6.95 -7.13 -1.09
CA LYS A 76 6.16 -8.29 -1.55
C LYS A 76 4.91 -7.78 -2.29
N LEU A 77 4.21 -6.85 -1.66
CA LEU A 77 3.00 -6.25 -2.27
C LEU A 77 3.33 -5.60 -3.60
N LEU A 78 4.41 -4.83 -3.61
CA LEU A 78 4.85 -4.17 -4.87
C LEU A 78 5.19 -5.16 -5.99
N ARG A 79 5.75 -6.32 -5.64
CA ARG A 79 6.04 -7.35 -6.64
C ARG A 79 4.76 -7.93 -7.21
N SER A 80 3.74 -8.04 -6.38
CA SER A 80 2.42 -8.51 -6.84
C SER A 80 1.88 -7.47 -7.83
N TRP A 81 1.94 -6.21 -7.44
CA TRP A 81 1.50 -5.11 -8.30
C TRP A 81 2.32 -5.01 -9.59
N GLN A 82 3.58 -5.45 -9.58
CA GLN A 82 4.38 -5.47 -10.82
C GLN A 82 3.72 -6.40 -11.84
N LYS A 83 3.18 -7.52 -11.37
CA LYS A 83 2.48 -8.44 -12.26
C LYS A 83 1.10 -7.94 -12.64
N LEU A 84 0.44 -7.22 -11.74
CA LEU A 84 -0.87 -6.64 -12.01
C LEU A 84 -0.80 -5.61 -13.11
N ILE A 85 0.26 -4.83 -13.12
CA ILE A 85 0.52 -3.84 -14.14
C ILE A 85 0.87 -4.53 -15.46
N GLU A 86 1.65 -5.60 -15.39
CA GLU A 86 2.17 -6.30 -16.57
C GLU A 86 2.77 -5.28 -17.55
N PRO A 87 3.93 -4.67 -17.18
CA PRO A 87 4.48 -3.63 -18.10
C PRO A 87 5.15 -4.14 -19.35
N ALA A 88 5.23 -5.46 -19.47
CA ALA A 88 5.88 -6.11 -20.61
C ALA A 88 7.36 -5.73 -20.77
N GLY A 89 7.95 -6.14 -21.88
CA GLY A 89 9.37 -5.90 -22.08
C GLY A 89 10.19 -6.78 -21.17
N SER A 90 11.43 -6.35 -20.89
CA SER A 90 12.39 -7.05 -20.05
C SER A 90 12.72 -8.46 -20.52
N SER A 1 -16.04 -16.23 8.64
CA SER A 1 -16.61 -15.12 7.86
C SER A 1 -16.66 -13.87 8.70
N MET A 2 -17.12 -12.76 8.13
CA MET A 2 -17.24 -11.48 8.81
C MET A 2 -15.94 -11.01 9.53
N THR A 3 -14.80 -11.25 8.89
CA THR A 3 -13.52 -10.83 9.42
C THR A 3 -13.22 -9.46 8.82
N ALA A 4 -13.40 -8.42 9.64
CA ALA A 4 -13.30 -7.03 9.19
C ALA A 4 -14.33 -6.83 8.06
N ALA A 5 -14.06 -5.91 7.15
CA ALA A 5 -14.96 -5.64 6.03
C ALA A 5 -14.14 -5.21 4.84
N PRO A 6 -14.67 -5.35 3.60
CA PRO A 6 -13.92 -4.80 2.47
C PRO A 6 -14.05 -3.28 2.42
N ALA A 7 -13.13 -2.59 1.75
CA ALA A 7 -13.18 -1.15 1.57
C ALA A 7 -12.75 -0.86 0.12
N SER A 8 -13.25 0.23 -0.44
CA SER A 8 -12.88 0.66 -1.79
C SER A 8 -11.42 1.09 -1.87
N PRO A 9 -10.79 1.03 -3.07
CA PRO A 9 -9.37 1.39 -3.15
C PRO A 9 -9.07 2.82 -2.69
N GLN A 10 -9.99 3.74 -2.95
CA GLN A 10 -9.82 5.13 -2.50
C GLN A 10 -9.80 5.22 -1.00
N GLN A 11 -10.62 4.40 -0.34
CA GLN A 11 -10.71 4.39 1.11
C GLN A 11 -9.46 3.80 1.69
N ILE A 12 -8.91 2.77 1.06
CA ILE A 12 -7.67 2.13 1.53
C ILE A 12 -6.51 3.13 1.35
N ARG A 13 -6.52 3.82 0.24
CA ARG A 13 -5.54 4.85 -0.02
C ARG A 13 -5.66 5.98 1.01
N ASP A 14 -6.89 6.39 1.34
CA ASP A 14 -7.11 7.45 2.32
C ASP A 14 -6.61 7.04 3.68
N ARG A 15 -6.89 5.79 4.05
CA ARG A 15 -6.44 5.27 5.36
C ARG A 15 -4.92 5.24 5.46
N LEU A 16 -4.25 5.09 4.33
CA LEU A 16 -2.81 5.13 4.33
C LEU A 16 -2.34 6.56 4.57
N LEU A 17 -2.95 7.54 3.89
CA LEU A 17 -2.57 8.96 4.01
C LEU A 17 -2.85 9.54 5.41
N GLN A 18 -3.82 8.96 6.11
CA GLN A 18 -4.13 9.37 7.50
C GLN A 18 -3.01 8.87 8.43
N ALA A 19 -2.40 7.75 8.08
CA ALA A 19 -1.37 7.12 8.88
C ALA A 19 0.08 7.59 8.58
N ILE A 20 0.30 8.27 7.47
CA ILE A 20 1.61 8.77 7.12
C ILE A 20 1.55 10.26 6.92
N ASP A 21 2.69 10.90 6.96
CA ASP A 21 2.80 12.32 6.65
C ASP A 21 2.79 12.34 5.13
N PRO A 22 2.35 13.44 4.49
CA PRO A 22 2.47 13.46 3.02
C PRO A 22 3.89 13.25 2.48
N GLN A 23 4.93 13.37 3.30
CA GLN A 23 6.33 13.06 2.91
C GLN A 23 6.64 11.56 3.14
N SER A 24 5.58 10.76 3.33
CA SER A 24 5.64 9.30 3.52
C SER A 24 6.30 8.79 4.80
N ASN A 25 6.55 9.67 5.76
CA ASN A 25 7.13 9.23 7.03
C ASN A 25 6.01 8.67 7.89
N ILE A 26 6.30 7.63 8.65
CA ILE A 26 5.27 6.94 9.45
C ILE A 26 4.83 7.83 10.62
N ARG A 27 3.53 8.06 10.77
CA ARG A 27 3.03 8.81 11.93
C ARG A 27 2.33 7.87 12.91
N ASN A 28 1.74 6.83 12.36
CA ASN A 28 1.04 5.82 13.15
C ASN A 28 1.30 4.43 12.54
N MET A 29 2.27 3.67 13.03
CA MET A 29 2.65 2.42 12.40
C MET A 29 1.63 1.30 12.37
N VAL A 30 0.86 1.14 13.43
CA VAL A 30 -0.13 0.07 13.43
C VAL A 30 -1.19 0.30 12.32
N ALA A 31 -1.53 1.56 12.09
CA ALA A 31 -2.50 1.91 11.06
C ALA A 31 -1.90 1.67 9.67
N VAL A 32 -0.60 1.94 9.48
CA VAL A 32 0.06 1.68 8.20
C VAL A 32 0.10 0.18 7.97
N LEU A 33 0.41 -0.59 9.00
CA LEU A 33 0.52 -2.05 8.89
C LEU A 33 -0.84 -2.64 8.51
N GLU A 34 -1.90 -2.03 9.04
CA GLU A 34 -3.26 -2.47 8.75
C GLU A 34 -3.56 -2.27 7.27
N VAL A 35 -3.11 -1.16 6.69
CA VAL A 35 -3.32 -0.92 5.25
C VAL A 35 -2.54 -1.94 4.42
N ILE A 36 -1.35 -2.31 4.87
CA ILE A 36 -0.56 -3.34 4.15
C ILE A 36 -1.32 -4.65 4.20
N SER A 37 -1.87 -4.99 5.37
CA SER A 37 -2.62 -6.22 5.53
C SER A 37 -3.88 -6.22 4.69
N SER A 38 -4.51 -5.06 4.58
CA SER A 38 -5.72 -4.90 3.81
C SER A 38 -5.45 -5.02 2.32
N LEU A 39 -4.32 -4.51 1.84
CA LEU A 39 -3.96 -4.62 0.43
C LEU A 39 -3.54 -6.05 0.08
N GLU A 40 -2.90 -6.76 1.01
CA GLU A 40 -2.56 -8.17 0.79
C GLU A 40 -3.84 -9.03 0.84
N LYS A 41 -4.91 -8.50 1.42
CA LYS A 41 -6.21 -9.19 1.49
C LYS A 41 -7.13 -8.82 0.34
N TYR A 42 -7.05 -7.57 -0.11
CA TYR A 42 -7.90 -7.05 -1.17
C TYR A 42 -7.06 -6.57 -2.37
N PRO A 43 -6.72 -7.47 -3.34
CA PRO A 43 -5.89 -7.01 -4.46
C PRO A 43 -6.56 -5.90 -5.29
N ILE A 44 -5.89 -4.75 -5.34
CA ILE A 44 -6.32 -3.59 -6.14
C ILE A 44 -6.09 -3.90 -7.64
N THR A 45 -7.01 -3.47 -8.50
CA THR A 45 -6.86 -3.68 -9.95
C THR A 45 -6.00 -2.56 -10.51
N LYS A 46 -5.42 -2.80 -11.70
CA LYS A 46 -4.50 -1.81 -12.30
C LYS A 46 -5.19 -0.45 -12.54
N GLU A 47 -6.45 -0.44 -12.94
CA GLU A 47 -7.14 0.82 -13.21
C GLU A 47 -7.25 1.65 -11.94
N ALA A 48 -7.53 0.99 -10.83
CA ALA A 48 -7.66 1.70 -9.55
C ALA A 48 -6.28 2.10 -9.03
N LEU A 49 -5.28 1.33 -9.40
CA LEU A 49 -3.91 1.68 -9.04
C LEU A 49 -3.44 2.94 -9.78
N GLU A 50 -3.94 3.13 -10.99
CA GLU A 50 -3.62 4.34 -11.77
C GLU A 50 -4.18 5.54 -11.04
N GLU A 51 -5.43 5.48 -10.59
CA GLU A 51 -6.08 6.58 -9.87
C GLU A 51 -5.49 6.83 -8.49
N THR A 52 -5.37 5.78 -7.69
CA THR A 52 -4.90 5.92 -6.29
C THR A 52 -3.41 6.15 -6.19
N ARG A 53 -2.64 5.82 -7.22
CA ARG A 53 -1.18 5.95 -7.21
C ARG A 53 -0.57 5.20 -6.00
N LEU A 54 -1.24 4.18 -5.50
CA LEU A 54 -0.81 3.46 -4.32
C LEU A 54 0.55 2.83 -4.50
N GLY A 55 0.91 2.49 -5.73
CA GLY A 55 2.22 1.94 -5.99
C GLY A 55 3.34 2.90 -5.66
N LYS A 56 3.12 4.18 -5.94
CA LYS A 56 4.11 5.22 -5.61
C LYS A 56 4.15 5.39 -4.12
N LEU A 57 2.99 5.40 -3.48
CA LEU A 57 2.90 5.61 -2.02
C LEU A 57 3.62 4.48 -1.30
N ILE A 58 3.28 3.24 -1.60
CA ILE A 58 3.89 2.07 -0.91
C ILE A 58 5.41 2.03 -1.17
N ASN A 59 5.83 2.38 -2.37
CA ASN A 59 7.29 2.36 -2.68
C ASN A 59 8.06 3.44 -1.92
N ASP A 60 7.44 4.59 -1.69
CA ASP A 60 8.10 5.64 -0.96
C ASP A 60 8.12 5.34 0.53
N VAL A 61 6.98 4.86 1.04
CA VAL A 61 6.85 4.49 2.46
C VAL A 61 7.89 3.43 2.78
N ARG A 62 8.13 2.52 1.87
CA ARG A 62 9.13 1.45 2.04
C ARG A 62 10.55 1.97 2.31
N LYS A 63 10.88 3.10 1.70
CA LYS A 63 12.23 3.68 1.86
C LYS A 63 12.30 4.55 3.09
N LYS A 64 11.16 5.10 3.46
CA LYS A 64 11.08 6.02 4.63
C LYS A 64 11.00 5.30 5.96
N THR A 65 10.39 4.12 5.97
CA THR A 65 10.27 3.36 7.21
C THR A 65 11.59 2.65 7.62
N LYS A 66 11.76 2.56 8.92
CA LYS A 66 12.92 1.89 9.55
C LYS A 66 12.61 0.43 9.83
N ASN A 67 11.31 0.07 9.84
CA ASN A 67 10.88 -1.30 10.19
C ASN A 67 11.11 -2.21 9.01
N GLU A 68 12.02 -3.16 9.17
CA GLU A 68 12.34 -4.11 8.10
C GLU A 68 11.13 -4.94 7.69
N GLU A 69 10.27 -5.27 8.64
CA GLU A 69 9.11 -6.11 8.36
C GLU A 69 8.14 -5.38 7.47
N LEU A 70 8.02 -4.08 7.67
CA LEU A 70 7.13 -3.27 6.86
C LEU A 70 7.73 -3.21 5.45
N ALA A 71 9.02 -2.95 5.39
CA ALA A 71 9.73 -2.82 4.12
C ALA A 71 9.64 -4.16 3.30
N LYS A 72 9.71 -5.29 4.00
CA LYS A 72 9.60 -6.62 3.36
C LYS A 72 8.19 -6.80 2.77
N ARG A 73 7.16 -6.49 3.54
CA ARG A 73 5.79 -6.68 3.03
C ARG A 73 5.48 -5.66 1.95
N ALA A 74 5.95 -4.44 2.09
CA ALA A 74 5.80 -3.42 1.03
C ALA A 74 6.42 -3.91 -0.30
N LYS A 75 7.64 -4.47 -0.23
CA LYS A 75 8.31 -5.02 -1.42
C LYS A 75 7.54 -6.21 -1.99
N LYS A 76 6.95 -7.03 -1.13
CA LYS A 76 6.13 -8.16 -1.59
C LYS A 76 4.93 -7.63 -2.38
N LEU A 77 4.27 -6.62 -1.86
CA LEU A 77 3.14 -6.03 -2.58
C LEU A 77 3.55 -5.36 -3.89
N LEU A 78 4.67 -4.66 -3.89
CA LEU A 78 5.14 -4.00 -5.10
C LEU A 78 5.48 -5.00 -6.17
N ARG A 79 6.03 -6.14 -5.77
CA ARG A 79 6.31 -7.19 -6.75
C ARG A 79 5.00 -7.77 -7.35
N SER A 80 3.98 -7.92 -6.53
CA SER A 80 2.71 -8.42 -7.04
C SER A 80 2.09 -7.37 -7.96
N TRP A 81 2.30 -6.10 -7.63
CA TRP A 81 1.74 -5.04 -8.45
C TRP A 81 2.50 -4.87 -9.73
N GLN A 82 3.78 -5.23 -9.79
CA GLN A 82 4.50 -5.16 -11.05
C GLN A 82 3.84 -6.12 -12.05
N LYS A 83 3.52 -7.30 -11.57
CA LYS A 83 2.86 -8.31 -12.39
C LYS A 83 1.41 -7.89 -12.74
N LEU A 84 0.75 -7.17 -11.86
CA LEU A 84 -0.61 -6.68 -12.08
C LEU A 84 -0.68 -5.65 -13.20
N ILE A 85 0.30 -4.74 -13.24
CA ILE A 85 0.27 -3.68 -14.25
C ILE A 85 0.65 -4.25 -15.59
N GLU A 86 1.69 -5.07 -15.63
CA GLU A 86 2.16 -5.70 -16.87
C GLU A 86 2.31 -4.68 -18.04
N PRO A 87 3.20 -3.67 -17.88
CA PRO A 87 3.26 -2.67 -18.93
C PRO A 87 3.94 -3.17 -20.21
N ALA A 88 3.46 -2.71 -21.36
CA ALA A 88 4.04 -3.13 -22.67
C ALA A 88 4.25 -2.00 -23.69
N GLY A 89 3.59 -0.86 -23.47
CA GLY A 89 3.74 0.30 -24.34
C GLY A 89 4.64 1.35 -23.73
N SER A 90 5.25 1.04 -22.60
CA SER A 90 6.16 1.96 -21.90
C SER A 90 7.61 1.69 -22.30
N SER A 1 -20.29 -7.66 14.41
CA SER A 1 -18.94 -7.03 14.51
C SER A 1 -17.92 -7.85 13.80
N MET A 2 -16.77 -7.30 13.50
CA MET A 2 -15.67 -8.00 12.78
C MET A 2 -16.15 -8.60 11.46
N THR A 3 -16.90 -7.82 10.70
CA THR A 3 -17.40 -8.32 9.41
C THR A 3 -16.21 -8.58 8.47
N ALA A 4 -15.17 -7.75 8.56
CA ALA A 4 -13.96 -7.88 7.68
C ALA A 4 -14.34 -7.78 6.21
N ALA A 5 -15.24 -6.88 5.92
CA ALA A 5 -15.73 -6.69 4.56
C ALA A 5 -14.70 -5.88 3.76
N PRO A 6 -14.55 -6.15 2.45
CA PRO A 6 -13.59 -5.35 1.66
C PRO A 6 -13.89 -3.85 1.65
N ALA A 7 -12.88 -3.00 1.46
CA ALA A 7 -13.08 -1.55 1.38
C ALA A 7 -12.75 -1.15 -0.03
N SER A 8 -13.30 0.00 -0.47
CA SER A 8 -12.99 0.49 -1.82
C SER A 8 -11.50 0.90 -1.87
N PRO A 9 -10.86 0.76 -3.05
CA PRO A 9 -9.41 1.11 -3.04
C PRO A 9 -9.10 2.57 -2.72
N GLN A 10 -10.01 3.48 -3.06
CA GLN A 10 -9.84 4.88 -2.72
C GLN A 10 -9.88 5.07 -1.21
N GLN A 11 -10.67 4.25 -0.54
CA GLN A 11 -10.80 4.38 0.91
C GLN A 11 -9.51 3.81 1.58
N ILE A 12 -8.95 2.75 1.00
CA ILE A 12 -7.72 2.16 1.54
C ILE A 12 -6.53 3.15 1.35
N ARG A 13 -6.47 3.81 0.21
CA ARG A 13 -5.45 4.84 -0.04
C ARG A 13 -5.55 5.98 0.99
N ASP A 14 -6.74 6.36 1.34
CA ASP A 14 -7.01 7.42 2.30
C ASP A 14 -6.60 7.04 3.73
N ARG A 15 -6.91 5.84 4.16
CA ARG A 15 -6.52 5.40 5.50
C ARG A 15 -5.02 5.44 5.62
N LEU A 16 -4.35 5.18 4.49
CA LEU A 16 -2.90 5.17 4.51
C LEU A 16 -2.38 6.59 4.65
N LEU A 17 -2.96 7.54 3.92
CA LEU A 17 -2.56 8.95 3.95
C LEU A 17 -2.82 9.59 5.31
N GLN A 18 -3.83 9.12 6.01
CA GLN A 18 -4.11 9.63 7.34
C GLN A 18 -3.06 9.08 8.34
N ALA A 19 -2.55 7.88 8.05
CA ALA A 19 -1.56 7.23 8.91
C ALA A 19 -0.09 7.63 8.67
N ILE A 20 0.15 8.44 7.65
CA ILE A 20 1.50 8.92 7.33
C ILE A 20 1.52 10.44 7.26
N ASP A 21 2.72 10.98 7.16
CA ASP A 21 2.96 12.42 7.04
C ASP A 21 2.90 12.79 5.56
N PRO A 22 2.66 14.07 5.19
CA PRO A 22 2.79 14.34 3.77
C PRO A 22 4.17 13.97 3.21
N GLN A 23 5.18 13.93 4.07
CA GLN A 23 6.54 13.54 3.65
C GLN A 23 6.71 12.01 3.60
N SER A 24 5.58 11.30 3.65
CA SER A 24 5.50 9.84 3.64
C SER A 24 6.11 9.17 4.86
N ASN A 25 6.50 9.96 5.85
CA ASN A 25 7.08 9.39 7.04
C ASN A 25 5.95 8.75 7.85
N ILE A 26 6.23 7.66 8.54
CA ILE A 26 5.26 6.95 9.34
C ILE A 26 4.76 7.83 10.52
N ARG A 27 3.45 7.94 10.72
CA ARG A 27 2.93 8.65 11.88
C ARG A 27 2.23 7.64 12.80
N ASN A 28 1.48 6.71 12.26
CA ASN A 28 0.87 5.62 13.07
C ASN A 28 1.35 4.31 12.49
N MET A 29 2.31 3.71 13.18
CA MET A 29 2.95 2.48 12.69
C MET A 29 1.93 1.35 12.47
N VAL A 30 1.01 1.15 13.42
CA VAL A 30 0.06 0.06 13.33
C VAL A 30 -0.94 0.31 12.22
N ALA A 31 -1.45 1.51 12.10
CA ALA A 31 -2.42 1.76 11.05
C ALA A 31 -1.80 1.60 9.66
N VAL A 32 -0.49 1.88 9.48
CA VAL A 32 0.14 1.60 8.17
C VAL A 32 0.22 0.08 7.94
N LEU A 33 0.61 -0.70 8.95
CA LEU A 33 0.67 -2.16 8.83
C LEU A 33 -0.70 -2.75 8.48
N GLU A 34 -1.74 -2.26 9.15
CA GLU A 34 -3.14 -2.70 8.88
C GLU A 34 -3.53 -2.46 7.40
N VAL A 35 -3.10 -1.35 6.85
CA VAL A 35 -3.35 -1.06 5.41
C VAL A 35 -2.56 -2.02 4.50
N ILE A 36 -1.36 -2.39 4.89
CA ILE A 36 -0.58 -3.32 4.08
C ILE A 36 -1.30 -4.65 4.11
N SER A 37 -1.78 -5.01 5.27
CA SER A 37 -2.50 -6.28 5.50
C SER A 37 -3.81 -6.23 4.73
N SER A 38 -4.41 -5.07 4.61
CA SER A 38 -5.69 -4.92 3.89
C SER A 38 -5.44 -5.19 2.41
N LEU A 39 -4.39 -4.58 1.82
CA LEU A 39 -4.09 -4.75 0.38
C LEU A 39 -3.59 -6.14 0.03
N GLU A 40 -2.94 -6.80 0.99
CA GLU A 40 -2.57 -8.23 0.84
C GLU A 40 -3.82 -9.08 0.66
N LYS A 41 -4.89 -8.68 1.32
CA LYS A 41 -6.16 -9.43 1.33
C LYS A 41 -7.11 -9.00 0.21
N TYR A 42 -7.16 -7.72 -0.09
CA TYR A 42 -8.08 -7.24 -1.10
C TYR A 42 -7.27 -6.76 -2.30
N PRO A 43 -7.24 -7.53 -3.38
CA PRO A 43 -6.43 -7.04 -4.49
C PRO A 43 -7.03 -5.85 -5.26
N ILE A 44 -6.22 -4.79 -5.29
CA ILE A 44 -6.56 -3.60 -6.09
C ILE A 44 -6.30 -3.92 -7.58
N THR A 45 -6.94 -3.21 -8.50
CA THR A 45 -6.72 -3.43 -9.95
C THR A 45 -5.69 -2.48 -10.48
N LYS A 46 -5.16 -2.78 -11.67
CA LYS A 46 -4.16 -1.87 -12.24
C LYS A 46 -4.75 -0.51 -12.60
N GLU A 47 -6.04 -0.50 -12.96
CA GLU A 47 -6.66 0.74 -13.38
C GLU A 47 -6.81 1.67 -12.19
N ALA A 48 -7.13 1.09 -11.03
CA ALA A 48 -7.30 1.86 -9.81
C ALA A 48 -5.92 2.29 -9.29
N LEU A 49 -4.90 1.51 -9.59
CA LEU A 49 -3.56 1.82 -9.14
C LEU A 49 -3.12 3.13 -9.74
N GLU A 50 -3.50 3.38 -11.00
CA GLU A 50 -3.19 4.62 -11.67
C GLU A 50 -3.79 5.89 -11.00
N GLU A 51 -5.04 5.77 -10.58
CA GLU A 51 -5.75 6.85 -9.88
C GLU A 51 -5.33 7.00 -8.40
N THR A 52 -5.12 5.89 -7.72
CA THR A 52 -4.75 5.93 -6.30
C THR A 52 -3.28 6.24 -6.07
N ARG A 53 -2.51 6.02 -7.10
CA ARG A 53 -1.06 6.17 -7.09
C ARG A 53 -0.44 5.39 -5.94
N LEU A 54 -1.14 4.34 -5.53
CA LEU A 54 -0.75 3.51 -4.38
C LEU A 54 0.63 2.91 -4.58
N GLY A 55 0.98 2.53 -5.81
CA GLY A 55 2.30 1.93 -6.05
C GLY A 55 3.41 2.90 -5.71
N LYS A 56 3.17 4.17 -6.03
CA LYS A 56 4.17 5.18 -5.72
C LYS A 56 4.21 5.44 -4.21
N LEU A 57 3.05 5.46 -3.59
CA LEU A 57 2.96 5.67 -2.14
C LEU A 57 3.64 4.56 -1.37
N ILE A 58 3.33 3.32 -1.71
CA ILE A 58 3.92 2.17 -1.04
C ILE A 58 5.43 2.23 -1.29
N ASN A 59 5.82 2.57 -2.51
CA ASN A 59 7.25 2.57 -2.80
C ASN A 59 8.00 3.58 -2.01
N ASP A 60 7.36 4.73 -1.73
CA ASP A 60 8.00 5.79 -0.96
C ASP A 60 8.04 5.39 0.53
N VAL A 61 6.93 4.92 1.05
CA VAL A 61 6.85 4.49 2.47
C VAL A 61 7.86 3.39 2.75
N ARG A 62 8.06 2.45 1.83
CA ARG A 62 9.07 1.40 2.00
C ARG A 62 10.47 1.95 2.29
N LYS A 63 10.79 3.13 1.78
CA LYS A 63 12.12 3.71 2.00
C LYS A 63 12.14 4.64 3.19
N LYS A 64 10.96 5.11 3.59
CA LYS A 64 10.88 5.98 4.75
C LYS A 64 10.76 5.23 6.07
N THR A 65 10.10 4.07 6.06
CA THR A 65 9.93 3.29 7.32
C THR A 65 11.24 2.77 7.82
N LYS A 66 11.40 2.62 9.13
CA LYS A 66 12.63 2.00 9.68
C LYS A 66 12.44 0.51 9.89
N ASN A 67 11.19 0.08 10.09
CA ASN A 67 10.91 -1.34 10.31
C ASN A 67 11.22 -2.15 9.02
N GLU A 68 12.13 -3.11 9.14
CA GLU A 68 12.48 -4.01 8.01
C GLU A 68 11.26 -4.85 7.63
N GLU A 69 10.46 -5.27 8.61
CA GLU A 69 9.23 -6.03 8.30
C GLU A 69 8.28 -5.29 7.39
N LEU A 70 8.11 -4.00 7.62
CA LEU A 70 7.23 -3.25 6.76
C LEU A 70 7.87 -3.18 5.38
N ALA A 71 9.17 -2.89 5.30
CA ALA A 71 9.82 -2.83 3.98
C ALA A 71 9.68 -4.13 3.17
N LYS A 72 9.86 -5.27 3.83
CA LYS A 72 9.72 -6.59 3.21
C LYS A 72 8.29 -6.81 2.72
N ARG A 73 7.32 -6.54 3.59
CA ARG A 73 5.93 -6.71 3.14
C ARG A 73 5.60 -5.69 2.04
N ALA A 74 6.11 -4.49 2.09
CA ALA A 74 5.86 -3.52 1.01
C ALA A 74 6.41 -4.05 -0.29
N LYS A 75 7.58 -4.65 -0.22
CA LYS A 75 8.22 -5.24 -1.39
C LYS A 75 7.38 -6.35 -2.00
N LYS A 76 6.81 -7.18 -1.15
CA LYS A 76 5.98 -8.33 -1.59
C LYS A 76 4.76 -7.74 -2.27
N LEU A 77 4.16 -6.72 -1.69
CA LEU A 77 2.98 -6.09 -2.31
C LEU A 77 3.30 -5.49 -3.68
N LEU A 78 4.42 -4.76 -3.78
CA LEU A 78 4.84 -4.13 -5.06
C LEU A 78 5.13 -5.18 -6.13
N ARG A 79 5.70 -6.28 -5.72
CA ARG A 79 5.98 -7.41 -6.64
C ARG A 79 4.68 -8.01 -7.13
N SER A 80 3.69 -8.03 -6.26
CA SER A 80 2.40 -8.52 -6.66
C SER A 80 1.78 -7.55 -7.68
N TRP A 81 2.03 -6.26 -7.49
CA TRP A 81 1.49 -5.23 -8.37
C TRP A 81 2.23 -5.20 -9.73
N GLN A 82 3.50 -5.60 -9.76
CA GLN A 82 4.24 -5.66 -11.00
C GLN A 82 3.58 -6.66 -11.93
N LYS A 83 3.02 -7.73 -11.35
CA LYS A 83 2.35 -8.81 -12.10
C LYS A 83 0.92 -8.40 -12.48
N LEU A 84 0.39 -7.47 -11.72
CA LEU A 84 -0.95 -6.94 -11.92
C LEU A 84 -1.02 -5.96 -13.11
N ILE A 85 -0.02 -5.05 -13.20
CA ILE A 85 0.02 -4.06 -14.29
C ILE A 85 0.22 -4.71 -15.66
N GLU A 86 1.01 -5.78 -15.70
CA GLU A 86 1.36 -6.47 -16.95
C GLU A 86 1.86 -5.44 -18.00
N PRO A 87 3.00 -4.78 -17.76
CA PRO A 87 3.43 -3.81 -18.80
C PRO A 87 3.93 -4.43 -20.11
N ALA A 88 4.08 -5.76 -20.13
CA ALA A 88 4.49 -6.49 -21.33
C ALA A 88 5.81 -5.89 -21.92
N GLY A 89 6.04 -6.06 -23.22
CA GLY A 89 7.19 -5.51 -23.90
C GLY A 89 6.95 -5.62 -25.37
N SER A 90 7.85 -5.08 -26.22
CA SER A 90 7.62 -5.06 -27.67
C SER A 90 7.99 -6.39 -28.28
N SER A 1 -15.60 -4.61 15.09
CA SER A 1 -16.65 -5.17 14.17
C SER A 1 -16.81 -6.65 14.44
N MET A 2 -17.84 -7.28 13.89
CA MET A 2 -18.04 -8.69 14.11
C MET A 2 -16.93 -9.53 13.44
N THR A 3 -16.55 -9.12 12.24
CA THR A 3 -15.56 -9.87 11.46
C THR A 3 -14.84 -8.92 10.50
N ALA A 4 -13.89 -9.42 9.72
CA ALA A 4 -13.19 -8.62 8.72
C ALA A 4 -14.18 -8.24 7.59
N ALA A 5 -13.96 -7.09 6.98
CA ALA A 5 -14.83 -6.63 5.88
C ALA A 5 -13.99 -5.86 4.82
N PRO A 6 -14.41 -5.92 3.54
CA PRO A 6 -13.63 -5.20 2.52
C PRO A 6 -13.83 -3.68 2.53
N ALA A 7 -12.92 -2.95 1.87
CA ALA A 7 -13.02 -1.50 1.73
C ALA A 7 -12.73 -1.18 0.27
N SER A 8 -13.14 0.00 -0.15
CA SER A 8 -12.93 0.44 -1.52
C SER A 8 -11.46 0.76 -1.66
N PRO A 9 -10.89 0.65 -2.88
CA PRO A 9 -9.46 0.97 -2.94
C PRO A 9 -9.20 2.46 -2.59
N GLN A 10 -10.17 3.34 -2.85
CA GLN A 10 -10.04 4.76 -2.48
C GLN A 10 -10.02 4.92 -0.94
N GLN A 11 -10.82 4.13 -0.24
CA GLN A 11 -10.86 4.17 1.23
C GLN A 11 -9.48 3.73 1.72
N ILE A 12 -8.98 2.61 1.22
CA ILE A 12 -7.70 2.08 1.68
C ILE A 12 -6.58 3.10 1.45
N ARG A 13 -6.65 3.82 0.32
CA ARG A 13 -5.67 4.88 0.01
C ARG A 13 -5.77 6.01 1.02
N ASP A 14 -6.98 6.40 1.36
CA ASP A 14 -7.16 7.51 2.27
C ASP A 14 -6.67 7.12 3.67
N ARG A 15 -6.91 5.86 4.08
CA ARG A 15 -6.41 5.38 5.38
C ARG A 15 -4.91 5.44 5.44
N LEU A 16 -4.24 5.07 4.35
CA LEU A 16 -2.78 5.14 4.32
C LEU A 16 -2.31 6.58 4.53
N LEU A 17 -2.93 7.53 3.83
CA LEU A 17 -2.55 8.93 3.96
C LEU A 17 -2.85 9.48 5.36
N GLN A 18 -3.86 8.96 6.04
CA GLN A 18 -4.11 9.35 7.45
C GLN A 18 -2.98 8.85 8.35
N ALA A 19 -2.33 7.76 7.96
CA ALA A 19 -1.31 7.10 8.76
C ALA A 19 0.17 7.52 8.53
N ILE A 20 0.40 8.29 7.49
CA ILE A 20 1.73 8.73 7.15
C ILE A 20 1.79 10.25 7.06
N ASP A 21 3.00 10.77 7.09
CA ASP A 21 3.22 12.18 6.92
C ASP A 21 3.33 12.45 5.42
N PRO A 22 3.08 13.71 4.94
CA PRO A 22 3.33 13.93 3.51
C PRO A 22 4.73 13.54 3.04
N GLN A 23 5.74 13.56 3.92
CA GLN A 23 7.10 13.08 3.57
C GLN A 23 7.21 11.53 3.48
N SER A 24 6.08 10.87 3.55
CA SER A 24 5.92 9.41 3.60
C SER A 24 6.54 8.79 4.83
N ASN A 25 6.89 9.63 5.79
CA ASN A 25 7.43 9.15 7.07
C ASN A 25 6.23 8.61 7.81
N ILE A 26 6.41 7.59 8.63
CA ILE A 26 5.29 6.93 9.32
C ILE A 26 4.79 7.77 10.52
N ARG A 27 3.45 7.95 10.67
CA ARG A 27 2.89 8.64 11.82
C ARG A 27 2.07 7.70 12.70
N ASN A 28 1.47 6.69 12.11
CA ASN A 28 0.70 5.69 12.85
C ASN A 28 1.08 4.33 12.33
N MET A 29 2.12 3.75 12.90
CA MET A 29 2.67 2.47 12.48
C MET A 29 1.61 1.38 12.41
N VAL A 30 0.78 1.28 13.45
CA VAL A 30 -0.21 0.20 13.51
C VAL A 30 -1.14 0.33 12.33
N ALA A 31 -1.56 1.55 12.03
CA ALA A 31 -2.49 1.78 10.94
C ALA A 31 -1.82 1.49 9.58
N VAL A 32 -0.55 1.85 9.40
CA VAL A 32 0.12 1.53 8.14
C VAL A 32 0.18 0.02 7.94
N LEU A 33 0.57 -0.74 8.95
CA LEU A 33 0.65 -2.21 8.80
C LEU A 33 -0.71 -2.83 8.55
N GLU A 34 -1.78 -2.24 9.13
CA GLU A 34 -3.15 -2.73 8.86
C GLU A 34 -3.52 -2.50 7.40
N VAL A 35 -3.02 -1.42 6.81
CA VAL A 35 -3.30 -1.07 5.44
C VAL A 35 -2.59 -2.07 4.52
N ILE A 36 -1.34 -2.40 4.83
CA ILE A 36 -0.62 -3.37 4.02
C ILE A 36 -1.39 -4.68 4.09
N SER A 37 -1.84 -5.04 5.28
CA SER A 37 -2.60 -6.26 5.47
C SER A 37 -3.90 -6.23 4.68
N SER A 38 -4.47 -5.05 4.50
CA SER A 38 -5.70 -4.89 3.75
C SER A 38 -5.46 -5.12 2.26
N LEU A 39 -4.42 -4.51 1.67
CA LEU A 39 -4.18 -4.69 0.22
C LEU A 39 -3.81 -6.13 -0.09
N GLU A 40 -3.18 -6.82 0.87
CA GLU A 40 -2.86 -8.25 0.71
C GLU A 40 -4.16 -9.07 0.61
N LYS A 41 -5.15 -8.69 1.41
CA LYS A 41 -6.45 -9.39 1.38
C LYS A 41 -7.34 -9.00 0.22
N TYR A 42 -7.25 -7.77 -0.20
CA TYR A 42 -8.12 -7.17 -1.24
C TYR A 42 -7.32 -6.59 -2.43
N PRO A 43 -7.01 -7.45 -3.42
CA PRO A 43 -6.22 -6.97 -4.54
C PRO A 43 -6.88 -5.81 -5.29
N ILE A 44 -6.15 -4.72 -5.45
CA ILE A 44 -6.60 -3.55 -6.18
C ILE A 44 -6.40 -3.81 -7.67
N THR A 45 -7.26 -3.24 -8.50
CA THR A 45 -7.20 -3.45 -9.97
C THR A 45 -6.10 -2.55 -10.55
N LYS A 46 -5.59 -2.86 -11.74
CA LYS A 46 -4.53 -2.05 -12.35
C LYS A 46 -4.99 -0.66 -12.68
N GLU A 47 -6.25 -0.53 -13.06
CA GLU A 47 -6.84 0.77 -13.35
C GLU A 47 -6.98 1.60 -12.06
N ALA A 48 -7.42 1.00 -10.95
CA ALA A 48 -7.58 1.73 -9.69
C ALA A 48 -6.25 2.10 -9.10
N LEU A 49 -5.27 1.27 -9.37
CA LEU A 49 -3.91 1.52 -8.90
C LEU A 49 -3.33 2.78 -9.54
N GLU A 50 -3.59 2.99 -10.82
CA GLU A 50 -3.07 4.16 -11.54
C GLU A 50 -3.61 5.45 -10.94
N GLU A 51 -4.91 5.45 -10.61
CA GLU A 51 -5.62 6.59 -10.02
C GLU A 51 -5.26 6.84 -8.56
N THR A 52 -5.12 5.75 -7.79
CA THR A 52 -4.76 5.91 -6.38
C THR A 52 -3.31 6.28 -6.18
N ARG A 53 -2.50 5.98 -7.17
CA ARG A 53 -1.03 6.22 -7.15
C ARG A 53 -0.45 5.47 -5.96
N LEU A 54 -1.15 4.42 -5.53
CA LEU A 54 -0.71 3.61 -4.39
C LEU A 54 0.64 2.94 -4.61
N GLY A 55 0.97 2.58 -5.84
CA GLY A 55 2.24 1.95 -6.11
C GLY A 55 3.38 2.91 -5.84
N LYS A 56 3.11 4.19 -6.13
CA LYS A 56 4.08 5.25 -5.85
C LYS A 56 4.19 5.49 -4.35
N LEU A 57 3.07 5.55 -3.66
CA LEU A 57 3.03 5.82 -2.23
C LEU A 57 3.70 4.68 -1.42
N ILE A 58 3.34 3.43 -1.67
CA ILE A 58 3.93 2.28 -0.96
C ILE A 58 5.45 2.20 -1.24
N ASN A 59 5.87 2.50 -2.47
CA ASN A 59 7.28 2.51 -2.79
C ASN A 59 8.04 3.54 -1.94
N ASP A 60 7.49 4.73 -1.81
CA ASP A 60 8.17 5.75 -0.99
C ASP A 60 8.12 5.40 0.50
N VAL A 61 6.98 4.93 0.99
CA VAL A 61 6.82 4.56 2.40
C VAL A 61 7.88 3.47 2.71
N ARG A 62 8.07 2.52 1.80
CA ARG A 62 9.05 1.47 2.00
C ARG A 62 10.44 2.07 2.18
N LYS A 63 10.76 3.10 1.42
CA LYS A 63 12.10 3.68 1.46
C LYS A 63 12.35 4.44 2.74
N LYS A 64 11.29 5.06 3.28
CA LYS A 64 11.41 5.95 4.45
C LYS A 64 11.37 5.21 5.79
N THR A 65 10.58 4.16 5.87
CA THR A 65 10.45 3.44 7.13
C THR A 65 11.76 2.71 7.49
N LYS A 66 12.00 2.54 8.79
CA LYS A 66 13.15 1.80 9.29
C LYS A 66 12.69 0.45 9.85
N ASN A 67 11.38 0.22 9.80
CA ASN A 67 10.79 -1.04 10.26
C ASN A 67 10.98 -2.04 9.14
N GLU A 68 11.86 -3.02 9.40
CA GLU A 68 12.20 -4.04 8.44
C GLU A 68 10.95 -4.87 8.03
N GLU A 69 10.05 -5.09 8.97
CA GLU A 69 8.84 -5.86 8.67
C GLU A 69 7.94 -5.13 7.70
N LEU A 70 7.81 -3.83 7.85
CA LEU A 70 6.98 -3.06 6.96
C LEU A 70 7.64 -3.12 5.59
N ALA A 71 8.94 -2.88 5.56
CA ALA A 71 9.73 -2.88 4.30
C ALA A 71 9.62 -4.25 3.54
N LYS A 72 9.68 -5.36 4.26
CA LYS A 72 9.55 -6.70 3.63
C LYS A 72 8.19 -6.90 2.99
N ARG A 73 7.12 -6.56 3.71
CA ARG A 73 5.75 -6.76 3.24
C ARG A 73 5.41 -5.81 2.09
N ALA A 74 5.85 -4.57 2.21
CA ALA A 74 5.66 -3.56 1.18
C ALA A 74 6.36 -3.97 -0.09
N LYS A 75 7.57 -4.53 0.03
CA LYS A 75 8.28 -5.00 -1.15
C LYS A 75 7.45 -6.14 -1.78
N LYS A 76 6.88 -7.05 -0.98
CA LYS A 76 6.06 -8.16 -1.51
C LYS A 76 4.82 -7.60 -2.22
N LEU A 77 4.19 -6.57 -1.65
CA LEU A 77 3.02 -5.94 -2.28
C LEU A 77 3.38 -5.26 -3.61
N LEU A 78 4.51 -4.59 -3.67
CA LEU A 78 4.96 -3.97 -4.90
C LEU A 78 5.30 -5.00 -5.96
N ARG A 79 5.80 -6.17 -5.52
CA ARG A 79 6.06 -7.28 -6.44
C ARG A 79 4.75 -7.65 -7.10
N SER A 80 3.70 -7.79 -6.31
CA SER A 80 2.41 -8.18 -6.81
C SER A 80 1.89 -7.19 -7.83
N TRP A 81 2.14 -5.91 -7.57
CA TRP A 81 1.68 -4.79 -8.39
C TRP A 81 2.50 -4.58 -9.64
N GLN A 82 3.74 -5.00 -9.63
CA GLN A 82 4.56 -4.89 -10.81
C GLN A 82 3.96 -5.86 -11.83
N LYS A 83 3.55 -7.04 -11.34
CA LYS A 83 2.92 -8.05 -12.20
C LYS A 83 1.51 -7.60 -12.63
N LEU A 84 0.86 -6.81 -11.80
CA LEU A 84 -0.48 -6.30 -12.10
C LEU A 84 -0.46 -5.25 -13.22
N ILE A 85 0.50 -4.35 -13.17
CA ILE A 85 0.59 -3.29 -14.17
C ILE A 85 1.01 -3.92 -15.48
N GLU A 86 1.99 -4.84 -15.38
CA GLU A 86 2.60 -5.53 -16.52
C GLU A 86 3.02 -4.53 -17.65
N PRO A 87 4.04 -3.72 -17.37
CA PRO A 87 4.49 -2.79 -18.43
C PRO A 87 5.30 -3.51 -19.46
N ALA A 88 5.50 -2.85 -20.59
CA ALA A 88 6.27 -3.41 -21.70
C ALA A 88 7.56 -2.63 -22.05
N GLY A 89 7.58 -1.36 -21.63
CA GLY A 89 8.70 -0.51 -21.97
C GLY A 89 9.82 -0.50 -20.92
N SER A 90 9.48 -0.87 -19.71
CA SER A 90 10.41 -0.94 -18.59
C SER A 90 11.33 -2.13 -18.77
N SER A 1 -20.03 -11.49 7.67
CA SER A 1 -18.58 -11.09 7.77
C SER A 1 -18.47 -9.62 8.17
N MET A 2 -18.91 -9.24 9.38
CA MET A 2 -18.98 -7.84 9.78
C MET A 2 -17.67 -7.07 9.72
N THR A 3 -16.56 -7.66 10.17
CA THR A 3 -15.28 -6.97 10.17
C THR A 3 -14.33 -7.41 9.03
N ALA A 4 -14.61 -8.55 8.43
CA ALA A 4 -13.77 -9.11 7.37
C ALA A 4 -14.23 -8.69 5.96
N ALA A 5 -15.25 -7.86 5.92
CA ALA A 5 -15.74 -7.32 4.66
C ALA A 5 -14.66 -6.45 4.03
N PRO A 6 -14.68 -6.35 2.69
CA PRO A 6 -13.66 -5.48 2.09
C PRO A 6 -14.00 -3.98 2.17
N ALA A 7 -13.00 -3.18 1.80
CA ALA A 7 -13.17 -1.75 1.71
C ALA A 7 -12.81 -1.37 0.28
N SER A 8 -13.29 -0.26 -0.22
CA SER A 8 -13.00 0.13 -1.59
C SER A 8 -11.52 0.54 -1.66
N PRO A 9 -10.88 0.44 -2.84
CA PRO A 9 -9.44 0.76 -2.84
C PRO A 9 -9.13 2.20 -2.50
N GLN A 10 -10.01 3.11 -2.85
CA GLN A 10 -9.81 4.52 -2.57
C GLN A 10 -9.77 4.75 -1.03
N GLN A 11 -10.57 3.99 -0.31
CA GLN A 11 -10.68 4.13 1.14
C GLN A 11 -9.43 3.61 1.80
N ILE A 12 -8.87 2.55 1.24
CA ILE A 12 -7.64 1.96 1.77
C ILE A 12 -6.49 2.96 1.53
N ARG A 13 -6.50 3.57 0.36
CA ARG A 13 -5.48 4.59 0.03
C ARG A 13 -5.58 5.77 0.98
N ASP A 14 -6.82 6.21 1.22
CA ASP A 14 -7.05 7.33 2.14
C ASP A 14 -6.60 7.02 3.55
N ARG A 15 -6.87 5.81 3.98
CA ARG A 15 -6.44 5.37 5.33
C ARG A 15 -4.93 5.44 5.46
N LEU A 16 -4.21 5.25 4.35
CA LEU A 16 -2.77 5.36 4.39
C LEU A 16 -2.37 6.81 4.53
N LEU A 17 -3.02 7.69 3.80
CA LEU A 17 -2.73 9.11 3.87
C LEU A 17 -2.91 9.68 5.25
N GLN A 18 -3.91 9.20 5.96
CA GLN A 18 -4.18 9.68 7.30
C GLN A 18 -3.16 9.12 8.34
N ALA A 19 -2.38 8.12 7.93
CA ALA A 19 -1.45 7.47 8.81
C ALA A 19 0.03 7.84 8.55
N ILE A 20 0.31 8.61 7.50
CA ILE A 20 1.68 9.02 7.20
C ILE A 20 1.77 10.54 7.17
N ASP A 21 2.98 11.02 7.15
CA ASP A 21 3.28 12.43 7.11
C ASP A 21 3.40 12.86 5.65
N PRO A 22 3.23 14.15 5.35
CA PRO A 22 3.60 14.53 3.97
C PRO A 22 5.04 14.15 3.58
N GLN A 23 5.93 14.02 4.54
CA GLN A 23 7.32 13.58 4.32
C GLN A 23 7.40 12.07 4.05
N SER A 24 6.25 11.40 3.94
CA SER A 24 6.09 9.95 3.71
C SER A 24 6.62 9.12 4.89
N ASN A 25 6.88 9.80 6.00
CA ASN A 25 7.35 9.16 7.21
C ASN A 25 6.11 8.63 7.96
N ILE A 26 6.35 7.74 8.91
CA ILE A 26 5.27 7.15 9.66
C ILE A 26 4.74 8.01 10.82
N ARG A 27 3.41 8.14 10.91
CA ARG A 27 2.80 8.87 12.04
C ARG A 27 2.03 7.90 12.88
N ASN A 28 1.27 7.03 12.24
CA ASN A 28 0.49 5.99 12.93
C ASN A 28 0.89 4.59 12.50
N MET A 29 1.91 4.05 13.14
CA MET A 29 2.48 2.73 12.75
C MET A 29 1.50 1.57 12.60
N VAL A 30 0.58 1.39 13.55
CA VAL A 30 -0.36 0.26 13.47
C VAL A 30 -1.27 0.42 12.24
N ALA A 31 -1.71 1.65 11.97
CA ALA A 31 -2.63 1.89 10.86
C ALA A 31 -1.93 1.60 9.54
N VAL A 32 -0.66 1.95 9.46
CA VAL A 32 0.06 1.68 8.20
C VAL A 32 0.18 0.16 8.02
N LEU A 33 0.53 -0.56 9.07
CA LEU A 33 0.71 -2.03 8.97
C LEU A 33 -0.61 -2.72 8.61
N GLU A 34 -1.72 -2.22 9.18
CA GLU A 34 -3.06 -2.69 8.83
C GLU A 34 -3.41 -2.40 7.37
N VAL A 35 -3.04 -1.23 6.86
CA VAL A 35 -3.28 -0.91 5.45
C VAL A 35 -2.50 -1.85 4.53
N ILE A 36 -1.22 -2.08 4.82
CA ILE A 36 -0.44 -3.04 4.00
C ILE A 36 -1.08 -4.42 4.04
N SER A 37 -1.48 -4.86 5.22
CA SER A 37 -2.11 -6.13 5.39
C SER A 37 -3.44 -6.22 4.60
N SER A 38 -4.18 -5.14 4.60
CA SER A 38 -5.45 -5.10 3.88
C SER A 38 -5.24 -5.16 2.41
N LEU A 39 -4.19 -4.54 1.88
CA LEU A 39 -3.97 -4.58 0.43
C LEU A 39 -3.50 -5.95 -0.04
N GLU A 40 -2.80 -6.66 0.81
CA GLU A 40 -2.44 -8.08 0.52
C GLU A 40 -3.73 -8.96 0.56
N LYS A 41 -4.69 -8.57 1.40
CA LYS A 41 -5.95 -9.32 1.58
C LYS A 41 -7.01 -8.97 0.51
N TYR A 42 -6.99 -7.74 0.08
CA TYR A 42 -7.94 -7.22 -0.88
C TYR A 42 -7.24 -6.65 -2.10
N PRO A 43 -6.80 -7.51 -3.07
CA PRO A 43 -6.01 -6.98 -4.21
C PRO A 43 -6.69 -5.89 -5.04
N ILE A 44 -5.92 -4.85 -5.28
CA ILE A 44 -6.33 -3.74 -6.11
C ILE A 44 -5.95 -4.15 -7.54
N THR A 45 -6.70 -3.71 -8.53
CA THR A 45 -6.43 -4.03 -9.93
C THR A 45 -5.71 -2.83 -10.54
N LYS A 46 -5.04 -3.03 -11.68
CA LYS A 46 -4.29 -1.96 -12.33
C LYS A 46 -5.11 -0.71 -12.65
N GLU A 47 -6.40 -0.87 -12.90
CA GLU A 47 -7.29 0.26 -13.21
C GLU A 47 -7.37 1.25 -12.05
N ALA A 48 -7.67 0.74 -10.87
CA ALA A 48 -7.76 1.60 -9.70
C ALA A 48 -6.40 1.98 -9.13
N LEU A 49 -5.39 1.15 -9.37
CA LEU A 49 -4.04 1.40 -8.90
C LEU A 49 -3.51 2.67 -9.52
N GLU A 50 -3.93 2.94 -10.76
CA GLU A 50 -3.55 4.13 -11.51
C GLU A 50 -4.16 5.38 -10.85
N GLU A 51 -5.43 5.31 -10.49
CA GLU A 51 -6.11 6.41 -9.81
C GLU A 51 -5.58 6.64 -8.38
N THR A 52 -5.41 5.57 -7.60
CA THR A 52 -4.95 5.73 -6.22
C THR A 52 -3.48 6.11 -6.13
N ARG A 53 -2.71 5.80 -7.19
CA ARG A 53 -1.26 6.05 -7.30
C ARG A 53 -0.54 5.40 -6.09
N LEU A 54 -1.13 4.27 -5.64
CA LEU A 54 -0.61 3.57 -4.47
C LEU A 54 0.79 3.02 -4.69
N GLY A 55 1.12 2.62 -5.93
CA GLY A 55 2.47 2.10 -6.18
C GLY A 55 3.55 3.04 -5.73
N LYS A 56 3.32 4.32 -5.98
CA LYS A 56 4.29 5.37 -5.61
C LYS A 56 4.25 5.56 -4.10
N LEU A 57 3.05 5.55 -3.52
CA LEU A 57 2.91 5.81 -2.08
C LEU A 57 3.60 4.68 -1.27
N ILE A 58 3.34 3.44 -1.65
CA ILE A 58 3.87 2.27 -0.93
C ILE A 58 5.40 2.30 -1.05
N ASN A 59 5.94 2.65 -2.22
CA ASN A 59 7.37 2.61 -2.41
C ASN A 59 8.05 3.66 -1.56
N ASP A 60 7.38 4.76 -1.38
CA ASP A 60 7.95 5.86 -0.61
C ASP A 60 8.00 5.43 0.85
N VAL A 61 6.93 4.80 1.33
CA VAL A 61 6.92 4.33 2.74
C VAL A 61 8.04 3.23 2.88
N ARG A 62 8.16 2.38 1.89
CA ARG A 62 9.14 1.29 1.91
C ARG A 62 10.54 1.82 2.11
N LYS A 63 10.86 2.98 1.51
CA LYS A 63 12.22 3.53 1.67
C LYS A 63 12.38 4.47 2.85
N LYS A 64 11.27 5.01 3.40
CA LYS A 64 11.35 5.95 4.54
C LYS A 64 11.33 5.16 5.89
N THR A 65 10.69 4.02 5.90
CA THR A 65 10.55 3.28 7.16
C THR A 65 11.79 2.53 7.50
N LYS A 66 12.02 2.32 8.80
CA LYS A 66 13.17 1.55 9.30
C LYS A 66 12.73 0.14 9.70
N ASN A 67 11.43 -0.07 9.73
CA ASN A 67 10.86 -1.40 10.11
C ASN A 67 11.00 -2.38 8.91
N GLU A 68 11.79 -3.43 9.08
CA GLU A 68 12.04 -4.37 8.01
C GLU A 68 10.83 -5.20 7.62
N GLU A 69 9.95 -5.53 8.54
CA GLU A 69 8.81 -6.40 8.22
C GLU A 69 7.90 -5.68 7.25
N LEU A 70 7.70 -4.40 7.52
CA LEU A 70 6.86 -3.58 6.66
C LEU A 70 7.51 -3.57 5.29
N ALA A 71 8.82 -3.35 5.24
CA ALA A 71 9.52 -3.30 3.97
C ALA A 71 9.40 -4.61 3.16
N LYS A 72 9.47 -5.73 3.87
CA LYS A 72 9.32 -7.06 3.24
C LYS A 72 7.89 -7.20 2.67
N ARG A 73 6.89 -6.85 3.43
CA ARG A 73 5.50 -6.91 2.97
C ARG A 73 5.31 -5.97 1.79
N ALA A 74 5.82 -4.74 1.85
CA ALA A 74 5.75 -3.79 0.79
C ALA A 74 6.40 -4.36 -0.49
N LYS A 75 7.53 -5.01 -0.35
CA LYS A 75 8.23 -5.64 -1.48
C LYS A 75 7.37 -6.74 -2.12
N LYS A 76 6.63 -7.48 -1.32
CA LYS A 76 5.76 -8.51 -1.85
C LYS A 76 4.62 -7.87 -2.62
N LEU A 77 4.00 -6.87 -1.98
CA LEU A 77 2.84 -6.18 -2.52
C LEU A 77 3.17 -5.47 -3.82
N LEU A 78 4.34 -4.81 -3.88
CA LEU A 78 4.76 -4.13 -5.10
C LEU A 78 5.12 -5.08 -6.22
N ARG A 79 5.64 -6.23 -5.90
CA ARG A 79 5.99 -7.21 -6.94
C ARG A 79 4.71 -7.72 -7.61
N SER A 80 3.65 -7.92 -6.86
CA SER A 80 2.38 -8.29 -7.45
C SER A 80 1.92 -7.20 -8.37
N TRP A 81 2.09 -5.98 -7.96
CA TRP A 81 1.64 -4.83 -8.76
C TRP A 81 2.48 -4.66 -10.03
N GLN A 82 3.72 -5.08 -9.98
CA GLN A 82 4.61 -5.04 -11.15
C GLN A 82 3.96 -5.89 -12.26
N LYS A 83 3.36 -7.00 -11.89
CA LYS A 83 2.70 -7.87 -12.88
C LYS A 83 1.33 -7.32 -13.31
N LEU A 84 0.68 -6.51 -12.49
CA LEU A 84 -0.60 -5.93 -12.84
C LEU A 84 -0.44 -4.94 -13.96
N ILE A 85 0.58 -4.11 -13.82
CA ILE A 85 0.86 -3.07 -14.81
C ILE A 85 1.50 -3.74 -16.00
N GLU A 86 2.40 -4.71 -15.75
CA GLU A 86 3.20 -5.36 -16.82
C GLU A 86 3.82 -4.34 -17.80
N PRO A 87 4.71 -3.46 -17.31
CA PRO A 87 5.27 -2.44 -18.17
C PRO A 87 6.44 -2.94 -19.07
N ALA A 88 6.90 -2.07 -19.96
CA ALA A 88 7.98 -2.44 -20.87
C ALA A 88 9.32 -2.71 -20.17
N GLY A 89 9.48 -2.16 -18.96
CA GLY A 89 10.70 -2.38 -18.17
C GLY A 89 10.43 -1.87 -16.78
N SER A 90 11.24 -2.25 -15.81
CA SER A 90 11.10 -1.77 -14.41
C SER A 90 12.46 -1.73 -13.79
N SER A 1 -12.96 -17.71 4.93
CA SER A 1 -13.98 -16.64 4.84
C SER A 1 -13.52 -15.42 5.64
N MET A 2 -13.81 -14.21 5.15
CA MET A 2 -13.36 -12.99 5.78
C MET A 2 -14.24 -12.75 6.98
N THR A 3 -13.73 -11.98 7.91
CA THR A 3 -14.49 -11.68 9.12
C THR A 3 -15.02 -10.25 9.04
N ALA A 4 -14.67 -9.51 7.99
CA ALA A 4 -15.03 -8.10 7.85
C ALA A 4 -15.35 -7.84 6.37
N ALA A 5 -16.12 -6.77 6.14
CA ALA A 5 -16.49 -6.35 4.79
C ALA A 5 -15.24 -5.82 4.02
N PRO A 6 -15.25 -5.89 2.67
CA PRO A 6 -14.12 -5.28 1.98
C PRO A 6 -14.15 -3.74 2.03
N ALA A 7 -13.13 -3.09 1.45
CA ALA A 7 -13.03 -1.67 1.43
C ALA A 7 -12.73 -1.24 -0.01
N SER A 8 -13.18 -0.07 -0.38
CA SER A 8 -12.90 0.43 -1.70
C SER A 8 -11.42 0.78 -1.81
N PRO A 9 -10.82 0.65 -2.98
CA PRO A 9 -9.38 0.91 -3.04
C PRO A 9 -8.99 2.37 -2.64
N GLN A 10 -9.82 3.34 -2.99
CA GLN A 10 -9.60 4.74 -2.60
C GLN A 10 -9.75 4.95 -1.10
N GLN A 11 -10.51 4.11 -0.45
CA GLN A 11 -10.68 4.23 1.00
C GLN A 11 -9.40 3.71 1.63
N ILE A 12 -8.89 2.59 1.13
CA ILE A 12 -7.63 2.02 1.68
C ILE A 12 -6.50 2.98 1.45
N ARG A 13 -6.46 3.60 0.29
CA ARG A 13 -5.45 4.62 0.01
C ARG A 13 -5.60 5.77 0.99
N ASP A 14 -6.81 6.18 1.23
CA ASP A 14 -7.08 7.29 2.11
C ASP A 14 -6.62 7.04 3.50
N ARG A 15 -6.79 5.81 3.97
CA ARG A 15 -6.33 5.43 5.32
C ARG A 15 -4.83 5.45 5.43
N LEU A 16 -4.15 5.17 4.34
CA LEU A 16 -2.72 5.22 4.33
C LEU A 16 -2.28 6.65 4.47
N LEU A 17 -2.94 7.55 3.75
CA LEU A 17 -2.59 8.96 3.81
C LEU A 17 -2.89 9.54 5.20
N GLN A 18 -3.87 9.05 5.89
CA GLN A 18 -4.15 9.48 7.28
C GLN A 18 -3.14 8.95 8.30
N ALA A 19 -2.43 7.90 7.94
CA ALA A 19 -1.48 7.27 8.87
C ALA A 19 -0.04 7.71 8.61
N ILE A 20 0.17 8.52 7.55
CA ILE A 20 1.52 9.04 7.21
C ILE A 20 1.54 10.54 6.99
N ASP A 21 2.75 11.13 7.08
CA ASP A 21 2.98 12.55 6.84
C ASP A 21 3.06 12.74 5.32
N PRO A 22 2.81 13.99 4.80
CA PRO A 22 3.04 14.15 3.34
C PRO A 22 4.45 13.79 2.87
N GLN A 23 5.44 13.83 3.76
CA GLN A 23 6.81 13.39 3.41
C GLN A 23 7.06 11.90 3.64
N SER A 24 5.95 11.15 3.77
CA SER A 24 5.95 9.69 3.95
C SER A 24 6.55 9.21 5.27
N ASN A 25 6.70 10.13 6.21
CA ASN A 25 7.17 9.77 7.53
C ASN A 25 6.03 9.04 8.25
N ILE A 26 6.38 8.09 9.08
CA ILE A 26 5.38 7.28 9.75
C ILE A 26 4.72 8.12 10.84
N ARG A 27 3.39 8.20 10.86
CA ARG A 27 2.67 8.93 11.93
C ARG A 27 1.85 7.95 12.79
N ASN A 28 1.23 6.97 12.19
CA ASN A 28 0.53 5.92 12.94
C ASN A 28 1.00 4.51 12.49
N MET A 29 2.06 4.03 13.11
CA MET A 29 2.70 2.73 12.71
C MET A 29 1.72 1.57 12.62
N VAL A 30 0.89 1.43 13.66
CA VAL A 30 -0.12 0.33 13.72
C VAL A 30 -1.06 0.44 12.55
N ALA A 31 -1.53 1.65 12.22
CA ALA A 31 -2.42 1.82 11.09
C ALA A 31 -1.76 1.50 9.75
N VAL A 32 -0.51 1.91 9.53
CA VAL A 32 0.16 1.65 8.26
C VAL A 32 0.25 0.16 8.05
N LEU A 33 0.56 -0.56 9.12
CA LEU A 33 0.68 -2.05 9.06
C LEU A 33 -0.70 -2.68 8.78
N GLU A 34 -1.75 -2.12 9.37
CA GLU A 34 -3.12 -2.56 9.08
C GLU A 34 -3.44 -2.37 7.58
N VAL A 35 -2.98 -1.26 7.02
CA VAL A 35 -3.19 -0.97 5.58
C VAL A 35 -2.42 -1.95 4.69
N ILE A 36 -1.21 -2.32 5.08
CA ILE A 36 -0.45 -3.29 4.30
C ILE A 36 -1.27 -4.59 4.30
N SER A 37 -1.81 -4.96 5.43
CA SER A 37 -2.62 -6.16 5.50
C SER A 37 -3.90 -6.06 4.68
N SER A 38 -4.46 -4.87 4.55
CA SER A 38 -5.67 -4.65 3.80
C SER A 38 -5.41 -4.88 2.34
N LEU A 39 -4.30 -4.35 1.83
CA LEU A 39 -3.97 -4.45 0.43
C LEU A 39 -3.63 -5.89 0.04
N GLU A 40 -3.01 -6.63 0.97
CA GLU A 40 -2.66 -8.04 0.72
C GLU A 40 -3.97 -8.85 0.60
N LYS A 41 -4.97 -8.39 1.33
CA LYS A 41 -6.28 -9.08 1.42
C LYS A 41 -7.23 -8.64 0.31
N TYR A 42 -7.13 -7.36 -0.11
CA TYR A 42 -8.00 -6.79 -1.13
C TYR A 42 -7.14 -6.32 -2.34
N PRO A 43 -6.96 -7.21 -3.31
CA PRO A 43 -6.11 -6.88 -4.46
C PRO A 43 -6.69 -5.86 -5.41
N ILE A 44 -6.03 -4.70 -5.41
CA ILE A 44 -6.38 -3.57 -6.24
C ILE A 44 -6.08 -3.89 -7.74
N THR A 45 -6.83 -3.31 -8.65
CA THR A 45 -6.61 -3.51 -10.08
C THR A 45 -5.64 -2.48 -10.63
N LYS A 46 -5.06 -2.75 -11.80
CA LYS A 46 -4.11 -1.81 -12.40
C LYS A 46 -4.79 -0.46 -12.74
N GLU A 47 -6.10 -0.48 -13.02
CA GLU A 47 -6.81 0.76 -13.37
C GLU A 47 -6.98 1.61 -12.10
N ALA A 48 -7.36 0.97 -11.00
CA ALA A 48 -7.58 1.71 -9.73
C ALA A 48 -6.24 2.19 -9.17
N LEU A 49 -5.17 1.43 -9.44
CA LEU A 49 -3.80 1.81 -9.04
C LEU A 49 -3.34 3.12 -9.65
N GLU A 50 -3.75 3.39 -10.87
CA GLU A 50 -3.39 4.63 -11.51
C GLU A 50 -4.08 5.82 -10.80
N GLU A 51 -5.25 5.64 -10.25
CA GLU A 51 -5.98 6.69 -9.54
C GLU A 51 -5.48 6.86 -8.12
N THR A 52 -5.32 5.74 -7.41
CA THR A 52 -4.89 5.76 -6.01
C THR A 52 -3.43 6.05 -5.86
N ARG A 53 -2.69 5.80 -6.92
CA ARG A 53 -1.23 6.04 -6.97
C ARG A 53 -0.58 5.24 -5.81
N LEU A 54 -1.24 4.17 -5.40
CA LEU A 54 -0.81 3.35 -4.29
C LEU A 54 0.55 2.76 -4.50
N GLY A 55 0.87 2.31 -5.72
CA GLY A 55 2.20 1.75 -5.98
C GLY A 55 3.30 2.74 -5.71
N LYS A 56 3.02 4.00 -6.01
CA LYS A 56 3.99 5.06 -5.72
C LYS A 56 4.10 5.32 -4.24
N LEU A 57 2.98 5.35 -3.55
CA LEU A 57 2.94 5.59 -2.10
C LEU A 57 3.64 4.51 -1.30
N ILE A 58 3.28 3.28 -1.58
CA ILE A 58 3.87 2.13 -0.91
C ILE A 58 5.38 2.09 -1.17
N ASN A 59 5.81 2.44 -2.38
CA ASN A 59 7.23 2.36 -2.65
C ASN A 59 8.01 3.43 -1.88
N ASP A 60 7.41 4.57 -1.63
CA ASP A 60 8.08 5.60 -0.83
C ASP A 60 8.07 5.26 0.65
N VAL A 61 6.97 4.76 1.15
CA VAL A 61 6.90 4.31 2.56
C VAL A 61 7.88 3.19 2.78
N ARG A 62 8.03 2.30 1.80
CA ARG A 62 9.01 1.22 1.92
C ARG A 62 10.43 1.75 2.18
N LYS A 63 10.74 2.93 1.61
CA LYS A 63 12.06 3.57 1.80
C LYS A 63 12.12 4.31 3.11
N LYS A 64 11.01 4.92 3.48
CA LYS A 64 10.95 5.79 4.65
C LYS A 64 10.88 5.03 5.97
N THR A 65 10.26 3.86 5.95
CA THR A 65 10.13 3.10 7.17
C THR A 65 11.47 2.53 7.62
N LYS A 66 11.70 2.59 8.93
CA LYS A 66 12.87 1.96 9.56
C LYS A 66 12.57 0.48 9.86
N ASN A 67 11.30 0.11 9.86
CA ASN A 67 10.91 -1.28 10.15
C ASN A 67 11.16 -2.15 8.95
N GLU A 68 11.96 -3.18 9.15
CA GLU A 68 12.29 -4.13 8.08
C GLU A 68 11.07 -5.00 7.68
N GLU A 69 10.25 -5.32 8.68
CA GLU A 69 9.04 -6.13 8.48
C GLU A 69 8.14 -5.43 7.45
N LEU A 70 7.89 -4.16 7.67
CA LEU A 70 7.02 -3.40 6.77
C LEU A 70 7.59 -3.34 5.38
N ALA A 71 8.87 -2.97 5.32
CA ALA A 71 9.58 -2.86 4.04
C ALA A 71 9.49 -4.14 3.17
N LYS A 72 9.73 -5.30 3.80
CA LYS A 72 9.64 -6.57 3.09
C LYS A 72 8.23 -6.82 2.59
N ARG A 73 7.21 -6.59 3.42
CA ARG A 73 5.79 -6.79 3.00
C ARG A 73 5.34 -5.81 1.91
N ALA A 74 5.77 -4.57 2.00
CA ALA A 74 5.55 -3.59 0.93
C ALA A 74 6.18 -4.08 -0.35
N LYS A 75 7.41 -4.64 -0.27
CA LYS A 75 8.05 -5.12 -1.48
C LYS A 75 7.25 -6.22 -2.14
N LYS A 76 6.70 -7.13 -1.34
CA LYS A 76 5.94 -8.25 -1.90
C LYS A 76 4.71 -7.71 -2.64
N LEU A 77 4.08 -6.68 -2.10
CA LEU A 77 2.92 -6.06 -2.77
C LEU A 77 3.38 -5.39 -4.09
N LEU A 78 4.51 -4.71 -4.07
CA LEU A 78 4.99 -4.02 -5.25
C LEU A 78 5.33 -5.02 -6.36
N ARG A 79 5.95 -6.13 -5.99
CA ARG A 79 6.29 -7.17 -6.98
C ARG A 79 5.01 -7.66 -7.66
N SER A 80 3.95 -7.83 -6.89
CA SER A 80 2.64 -8.26 -7.41
C SER A 80 2.06 -7.23 -8.33
N TRP A 81 2.13 -5.98 -7.92
CA TRP A 81 1.63 -4.88 -8.72
C TRP A 81 2.45 -4.71 -10.01
N GLN A 82 3.78 -4.91 -9.98
CA GLN A 82 4.58 -4.75 -11.18
C GLN A 82 4.10 -5.78 -12.24
N LYS A 83 3.77 -6.98 -11.79
CA LYS A 83 3.24 -8.00 -12.65
C LYS A 83 1.84 -7.69 -13.16
N LEU A 84 1.03 -7.04 -12.32
CA LEU A 84 -0.35 -6.69 -12.65
C LEU A 84 -0.45 -5.54 -13.70
N ILE A 85 0.36 -4.52 -13.50
CA ILE A 85 0.39 -3.34 -14.36
C ILE A 85 1.06 -3.64 -15.69
N GLU A 86 2.13 -4.44 -15.66
CA GLU A 86 2.96 -4.72 -16.87
C GLU A 86 3.35 -3.42 -17.57
N PRO A 87 4.18 -2.61 -16.90
CA PRO A 87 4.50 -1.32 -17.53
C PRO A 87 5.46 -1.44 -18.71
N ALA A 88 5.34 -0.49 -19.60
CA ALA A 88 6.14 -0.45 -20.82
C ALA A 88 6.59 0.99 -21.23
N GLY A 89 5.70 1.97 -21.13
CA GLY A 89 6.09 3.33 -21.50
C GLY A 89 6.10 3.60 -22.96
N SER A 90 6.63 4.74 -23.32
CA SER A 90 6.73 5.17 -24.72
C SER A 90 8.12 5.82 -24.86
N SER A 1 -16.35 -5.23 19.32
CA SER A 1 -16.74 -6.11 18.19
C SER A 1 -15.83 -5.86 17.01
N MET A 2 -15.73 -6.81 16.08
CA MET A 2 -14.91 -6.62 14.91
C MET A 2 -15.59 -7.36 13.79
N THR A 3 -15.70 -6.76 12.60
CA THR A 3 -16.41 -7.38 11.48
C THR A 3 -15.49 -7.30 10.27
N ALA A 4 -15.03 -8.42 9.79
CA ALA A 4 -14.13 -8.43 8.65
C ALA A 4 -14.89 -8.13 7.37
N ALA A 5 -14.50 -7.07 6.65
CA ALA A 5 -15.18 -6.72 5.41
C ALA A 5 -14.14 -6.10 4.48
N PRO A 6 -14.37 -6.21 3.14
CA PRO A 6 -13.47 -5.49 2.23
C PRO A 6 -13.72 -4.00 2.22
N ALA A 7 -12.75 -3.27 1.70
CA ALA A 7 -12.83 -1.80 1.58
C ALA A 7 -12.49 -1.46 0.15
N SER A 8 -12.98 -0.36 -0.37
CA SER A 8 -12.66 0.03 -1.74
C SER A 8 -11.21 0.47 -1.80
N PRO A 9 -10.55 0.38 -2.96
CA PRO A 9 -9.14 0.81 -2.98
C PRO A 9 -8.89 2.30 -2.66
N GLN A 10 -9.87 3.16 -2.90
CA GLN A 10 -9.71 4.58 -2.55
C GLN A 10 -9.74 4.77 -1.03
N GLN A 11 -10.60 4.03 -0.35
CA GLN A 11 -10.67 4.10 1.13
C GLN A 11 -9.45 3.48 1.76
N ILE A 12 -8.90 2.46 1.17
CA ILE A 12 -7.65 1.87 1.66
C ILE A 12 -6.53 2.96 1.48
N ARG A 13 -6.47 3.62 0.33
CA ARG A 13 -5.50 4.70 0.15
C ARG A 13 -5.74 5.84 1.19
N ASP A 14 -6.98 6.17 1.48
CA ASP A 14 -7.27 7.24 2.42
C ASP A 14 -6.79 6.84 3.82
N ARG A 15 -6.95 5.58 4.26
CA ARG A 15 -6.39 5.17 5.54
C ARG A 15 -4.87 5.32 5.56
N LEU A 16 -4.21 5.08 4.44
CA LEU A 16 -2.76 5.25 4.35
C LEU A 16 -2.38 6.71 4.51
N LEU A 17 -3.06 7.60 3.82
CA LEU A 17 -2.75 9.02 3.85
C LEU A 17 -3.00 9.66 5.19
N GLN A 18 -3.82 9.07 6.03
CA GLN A 18 -4.05 9.57 7.39
C GLN A 18 -2.95 8.98 8.32
N ALA A 19 -2.48 7.77 7.98
CA ALA A 19 -1.47 7.09 8.78
C ALA A 19 -0.06 7.60 8.52
N ILE A 20 0.13 8.42 7.49
CA ILE A 20 1.46 8.99 7.21
C ILE A 20 1.37 10.51 7.08
N ASP A 21 2.53 11.14 7.08
CA ASP A 21 2.69 12.58 6.93
C ASP A 21 2.83 12.86 5.41
N PRO A 22 2.44 14.08 4.93
CA PRO A 22 2.66 14.34 3.49
C PRO A 22 4.12 14.22 3.06
N GLN A 23 5.05 14.25 3.99
CA GLN A 23 6.49 14.07 3.67
C GLN A 23 6.86 12.59 3.57
N SER A 24 5.83 11.74 3.55
CA SER A 24 5.94 10.25 3.49
C SER A 24 6.50 9.64 4.77
N ASN A 25 6.59 10.46 5.85
CA ASN A 25 7.07 10.03 7.14
C ASN A 25 5.94 9.27 7.83
N ILE A 26 6.28 8.36 8.73
CA ILE A 26 5.26 7.56 9.44
C ILE A 26 4.67 8.34 10.60
N ARG A 27 3.35 8.45 10.64
CA ARG A 27 2.65 9.10 11.76
C ARG A 27 2.05 8.09 12.74
N ASN A 28 1.36 7.07 12.23
CA ASN A 28 0.79 6.02 13.09
C ASN A 28 1.25 4.66 12.58
N MET A 29 2.33 4.15 13.12
CA MET A 29 2.94 2.87 12.62
C MET A 29 1.96 1.68 12.54
N VAL A 30 1.16 1.48 13.57
CA VAL A 30 0.21 0.39 13.57
C VAL A 30 -0.84 0.59 12.43
N ALA A 31 -1.27 1.83 12.20
CA ALA A 31 -2.25 2.09 11.19
C ALA A 31 -1.67 1.83 9.80
N VAL A 32 -0.39 2.13 9.57
CA VAL A 32 0.25 1.83 8.29
C VAL A 32 0.29 0.33 8.08
N LEU A 33 0.63 -0.40 9.12
CA LEU A 33 0.67 -1.87 9.05
C LEU A 33 -0.73 -2.45 8.74
N GLU A 34 -1.77 -1.82 9.26
CA GLU A 34 -3.14 -2.26 8.97
C GLU A 34 -3.49 -2.05 7.48
N VAL A 35 -3.01 -0.98 6.88
CA VAL A 35 -3.23 -0.69 5.45
C VAL A 35 -2.51 -1.75 4.65
N ILE A 36 -1.30 -2.10 5.04
CA ILE A 36 -0.53 -3.08 4.28
C ILE A 36 -1.25 -4.45 4.35
N SER A 37 -1.64 -4.82 5.54
CA SER A 37 -2.37 -6.06 5.76
C SER A 37 -3.67 -6.08 4.95
N SER A 38 -4.36 -4.94 4.91
CA SER A 38 -5.53 -4.81 4.04
C SER A 38 -5.26 -5.04 2.55
N LEU A 39 -4.20 -4.46 1.99
CA LEU A 39 -3.86 -4.65 0.55
C LEU A 39 -3.39 -6.06 0.29
N GLU A 40 -2.75 -6.68 1.28
CA GLU A 40 -2.28 -8.07 1.13
C GLU A 40 -3.49 -8.97 1.02
N LYS A 41 -4.55 -8.66 1.75
CA LYS A 41 -5.80 -9.44 1.74
C LYS A 41 -6.71 -9.08 0.55
N TYR A 42 -6.84 -7.79 0.26
CA TYR A 42 -7.73 -7.28 -0.77
C TYR A 42 -6.92 -6.76 -1.97
N PRO A 43 -6.75 -7.55 -3.05
CA PRO A 43 -5.96 -7.06 -4.17
C PRO A 43 -6.63 -5.93 -4.94
N ILE A 44 -5.79 -5.03 -5.42
CA ILE A 44 -6.21 -3.88 -6.18
C ILE A 44 -5.80 -4.22 -7.64
N THR A 45 -6.45 -3.64 -8.63
CA THR A 45 -6.16 -3.95 -10.04
C THR A 45 -5.43 -2.77 -10.74
N LYS A 46 -4.81 -3.03 -11.88
CA LYS A 46 -4.09 -2.00 -12.66
C LYS A 46 -4.86 -0.72 -12.91
N GLU A 47 -6.15 -0.80 -13.18
CA GLU A 47 -6.97 0.39 -13.51
C GLU A 47 -7.05 1.29 -12.30
N ALA A 48 -7.25 0.69 -11.14
CA ALA A 48 -7.36 1.48 -9.91
C ALA A 48 -6.00 2.00 -9.50
N LEU A 49 -4.93 1.28 -9.82
CA LEU A 49 -3.58 1.76 -9.47
C LEU A 49 -3.24 3.10 -10.07
N GLU A 50 -3.78 3.35 -11.25
CA GLU A 50 -3.58 4.60 -11.99
C GLU A 50 -4.16 5.81 -11.30
N GLU A 51 -5.33 5.65 -10.69
CA GLU A 51 -5.99 6.76 -9.98
C GLU A 51 -5.46 6.87 -8.56
N THR A 52 -5.30 5.75 -7.88
CA THR A 52 -4.92 5.75 -6.46
C THR A 52 -3.48 6.08 -6.24
N ARG A 53 -2.66 5.84 -7.26
CA ARG A 53 -1.20 6.06 -7.24
C ARG A 53 -0.55 5.29 -6.09
N LEU A 54 -1.22 4.23 -5.65
CA LEU A 54 -0.77 3.47 -4.49
C LEU A 54 0.63 2.91 -4.66
N GLY A 55 1.02 2.60 -5.87
CA GLY A 55 2.37 2.14 -6.14
C GLY A 55 3.42 3.17 -5.71
N LYS A 56 3.21 4.47 -5.94
CA LYS A 56 4.24 5.44 -5.52
C LYS A 56 4.25 5.54 -3.99
N LEU A 57 3.07 5.55 -3.39
CA LEU A 57 2.94 5.71 -1.94
C LEU A 57 3.61 4.55 -1.22
N ILE A 58 3.31 3.34 -1.63
CA ILE A 58 3.88 2.16 -1.00
C ILE A 58 5.40 2.08 -1.19
N ASN A 59 5.89 2.44 -2.37
CA ASN A 59 7.36 2.44 -2.57
C ASN A 59 8.08 3.53 -1.74
N ASP A 60 7.38 4.62 -1.43
CA ASP A 60 7.99 5.69 -0.64
C ASP A 60 8.01 5.24 0.80
N VAL A 61 6.88 4.69 1.29
CA VAL A 61 6.76 4.22 2.66
C VAL A 61 7.78 3.08 2.88
N ARG A 62 8.01 2.24 1.86
CA ARG A 62 9.01 1.15 1.92
C ARG A 62 10.41 1.71 2.24
N LYS A 63 10.72 2.93 1.84
CA LYS A 63 12.03 3.54 2.11
C LYS A 63 12.09 4.13 3.51
N LYS A 64 11.00 4.78 3.89
CA LYS A 64 10.92 5.51 5.18
C LYS A 64 10.80 4.58 6.36
N THR A 65 10.10 3.47 6.20
CA THR A 65 10.02 2.50 7.28
C THR A 65 11.38 1.88 7.57
N LYS A 66 11.63 1.57 8.84
CA LYS A 66 12.84 0.85 9.24
C LYS A 66 12.42 -0.56 9.70
N ASN A 67 11.11 -0.76 9.81
CA ASN A 67 10.57 -2.07 10.25
C ASN A 67 10.71 -3.02 9.10
N GLU A 68 11.52 -4.05 9.29
CA GLU A 68 11.82 -4.96 8.21
C GLU A 68 10.63 -5.72 7.71
N GLU A 69 9.67 -6.02 8.59
CA GLU A 69 8.45 -6.69 8.13
C GLU A 69 7.67 -5.81 7.18
N LEU A 70 7.52 -4.52 7.50
CA LEU A 70 6.77 -3.61 6.66
C LEU A 70 7.44 -3.54 5.28
N ALA A 71 8.76 -3.41 5.24
CA ALA A 71 9.47 -3.34 3.99
C ALA A 71 9.26 -4.66 3.20
N LYS A 72 9.29 -5.80 3.87
CA LYS A 72 9.11 -7.10 3.19
C LYS A 72 7.68 -7.25 2.66
N ARG A 73 6.66 -6.85 3.43
CA ARG A 73 5.27 -6.89 2.98
C ARG A 73 5.11 -5.95 1.78
N ALA A 74 5.64 -4.73 1.87
CA ALA A 74 5.49 -3.75 0.80
C ALA A 74 6.11 -4.31 -0.47
N LYS A 75 7.25 -5.04 -0.31
CA LYS A 75 7.94 -5.64 -1.46
C LYS A 75 7.03 -6.65 -2.18
N LYS A 76 6.23 -7.38 -1.45
CA LYS A 76 5.31 -8.35 -2.05
C LYS A 76 4.34 -7.62 -2.94
N LEU A 77 3.77 -6.57 -2.38
CA LEU A 77 2.74 -5.79 -3.09
C LEU A 77 3.30 -5.19 -4.36
N LEU A 78 4.45 -4.55 -4.22
CA LEU A 78 5.12 -3.92 -5.38
C LEU A 78 5.50 -4.95 -6.44
N ARG A 79 5.83 -6.16 -6.04
CA ARG A 79 6.17 -7.23 -6.99
C ARG A 79 4.90 -7.68 -7.74
N SER A 80 3.79 -7.83 -6.99
CA SER A 80 2.53 -8.20 -7.62
C SER A 80 2.08 -7.11 -8.59
N TRP A 81 2.25 -5.87 -8.18
CA TRP A 81 1.86 -4.73 -9.00
C TRP A 81 2.81 -4.52 -10.20
N GLN A 82 4.01 -5.09 -10.16
CA GLN A 82 4.91 -4.99 -11.29
C GLN A 82 4.24 -5.72 -12.49
N LYS A 83 3.54 -6.84 -12.25
CA LYS A 83 2.86 -7.58 -13.31
C LYS A 83 1.48 -7.02 -13.62
N LEU A 84 0.99 -6.12 -12.79
CA LEU A 84 -0.33 -5.52 -13.05
C LEU A 84 -0.12 -4.48 -14.14
N ILE A 85 0.99 -3.75 -14.06
CA ILE A 85 1.30 -2.72 -15.06
C ILE A 85 2.00 -3.40 -16.23
N GLU A 86 2.93 -4.33 -15.91
CA GLU A 86 3.75 -5.05 -16.92
C GLU A 86 4.10 -4.22 -18.17
N PRO A 87 4.83 -3.10 -17.98
CA PRO A 87 5.07 -2.23 -19.16
C PRO A 87 6.18 -2.71 -20.08
N ALA A 88 6.20 -2.20 -21.31
CA ALA A 88 7.20 -2.63 -22.28
C ALA A 88 7.76 -1.35 -22.90
N GLY A 89 9.00 -1.39 -23.33
CA GLY A 89 9.66 -0.23 -23.90
C GLY A 89 11.17 -0.31 -23.70
N SER A 90 11.88 0.77 -24.03
CA SER A 90 13.34 0.83 -23.90
C SER A 90 13.71 0.93 -22.42
N SER A 1 -19.68 -17.76 7.64
CA SER A 1 -18.43 -18.53 7.98
C SER A 1 -17.23 -17.61 8.04
N MET A 2 -16.85 -16.99 6.90
CA MET A 2 -15.76 -16.04 6.87
C MET A 2 -16.12 -14.74 7.53
N THR A 3 -15.12 -13.96 7.92
CA THR A 3 -15.30 -12.68 8.58
C THR A 3 -14.73 -11.57 7.73
N ALA A 4 -15.11 -10.33 8.07
CA ALA A 4 -14.70 -9.06 7.39
C ALA A 4 -15.25 -8.96 5.94
N ALA A 5 -15.16 -7.78 5.38
CA ALA A 5 -15.67 -7.51 4.02
C ALA A 5 -14.64 -6.53 3.40
N PRO A 6 -14.50 -6.51 2.08
CA PRO A 6 -13.56 -5.59 1.42
C PRO A 6 -13.98 -4.13 1.50
N ALA A 7 -12.99 -3.25 1.27
CA ALA A 7 -13.18 -1.83 1.28
C ALA A 7 -12.81 -1.36 -0.14
N SER A 8 -13.27 -0.18 -0.53
CA SER A 8 -13.00 0.37 -1.84
C SER A 8 -11.53 0.86 -1.89
N PRO A 9 -10.88 0.82 -3.06
CA PRO A 9 -9.46 1.20 -3.12
C PRO A 9 -9.17 2.62 -2.67
N GLN A 10 -10.03 3.59 -2.99
CA GLN A 10 -9.84 4.95 -2.53
C GLN A 10 -9.93 5.07 -1.00
N GLN A 11 -10.75 4.25 -0.34
CA GLN A 11 -10.85 4.25 1.13
C GLN A 11 -9.57 3.70 1.78
N ILE A 12 -9.01 2.66 1.17
CA ILE A 12 -7.77 2.04 1.68
C ILE A 12 -6.62 3.05 1.50
N ARG A 13 -6.59 3.76 0.37
CA ARG A 13 -5.62 4.84 0.11
C ARG A 13 -5.73 5.93 1.18
N ASP A 14 -6.96 6.30 1.54
CA ASP A 14 -7.21 7.35 2.53
C ASP A 14 -6.63 6.98 3.88
N ARG A 15 -6.91 5.76 4.36
CA ARG A 15 -6.38 5.28 5.64
C ARG A 15 -4.86 5.36 5.64
N LEU A 16 -4.23 5.10 4.48
CA LEU A 16 -2.78 5.23 4.39
C LEU A 16 -2.33 6.68 4.52
N LEU A 17 -3.06 7.57 3.87
CA LEU A 17 -2.70 9.02 3.89
C LEU A 17 -2.87 9.57 5.26
N GLN A 18 -3.89 9.10 5.98
CA GLN A 18 -4.14 9.52 7.36
C GLN A 18 -3.06 8.96 8.35
N ALA A 19 -2.38 7.93 7.93
CA ALA A 19 -1.34 7.29 8.75
C ALA A 19 0.07 7.77 8.44
N ILE A 20 0.22 8.60 7.41
CA ILE A 20 1.54 9.18 7.09
C ILE A 20 1.48 10.70 6.96
N ASP A 21 2.66 11.29 6.95
CA ASP A 21 2.82 12.72 6.74
C ASP A 21 2.89 12.92 5.20
N PRO A 22 2.54 14.11 4.64
CA PRO A 22 2.72 14.29 3.17
C PRO A 22 4.15 14.07 2.69
N GLN A 23 5.14 14.16 3.59
CA GLN A 23 6.56 13.81 3.27
C GLN A 23 6.81 12.28 3.34
N SER A 24 5.75 11.48 3.35
CA SER A 24 5.78 10.01 3.47
C SER A 24 6.40 9.51 4.77
N ASN A 25 6.49 10.38 5.74
CA ASN A 25 7.03 10.02 7.08
C ASN A 25 5.96 9.27 7.87
N ILE A 26 6.35 8.26 8.64
CA ILE A 26 5.37 7.46 9.39
C ILE A 26 4.76 8.29 10.54
N ARG A 27 3.44 8.31 10.69
CA ARG A 27 2.78 8.97 11.82
C ARG A 27 2.07 7.95 12.71
N ASN A 28 1.45 6.97 12.11
CA ASN A 28 0.79 5.91 12.86
C ASN A 28 1.21 4.58 12.29
N MET A 29 2.26 4.03 12.86
CA MET A 29 2.85 2.79 12.33
C MET A 29 1.89 1.61 12.27
N VAL A 30 1.11 1.52 13.34
CA VAL A 30 0.12 0.45 13.49
C VAL A 30 -0.86 0.55 12.36
N ALA A 31 -1.36 1.73 12.10
CA ALA A 31 -2.31 1.96 11.00
C ALA A 31 -1.70 1.73 9.60
N VAL A 32 -0.43 2.03 9.40
CA VAL A 32 0.21 1.73 8.11
C VAL A 32 0.26 0.21 7.93
N LEU A 33 0.63 -0.52 9.00
CA LEU A 33 0.74 -1.97 8.92
C LEU A 33 -0.63 -2.56 8.63
N GLU A 34 -1.67 -1.93 9.19
CA GLU A 34 -3.02 -2.38 8.96
C GLU A 34 -3.43 -2.23 7.51
N VAL A 35 -3.02 -1.15 6.87
CA VAL A 35 -3.27 -0.96 5.42
C VAL A 35 -2.58 -2.04 4.59
N ILE A 36 -1.32 -2.38 4.92
CA ILE A 36 -0.59 -3.38 4.15
C ILE A 36 -1.40 -4.67 4.22
N SER A 37 -1.87 -5.01 5.42
CA SER A 37 -2.68 -6.22 5.64
C SER A 37 -3.98 -6.19 4.80
N SER A 38 -4.61 -5.04 4.65
CA SER A 38 -5.83 -4.94 3.86
C SER A 38 -5.52 -5.08 2.37
N LEU A 39 -4.39 -4.55 1.91
CA LEU A 39 -4.03 -4.63 0.50
C LEU A 39 -3.60 -5.98 0.05
N GLU A 40 -3.04 -6.74 0.98
CA GLU A 40 -2.68 -8.15 0.74
C GLU A 40 -3.95 -9.01 0.56
N LYS A 41 -4.99 -8.73 1.35
CA LYS A 41 -6.24 -9.50 1.32
C LYS A 41 -7.20 -9.03 0.22
N TYR A 42 -7.10 -7.76 -0.16
CA TYR A 42 -8.00 -7.13 -1.12
C TYR A 42 -7.19 -6.60 -2.30
N PRO A 43 -6.97 -7.44 -3.34
CA PRO A 43 -6.06 -7.00 -4.42
C PRO A 43 -6.63 -5.90 -5.31
N ILE A 44 -5.84 -4.87 -5.55
CA ILE A 44 -6.23 -3.79 -6.45
C ILE A 44 -5.81 -4.22 -7.87
N THR A 45 -6.38 -3.56 -8.88
CA THR A 45 -6.02 -3.82 -10.29
C THR A 45 -5.28 -2.57 -10.88
N LYS A 46 -4.60 -2.74 -12.00
CA LYS A 46 -3.87 -1.62 -12.63
C LYS A 46 -4.68 -0.31 -12.78
N GLU A 47 -5.92 -0.40 -13.24
CA GLU A 47 -6.72 0.79 -13.47
C GLU A 47 -6.98 1.59 -12.18
N ALA A 48 -7.33 0.90 -11.10
CA ALA A 48 -7.59 1.56 -9.85
C ALA A 48 -6.28 2.03 -9.26
N LEU A 49 -5.22 1.29 -9.54
CA LEU A 49 -3.88 1.64 -9.00
C LEU A 49 -3.39 2.92 -9.62
N GLU A 50 -3.72 3.11 -10.89
CA GLU A 50 -3.31 4.34 -11.62
C GLU A 50 -3.98 5.56 -11.02
N GLU A 51 -5.24 5.40 -10.61
CA GLU A 51 -5.97 6.49 -9.96
C GLU A 51 -5.45 6.78 -8.54
N THR A 52 -5.35 5.73 -7.72
CA THR A 52 -4.95 5.89 -6.33
C THR A 52 -3.47 6.26 -6.11
N ARG A 53 -2.63 5.92 -7.10
CA ARG A 53 -1.18 6.13 -7.07
C ARG A 53 -0.56 5.36 -5.90
N LEU A 54 -1.27 4.34 -5.46
CA LEU A 54 -0.85 3.55 -4.30
C LEU A 54 0.52 2.91 -4.49
N GLY A 55 0.84 2.52 -5.70
CA GLY A 55 2.16 1.91 -5.93
C GLY A 55 3.25 2.88 -5.61
N LYS A 56 3.07 4.15 -5.94
CA LYS A 56 4.09 5.14 -5.65
C LYS A 56 4.15 5.42 -4.14
N LEU A 57 2.99 5.47 -3.50
CA LEU A 57 2.91 5.66 -2.05
C LEU A 57 3.59 4.55 -1.27
N ILE A 58 3.27 3.29 -1.59
CA ILE A 58 3.88 2.15 -0.88
C ILE A 58 5.40 2.10 -1.11
N ASN A 59 5.87 2.37 -2.30
CA ASN A 59 7.29 2.33 -2.57
C ASN A 59 8.03 3.39 -1.78
N ASP A 60 7.39 4.52 -1.54
CA ASP A 60 7.99 5.61 -0.80
C ASP A 60 8.00 5.19 0.68
N VAL A 61 6.90 4.68 1.14
CA VAL A 61 6.76 4.18 2.53
C VAL A 61 7.81 3.09 2.76
N ARG A 62 8.08 2.24 1.79
CA ARG A 62 9.10 1.16 1.95
C ARG A 62 10.47 1.74 2.22
N LYS A 63 10.75 2.91 1.68
CA LYS A 63 12.07 3.55 1.91
C LYS A 63 12.10 4.32 3.23
N LYS A 64 10.94 4.83 3.62
CA LYS A 64 10.83 5.63 4.84
C LYS A 64 10.75 4.82 6.10
N THR A 65 10.25 3.60 6.01
CA THR A 65 10.13 2.77 7.23
C THR A 65 11.46 2.24 7.73
N LYS A 66 11.55 2.14 9.05
CA LYS A 66 12.71 1.54 9.68
C LYS A 66 12.47 0.06 9.95
N ASN A 67 11.20 -0.30 10.16
CA ASN A 67 10.81 -1.70 10.38
C ASN A 67 11.01 -2.47 9.10
N GLU A 68 11.93 -3.41 9.15
CA GLU A 68 12.25 -4.22 7.99
C GLU A 68 11.04 -5.10 7.64
N GLU A 69 10.21 -5.47 8.62
CA GLU A 69 9.05 -6.34 8.35
C GLU A 69 8.15 -5.69 7.35
N LEU A 70 7.91 -4.40 7.55
CA LEU A 70 7.03 -3.66 6.71
C LEU A 70 7.68 -3.57 5.32
N ALA A 71 8.99 -3.30 5.29
CA ALA A 71 9.69 -3.20 4.03
C ALA A 71 9.61 -4.49 3.21
N LYS A 72 9.74 -5.61 3.88
CA LYS A 72 9.61 -6.92 3.22
C LYS A 72 8.20 -7.14 2.70
N ARG A 73 7.19 -6.82 3.45
CA ARG A 73 5.81 -7.02 2.99
C ARG A 73 5.51 -6.05 1.84
N ALA A 74 5.94 -4.83 1.98
CA ALA A 74 5.79 -3.80 0.94
C ALA A 74 6.46 -4.27 -0.36
N LYS A 75 7.65 -4.86 -0.23
CA LYS A 75 8.38 -5.39 -1.40
C LYS A 75 7.59 -6.47 -2.10
N LYS A 76 6.87 -7.30 -1.34
CA LYS A 76 6.07 -8.35 -1.94
C LYS A 76 4.85 -7.73 -2.66
N LEU A 77 4.15 -6.84 -1.97
CA LEU A 77 2.94 -6.20 -2.50
C LEU A 77 3.33 -5.48 -3.78
N LEU A 78 4.44 -4.75 -3.78
CA LEU A 78 4.91 -4.02 -4.96
C LEU A 78 5.31 -4.92 -6.09
N ARG A 79 5.84 -6.14 -5.76
CA ARG A 79 6.26 -7.06 -6.83
C ARG A 79 4.99 -7.64 -7.49
N SER A 80 3.90 -7.73 -6.73
CA SER A 80 2.63 -8.21 -7.27
C SER A 80 2.11 -7.11 -8.19
N TRP A 81 2.22 -5.87 -7.72
CA TRP A 81 1.78 -4.72 -8.51
C TRP A 81 2.60 -4.47 -9.78
N GLN A 82 3.86 -4.91 -9.84
CA GLN A 82 4.66 -4.78 -11.06
C GLN A 82 3.97 -5.57 -12.18
N LYS A 83 3.38 -6.72 -11.85
CA LYS A 83 2.71 -7.58 -12.85
C LYS A 83 1.44 -6.99 -13.40
N LEU A 84 0.92 -5.95 -12.74
CA LEU A 84 -0.25 -5.19 -13.24
C LEU A 84 0.16 -4.12 -14.21
N ILE A 85 1.24 -3.43 -13.89
CA ILE A 85 1.68 -2.28 -14.69
C ILE A 85 2.42 -2.76 -15.95
N GLU A 86 3.24 -3.79 -15.80
CA GLU A 86 4.09 -4.33 -16.89
C GLU A 86 4.81 -3.26 -17.72
N PRO A 87 5.68 -2.49 -17.10
CA PRO A 87 6.36 -1.51 -17.95
C PRO A 87 7.50 -2.13 -18.75
N ALA A 88 7.88 -1.47 -19.84
CA ALA A 88 8.96 -2.02 -20.67
C ALA A 88 10.32 -2.03 -19.94
N GLY A 89 10.46 -1.11 -18.99
CA GLY A 89 11.71 -1.02 -18.23
C GLY A 89 11.76 -1.97 -17.06
N SER A 90 10.64 -2.63 -16.83
CA SER A 90 10.45 -3.61 -15.73
C SER A 90 10.77 -2.98 -14.34
N SER A 1 -15.24 -12.51 9.11
CA SER A 1 -15.38 -12.94 10.51
C SER A 1 -15.05 -11.79 11.42
N MET A 2 -15.48 -11.84 12.70
CA MET A 2 -15.18 -10.80 13.69
C MET A 2 -15.51 -9.36 13.16
N THR A 3 -16.67 -9.27 12.51
CA THR A 3 -17.21 -8.03 11.96
C THR A 3 -16.26 -7.28 10.98
N ALA A 4 -15.18 -7.94 10.57
CA ALA A 4 -14.28 -7.36 9.58
C ALA A 4 -15.03 -7.31 8.24
N ALA A 5 -14.81 -6.25 7.49
CA ALA A 5 -15.42 -6.01 6.21
C ALA A 5 -14.35 -5.48 5.26
N PRO A 6 -14.50 -5.69 3.95
CA PRO A 6 -13.53 -5.11 3.03
C PRO A 6 -13.75 -3.62 2.83
N ALA A 7 -12.84 -2.98 2.12
CA ALA A 7 -12.94 -1.53 1.86
C ALA A 7 -12.57 -1.30 0.39
N SER A 8 -13.07 -0.20 -0.19
CA SER A 8 -12.74 0.15 -1.55
C SER A 8 -11.24 0.52 -1.57
N PRO A 9 -10.57 0.37 -2.72
CA PRO A 9 -9.14 0.72 -2.76
C PRO A 9 -8.87 2.23 -2.48
N GLN A 10 -9.89 3.07 -2.69
CA GLN A 10 -9.79 4.48 -2.38
C GLN A 10 -9.84 4.73 -0.89
N GLN A 11 -10.61 3.93 -0.16
CA GLN A 11 -10.68 4.08 1.27
C GLN A 11 -9.39 3.61 1.92
N ILE A 12 -8.83 2.55 1.35
CA ILE A 12 -7.55 2.03 1.83
C ILE A 12 -6.49 3.07 1.61
N ARG A 13 -6.56 3.77 0.47
CA ARG A 13 -5.61 4.84 0.16
C ARG A 13 -5.71 5.94 1.17
N ASP A 14 -6.91 6.30 1.52
CA ASP A 14 -7.17 7.36 2.50
C ASP A 14 -6.64 7.01 3.91
N ARG A 15 -6.81 5.75 4.32
CA ARG A 15 -6.22 5.30 5.61
C ARG A 15 -4.69 5.48 5.61
N LEU A 16 -4.08 5.18 4.50
CA LEU A 16 -2.63 5.31 4.36
C LEU A 16 -2.23 6.78 4.42
N LEU A 17 -2.96 7.64 3.73
CA LEU A 17 -2.65 9.05 3.69
C LEU A 17 -2.77 9.74 5.05
N GLN A 18 -3.63 9.23 5.92
CA GLN A 18 -3.81 9.81 7.26
C GLN A 18 -2.91 9.13 8.31
N ALA A 19 -2.14 8.13 7.88
CA ALA A 19 -1.24 7.39 8.78
C ALA A 19 0.25 7.72 8.50
N ILE A 20 0.51 8.53 7.50
CA ILE A 20 1.87 8.90 7.14
C ILE A 20 1.89 10.40 7.00
N ASP A 21 3.09 10.96 7.05
CA ASP A 21 3.36 12.35 6.83
C ASP A 21 3.40 12.58 5.33
N PRO A 22 3.12 13.81 4.84
CA PRO A 22 3.33 13.97 3.41
C PRO A 22 4.74 13.61 2.94
N GLN A 23 5.74 13.73 3.82
CA GLN A 23 7.12 13.37 3.49
C GLN A 23 7.33 11.84 3.55
N SER A 24 6.24 11.10 3.66
CA SER A 24 6.20 9.63 3.70
C SER A 24 6.71 9.01 5.00
N ASN A 25 6.94 9.86 5.98
CA ASN A 25 7.42 9.39 7.26
C ASN A 25 6.27 8.79 8.02
N ILE A 26 6.52 7.72 8.74
CA ILE A 26 5.48 7.02 9.46
C ILE A 26 5.00 7.85 10.65
N ARG A 27 3.69 8.07 10.73
CA ARG A 27 3.08 8.81 11.88
C ARG A 27 2.30 7.82 12.75
N ASN A 28 1.57 6.93 12.14
CA ASN A 28 0.79 5.88 12.85
C ASN A 28 1.12 4.53 12.27
N MET A 29 2.09 3.82 12.83
CA MET A 29 2.49 2.52 12.28
C MET A 29 1.41 1.47 12.36
N VAL A 30 0.61 1.45 13.42
CA VAL A 30 -0.45 0.44 13.53
C VAL A 30 -1.33 0.55 12.29
N ALA A 31 -1.76 1.75 11.97
CA ALA A 31 -2.63 1.94 10.81
C ALA A 31 -1.93 1.68 9.47
N VAL A 32 -0.63 1.93 9.35
CA VAL A 32 0.07 1.62 8.09
C VAL A 32 0.04 0.11 7.91
N LEU A 33 0.26 -0.60 9.01
CA LEU A 33 0.25 -2.06 8.96
C LEU A 33 -1.12 -2.58 8.58
N GLU A 34 -2.17 -1.93 9.05
CA GLU A 34 -3.55 -2.31 8.67
C GLU A 34 -3.77 -2.07 7.17
N VAL A 35 -3.21 -1.01 6.59
CA VAL A 35 -3.30 -0.79 5.14
C VAL A 35 -2.55 -1.93 4.41
N ILE A 36 -1.38 -2.30 4.91
CA ILE A 36 -0.61 -3.36 4.25
C ILE A 36 -1.42 -4.65 4.34
N SER A 37 -1.99 -4.95 5.50
CA SER A 37 -2.79 -6.19 5.69
C SER A 37 -3.99 -6.20 4.72
N SER A 38 -4.59 -5.04 4.56
CA SER A 38 -5.74 -4.93 3.68
C SER A 38 -5.36 -5.19 2.23
N LEU A 39 -4.26 -4.67 1.74
CA LEU A 39 -3.88 -4.88 0.34
C LEU A 39 -3.37 -6.27 0.07
N GLU A 40 -2.85 -6.91 1.12
CA GLU A 40 -2.38 -8.30 1.02
C GLU A 40 -3.58 -9.24 0.81
N LYS A 41 -4.71 -8.86 1.39
CA LYS A 41 -5.92 -9.66 1.27
C LYS A 41 -6.80 -9.25 0.13
N TYR A 42 -6.92 -7.96 -0.16
CA TYR A 42 -7.78 -7.43 -1.18
C TYR A 42 -6.93 -6.91 -2.38
N PRO A 43 -6.87 -7.68 -3.46
CA PRO A 43 -6.02 -7.27 -4.61
C PRO A 43 -6.64 -6.13 -5.41
N ILE A 44 -5.92 -5.02 -5.46
CA ILE A 44 -6.34 -3.88 -6.27
C ILE A 44 -6.13 -4.18 -7.75
N THR A 45 -6.94 -3.58 -8.61
CA THR A 45 -6.79 -3.74 -10.06
C THR A 45 -5.78 -2.71 -10.59
N LYS A 46 -5.20 -2.92 -11.77
CA LYS A 46 -4.20 -1.94 -12.25
C LYS A 46 -4.82 -0.58 -12.52
N GLU A 47 -6.10 -0.56 -12.89
CA GLU A 47 -6.82 0.66 -13.17
C GLU A 47 -7.05 1.47 -11.90
N ALA A 48 -7.49 0.81 -10.84
CA ALA A 48 -7.65 1.47 -9.57
C ALA A 48 -6.31 1.87 -9.00
N LEU A 49 -5.26 1.09 -9.27
CA LEU A 49 -3.91 1.41 -8.81
C LEU A 49 -3.41 2.71 -9.40
N GLU A 50 -3.69 2.95 -10.65
CA GLU A 50 -3.24 4.20 -11.27
C GLU A 50 -3.93 5.41 -10.68
N GLU A 51 -5.22 5.30 -10.42
CA GLU A 51 -5.99 6.37 -9.79
C GLU A 51 -5.56 6.62 -8.36
N THR A 52 -5.32 5.53 -7.62
CA THR A 52 -4.94 5.68 -6.20
C THR A 52 -3.48 6.07 -6.04
N ARG A 53 -2.69 5.89 -7.09
CA ARG A 53 -1.24 6.15 -7.07
C ARG A 53 -0.54 5.33 -5.93
N LEU A 54 -1.23 4.29 -5.47
CA LEU A 54 -0.78 3.50 -4.32
C LEU A 54 0.59 2.82 -4.57
N GLY A 55 0.89 2.46 -5.81
CA GLY A 55 2.23 1.94 -6.13
C GLY A 55 3.34 2.92 -5.73
N LYS A 56 3.19 4.20 -6.06
CA LYS A 56 4.23 5.21 -5.74
C LYS A 56 4.23 5.39 -4.19
N LEU A 57 3.05 5.47 -3.61
CA LEU A 57 2.92 5.73 -2.17
C LEU A 57 3.54 4.58 -1.34
N ILE A 58 3.19 3.35 -1.65
CA ILE A 58 3.75 2.20 -0.89
C ILE A 58 5.29 2.12 -1.06
N ASN A 59 5.79 2.40 -2.25
CA ASN A 59 7.24 2.36 -2.47
C ASN A 59 7.97 3.51 -1.73
N ASP A 60 7.34 4.64 -1.48
CA ASP A 60 8.00 5.70 -0.74
C ASP A 60 8.03 5.38 0.75
N VAL A 61 6.91 4.86 1.24
CA VAL A 61 6.77 4.44 2.66
C VAL A 61 7.79 3.33 2.98
N ARG A 62 8.00 2.43 2.02
CA ARG A 62 8.99 1.33 2.19
C ARG A 62 10.40 1.87 2.48
N LYS A 63 10.73 3.02 1.89
CA LYS A 63 12.04 3.62 2.07
C LYS A 63 12.16 4.39 3.36
N LYS A 64 11.10 5.08 3.73
CA LYS A 64 11.12 5.91 4.94
C LYS A 64 10.95 5.16 6.25
N THR A 65 10.26 4.04 6.24
CA THR A 65 10.09 3.22 7.44
C THR A 65 11.41 2.62 7.88
N LYS A 66 11.50 2.28 9.17
CA LYS A 66 12.69 1.63 9.73
C LYS A 66 12.27 0.24 10.22
N ASN A 67 11.04 -0.16 9.89
CA ASN A 67 10.54 -1.46 10.25
C ASN A 67 10.72 -2.38 9.04
N GLU A 68 11.70 -3.31 9.13
CA GLU A 68 11.97 -4.22 8.03
C GLU A 68 10.82 -5.12 7.63
N GLU A 69 9.95 -5.50 8.56
CA GLU A 69 8.83 -6.40 8.22
C GLU A 69 7.89 -5.69 7.30
N LEU A 70 7.62 -4.43 7.63
CA LEU A 70 6.76 -3.57 6.83
C LEU A 70 7.39 -3.39 5.44
N ALA A 71 8.68 -3.08 5.40
CA ALA A 71 9.39 -2.91 4.15
C ALA A 71 9.40 -4.18 3.27
N LYS A 72 9.55 -5.35 3.88
CA LYS A 72 9.48 -6.64 3.13
C LYS A 72 8.08 -6.86 2.59
N ARG A 73 7.07 -6.62 3.42
CA ARG A 73 5.69 -6.87 2.96
C ARG A 73 5.38 -5.91 1.79
N ALA A 74 5.82 -4.65 1.93
CA ALA A 74 5.67 -3.61 0.90
C ALA A 74 6.42 -4.03 -0.38
N LYS A 75 7.63 -4.56 -0.24
CA LYS A 75 8.38 -5.00 -1.43
C LYS A 75 7.62 -6.10 -2.18
N LYS A 76 7.02 -7.03 -1.45
CA LYS A 76 6.24 -8.09 -2.07
C LYS A 76 5.01 -7.56 -2.80
N LEU A 77 4.29 -6.64 -2.17
CA LEU A 77 3.10 -6.05 -2.81
C LEU A 77 3.48 -5.35 -4.08
N LEU A 78 4.57 -4.60 -4.07
CA LEU A 78 5.03 -3.88 -5.26
C LEU A 78 5.43 -4.83 -6.38
N ARG A 79 6.02 -5.96 -6.04
CA ARG A 79 6.43 -6.93 -7.10
C ARG A 79 5.17 -7.50 -7.70
N SER A 80 4.16 -7.77 -6.87
CA SER A 80 2.89 -8.28 -7.34
C SER A 80 2.20 -7.27 -8.23
N TRP A 81 2.32 -5.99 -7.90
CA TRP A 81 1.74 -4.95 -8.71
C TRP A 81 2.43 -4.75 -10.05
N GLN A 82 3.71 -5.07 -10.19
CA GLN A 82 4.38 -4.85 -11.49
C GLN A 82 3.80 -5.76 -12.56
N LYS A 83 3.58 -7.02 -12.17
CA LYS A 83 3.02 -8.02 -13.09
C LYS A 83 1.52 -7.87 -13.24
N LEU A 84 0.91 -7.01 -12.42
CA LEU A 84 -0.50 -6.64 -12.53
C LEU A 84 -0.66 -5.54 -13.56
N ILE A 85 0.29 -4.61 -13.60
CA ILE A 85 0.22 -3.51 -14.52
C ILE A 85 0.52 -3.97 -15.93
N GLU A 86 1.53 -4.84 -16.05
CA GLU A 86 2.06 -5.31 -17.34
C GLU A 86 2.38 -4.12 -18.27
N PRO A 87 3.39 -3.28 -17.91
CA PRO A 87 3.67 -2.11 -18.73
C PRO A 87 4.54 -2.41 -19.95
N ALA A 88 4.49 -1.49 -20.91
CA ALA A 88 5.25 -1.61 -22.17
C ALA A 88 4.84 -2.83 -22.99
N GLY A 89 5.72 -3.29 -23.87
CA GLY A 89 5.36 -4.42 -24.73
C GLY A 89 4.46 -4.00 -25.89
N SER A 90 4.40 -2.66 -26.12
CA SER A 90 3.56 -2.08 -27.13
C SER A 90 4.42 -1.74 -28.36
N SER A 1 -5.35 -12.29 15.20
CA SER A 1 -5.98 -12.10 13.87
C SER A 1 -7.26 -11.29 14.02
N MET A 2 -7.71 -10.67 12.92
CA MET A 2 -8.93 -9.85 12.90
C MET A 2 -9.68 -10.05 11.60
N THR A 3 -10.98 -9.72 11.59
CA THR A 3 -11.85 -9.86 10.38
C THR A 3 -12.53 -8.50 10.17
N ALA A 4 -12.71 -8.12 8.92
CA ALA A 4 -13.26 -6.82 8.57
C ALA A 4 -13.82 -6.93 7.15
N ALA A 5 -14.79 -6.12 6.86
CA ALA A 5 -15.43 -6.10 5.56
C ALA A 5 -14.53 -5.34 4.58
N PRO A 6 -14.63 -5.62 3.28
CA PRO A 6 -13.78 -4.92 2.33
C PRO A 6 -14.18 -3.45 2.17
N ALA A 7 -13.24 -2.61 1.72
CA ALA A 7 -13.50 -1.18 1.51
C ALA A 7 -13.04 -0.84 0.09
N SER A 8 -13.41 0.31 -0.45
CA SER A 8 -13.00 0.68 -1.80
C SER A 8 -11.49 0.99 -1.84
N PRO A 9 -10.84 0.78 -3.00
CA PRO A 9 -9.39 1.06 -2.95
C PRO A 9 -9.06 2.53 -2.68
N GLN A 10 -9.95 3.44 -3.07
CA GLN A 10 -9.72 4.84 -2.82
C GLN A 10 -9.82 5.13 -1.32
N GLN A 11 -10.63 4.37 -0.60
CA GLN A 11 -10.78 4.52 0.86
C GLN A 11 -9.51 3.97 1.54
N ILE A 12 -9.07 2.81 1.08
CA ILE A 12 -7.88 2.20 1.63
C ILE A 12 -6.71 3.17 1.43
N ARG A 13 -6.66 3.82 0.28
CA ARG A 13 -5.59 4.79 0.03
C ARG A 13 -5.66 5.94 1.05
N ASP A 14 -6.83 6.44 1.32
CA ASP A 14 -7.05 7.53 2.26
C ASP A 14 -6.61 7.14 3.67
N ARG A 15 -6.78 5.91 4.05
CA ARG A 15 -6.36 5.45 5.37
C ARG A 15 -4.83 5.52 5.48
N LEU A 16 -4.15 5.13 4.41
CA LEU A 16 -2.71 5.16 4.39
C LEU A 16 -2.24 6.61 4.55
N LEU A 17 -2.92 7.54 3.87
CA LEU A 17 -2.57 8.98 3.97
C LEU A 17 -2.82 9.54 5.38
N GLN A 18 -3.80 8.99 6.10
CA GLN A 18 -4.07 9.38 7.49
C GLN A 18 -3.03 8.86 8.49
N ALA A 19 -2.31 7.82 8.08
CA ALA A 19 -1.34 7.12 8.93
C ALA A 19 0.12 7.53 8.70
N ILE A 20 0.35 8.34 7.67
CA ILE A 20 1.69 8.86 7.34
C ILE A 20 1.62 10.36 7.22
N ASP A 21 2.77 10.98 7.33
CA ASP A 21 2.91 12.43 7.16
C ASP A 21 2.91 12.72 5.66
N PRO A 22 2.58 13.96 5.23
CA PRO A 22 2.72 14.19 3.78
C PRO A 22 4.11 13.90 3.20
N GLN A 23 5.13 13.87 4.06
CA GLN A 23 6.48 13.49 3.68
C GLN A 23 6.71 11.96 3.68
N SER A 24 5.63 11.19 3.85
CA SER A 24 5.62 9.71 3.92
C SER A 24 6.38 9.19 5.12
N ASN A 25 6.59 10.05 6.10
CA ASN A 25 7.19 9.63 7.36
C ASN A 25 6.06 8.95 8.11
N ILE A 26 6.40 7.85 8.79
CA ILE A 26 5.35 7.08 9.50
C ILE A 26 4.89 7.90 10.72
N ARG A 27 3.57 8.02 10.87
CA ARG A 27 2.96 8.62 12.08
C ARG A 27 2.24 7.57 12.93
N ASN A 28 1.53 6.67 12.30
CA ASN A 28 0.82 5.59 13.02
C ASN A 28 1.16 4.23 12.40
N MET A 29 2.24 3.62 12.86
CA MET A 29 2.70 2.35 12.28
C MET A 29 1.71 1.20 12.33
N VAL A 30 0.89 1.14 13.40
CA VAL A 30 -0.07 0.07 13.50
C VAL A 30 -1.00 0.17 12.29
N ALA A 31 -1.42 1.39 12.02
CA ALA A 31 -2.38 1.66 10.96
C ALA A 31 -1.75 1.51 9.56
N VAL A 32 -0.47 1.78 9.41
CA VAL A 32 0.23 1.58 8.11
C VAL A 32 0.23 0.06 7.88
N LEU A 33 0.62 -0.72 8.88
CA LEU A 33 0.67 -2.20 8.77
C LEU A 33 -0.75 -2.76 8.51
N GLU A 34 -1.76 -2.15 9.09
CA GLU A 34 -3.16 -2.53 8.82
C GLU A 34 -3.48 -2.35 7.32
N VAL A 35 -3.00 -1.29 6.72
CA VAL A 35 -3.26 -1.07 5.32
C VAL A 35 -2.62 -2.16 4.48
N ILE A 36 -1.40 -2.56 4.82
CA ILE A 36 -0.66 -3.57 4.04
C ILE A 36 -1.44 -4.87 4.09
N SER A 37 -1.92 -5.20 5.29
CA SER A 37 -2.72 -6.39 5.55
C SER A 37 -4.07 -6.35 4.88
N SER A 38 -4.59 -5.14 4.68
CA SER A 38 -5.85 -4.94 3.95
C SER A 38 -5.69 -5.12 2.47
N LEU A 39 -4.65 -4.57 1.89
CA LEU A 39 -4.44 -4.68 0.44
C LEU A 39 -4.10 -6.15 0.05
N GLU A 40 -3.41 -6.86 0.94
CA GLU A 40 -3.05 -8.28 0.74
C GLU A 40 -4.33 -9.11 0.69
N LYS A 41 -5.36 -8.71 1.45
CA LYS A 41 -6.64 -9.43 1.46
C LYS A 41 -7.63 -8.88 0.42
N TYR A 42 -7.52 -7.60 0.12
CA TYR A 42 -8.45 -6.93 -0.82
C TYR A 42 -7.66 -6.47 -2.05
N PRO A 43 -7.36 -7.39 -2.98
CA PRO A 43 -6.43 -6.96 -4.01
C PRO A 43 -6.93 -5.89 -5.00
N ILE A 44 -6.22 -4.76 -5.02
CA ILE A 44 -6.50 -3.64 -5.91
C ILE A 44 -6.07 -4.03 -7.35
N THR A 45 -6.79 -3.58 -8.36
CA THR A 45 -6.46 -3.92 -9.75
C THR A 45 -5.56 -2.83 -10.37
N LYS A 46 -4.87 -3.17 -11.45
CA LYS A 46 -3.95 -2.26 -12.15
C LYS A 46 -4.61 -0.95 -12.60
N GLU A 47 -5.87 -0.97 -12.97
CA GLU A 47 -6.52 0.24 -13.42
C GLU A 47 -6.70 1.19 -12.25
N ALA A 48 -7.02 0.62 -11.08
CA ALA A 48 -7.28 1.43 -9.91
C ALA A 48 -5.96 1.95 -9.40
N LEU A 49 -4.88 1.24 -9.71
CA LEU A 49 -3.55 1.60 -9.22
C LEU A 49 -3.12 2.90 -9.87
N GLU A 50 -3.48 3.07 -11.13
CA GLU A 50 -3.14 4.28 -11.90
C GLU A 50 -3.84 5.50 -11.31
N GLU A 51 -5.06 5.34 -10.81
CA GLU A 51 -5.78 6.46 -10.20
C GLU A 51 -5.27 6.77 -8.76
N THR A 52 -5.15 5.72 -7.95
CA THR A 52 -4.73 5.85 -6.53
C THR A 52 -3.23 6.20 -6.30
N ARG A 53 -2.39 5.90 -7.29
CA ARG A 53 -0.96 6.01 -7.22
C ARG A 53 -0.42 5.30 -5.99
N LEU A 54 -1.13 4.26 -5.61
CA LEU A 54 -0.73 3.43 -4.45
C LEU A 54 0.62 2.83 -4.67
N GLY A 55 0.95 2.48 -5.92
CA GLY A 55 2.24 1.94 -6.17
C GLY A 55 3.38 2.87 -5.74
N LYS A 56 3.21 4.15 -6.02
CA LYS A 56 4.23 5.14 -5.70
C LYS A 56 4.21 5.38 -4.20
N LEU A 57 3.03 5.46 -3.65
CA LEU A 57 2.87 5.73 -2.20
C LEU A 57 3.53 4.63 -1.36
N ILE A 58 3.20 3.37 -1.65
CA ILE A 58 3.80 2.25 -0.92
C ILE A 58 5.32 2.29 -1.09
N ASN A 59 5.82 2.49 -2.29
CA ASN A 59 7.26 2.51 -2.48
C ASN A 59 7.96 3.65 -1.76
N ASP A 60 7.29 4.77 -1.68
CA ASP A 60 7.79 5.92 -0.90
C ASP A 60 7.86 5.57 0.58
N VAL A 61 6.80 4.96 1.09
CA VAL A 61 6.79 4.53 2.47
C VAL A 61 7.89 3.50 2.73
N ARG A 62 8.06 2.54 1.83
CA ARG A 62 9.12 1.51 1.95
C ARG A 62 10.53 2.11 2.06
N LYS A 63 10.83 3.20 1.34
CA LYS A 63 12.17 3.80 1.45
C LYS A 63 12.26 4.72 2.68
N LYS A 64 11.15 5.13 3.26
CA LYS A 64 11.18 5.98 4.44
C LYS A 64 11.31 5.21 5.73
N THR A 65 10.64 4.08 5.80
CA THR A 65 10.57 3.28 7.02
C THR A 65 11.92 2.67 7.41
N LYS A 66 12.21 2.55 8.69
CA LYS A 66 13.45 1.90 9.13
C LYS A 66 13.11 0.46 9.59
N ASN A 67 11.79 0.13 9.56
CA ASN A 67 11.34 -1.19 10.00
C ASN A 67 11.43 -2.13 8.84
N GLU A 68 12.34 -3.10 8.94
CA GLU A 68 12.57 -3.98 7.79
C GLU A 68 11.42 -4.94 7.54
N GLU A 69 10.65 -5.35 8.55
CA GLU A 69 9.53 -6.26 8.31
C GLU A 69 8.55 -5.51 7.40
N LEU A 70 8.19 -4.27 7.77
CA LEU A 70 7.26 -3.42 6.99
C LEU A 70 7.82 -3.29 5.60
N ALA A 71 9.11 -2.95 5.44
CA ALA A 71 9.69 -2.76 4.10
C ALA A 71 9.55 -4.06 3.29
N LYS A 72 9.86 -5.22 3.89
CA LYS A 72 9.72 -6.49 3.15
C LYS A 72 8.31 -6.83 2.75
N ARG A 73 7.32 -6.53 3.59
CA ARG A 73 5.94 -6.78 3.20
C ARG A 73 5.57 -5.85 2.06
N ALA A 74 5.94 -4.58 2.18
CA ALA A 74 5.65 -3.61 1.13
C ALA A 74 6.36 -4.03 -0.18
N LYS A 75 7.53 -4.58 -0.11
CA LYS A 75 8.24 -5.05 -1.32
C LYS A 75 7.48 -6.20 -1.98
N LYS A 76 6.94 -7.09 -1.16
CA LYS A 76 6.20 -8.23 -1.69
C LYS A 76 4.95 -7.70 -2.41
N LEU A 77 4.30 -6.75 -1.77
CA LEU A 77 3.06 -6.14 -2.31
C LEU A 77 3.36 -5.39 -3.61
N LEU A 78 4.46 -4.64 -3.67
CA LEU A 78 4.84 -3.96 -4.89
C LEU A 78 5.10 -4.96 -6.01
N ARG A 79 5.73 -6.08 -5.71
CA ARG A 79 5.99 -7.05 -6.73
C ARG A 79 4.67 -7.58 -7.31
N SER A 80 3.68 -7.85 -6.47
CA SER A 80 2.41 -8.36 -6.99
C SER A 80 1.78 -7.30 -7.89
N TRP A 81 1.99 -6.03 -7.59
CA TRP A 81 1.50 -4.93 -8.48
C TRP A 81 2.33 -4.79 -9.73
N GLN A 82 3.60 -5.15 -9.67
CA GLN A 82 4.45 -5.04 -10.88
C GLN A 82 3.95 -6.08 -11.87
N LYS A 83 3.57 -7.23 -11.35
CA LYS A 83 3.02 -8.30 -12.20
C LYS A 83 1.68 -7.88 -12.75
N LEU A 84 0.96 -7.07 -11.98
CA LEU A 84 -0.33 -6.56 -12.43
C LEU A 84 -0.21 -5.65 -13.64
N ILE A 85 0.70 -4.69 -13.56
CA ILE A 85 0.83 -3.70 -14.62
C ILE A 85 1.57 -4.29 -15.83
N GLU A 86 2.59 -5.10 -15.57
CA GLU A 86 3.42 -5.71 -16.61
C GLU A 86 3.79 -4.70 -17.68
N PRO A 87 4.60 -3.67 -17.33
CA PRO A 87 4.83 -2.59 -18.31
C PRO A 87 5.64 -2.92 -19.57
N ALA A 88 5.34 -2.23 -20.67
CA ALA A 88 6.09 -2.40 -21.92
C ALA A 88 7.29 -1.43 -22.02
N GLY A 89 8.21 -1.72 -22.94
CA GLY A 89 9.38 -0.85 -23.14
C GLY A 89 10.14 -1.31 -24.39
N SER A 90 11.24 -0.61 -24.71
CA SER A 90 12.11 -0.91 -25.89
C SER A 90 11.29 -0.91 -27.22
N SER A 1 -20.67 -9.80 16.69
CA SER A 1 -19.39 -9.61 17.41
C SER A 1 -18.60 -8.47 16.81
N MET A 2 -17.73 -8.75 15.86
CA MET A 2 -16.94 -7.74 15.16
C MET A 2 -16.68 -8.29 13.78
N THR A 3 -16.40 -7.41 12.83
CA THR A 3 -16.15 -7.78 11.44
C THR A 3 -15.03 -6.87 10.92
N ALA A 4 -14.15 -7.39 10.08
CA ALA A 4 -13.06 -6.57 9.54
C ALA A 4 -13.58 -5.62 8.45
N ALA A 5 -14.56 -6.12 7.69
CA ALA A 5 -15.20 -5.42 6.54
C ALA A 5 -14.26 -5.05 5.36
N PRO A 6 -14.73 -5.25 4.11
CA PRO A 6 -13.86 -4.84 3.00
C PRO A 6 -13.92 -3.31 2.83
N ALA A 7 -12.95 -2.76 2.10
CA ALA A 7 -12.89 -1.32 1.85
C ALA A 7 -12.52 -1.09 0.39
N SER A 8 -12.95 0.02 -0.19
CA SER A 8 -12.62 0.33 -1.58
C SER A 8 -11.14 0.69 -1.69
N PRO A 9 -10.54 0.59 -2.87
CA PRO A 9 -9.12 0.98 -2.94
C PRO A 9 -8.86 2.44 -2.60
N GLN A 10 -9.84 3.30 -2.86
CA GLN A 10 -9.71 4.72 -2.52
C GLN A 10 -9.64 4.86 -1.00
N GLN A 11 -10.51 4.14 -0.29
CA GLN A 11 -10.51 4.18 1.18
C GLN A 11 -9.24 3.58 1.76
N ILE A 12 -8.73 2.50 1.18
CA ILE A 12 -7.50 1.89 1.71
C ILE A 12 -6.35 2.89 1.53
N ARG A 13 -6.35 3.59 0.40
CA ARG A 13 -5.35 4.62 0.11
C ARG A 13 -5.50 5.75 1.13
N ASP A 14 -6.73 6.18 1.37
CA ASP A 14 -6.97 7.29 2.29
C ASP A 14 -6.50 6.94 3.70
N ARG A 15 -6.76 5.72 4.13
CA ARG A 15 -6.34 5.28 5.48
C ARG A 15 -4.81 5.41 5.54
N LEU A 16 -4.12 5.10 4.45
CA LEU A 16 -2.66 5.22 4.39
C LEU A 16 -2.19 6.66 4.51
N LEU A 17 -2.89 7.56 3.81
CA LEU A 17 -2.54 8.99 3.80
C LEU A 17 -2.73 9.61 5.16
N GLN A 18 -3.70 9.12 5.90
CA GLN A 18 -3.94 9.60 7.26
C GLN A 18 -2.90 9.05 8.27
N ALA A 19 -2.36 7.89 7.98
CA ALA A 19 -1.41 7.23 8.87
C ALA A 19 0.02 7.73 8.68
N ILE A 20 0.24 8.53 7.63
CA ILE A 20 1.56 9.12 7.35
C ILE A 20 1.42 10.63 7.31
N ASP A 21 2.54 11.32 7.27
CA ASP A 21 2.52 12.79 7.14
C ASP A 21 2.67 13.06 5.65
N PRO A 22 2.44 14.30 5.17
CA PRO A 22 2.62 14.51 3.71
C PRO A 22 4.02 14.16 3.17
N GLN A 23 5.04 14.20 4.01
CA GLN A 23 6.41 13.83 3.60
C GLN A 23 6.60 12.30 3.72
N SER A 24 5.50 11.56 3.86
CA SER A 24 5.48 10.10 3.92
C SER A 24 6.14 9.49 5.17
N ASN A 25 6.36 10.28 6.21
CA ASN A 25 6.95 9.71 7.42
C ASN A 25 5.83 9.04 8.20
N ILE A 26 6.14 7.96 8.88
CA ILE A 26 5.14 7.21 9.62
C ILE A 26 4.65 8.00 10.84
N ARG A 27 3.34 8.20 10.94
CA ARG A 27 2.79 8.85 12.14
C ARG A 27 2.16 7.82 13.04
N ASN A 28 1.53 6.82 12.43
CA ASN A 28 0.91 5.73 13.17
C ASN A 28 1.27 4.37 12.60
N MET A 29 2.25 3.70 13.17
CA MET A 29 2.76 2.42 12.65
C MET A 29 1.66 1.35 12.54
N VAL A 30 0.80 1.24 13.53
CA VAL A 30 -0.23 0.20 13.51
C VAL A 30 -1.18 0.44 12.34
N ALA A 31 -1.57 1.69 12.15
CA ALA A 31 -2.47 2.03 11.05
C ALA A 31 -1.83 1.71 9.68
N VAL A 32 -0.53 1.99 9.51
CA VAL A 32 0.15 1.70 8.24
C VAL A 32 0.20 0.20 7.99
N LEU A 33 0.43 -0.58 9.03
CA LEU A 33 0.44 -2.03 8.87
C LEU A 33 -0.93 -2.61 8.55
N GLU A 34 -1.99 -2.02 9.08
CA GLU A 34 -3.34 -2.43 8.71
C GLU A 34 -3.54 -2.18 7.19
N VAL A 35 -2.98 -1.11 6.64
CA VAL A 35 -3.11 -0.85 5.20
C VAL A 35 -2.44 -1.95 4.38
N ILE A 36 -1.25 -2.35 4.80
CA ILE A 36 -0.51 -3.41 4.09
C ILE A 36 -1.30 -4.71 4.14
N SER A 37 -1.86 -4.99 5.31
CA SER A 37 -2.70 -6.20 5.45
C SER A 37 -3.98 -6.13 4.59
N SER A 38 -4.60 -4.98 4.51
CA SER A 38 -5.79 -4.78 3.70
C SER A 38 -5.47 -5.00 2.21
N LEU A 39 -4.33 -4.53 1.77
CA LEU A 39 -3.97 -4.65 0.38
C LEU A 39 -3.55 -6.06 0.01
N GLU A 40 -3.00 -6.81 0.95
CA GLU A 40 -2.68 -8.22 0.68
C GLU A 40 -3.97 -9.07 0.71
N LYS A 41 -5.04 -8.53 1.30
CA LYS A 41 -6.33 -9.20 1.34
C LYS A 41 -7.32 -8.78 0.26
N TYR A 42 -7.19 -7.54 -0.19
CA TYR A 42 -8.09 -6.98 -1.20
C TYR A 42 -7.28 -6.61 -2.46
N PRO A 43 -7.37 -7.42 -3.54
CA PRO A 43 -6.58 -6.99 -4.70
C PRO A 43 -7.10 -5.73 -5.36
N ILE A 44 -6.18 -4.85 -5.66
CA ILE A 44 -6.47 -3.61 -6.38
C ILE A 44 -6.24 -3.86 -7.86
N THR A 45 -7.02 -3.22 -8.71
CA THR A 45 -6.90 -3.39 -10.18
C THR A 45 -5.91 -2.40 -10.74
N LYS A 46 -5.48 -2.61 -11.98
CA LYS A 46 -4.52 -1.74 -12.67
C LYS A 46 -5.09 -0.33 -12.81
N GLU A 47 -6.36 -0.22 -13.20
CA GLU A 47 -6.99 1.08 -13.43
C GLU A 47 -7.14 1.80 -12.09
N ALA A 48 -7.51 1.08 -11.04
CA ALA A 48 -7.67 1.71 -9.74
C ALA A 48 -6.30 2.15 -9.20
N LEU A 49 -5.23 1.49 -9.64
CA LEU A 49 -3.85 1.82 -9.23
C LEU A 49 -3.42 3.20 -9.77
N GLU A 50 -3.92 3.54 -10.96
CA GLU A 50 -3.63 4.83 -11.58
C GLU A 50 -4.21 5.94 -10.70
N GLU A 51 -5.47 5.79 -10.33
CA GLU A 51 -6.19 6.78 -9.51
C GLU A 51 -5.68 6.86 -8.05
N THR A 52 -5.44 5.70 -7.43
CA THR A 52 -5.02 5.70 -6.02
C THR A 52 -3.54 6.07 -5.89
N ARG A 53 -2.80 5.92 -6.97
CA ARG A 53 -1.34 6.13 -7.01
C ARG A 53 -0.62 5.31 -5.95
N LEU A 54 -1.28 4.22 -5.53
CA LEU A 54 -0.75 3.39 -4.45
C LEU A 54 0.61 2.84 -4.76
N GLY A 55 0.88 2.55 -6.04
CA GLY A 55 2.20 2.03 -6.40
C GLY A 55 3.31 3.00 -6.05
N LYS A 56 3.07 4.31 -6.19
CA LYS A 56 4.08 5.32 -5.83
C LYS A 56 4.18 5.42 -4.28
N LEU A 57 3.04 5.44 -3.59
CA LEU A 57 2.98 5.59 -2.15
C LEU A 57 3.66 4.43 -1.41
N ILE A 58 3.28 3.19 -1.72
CA ILE A 58 3.86 2.03 -1.02
C ILE A 58 5.34 1.98 -1.27
N ASN A 59 5.81 2.38 -2.45
CA ASN A 59 7.25 2.35 -2.74
C ASN A 59 8.03 3.42 -1.95
N ASP A 60 7.37 4.53 -1.67
CA ASP A 60 7.99 5.58 -0.86
C ASP A 60 7.98 5.18 0.63
N VAL A 61 6.84 4.73 1.11
CA VAL A 61 6.69 4.35 2.51
C VAL A 61 7.72 3.25 2.85
N ARG A 62 8.01 2.37 1.90
CA ARG A 62 9.02 1.35 2.08
C ARG A 62 10.40 1.93 2.41
N LYS A 63 10.69 3.13 1.94
CA LYS A 63 12.01 3.76 2.18
C LYS A 63 11.99 4.58 3.49
N LYS A 64 10.82 5.09 3.82
CA LYS A 64 10.62 6.01 4.98
C LYS A 64 10.44 5.25 6.30
N THR A 65 10.00 4.02 6.24
CA THR A 65 9.83 3.22 7.44
C THR A 65 11.18 2.77 7.95
N LYS A 66 11.29 2.61 9.27
CA LYS A 66 12.51 2.04 9.87
C LYS A 66 12.30 0.56 10.20
N ASN A 67 11.05 0.13 10.08
CA ASN A 67 10.67 -1.25 10.35
C ASN A 67 10.95 -2.09 9.12
N GLU A 68 11.97 -2.93 9.18
CA GLU A 68 12.32 -3.77 8.05
C GLU A 68 11.19 -4.76 7.68
N GLU A 69 10.32 -5.15 8.63
CA GLU A 69 9.24 -6.08 8.31
C GLU A 69 8.27 -5.38 7.39
N LEU A 70 7.98 -4.11 7.68
CA LEU A 70 7.06 -3.35 6.88
C LEU A 70 7.67 -3.25 5.48
N ALA A 71 8.95 -2.96 5.40
CA ALA A 71 9.61 -2.84 4.13
C ALA A 71 9.54 -4.17 3.31
N LYS A 72 9.70 -5.30 3.96
CA LYS A 72 9.63 -6.61 3.29
C LYS A 72 8.22 -6.85 2.73
N ARG A 73 7.20 -6.56 3.50
CA ARG A 73 5.82 -6.76 3.07
C ARG A 73 5.49 -5.79 1.98
N ALA A 74 5.96 -4.55 2.07
CA ALA A 74 5.75 -3.58 0.98
C ALA A 74 6.40 -4.10 -0.32
N LYS A 75 7.58 -4.67 -0.22
CA LYS A 75 8.27 -5.23 -1.40
C LYS A 75 7.45 -6.37 -2.03
N LYS A 76 6.84 -7.17 -1.17
CA LYS A 76 5.97 -8.28 -1.61
C LYS A 76 4.76 -7.73 -2.40
N LEU A 77 4.12 -6.69 -1.89
CA LEU A 77 2.99 -6.05 -2.58
C LEU A 77 3.43 -5.42 -3.89
N LEU A 78 4.56 -4.71 -3.88
CA LEU A 78 5.08 -4.07 -5.08
C LEU A 78 5.40 -5.09 -6.14
N ARG A 79 5.91 -6.25 -5.78
CA ARG A 79 6.18 -7.30 -6.76
C ARG A 79 4.90 -7.85 -7.39
N SER A 80 3.84 -7.89 -6.60
CA SER A 80 2.53 -8.30 -7.12
C SER A 80 2.05 -7.26 -8.13
N TRP A 81 2.23 -6.00 -7.81
CA TRP A 81 1.78 -4.90 -8.70
C TRP A 81 2.57 -4.85 -9.97
N GLN A 82 3.80 -5.31 -9.99
CA GLN A 82 4.59 -5.35 -11.22
C GLN A 82 3.99 -6.43 -12.17
N LYS A 83 3.44 -7.47 -11.58
CA LYS A 83 2.73 -8.52 -12.33
C LYS A 83 1.36 -8.04 -12.80
N LEU A 84 0.76 -7.17 -12.00
CA LEU A 84 -0.57 -6.62 -12.29
C LEU A 84 -0.50 -5.65 -13.45
N ILE A 85 0.57 -4.87 -13.53
CA ILE A 85 0.71 -3.93 -14.63
C ILE A 85 1.11 -4.66 -15.91
N GLU A 86 1.97 -5.65 -15.75
CA GLU A 86 2.49 -6.46 -16.88
C GLU A 86 2.83 -5.60 -18.13
N PRO A 87 3.90 -4.79 -18.04
CA PRO A 87 4.30 -3.98 -19.20
C PRO A 87 5.11 -4.83 -20.21
N ALA A 88 4.62 -6.01 -20.53
CA ALA A 88 5.32 -6.90 -21.46
C ALA A 88 4.93 -6.51 -22.87
N GLY A 89 5.81 -6.72 -23.85
CA GLY A 89 5.47 -6.52 -25.25
C GLY A 89 5.59 -5.09 -25.76
N SER A 90 5.95 -4.17 -24.87
CA SER A 90 6.08 -2.77 -25.23
C SER A 90 7.42 -2.32 -24.66
N SER A 1 -7.54 -13.43 7.74
CA SER A 1 -8.28 -12.16 7.88
C SER A 1 -8.94 -12.11 9.24
N MET A 2 -8.31 -11.47 10.20
CA MET A 2 -8.86 -11.41 11.57
C MET A 2 -9.84 -10.25 11.64
N THR A 3 -11.12 -10.58 11.61
CA THR A 3 -12.23 -9.63 11.56
C THR A 3 -12.03 -8.52 10.52
N ALA A 4 -12.04 -8.89 9.23
CA ALA A 4 -11.83 -7.91 8.16
C ALA A 4 -12.95 -7.98 7.12
N ALA A 5 -13.13 -6.88 6.39
CA ALA A 5 -14.15 -6.79 5.36
C ALA A 5 -13.54 -5.90 4.25
N PRO A 6 -13.94 -6.10 2.98
CA PRO A 6 -13.34 -5.24 1.97
C PRO A 6 -13.77 -3.76 2.00
N ALA A 7 -12.89 -2.85 1.57
CA ALA A 7 -13.23 -1.45 1.42
C ALA A 7 -12.84 -1.09 0.01
N SER A 8 -13.32 0.06 -0.45
CA SER A 8 -13.01 0.51 -1.79
C SER A 8 -11.52 0.87 -1.86
N PRO A 9 -10.93 0.80 -3.09
CA PRO A 9 -9.46 1.11 -3.15
C PRO A 9 -9.15 2.57 -2.75
N GLN A 10 -10.11 3.47 -2.97
CA GLN A 10 -9.96 4.86 -2.60
C GLN A 10 -9.92 4.98 -1.07
N GLN A 11 -10.76 4.23 -0.35
CA GLN A 11 -10.75 4.29 1.13
C GLN A 11 -9.42 3.71 1.64
N ILE A 12 -9.01 2.60 1.08
CA ILE A 12 -7.78 1.98 1.52
C ILE A 12 -6.62 2.97 1.31
N ARG A 13 -6.57 3.68 0.18
CA ARG A 13 -5.57 4.70 -0.04
C ARG A 13 -5.70 5.82 0.99
N ASP A 14 -6.91 6.24 1.27
CA ASP A 14 -7.16 7.32 2.26
C ASP A 14 -6.69 6.94 3.63
N ARG A 15 -6.89 5.68 4.05
CA ARG A 15 -6.41 5.26 5.36
C ARG A 15 -4.90 5.33 5.47
N LEU A 16 -4.22 5.19 4.35
CA LEU A 16 -2.76 5.25 4.37
C LEU A 16 -2.32 6.65 4.60
N LEU A 17 -2.99 7.58 3.95
CA LEU A 17 -2.67 9.00 4.08
C LEU A 17 -2.94 9.53 5.48
N GLN A 18 -3.86 8.91 6.20
CA GLN A 18 -4.16 9.33 7.57
C GLN A 18 -3.14 8.77 8.54
N ALA A 19 -2.31 7.84 8.04
CA ALA A 19 -1.34 7.16 8.87
C ALA A 19 0.10 7.63 8.60
N ILE A 20 0.31 8.26 7.46
CA ILE A 20 1.64 8.76 7.10
C ILE A 20 1.60 10.25 6.87
N ASP A 21 2.71 10.91 7.14
CA ASP A 21 2.85 12.36 6.97
C ASP A 21 3.11 12.57 5.47
N PRO A 22 2.78 13.77 4.89
CA PRO A 22 3.11 13.90 3.44
C PRO A 22 4.60 13.75 3.13
N GLN A 23 5.46 13.91 4.15
CA GLN A 23 6.91 13.66 3.99
C GLN A 23 7.29 12.18 3.93
N SER A 24 6.24 11.36 3.85
CA SER A 24 6.24 9.90 3.85
C SER A 24 6.73 9.30 5.18
N ASN A 25 6.80 10.13 6.20
CA ASN A 25 7.20 9.69 7.54
C ASN A 25 6.01 8.97 8.19
N ILE A 26 6.29 8.01 9.06
CA ILE A 26 5.28 7.24 9.74
C ILE A 26 4.71 8.07 10.90
N ARG A 27 3.40 8.08 11.06
CA ARG A 27 2.74 8.76 12.16
C ARG A 27 2.02 7.74 13.03
N ASN A 28 1.33 6.81 12.38
CA ASN A 28 0.66 5.74 13.11
C ASN A 28 1.17 4.39 12.57
N MET A 29 2.18 3.83 13.22
CA MET A 29 2.83 2.58 12.78
C MET A 29 1.86 1.42 12.58
N VAL A 30 1.01 1.17 13.59
CA VAL A 30 0.07 0.04 13.51
C VAL A 30 -0.91 0.32 12.40
N ALA A 31 -1.33 1.57 12.25
CA ALA A 31 -2.34 1.88 11.24
C ALA A 31 -1.74 1.59 9.82
N VAL A 32 -0.48 1.93 9.57
CA VAL A 32 0.13 1.65 8.23
C VAL A 32 0.19 0.14 8.01
N LEU A 33 0.49 -0.62 9.02
CA LEU A 33 0.58 -2.06 8.88
C LEU A 33 -0.78 -2.70 8.63
N GLU A 34 -1.81 -2.08 9.17
CA GLU A 34 -3.21 -2.47 8.89
C GLU A 34 -3.55 -2.23 7.40
N VAL A 35 -3.07 -1.10 6.84
CA VAL A 35 -3.32 -0.83 5.43
C VAL A 35 -2.59 -1.86 4.56
N ILE A 36 -1.34 -2.17 4.91
CA ILE A 36 -0.54 -3.15 4.17
C ILE A 36 -1.30 -4.49 4.19
N SER A 37 -1.78 -4.86 5.37
CA SER A 37 -2.63 -6.08 5.55
C SER A 37 -3.87 -6.06 4.71
N SER A 38 -4.52 -4.93 4.57
CA SER A 38 -5.75 -4.91 3.77
C SER A 38 -5.42 -5.08 2.28
N LEU A 39 -4.31 -4.48 1.83
CA LEU A 39 -3.92 -4.59 0.43
C LEU A 39 -3.40 -5.97 0.06
N GLU A 40 -2.87 -6.65 1.03
CA GLU A 40 -2.39 -8.00 0.81
C GLU A 40 -3.60 -8.86 0.52
N LYS A 41 -4.64 -8.62 1.29
CA LYS A 41 -5.89 -9.37 1.15
C LYS A 41 -6.66 -8.96 -0.11
N TYR A 42 -6.80 -7.66 -0.35
CA TYR A 42 -7.65 -7.17 -1.44
C TYR A 42 -6.86 -6.63 -2.65
N PRO A 43 -6.73 -7.47 -3.70
CA PRO A 43 -5.93 -6.97 -4.85
C PRO A 43 -6.61 -5.85 -5.64
N ILE A 44 -5.96 -4.70 -5.67
CA ILE A 44 -6.47 -3.58 -6.44
C ILE A 44 -6.31 -3.91 -7.97
N THR A 45 -7.17 -3.35 -8.81
CA THR A 45 -7.10 -3.54 -10.27
C THR A 45 -6.15 -2.46 -10.81
N LYS A 46 -5.53 -2.76 -11.93
CA LYS A 46 -4.58 -1.85 -12.57
C LYS A 46 -5.18 -0.47 -12.83
N GLU A 47 -6.44 -0.47 -13.26
CA GLU A 47 -7.14 0.77 -13.61
C GLU A 47 -7.20 1.67 -12.33
N ALA A 48 -7.56 1.08 -11.20
CA ALA A 48 -7.63 1.82 -9.94
C ALA A 48 -6.26 2.14 -9.33
N LEU A 49 -5.24 1.33 -9.66
CA LEU A 49 -3.89 1.56 -9.15
C LEU A 49 -3.30 2.86 -9.73
N GLU A 50 -3.64 3.16 -10.97
CA GLU A 50 -3.19 4.36 -11.61
C GLU A 50 -3.85 5.61 -10.95
N GLU A 51 -5.14 5.50 -10.65
CA GLU A 51 -5.89 6.59 -9.99
C GLU A 51 -5.44 6.85 -8.55
N THR A 52 -5.20 5.76 -7.80
CA THR A 52 -4.75 5.89 -6.40
C THR A 52 -3.27 6.14 -6.26
N ARG A 53 -2.50 5.91 -7.32
CA ARG A 53 -1.06 6.01 -7.30
C ARG A 53 -0.43 5.23 -6.14
N LEU A 54 -1.10 4.15 -5.73
CA LEU A 54 -0.66 3.38 -4.55
C LEU A 54 0.71 2.77 -4.70
N GLY A 55 1.07 2.41 -5.92
CA GLY A 55 2.41 1.90 -6.19
C GLY A 55 3.45 2.86 -5.70
N LYS A 56 3.32 4.10 -6.12
CA LYS A 56 4.22 5.17 -5.70
C LYS A 56 4.13 5.38 -4.19
N LEU A 57 2.94 5.40 -3.60
CA LEU A 57 2.78 5.63 -2.16
C LEU A 57 3.46 4.54 -1.33
N ILE A 58 3.23 3.29 -1.66
CA ILE A 58 3.85 2.16 -0.94
C ILE A 58 5.36 2.16 -1.11
N ASN A 59 5.85 2.48 -2.31
CA ASN A 59 7.28 2.47 -2.52
C ASN A 59 7.99 3.57 -1.74
N ASP A 60 7.30 4.69 -1.55
CA ASP A 60 7.87 5.84 -0.82
C ASP A 60 7.99 5.52 0.67
N VAL A 61 6.98 4.84 1.18
CA VAL A 61 6.99 4.38 2.58
C VAL A 61 8.05 3.30 2.72
N ARG A 62 8.13 2.39 1.76
CA ARG A 62 9.10 1.29 1.81
C ARG A 62 10.55 1.82 1.92
N LYS A 63 10.91 2.87 1.21
CA LYS A 63 12.29 3.39 1.28
C LYS A 63 12.54 4.21 2.55
N LYS A 64 11.49 4.83 3.09
CA LYS A 64 11.63 5.69 4.30
C LYS A 64 11.65 4.92 5.60
N THR A 65 10.83 3.88 5.68
CA THR A 65 10.72 3.14 6.93
C THR A 65 12.01 2.45 7.30
N LYS A 66 12.29 2.40 8.59
CA LYS A 66 13.49 1.72 9.12
C LYS A 66 13.11 0.35 9.62
N ASN A 67 11.81 0.09 9.70
CA ASN A 67 11.28 -1.18 10.22
C ASN A 67 11.30 -2.21 9.10
N GLU A 68 12.20 -3.19 9.17
CA GLU A 68 12.41 -4.14 8.08
C GLU A 68 11.17 -4.97 7.76
N GLU A 69 10.33 -5.24 8.77
CA GLU A 69 9.10 -6.02 8.53
C GLU A 69 8.18 -5.25 7.59
N LEU A 70 8.12 -3.93 7.72
CA LEU A 70 7.26 -3.11 6.85
C LEU A 70 7.85 -3.14 5.47
N ALA A 71 9.14 -2.93 5.41
CA ALA A 71 9.83 -2.93 4.12
C ALA A 71 9.66 -4.25 3.34
N LYS A 72 9.73 -5.39 4.05
CA LYS A 72 9.48 -6.69 3.42
C LYS A 72 8.02 -6.86 2.92
N ARG A 73 7.05 -6.51 3.72
CA ARG A 73 5.64 -6.64 3.33
C ARG A 73 5.28 -5.70 2.20
N ALA A 74 5.80 -4.49 2.30
CA ALA A 74 5.66 -3.52 1.20
C ALA A 74 6.27 -4.03 -0.12
N LYS A 75 7.45 -4.68 -0.05
CA LYS A 75 8.08 -5.18 -1.25
C LYS A 75 7.23 -6.24 -1.95
N LYS A 76 6.60 -7.09 -1.16
CA LYS A 76 5.73 -8.19 -1.66
C LYS A 76 4.56 -7.58 -2.43
N LEU A 77 3.99 -6.53 -1.89
CA LEU A 77 2.90 -5.81 -2.56
C LEU A 77 3.36 -5.15 -3.87
N LEU A 78 4.52 -4.49 -3.88
CA LEU A 78 5.00 -3.92 -5.15
C LEU A 78 5.28 -4.96 -6.21
N ARG A 79 5.83 -6.09 -5.79
CA ARG A 79 6.11 -7.20 -6.72
C ARG A 79 4.80 -7.71 -7.34
N SER A 80 3.81 -7.91 -6.48
CA SER A 80 2.51 -8.38 -6.93
C SER A 80 1.93 -7.37 -7.89
N TRP A 81 2.06 -6.10 -7.61
CA TRP A 81 1.49 -5.07 -8.49
C TRP A 81 2.20 -5.00 -9.82
N GLN A 82 3.51 -5.26 -9.83
CA GLN A 82 4.22 -5.28 -11.11
C GLN A 82 3.67 -6.38 -12.02
N LYS A 83 3.27 -7.51 -11.43
CA LYS A 83 2.72 -8.61 -12.20
C LYS A 83 1.22 -8.38 -12.50
N LEU A 84 0.66 -7.31 -11.92
CA LEU A 84 -0.70 -6.94 -12.18
C LEU A 84 -0.76 -5.98 -13.35
N ILE A 85 0.21 -5.06 -13.37
CA ILE A 85 0.28 -4.07 -14.44
C ILE A 85 0.75 -4.77 -15.74
N GLU A 86 1.78 -5.59 -15.59
CA GLU A 86 2.51 -6.20 -16.74
C GLU A 86 2.96 -5.19 -17.83
N PRO A 87 3.77 -4.16 -17.43
CA PRO A 87 4.10 -3.12 -18.44
C PRO A 87 5.20 -3.52 -19.42
N ALA A 88 5.24 -2.87 -20.58
CA ALA A 88 6.31 -3.12 -21.56
C ALA A 88 7.00 -1.79 -21.98
N GLY A 89 6.29 -0.65 -21.81
CA GLY A 89 6.77 0.63 -22.26
C GLY A 89 5.97 1.76 -21.63
N SER A 90 5.56 1.49 -20.39
CA SER A 90 4.75 2.39 -19.55
C SER A 90 3.33 2.58 -20.08
N SER A 1 -10.99 -4.06 15.57
CA SER A 1 -9.99 -3.91 14.47
C SER A 1 -10.04 -5.10 13.54
N MET A 2 -9.70 -4.88 12.26
CA MET A 2 -9.68 -5.93 11.24
C MET A 2 -11.07 -6.52 10.97
N THR A 3 -11.14 -7.45 10.00
CA THR A 3 -12.42 -8.03 9.56
C THR A 3 -13.53 -6.99 9.33
N ALA A 4 -13.17 -5.93 8.63
CA ALA A 4 -14.08 -4.79 8.42
C ALA A 4 -14.73 -4.84 7.06
N ALA A 5 -14.82 -6.05 6.49
CA ALA A 5 -15.37 -6.25 5.13
C ALA A 5 -14.47 -5.57 4.07
N PRO A 6 -14.59 -5.93 2.77
CA PRO A 6 -13.70 -5.24 1.83
C PRO A 6 -13.99 -3.73 1.74
N ALA A 7 -12.98 -2.97 1.32
CA ALA A 7 -13.08 -1.52 1.23
C ALA A 7 -12.76 -1.08 -0.19
N SER A 8 -13.21 0.12 -0.54
CA SER A 8 -12.93 0.68 -1.89
C SER A 8 -11.46 1.01 -1.97
N PRO A 9 -10.85 0.95 -3.18
CA PRO A 9 -9.40 1.24 -3.19
C PRO A 9 -9.02 2.67 -2.76
N GLN A 10 -9.92 3.61 -2.97
CA GLN A 10 -9.70 4.99 -2.54
C GLN A 10 -9.75 5.05 -0.99
N GLN A 11 -10.57 4.24 -0.34
CA GLN A 11 -10.66 4.26 1.13
C GLN A 11 -9.43 3.64 1.76
N ILE A 12 -8.90 2.61 1.12
CA ILE A 12 -7.65 1.96 1.59
C ILE A 12 -6.50 2.97 1.42
N ARG A 13 -6.50 3.65 0.29
CA ARG A 13 -5.51 4.70 0.04
C ARG A 13 -5.60 5.81 1.07
N ASP A 14 -6.81 6.25 1.39
CA ASP A 14 -7.02 7.32 2.35
C ASP A 14 -6.54 6.90 3.74
N ARG A 15 -6.78 5.63 4.09
CA ARG A 15 -6.36 5.12 5.39
C ARG A 15 -4.85 5.17 5.51
N LEU A 16 -4.12 5.04 4.43
CA LEU A 16 -2.66 5.18 4.44
C LEU A 16 -2.28 6.63 4.63
N LEU A 17 -2.94 7.55 3.94
CA LEU A 17 -2.61 8.99 4.01
C LEU A 17 -2.84 9.55 5.41
N GLN A 18 -3.82 9.02 6.09
CA GLN A 18 -4.12 9.48 7.44
C GLN A 18 -3.12 8.95 8.48
N ALA A 19 -2.31 7.96 8.07
CA ALA A 19 -1.33 7.32 8.97
C ALA A 19 0.12 7.70 8.70
N ILE A 20 0.37 8.42 7.64
CA ILE A 20 1.72 8.78 7.26
C ILE A 20 1.79 10.31 7.10
N ASP A 21 2.99 10.84 7.17
CA ASP A 21 3.25 12.26 6.96
C ASP A 21 3.17 12.49 5.43
N PRO A 22 2.94 13.77 4.97
CA PRO A 22 3.03 13.95 3.51
C PRO A 22 4.39 13.54 2.93
N GLN A 23 5.43 13.51 3.72
CA GLN A 23 6.75 13.05 3.24
C GLN A 23 6.92 11.52 3.31
N SER A 24 5.82 10.83 3.58
CA SER A 24 5.72 9.34 3.69
C SER A 24 6.39 8.78 4.96
N ASN A 25 6.77 9.66 5.88
CA ASN A 25 7.31 9.20 7.17
C ASN A 25 6.18 8.62 7.94
N ILE A 26 6.45 7.57 8.68
CA ILE A 26 5.42 6.86 9.43
C ILE A 26 5.07 7.73 10.66
N ARG A 27 3.76 7.87 10.92
CA ARG A 27 3.25 8.59 12.06
C ARG A 27 2.42 7.69 12.97
N ASN A 28 1.72 6.70 12.36
CA ASN A 28 0.99 5.67 13.12
C ASN A 28 1.28 4.30 12.51
N MET A 29 2.31 3.62 13.04
CA MET A 29 2.73 2.30 12.56
C MET A 29 1.66 1.21 12.46
N VAL A 30 0.88 1.04 13.53
CA VAL A 30 -0.13 0.00 13.55
C VAL A 30 -1.10 0.24 12.37
N ALA A 31 -1.47 1.50 12.17
CA ALA A 31 -2.41 1.84 11.11
C ALA A 31 -1.81 1.66 9.70
N VAL A 32 -0.51 1.92 9.51
CA VAL A 32 0.13 1.65 8.20
C VAL A 32 0.20 0.15 7.96
N LEU A 33 0.57 -0.63 8.98
CA LEU A 33 0.63 -2.08 8.79
C LEU A 33 -0.75 -2.66 8.49
N GLU A 34 -1.79 -2.07 9.05
CA GLU A 34 -3.17 -2.50 8.78
C GLU A 34 -3.54 -2.26 7.32
N VAL A 35 -3.05 -1.21 6.71
CA VAL A 35 -3.33 -0.94 5.33
C VAL A 35 -2.59 -1.94 4.47
N ILE A 36 -1.35 -2.21 4.83
CA ILE A 36 -0.57 -3.18 4.09
C ILE A 36 -1.33 -4.52 4.14
N SER A 37 -1.84 -4.92 5.31
CA SER A 37 -2.55 -6.18 5.46
C SER A 37 -3.88 -6.14 4.70
N SER A 38 -4.51 -4.99 4.62
CA SER A 38 -5.75 -4.86 3.89
C SER A 38 -5.52 -5.03 2.37
N LEU A 39 -4.47 -4.43 1.82
CA LEU A 39 -4.16 -4.54 0.40
C LEU A 39 -3.77 -5.96 0.00
N GLU A 40 -3.17 -6.70 0.93
CA GLU A 40 -2.88 -8.14 0.66
C GLU A 40 -4.22 -8.91 0.55
N LYS A 41 -5.22 -8.51 1.33
CA LYS A 41 -6.53 -9.21 1.38
C LYS A 41 -7.42 -8.81 0.23
N TYR A 42 -7.30 -7.56 -0.16
CA TYR A 42 -8.16 -6.99 -1.17
C TYR A 42 -7.29 -6.57 -2.37
N PRO A 43 -7.18 -7.41 -3.41
CA PRO A 43 -6.33 -7.02 -4.54
C PRO A 43 -6.94 -5.86 -5.39
N ILE A 44 -6.19 -4.77 -5.54
CA ILE A 44 -6.61 -3.60 -6.31
C ILE A 44 -6.38 -3.91 -7.81
N THR A 45 -7.19 -3.34 -8.70
CA THR A 45 -6.99 -3.57 -10.14
C THR A 45 -5.89 -2.66 -10.70
N LYS A 46 -5.44 -2.88 -11.92
CA LYS A 46 -4.46 -1.97 -12.58
C LYS A 46 -5.08 -0.58 -12.76
N GLU A 47 -6.34 -0.50 -13.19
CA GLU A 47 -7.01 0.79 -13.40
C GLU A 47 -7.12 1.61 -12.10
N ALA A 48 -7.55 0.95 -11.01
CA ALA A 48 -7.65 1.64 -9.70
C ALA A 48 -6.26 1.96 -9.11
N LEU A 49 -5.28 1.14 -9.36
CA LEU A 49 -3.91 1.36 -8.82
C LEU A 49 -3.33 2.62 -9.43
N GLU A 50 -3.58 2.81 -10.71
CA GLU A 50 -3.07 3.97 -11.40
C GLU A 50 -3.72 5.23 -10.83
N GLU A 51 -5.02 5.17 -10.63
CA GLU A 51 -5.72 6.34 -10.09
C GLU A 51 -5.30 6.67 -8.65
N THR A 52 -5.21 5.67 -7.82
CA THR A 52 -4.86 5.85 -6.44
C THR A 52 -3.37 6.13 -6.23
N ARG A 53 -2.55 5.93 -7.26
CA ARG A 53 -1.10 6.12 -7.20
C ARG A 53 -0.51 5.29 -6.04
N LEU A 54 -1.16 4.22 -5.67
CA LEU A 54 -0.74 3.43 -4.53
C LEU A 54 0.63 2.80 -4.73
N GLY A 55 0.95 2.50 -5.98
CA GLY A 55 2.30 2.01 -6.30
C GLY A 55 3.37 2.99 -5.86
N LYS A 56 3.21 4.24 -6.13
CA LYS A 56 4.24 5.21 -5.70
C LYS A 56 4.20 5.40 -4.20
N LEU A 57 3.00 5.49 -3.66
CA LEU A 57 2.85 5.72 -2.23
C LEU A 57 3.48 4.59 -1.41
N ILE A 58 3.19 3.32 -1.73
CA ILE A 58 3.75 2.19 -0.96
C ILE A 58 5.28 2.17 -1.12
N ASN A 59 5.80 2.41 -2.31
CA ASN A 59 7.25 2.43 -2.53
C ASN A 59 7.91 3.56 -1.76
N ASP A 60 7.25 4.71 -1.63
CA ASP A 60 7.83 5.83 -0.85
C ASP A 60 7.84 5.48 0.62
N VAL A 61 6.78 4.81 1.07
CA VAL A 61 6.71 4.39 2.46
C VAL A 61 7.82 3.39 2.76
N ARG A 62 8.02 2.43 1.84
CA ARG A 62 9.10 1.40 1.97
C ARG A 62 10.47 1.99 2.13
N LYS A 63 10.77 3.07 1.39
CA LYS A 63 12.10 3.63 1.44
C LYS A 63 12.26 4.62 2.66
N LYS A 64 11.16 5.12 3.22
CA LYS A 64 11.25 6.05 4.38
C LYS A 64 11.16 5.34 5.74
N THR A 65 10.36 4.28 5.84
CA THR A 65 10.20 3.57 7.12
C THR A 65 11.52 2.92 7.60
N LYS A 66 11.70 2.86 8.91
CA LYS A 66 12.87 2.19 9.50
C LYS A 66 12.55 0.73 9.81
N ASN A 67 11.25 0.43 9.87
CA ASN A 67 10.78 -0.88 10.20
C ASN A 67 11.00 -1.83 9.02
N GLU A 68 11.95 -2.76 9.19
CA GLU A 68 12.27 -3.74 8.19
C GLU A 68 11.09 -4.65 7.82
N GLU A 69 10.19 -4.85 8.77
CA GLU A 69 9.04 -5.76 8.54
C GLU A 69 8.07 -5.12 7.54
N LEU A 70 7.83 -3.83 7.73
CA LEU A 70 6.96 -3.09 6.86
C LEU A 70 7.65 -3.05 5.48
N ALA A 71 8.94 -2.83 5.44
CA ALA A 71 9.61 -2.76 4.15
C ALA A 71 9.47 -4.09 3.38
N LYS A 72 9.64 -5.21 4.08
CA LYS A 72 9.49 -6.53 3.47
C LYS A 72 8.09 -6.73 2.93
N ARG A 73 7.07 -6.38 3.72
CA ARG A 73 5.67 -6.57 3.29
C ARG A 73 5.37 -5.67 2.10
N ALA A 74 5.86 -4.44 2.16
CA ALA A 74 5.69 -3.52 1.05
C ALA A 74 6.33 -4.02 -0.20
N LYS A 75 7.54 -4.56 -0.07
CA LYS A 75 8.22 -5.16 -1.22
C LYS A 75 7.37 -6.21 -1.87
N LYS A 76 6.78 -7.09 -1.07
CA LYS A 76 5.84 -8.14 -1.53
C LYS A 76 4.64 -7.58 -2.28
N LEU A 77 4.04 -6.50 -1.83
CA LEU A 77 2.89 -5.96 -2.54
C LEU A 77 3.34 -5.36 -3.87
N LEU A 78 4.43 -4.63 -3.81
CA LEU A 78 5.01 -4.02 -4.99
C LEU A 78 5.45 -5.02 -6.02
N ARG A 79 5.92 -6.18 -5.57
CA ARG A 79 6.31 -7.24 -6.49
C ARG A 79 5.12 -7.80 -7.26
N SER A 80 4.02 -7.99 -6.55
CA SER A 80 2.76 -8.46 -7.18
C SER A 80 2.17 -7.37 -8.13
N TRP A 81 2.31 -6.09 -7.75
CA TRP A 81 1.80 -4.97 -8.57
C TRP A 81 2.67 -4.73 -9.80
N GLN A 82 3.91 -5.23 -9.76
CA GLN A 82 4.74 -5.20 -10.94
C GLN A 82 4.15 -6.08 -12.04
N LYS A 83 3.65 -7.26 -11.70
CA LYS A 83 3.08 -8.12 -12.72
C LYS A 83 1.63 -7.73 -13.04
N LEU A 84 1.02 -7.01 -12.14
CA LEU A 84 -0.33 -6.50 -12.36
C LEU A 84 -0.26 -5.44 -13.44
N ILE A 85 0.74 -4.56 -13.41
CA ILE A 85 0.87 -3.54 -14.45
C ILE A 85 1.52 -4.12 -15.70
N GLU A 86 2.53 -4.97 -15.47
CA GLU A 86 3.29 -5.58 -16.55
C GLU A 86 3.75 -4.56 -17.60
N PRO A 87 4.66 -3.65 -17.21
CA PRO A 87 5.02 -2.66 -18.23
C PRO A 87 5.86 -3.27 -19.39
N ALA A 88 5.63 -2.80 -20.62
CA ALA A 88 6.38 -3.28 -21.77
C ALA A 88 6.25 -2.22 -22.87
N GLY A 89 6.99 -2.36 -23.96
CA GLY A 89 6.92 -1.42 -25.06
C GLY A 89 8.07 -0.44 -25.07
N SER A 90 8.22 0.32 -26.16
CA SER A 90 9.32 1.26 -26.27
C SER A 90 9.00 2.57 -25.58
N SER A 1 -3.35 -6.54 13.93
CA SER A 1 -4.22 -7.23 12.93
C SER A 1 -5.67 -7.20 13.37
N MET A 2 -6.56 -6.72 12.49
CA MET A 2 -8.00 -6.68 12.76
C MET A 2 -8.70 -6.72 11.42
N THR A 3 -10.01 -6.74 11.42
CA THR A 3 -10.76 -6.69 10.18
C THR A 3 -12.05 -5.89 10.39
N ALA A 4 -12.47 -5.25 9.33
CA ALA A 4 -13.66 -4.37 9.31
C ALA A 4 -14.29 -4.39 7.88
N ALA A 5 -14.36 -5.59 7.30
CA ALA A 5 -14.91 -5.82 5.93
C ALA A 5 -14.07 -5.12 4.81
N PRO A 6 -14.31 -5.46 3.53
CA PRO A 6 -13.54 -4.74 2.49
C PRO A 6 -13.89 -3.29 2.38
N ALA A 7 -12.99 -2.54 1.78
CA ALA A 7 -13.14 -1.12 1.59
C ALA A 7 -12.79 -0.77 0.14
N SER A 8 -13.29 0.33 -0.36
CA SER A 8 -12.99 0.77 -1.74
C SER A 8 -11.50 1.01 -1.84
N PRO A 9 -10.89 0.78 -3.03
CA PRO A 9 -9.44 1.03 -3.15
C PRO A 9 -9.06 2.52 -2.83
N GLN A 10 -9.92 3.45 -3.13
CA GLN A 10 -9.72 4.87 -2.78
C GLN A 10 -9.76 5.10 -1.30
N GLN A 11 -10.62 4.39 -0.61
CA GLN A 11 -10.72 4.53 0.85
C GLN A 11 -9.44 3.94 1.53
N ILE A 12 -8.91 2.84 0.98
CA ILE A 12 -7.73 2.20 1.59
C ILE A 12 -6.51 3.12 1.42
N ARG A 13 -6.43 3.76 0.25
CA ARG A 13 -5.41 4.79 0.00
C ARG A 13 -5.51 5.92 1.03
N ASP A 14 -6.73 6.39 1.28
CA ASP A 14 -7.03 7.45 2.23
C ASP A 14 -6.58 7.11 3.65
N ARG A 15 -6.82 5.85 4.06
CA ARG A 15 -6.35 5.36 5.38
C ARG A 15 -4.82 5.37 5.45
N LEU A 16 -4.14 5.19 4.32
CA LEU A 16 -2.68 5.20 4.37
C LEU A 16 -2.21 6.61 4.62
N LEU A 17 -2.83 7.55 3.92
CA LEU A 17 -2.50 8.98 4.02
C LEU A 17 -2.75 9.50 5.42
N GLN A 18 -3.78 8.96 6.05
CA GLN A 18 -4.10 9.37 7.41
C GLN A 18 -3.08 8.83 8.38
N ALA A 19 -2.32 7.81 7.97
CA ALA A 19 -1.38 7.20 8.89
C ALA A 19 0.05 7.68 8.71
N ILE A 20 0.33 8.40 7.65
CA ILE A 20 1.69 8.87 7.35
C ILE A 20 1.68 10.39 7.21
N ASP A 21 2.89 10.95 7.16
CA ASP A 21 3.09 12.39 6.97
C ASP A 21 3.15 12.64 5.44
N PRO A 22 2.86 13.86 4.97
CA PRO A 22 3.07 14.08 3.54
C PRO A 22 4.53 13.84 3.08
N GLN A 23 5.49 13.89 3.99
CA GLN A 23 6.91 13.58 3.71
C GLN A 23 7.12 12.06 3.73
N SER A 24 6.05 11.32 3.75
CA SER A 24 6.02 9.84 3.78
C SER A 24 6.52 9.21 5.05
N ASN A 25 6.84 10.03 6.04
CA ASN A 25 7.32 9.53 7.36
C ASN A 25 6.18 8.85 8.09
N ILE A 26 6.48 7.80 8.84
CA ILE A 26 5.44 7.06 9.54
C ILE A 26 4.97 7.92 10.71
N ARG A 27 3.65 8.10 10.87
CA ARG A 27 3.08 8.79 12.02
C ARG A 27 2.25 7.86 12.89
N ASN A 28 1.58 6.86 12.28
CA ASN A 28 0.86 5.84 13.06
C ASN A 28 1.17 4.44 12.50
N MET A 29 2.14 3.79 13.10
CA MET A 29 2.67 2.48 12.60
C MET A 29 1.66 1.38 12.46
N VAL A 30 0.85 1.16 13.48
CA VAL A 30 -0.10 0.05 13.45
C VAL A 30 -1.07 0.29 12.32
N ALA A 31 -1.56 1.52 12.18
CA ALA A 31 -2.49 1.83 11.13
C ALA A 31 -1.82 1.60 9.73
N VAL A 32 -0.54 1.89 9.55
CA VAL A 32 0.10 1.60 8.26
C VAL A 32 0.15 0.06 8.03
N LEU A 33 0.45 -0.72 9.07
CA LEU A 33 0.53 -2.17 8.94
C LEU A 33 -0.83 -2.76 8.58
N GLU A 34 -1.88 -2.17 9.10
CA GLU A 34 -3.24 -2.58 8.76
C GLU A 34 -3.52 -2.30 7.26
N VAL A 35 -2.98 -1.25 6.68
CA VAL A 35 -3.20 -0.98 5.26
C VAL A 35 -2.55 -2.06 4.43
N ILE A 36 -1.32 -2.46 4.80
CA ILE A 36 -0.64 -3.56 4.12
C ILE A 36 -1.48 -4.83 4.28
N SER A 37 -1.96 -5.11 5.49
CA SER A 37 -2.83 -6.27 5.68
C SER A 37 -4.08 -6.21 4.82
N SER A 38 -4.62 -5.01 4.59
CA SER A 38 -5.78 -4.86 3.74
C SER A 38 -5.48 -5.11 2.26
N LEU A 39 -4.40 -4.58 1.68
CA LEU A 39 -4.13 -4.85 0.25
C LEU A 39 -3.72 -6.32 0.03
N GLU A 40 -3.07 -6.96 1.01
CA GLU A 40 -2.75 -8.39 0.94
C GLU A 40 -4.03 -9.22 0.80
N LYS A 41 -5.14 -8.71 1.31
CA LYS A 41 -6.41 -9.43 1.32
C LYS A 41 -7.31 -9.03 0.18
N TYR A 42 -7.22 -7.76 -0.22
CA TYR A 42 -8.11 -7.21 -1.24
C TYR A 42 -7.33 -6.77 -2.49
N PRO A 43 -7.23 -7.66 -3.52
CA PRO A 43 -6.47 -7.26 -4.71
C PRO A 43 -7.03 -6.07 -5.47
N ILE A 44 -6.27 -4.96 -5.45
CA ILE A 44 -6.65 -3.75 -6.22
C ILE A 44 -6.42 -4.05 -7.69
N THR A 45 -7.25 -3.45 -8.54
CA THR A 45 -7.13 -3.64 -9.97
C THR A 45 -6.05 -2.70 -10.51
N LYS A 46 -5.54 -2.99 -11.73
CA LYS A 46 -4.54 -2.13 -12.37
C LYS A 46 -5.14 -0.76 -12.59
N GLU A 47 -6.38 -0.73 -13.04
CA GLU A 47 -7.07 0.51 -13.36
C GLU A 47 -7.12 1.41 -12.09
N ALA A 48 -7.53 0.83 -10.99
CA ALA A 48 -7.63 1.59 -9.72
C ALA A 48 -6.26 1.90 -9.10
N LEU A 49 -5.27 1.08 -9.36
CA LEU A 49 -3.95 1.33 -8.83
C LEU A 49 -3.43 2.64 -9.40
N GLU A 50 -3.69 2.91 -10.69
CA GLU A 50 -3.26 4.15 -11.29
C GLU A 50 -3.93 5.33 -10.61
N GLU A 51 -5.24 5.19 -10.42
CA GLU A 51 -6.08 6.25 -9.83
C GLU A 51 -5.68 6.57 -8.36
N THR A 52 -5.33 5.52 -7.61
CA THR A 52 -4.94 5.67 -6.20
C THR A 52 -3.45 6.00 -6.03
N ARG A 53 -2.67 5.80 -7.09
CA ARG A 53 -1.23 6.04 -7.10
C ARG A 53 -0.58 5.24 -5.95
N LEU A 54 -1.21 4.15 -5.55
CA LEU A 54 -0.72 3.40 -4.40
C LEU A 54 0.67 2.83 -4.69
N GLY A 55 1.00 2.49 -5.95
CA GLY A 55 2.35 1.97 -6.26
C GLY A 55 3.43 2.98 -5.92
N LYS A 56 3.15 4.27 -6.14
CA LYS A 56 4.10 5.32 -5.78
C LYS A 56 4.13 5.49 -4.26
N LEU A 57 2.98 5.51 -3.60
CA LEU A 57 2.94 5.74 -2.14
C LEU A 57 3.57 4.61 -1.33
N ILE A 58 3.27 3.37 -1.72
CA ILE A 58 3.83 2.22 -0.99
C ILE A 58 5.36 2.23 -1.09
N ASN A 59 5.88 2.54 -2.28
CA ASN A 59 7.32 2.58 -2.47
C ASN A 59 8.00 3.65 -1.60
N ASP A 60 7.36 4.82 -1.43
CA ASP A 60 7.86 5.91 -0.59
C ASP A 60 7.90 5.48 0.86
N VAL A 61 6.82 4.92 1.31
CA VAL A 61 6.77 4.40 2.69
C VAL A 61 7.82 3.32 2.87
N ARG A 62 7.99 2.41 1.90
CA ARG A 62 9.02 1.34 1.99
C ARG A 62 10.41 1.93 2.27
N LYS A 63 10.69 3.10 1.72
CA LYS A 63 12.02 3.72 1.89
C LYS A 63 12.15 4.54 3.15
N LYS A 64 11.09 5.25 3.50
CA LYS A 64 11.10 6.10 4.68
C LYS A 64 10.99 5.31 5.99
N THR A 65 10.33 4.17 5.99
CA THR A 65 10.17 3.45 7.26
C THR A 65 11.49 2.83 7.75
N LYS A 66 11.67 2.74 9.06
CA LYS A 66 12.86 2.08 9.60
C LYS A 66 12.54 0.60 9.86
N ASN A 67 11.26 0.27 10.02
CA ASN A 67 10.83 -1.08 10.31
C ASN A 67 11.03 -1.96 9.07
N GLU A 68 11.94 -2.90 9.15
CA GLU A 68 12.24 -3.79 8.01
C GLU A 68 11.12 -4.76 7.69
N GLU A 69 10.30 -5.15 8.66
CA GLU A 69 9.21 -6.07 8.37
C GLU A 69 8.21 -5.42 7.37
N LEU A 70 7.93 -4.15 7.61
CA LEU A 70 7.05 -3.33 6.78
C LEU A 70 7.64 -3.18 5.38
N ALA A 71 8.91 -2.94 5.33
CA ALA A 71 9.64 -2.80 4.07
C ALA A 71 9.61 -4.07 3.22
N LYS A 72 9.78 -5.21 3.88
CA LYS A 72 9.74 -6.47 3.19
C LYS A 72 8.35 -6.79 2.63
N ARG A 73 7.32 -6.61 3.46
CA ARG A 73 5.96 -6.84 3.03
C ARG A 73 5.57 -5.88 1.89
N ALA A 74 5.89 -4.61 2.06
CA ALA A 74 5.62 -3.61 1.01
C ALA A 74 6.32 -3.98 -0.29
N LYS A 75 7.54 -4.50 -0.20
CA LYS A 75 8.28 -4.90 -1.40
C LYS A 75 7.57 -6.03 -2.14
N LYS A 76 7.03 -7.00 -1.38
CA LYS A 76 6.29 -8.13 -1.96
C LYS A 76 5.01 -7.63 -2.64
N LEU A 77 4.36 -6.68 -2.00
CA LEU A 77 3.14 -6.07 -2.57
C LEU A 77 3.42 -5.41 -3.90
N LEU A 78 4.50 -4.65 -3.95
CA LEU A 78 4.93 -4.02 -5.19
C LEU A 78 5.29 -5.02 -6.25
N ARG A 79 5.94 -6.12 -5.86
CA ARG A 79 6.23 -7.19 -6.81
C ARG A 79 4.95 -7.80 -7.36
N SER A 80 3.97 -7.95 -6.50
CA SER A 80 2.68 -8.50 -6.92
C SER A 80 2.06 -7.53 -7.92
N TRP A 81 2.13 -6.24 -7.62
CA TRP A 81 1.58 -5.22 -8.49
C TRP A 81 2.37 -5.05 -9.81
N GLN A 82 3.63 -5.45 -9.86
CA GLN A 82 4.37 -5.38 -11.08
C GLN A 82 3.69 -6.38 -12.04
N LYS A 83 3.17 -7.46 -11.48
CA LYS A 83 2.52 -8.53 -12.28
C LYS A 83 1.11 -8.17 -12.66
N LEU A 84 0.48 -7.34 -11.82
CA LEU A 84 -0.87 -6.78 -12.09
C LEU A 84 -0.82 -5.76 -13.22
N ILE A 85 0.17 -4.89 -13.18
CA ILE A 85 0.34 -3.90 -14.22
C ILE A 85 0.63 -4.60 -15.55
N GLU A 86 1.43 -5.65 -15.48
CA GLU A 86 1.84 -6.45 -16.64
C GLU A 86 2.30 -5.49 -17.79
N PRO A 87 3.44 -4.83 -17.57
CA PRO A 87 3.90 -3.81 -18.56
C PRO A 87 4.20 -4.40 -19.93
N ALA A 88 3.99 -3.64 -20.99
CA ALA A 88 4.21 -4.16 -22.33
C ALA A 88 5.71 -4.36 -22.65
N GLY A 89 5.99 -5.33 -23.48
CA GLY A 89 7.34 -5.61 -23.93
C GLY A 89 7.96 -6.64 -23.04
N SER A 90 9.21 -7.05 -23.29
CA SER A 90 9.84 -8.11 -22.53
C SER A 90 11.31 -8.10 -22.90
N SER A 1 -24.85 -8.64 13.43
CA SER A 1 -24.01 -9.26 12.36
C SER A 1 -22.81 -8.36 12.08
N MET A 2 -21.64 -8.98 11.90
CA MET A 2 -20.43 -8.23 11.61
C MET A 2 -20.52 -7.50 10.27
N THR A 3 -21.23 -8.09 9.31
CA THR A 3 -21.41 -7.48 7.99
C THR A 3 -20.10 -7.02 7.37
N ALA A 4 -19.11 -7.90 7.39
CA ALA A 4 -17.81 -7.58 6.86
C ALA A 4 -17.92 -7.42 5.31
N ALA A 5 -17.22 -6.46 4.74
CA ALA A 5 -17.23 -6.24 3.31
C ALA A 5 -15.89 -5.60 2.90
N PRO A 6 -15.47 -5.72 1.62
CA PRO A 6 -14.22 -5.04 1.27
C PRO A 6 -14.31 -3.53 1.20
N ALA A 7 -13.20 -2.88 1.48
CA ALA A 7 -13.11 -1.44 1.32
C ALA A 7 -12.65 -1.15 -0.08
N SER A 8 -13.06 -0.02 -0.61
CA SER A 8 -12.67 0.36 -1.96
C SER A 8 -11.13 0.64 -1.97
N PRO A 9 -10.41 0.55 -3.14
CA PRO A 9 -8.99 0.83 -3.06
C PRO A 9 -8.67 2.27 -2.72
N GLN A 10 -9.53 3.18 -3.12
CA GLN A 10 -9.36 4.58 -2.72
C GLN A 10 -9.56 4.82 -1.23
N GLN A 11 -10.45 4.05 -0.59
CA GLN A 11 -10.67 4.19 0.86
C GLN A 11 -9.39 3.67 1.59
N ILE A 12 -8.90 2.55 1.10
CA ILE A 12 -7.72 1.95 1.67
C ILE A 12 -6.53 2.91 1.55
N ARG A 13 -6.41 3.57 0.40
CA ARG A 13 -5.43 4.63 0.17
C ARG A 13 -5.64 5.77 1.12
N ASP A 14 -6.89 6.07 1.42
CA ASP A 14 -7.18 7.17 2.30
C ASP A 14 -6.66 6.92 3.69
N ARG A 15 -6.86 5.68 4.15
CA ARG A 15 -6.37 5.29 5.47
C ARG A 15 -4.86 5.39 5.58
N LEU A 16 -4.17 5.16 4.46
CA LEU A 16 -2.72 5.24 4.45
C LEU A 16 -2.36 6.69 4.68
N LEU A 17 -3.04 7.61 3.97
CA LEU A 17 -2.73 9.05 4.11
C LEU A 17 -3.00 9.55 5.49
N GLN A 18 -3.95 8.94 6.16
CA GLN A 18 -4.25 9.30 7.53
C GLN A 18 -3.17 8.83 8.52
N ALA A 19 -2.30 7.90 8.11
CA ALA A 19 -1.31 7.36 9.04
C ALA A 19 0.10 7.81 8.69
N ILE A 20 0.28 8.50 7.57
CA ILE A 20 1.59 9.02 7.14
C ILE A 20 1.48 10.55 6.84
N ASP A 21 2.63 11.17 6.62
CA ASP A 21 2.70 12.57 6.21
C ASP A 21 2.92 12.59 4.71
N PRO A 22 2.75 13.77 4.06
CA PRO A 22 2.93 13.73 2.62
C PRO A 22 4.34 13.25 2.20
N GLN A 23 5.31 13.44 3.08
CA GLN A 23 6.69 12.97 2.85
C GLN A 23 6.88 11.48 3.15
N SER A 24 5.79 10.79 3.39
CA SER A 24 5.75 9.35 3.72
C SER A 24 6.43 9.05 5.08
N ASN A 25 6.50 10.03 5.96
CA ASN A 25 6.99 9.76 7.32
C ASN A 25 5.88 8.96 8.01
N ILE A 26 6.20 7.97 8.82
CA ILE A 26 5.19 7.16 9.50
C ILE A 26 4.69 7.87 10.75
N ARG A 27 3.43 8.16 10.82
CA ARG A 27 2.87 8.74 12.04
C ARG A 27 2.23 7.68 12.88
N ASN A 28 1.47 6.78 12.28
CA ASN A 28 0.81 5.74 13.04
C ASN A 28 1.15 4.37 12.48
N MET A 29 2.29 3.79 12.91
CA MET A 29 2.76 2.47 12.42
C MET A 29 1.74 1.35 12.47
N VAL A 30 0.98 1.27 13.58
CA VAL A 30 -0.06 0.22 13.71
C VAL A 30 -1.01 0.33 12.51
N ALA A 31 -1.46 1.56 12.22
CA ALA A 31 -2.41 1.80 11.13
C ALA A 31 -1.82 1.51 9.77
N VAL A 32 -0.55 1.86 9.57
CA VAL A 32 0.14 1.60 8.29
C VAL A 32 0.29 0.13 8.03
N LEU A 33 0.63 -0.63 9.07
CA LEU A 33 0.76 -2.06 8.94
C LEU A 33 -0.58 -2.70 8.62
N GLU A 34 -1.65 -2.07 9.12
CA GLU A 34 -3.00 -2.59 8.89
C GLU A 34 -3.40 -2.34 7.44
N VAL A 35 -3.02 -1.20 6.90
CA VAL A 35 -3.25 -0.90 5.49
C VAL A 35 -2.56 -1.94 4.65
N ILE A 36 -1.29 -2.22 4.93
CA ILE A 36 -0.54 -3.22 4.15
C ILE A 36 -1.29 -4.53 4.18
N SER A 37 -1.74 -4.92 5.38
CA SER A 37 -2.49 -6.14 5.54
C SER A 37 -3.81 -6.11 4.75
N SER A 38 -4.44 -4.96 4.70
CA SER A 38 -5.71 -4.81 3.98
C SER A 38 -5.45 -4.97 2.50
N LEU A 39 -4.33 -4.45 1.97
CA LEU A 39 -4.04 -4.60 0.52
C LEU A 39 -3.63 -6.02 0.17
N GLU A 40 -3.12 -6.77 1.12
CA GLU A 40 -2.83 -8.20 0.88
C GLU A 40 -4.16 -8.96 0.74
N LYS A 41 -5.11 -8.59 1.60
CA LYS A 41 -6.43 -9.19 1.62
C LYS A 41 -7.31 -8.78 0.45
N TYR A 42 -7.17 -7.53 0.00
CA TYR A 42 -8.02 -6.93 -1.04
C TYR A 42 -7.21 -6.45 -2.25
N PRO A 43 -7.30 -7.14 -3.37
CA PRO A 43 -6.51 -6.69 -4.53
C PRO A 43 -7.07 -5.45 -5.21
N ILE A 44 -6.17 -4.63 -5.72
CA ILE A 44 -6.51 -3.41 -6.47
C ILE A 44 -6.35 -3.69 -7.97
N THR A 45 -7.00 -2.93 -8.86
CA THR A 45 -6.86 -3.16 -10.31
C THR A 45 -5.79 -2.21 -10.86
N LYS A 46 -5.28 -2.50 -12.05
CA LYS A 46 -4.33 -1.62 -12.74
C LYS A 46 -4.88 -0.20 -12.89
N GLU A 47 -6.11 -0.07 -13.25
CA GLU A 47 -6.70 1.26 -13.47
C GLU A 47 -6.84 1.99 -12.14
N ALA A 48 -7.21 1.28 -11.11
CA ALA A 48 -7.36 1.91 -9.82
C ALA A 48 -5.99 2.30 -9.30
N LEU A 49 -4.95 1.53 -9.66
CA LEU A 49 -3.61 1.85 -9.22
C LEU A 49 -3.15 3.21 -9.72
N GLU A 50 -3.55 3.54 -10.92
CA GLU A 50 -3.22 4.80 -11.55
C GLU A 50 -3.78 5.97 -10.77
N GLU A 51 -5.07 5.83 -10.43
CA GLU A 51 -5.77 6.88 -9.74
C GLU A 51 -5.38 7.05 -8.28
N THR A 52 -5.24 5.91 -7.61
CA THR A 52 -4.87 5.91 -6.20
C THR A 52 -3.40 6.27 -6.04
N ARG A 53 -2.62 6.00 -7.07
CA ARG A 53 -1.16 6.18 -7.07
C ARG A 53 -0.53 5.39 -5.91
N LEU A 54 -1.21 4.30 -5.55
CA LEU A 54 -0.80 3.51 -4.40
C LEU A 54 0.55 2.89 -4.63
N GLY A 55 0.86 2.48 -5.88
CA GLY A 55 2.15 1.90 -6.16
C GLY A 55 3.31 2.86 -5.85
N LYS A 56 3.11 4.15 -6.12
CA LYS A 56 4.12 5.15 -5.81
C LYS A 56 4.16 5.39 -4.30
N LEU A 57 3.00 5.42 -3.65
CA LEU A 57 2.91 5.64 -2.21
C LEU A 57 3.58 4.51 -1.39
N ILE A 58 3.26 3.25 -1.67
CA ILE A 58 3.88 2.14 -0.96
C ILE A 58 5.42 2.11 -1.21
N ASN A 59 5.88 2.44 -2.43
CA ASN A 59 7.31 2.46 -2.72
C ASN A 59 8.03 3.55 -1.96
N ASP A 60 7.35 4.67 -1.78
CA ASP A 60 7.95 5.80 -1.02
C ASP A 60 7.94 5.40 0.48
N VAL A 61 6.81 4.85 0.98
CA VAL A 61 6.74 4.44 2.38
C VAL A 61 7.79 3.38 2.70
N ARG A 62 7.99 2.45 1.76
CA ARG A 62 8.97 1.37 1.94
C ARG A 62 10.35 1.94 2.14
N LYS A 63 10.67 3.03 1.46
CA LYS A 63 12.02 3.62 1.58
C LYS A 63 12.15 4.43 2.89
N LYS A 64 11.07 5.08 3.32
CA LYS A 64 11.13 5.96 4.53
C LYS A 64 11.05 5.22 5.89
N THR A 65 10.39 4.07 5.90
CA THR A 65 10.20 3.29 7.13
C THR A 65 11.46 2.62 7.69
N LYS A 66 11.58 2.65 9.00
CA LYS A 66 12.70 1.99 9.70
C LYS A 66 12.35 0.54 10.05
N ASN A 67 11.06 0.28 10.03
CA ASN A 67 10.58 -1.04 10.34
C ASN A 67 10.84 -1.94 9.17
N GLU A 68 11.69 -2.95 9.34
CA GLU A 68 12.08 -3.86 8.27
C GLU A 68 10.95 -4.82 7.84
N GLU A 69 10.07 -5.25 8.73
CA GLU A 69 8.97 -6.17 8.34
C GLU A 69 8.03 -5.42 7.44
N LEU A 70 7.82 -4.14 7.76
CA LEU A 70 6.99 -3.27 6.92
C LEU A 70 7.57 -3.12 5.53
N ALA A 71 8.90 -2.97 5.46
CA ALA A 71 9.57 -2.88 4.16
C ALA A 71 9.41 -4.17 3.36
N LYS A 72 9.51 -5.30 4.04
CA LYS A 72 9.40 -6.61 3.39
C LYS A 72 7.99 -6.89 2.88
N ARG A 73 6.95 -6.53 3.63
CA ARG A 73 5.56 -6.71 3.18
C ARG A 73 5.25 -5.81 2.01
N ALA A 74 5.79 -4.63 2.03
CA ALA A 74 5.64 -3.71 0.92
C ALA A 74 6.39 -4.23 -0.31
N LYS A 75 7.53 -4.85 -0.14
CA LYS A 75 8.27 -5.41 -1.28
C LYS A 75 7.39 -6.47 -1.94
N LYS A 76 6.71 -7.28 -1.14
CA LYS A 76 5.81 -8.29 -1.68
C LYS A 76 4.67 -7.63 -2.49
N LEU A 77 4.05 -6.59 -1.97
CA LEU A 77 2.92 -5.92 -2.66
C LEU A 77 3.42 -5.30 -3.98
N LEU A 78 4.56 -4.59 -3.95
CA LEU A 78 5.11 -3.97 -5.17
C LEU A 78 5.45 -5.00 -6.26
N ARG A 79 5.95 -6.17 -5.87
CA ARG A 79 6.23 -7.27 -6.81
C ARG A 79 4.96 -7.84 -7.40
N SER A 80 3.91 -7.87 -6.60
CA SER A 80 2.62 -8.42 -7.04
C SER A 80 2.03 -7.46 -8.01
N TRP A 81 2.10 -6.19 -7.64
CA TRP A 81 1.62 -5.14 -8.50
C TRP A 81 2.42 -5.00 -9.80
N GLN A 82 3.69 -5.42 -9.84
CA GLN A 82 4.50 -5.34 -11.06
C GLN A 82 3.93 -6.35 -12.10
N LYS A 83 3.47 -7.50 -11.60
CA LYS A 83 2.85 -8.49 -12.48
C LYS A 83 1.51 -7.97 -12.97
N LEU A 84 0.84 -7.23 -12.11
CA LEU A 84 -0.47 -6.65 -12.40
C LEU A 84 -0.44 -5.52 -13.45
N ILE A 85 0.58 -4.69 -13.34
CA ILE A 85 0.75 -3.58 -14.24
C ILE A 85 1.16 -4.04 -15.62
N GLU A 86 1.95 -5.11 -15.67
CA GLU A 86 2.50 -5.63 -16.94
C GLU A 86 3.28 -4.57 -17.70
N PRO A 87 4.41 -4.12 -17.13
CA PRO A 87 5.17 -3.06 -17.82
C PRO A 87 5.93 -3.47 -19.05
N ALA A 88 5.78 -4.73 -19.46
CA ALA A 88 6.51 -5.23 -20.60
C ALA A 88 5.96 -4.55 -21.88
N GLY A 89 6.80 -4.35 -22.86
CA GLY A 89 6.37 -3.81 -24.14
C GLY A 89 6.29 -2.30 -24.16
N SER A 90 5.76 -1.76 -25.28
CA SER A 90 5.57 -0.34 -25.53
C SER A 90 4.18 0.10 -25.07
N SER A 1 -13.52 -13.42 11.98
CA SER A 1 -13.28 -12.68 10.72
C SER A 1 -12.42 -11.45 10.97
N MET A 2 -11.48 -11.20 10.05
CA MET A 2 -10.57 -10.05 10.13
C MET A 2 -11.35 -8.77 9.77
N THR A 3 -12.34 -8.90 8.92
CA THR A 3 -13.13 -7.73 8.46
C THR A 3 -14.59 -8.10 8.28
N ALA A 4 -15.49 -7.17 8.53
CA ALA A 4 -16.92 -7.42 8.36
C ALA A 4 -17.36 -7.23 6.90
N ALA A 5 -16.76 -6.28 6.18
CA ALA A 5 -17.19 -5.98 4.81
C ALA A 5 -15.95 -5.48 4.05
N PRO A 6 -15.96 -5.56 2.70
CA PRO A 6 -14.78 -5.07 1.95
C PRO A 6 -14.61 -3.57 1.92
N ALA A 7 -13.42 -3.17 1.55
CA ALA A 7 -13.07 -1.76 1.52
C ALA A 7 -12.60 -1.45 0.11
N SER A 8 -13.00 -0.27 -0.37
CA SER A 8 -12.68 0.13 -1.72
C SER A 8 -11.24 0.60 -1.75
N PRO A 9 -10.62 0.56 -2.95
CA PRO A 9 -9.22 0.98 -2.96
C PRO A 9 -9.02 2.43 -2.53
N GLN A 10 -10.03 3.24 -2.78
CA GLN A 10 -9.98 4.65 -2.45
C GLN A 10 -9.91 4.83 -0.92
N GLN A 11 -10.64 3.98 -0.19
CA GLN A 11 -10.71 4.09 1.25
C GLN A 11 -9.42 3.64 1.88
N ILE A 12 -8.87 2.60 1.33
CA ILE A 12 -7.61 2.06 1.81
C ILE A 12 -6.51 3.09 1.63
N ARG A 13 -6.55 3.78 0.49
CA ARG A 13 -5.62 4.84 0.23
C ARG A 13 -5.80 5.98 1.21
N ASP A 14 -7.03 6.31 1.54
CA ASP A 14 -7.29 7.40 2.43
C ASP A 14 -6.72 7.06 3.83
N ARG A 15 -6.89 5.83 4.29
CA ARG A 15 -6.35 5.45 5.59
C ARG A 15 -4.81 5.51 5.61
N LEU A 16 -4.15 5.20 4.48
CA LEU A 16 -2.69 5.26 4.46
C LEU A 16 -2.26 6.71 4.61
N LEU A 17 -2.94 7.61 3.89
CA LEU A 17 -2.55 9.04 3.92
C LEU A 17 -2.72 9.68 5.29
N GLN A 18 -3.76 9.25 6.03
CA GLN A 18 -4.00 9.65 7.43
C GLN A 18 -3.02 8.99 8.42
N ALA A 19 -2.24 8.02 7.94
CA ALA A 19 -1.27 7.31 8.80
C ALA A 19 0.20 7.70 8.54
N ILE A 20 0.45 8.42 7.45
CA ILE A 20 1.82 8.87 7.12
C ILE A 20 1.90 10.38 7.08
N ASP A 21 3.10 10.88 7.24
CA ASP A 21 3.35 12.35 7.13
C ASP A 21 3.37 12.66 5.61
N PRO A 22 3.17 13.92 5.20
CA PRO A 22 3.29 14.12 3.74
C PRO A 22 4.67 13.83 3.19
N GLN A 23 5.67 13.79 4.06
CA GLN A 23 7.03 13.41 3.65
C GLN A 23 7.20 11.89 3.53
N SER A 24 6.09 11.17 3.72
CA SER A 24 5.96 9.70 3.74
C SER A 24 6.67 8.97 4.89
N ASN A 25 7.06 9.71 5.91
CA ASN A 25 7.60 9.07 7.10
C ASN A 25 6.40 8.56 7.87
N ILE A 26 6.63 7.59 8.74
CA ILE A 26 5.55 6.92 9.50
C ILE A 26 5.13 7.72 10.72
N ARG A 27 3.83 7.90 10.86
CA ARG A 27 3.29 8.54 12.06
C ARG A 27 2.46 7.54 12.88
N ASN A 28 1.63 6.70 12.22
CA ASN A 28 0.83 5.69 12.93
C ASN A 28 1.11 4.33 12.34
N MET A 29 2.16 3.66 12.83
CA MET A 29 2.56 2.33 12.32
C MET A 29 1.49 1.28 12.31
N VAL A 30 0.68 1.23 13.33
CA VAL A 30 -0.33 0.19 13.44
C VAL A 30 -1.34 0.36 12.31
N ALA A 31 -1.63 1.62 11.97
CA ALA A 31 -2.52 1.89 10.86
C ALA A 31 -1.87 1.59 9.50
N VAL A 32 -0.58 1.86 9.37
CA VAL A 32 0.11 1.54 8.11
C VAL A 32 0.19 0.01 7.89
N LEU A 33 0.51 -0.77 8.94
CA LEU A 33 0.55 -2.22 8.82
C LEU A 33 -0.85 -2.78 8.49
N GLU A 34 -1.88 -2.20 9.06
CA GLU A 34 -3.26 -2.59 8.76
C GLU A 34 -3.58 -2.32 7.30
N VAL A 35 -3.15 -1.18 6.74
CA VAL A 35 -3.34 -0.95 5.33
C VAL A 35 -2.67 -1.99 4.43
N ILE A 36 -1.45 -2.37 4.75
CA ILE A 36 -0.77 -3.44 4.03
C ILE A 36 -1.61 -4.70 4.13
N SER A 37 -2.08 -5.06 5.34
CA SER A 37 -2.90 -6.24 5.47
C SER A 37 -4.17 -6.15 4.63
N SER A 38 -4.67 -4.96 4.45
CA SER A 38 -5.87 -4.74 3.70
C SER A 38 -5.64 -4.97 2.21
N LEU A 39 -4.56 -4.47 1.63
CA LEU A 39 -4.28 -4.73 0.22
C LEU A 39 -3.92 -6.17 0.02
N GLU A 40 -3.26 -6.80 0.99
CA GLU A 40 -2.94 -8.22 0.86
C GLU A 40 -4.18 -9.10 0.83
N LYS A 41 -5.24 -8.62 1.47
CA LYS A 41 -6.52 -9.32 1.45
C LYS A 41 -7.34 -8.97 0.23
N TYR A 42 -7.38 -7.68 -0.07
CA TYR A 42 -8.23 -7.16 -1.17
C TYR A 42 -7.37 -6.74 -2.34
N PRO A 43 -7.36 -7.54 -3.43
CA PRO A 43 -6.49 -7.15 -4.54
C PRO A 43 -7.01 -5.90 -5.30
N ILE A 44 -6.15 -4.88 -5.38
CA ILE A 44 -6.47 -3.69 -6.16
C ILE A 44 -6.19 -4.05 -7.64
N THR A 45 -6.75 -3.33 -8.60
CA THR A 45 -6.52 -3.63 -10.02
C THR A 45 -5.45 -2.70 -10.62
N LYS A 46 -4.82 -3.09 -11.72
CA LYS A 46 -3.88 -2.19 -12.43
C LYS A 46 -4.53 -0.88 -12.84
N GLU A 47 -5.82 -0.94 -13.16
CA GLU A 47 -6.56 0.26 -13.53
C GLU A 47 -6.72 1.20 -12.31
N ALA A 48 -7.05 0.64 -11.15
CA ALA A 48 -7.26 1.43 -9.92
C ALA A 48 -5.92 1.96 -9.41
N LEU A 49 -4.85 1.26 -9.73
CA LEU A 49 -3.54 1.71 -9.35
C LEU A 49 -3.20 3.05 -9.96
N GLU A 50 -3.71 3.27 -11.14
CA GLU A 50 -3.48 4.51 -11.90
C GLU A 50 -4.13 5.72 -11.18
N GLU A 51 -5.29 5.50 -10.58
CA GLU A 51 -6.01 6.58 -9.89
C GLU A 51 -5.50 6.83 -8.44
N THR A 52 -5.27 5.73 -7.70
CA THR A 52 -4.81 5.78 -6.30
C THR A 52 -3.35 6.11 -6.16
N ARG A 53 -2.59 5.85 -7.21
CA ARG A 53 -1.12 6.02 -7.23
C ARG A 53 -0.53 5.29 -6.01
N LEU A 54 -1.18 4.21 -5.57
CA LEU A 54 -0.71 3.43 -4.45
C LEU A 54 0.65 2.84 -4.68
N GLY A 55 1.00 2.56 -5.93
CA GLY A 55 2.34 2.03 -6.19
C GLY A 55 3.43 2.99 -5.72
N LYS A 56 3.18 4.25 -6.02
CA LYS A 56 4.10 5.33 -5.65
C LYS A 56 4.14 5.48 -4.17
N LEU A 57 2.94 5.51 -3.55
CA LEU A 57 2.84 5.69 -2.14
C LEU A 57 3.53 4.56 -1.36
N ILE A 58 3.21 3.31 -1.67
CA ILE A 58 3.81 2.18 -0.95
C ILE A 58 5.34 2.18 -1.15
N ASN A 59 5.81 2.55 -2.33
CA ASN A 59 7.27 2.54 -2.52
C ASN A 59 7.90 3.65 -1.69
N ASP A 60 7.24 4.77 -1.57
CA ASP A 60 7.81 5.93 -0.87
C ASP A 60 7.87 5.54 0.62
N VAL A 61 6.78 4.97 1.13
CA VAL A 61 6.74 4.49 2.52
C VAL A 61 7.80 3.40 2.81
N ARG A 62 8.01 2.48 1.85
CA ARG A 62 9.00 1.40 1.98
C ARG A 62 10.39 1.96 2.21
N LYS A 63 10.70 3.06 1.53
CA LYS A 63 12.06 3.60 1.64
C LYS A 63 12.18 4.59 2.79
N LYS A 64 11.07 5.14 3.28
CA LYS A 64 11.12 6.07 4.44
C LYS A 64 11.02 5.35 5.79
N THR A 65 10.36 4.20 5.86
CA THR A 65 10.32 3.47 7.15
C THR A 65 11.68 2.88 7.47
N LYS A 66 11.98 2.77 8.77
CA LYS A 66 13.20 2.09 9.22
C LYS A 66 12.94 0.58 9.37
N ASN A 67 11.70 0.26 9.74
CA ASN A 67 11.31 -1.11 10.00
C ASN A 67 11.42 -1.99 8.79
N GLU A 68 12.26 -2.99 8.92
CA GLU A 68 12.47 -3.95 7.83
C GLU A 68 11.23 -4.80 7.66
N GLU A 69 10.54 -5.05 8.75
CA GLU A 69 9.30 -5.84 8.73
C GLU A 69 8.32 -5.24 7.75
N LEU A 70 8.19 -3.91 7.82
CA LEU A 70 7.24 -3.23 6.98
C LEU A 70 7.76 -3.23 5.55
N ALA A 71 9.05 -2.94 5.37
CA ALA A 71 9.63 -2.86 4.03
C ALA A 71 9.52 -4.21 3.28
N LYS A 72 9.72 -5.32 3.97
CA LYS A 72 9.60 -6.64 3.34
C LYS A 72 8.16 -6.85 2.87
N ARG A 73 7.21 -6.43 3.64
CA ARG A 73 5.82 -6.61 3.22
C ARG A 73 5.46 -5.73 2.05
N ALA A 74 5.95 -4.51 2.08
CA ALA A 74 5.75 -3.55 0.99
C ALA A 74 6.43 -4.04 -0.31
N LYS A 75 7.60 -4.66 -0.18
CA LYS A 75 8.33 -5.17 -1.35
C LYS A 75 7.53 -6.27 -1.99
N LYS A 76 6.97 -7.15 -1.18
CA LYS A 76 6.12 -8.22 -1.70
C LYS A 76 4.93 -7.62 -2.46
N LEU A 77 4.27 -6.65 -1.84
CA LEU A 77 3.11 -6.01 -2.44
C LEU A 77 3.41 -5.32 -3.77
N LEU A 78 4.49 -4.58 -3.80
CA LEU A 78 4.94 -3.93 -5.04
C LEU A 78 5.27 -4.94 -6.13
N ARG A 79 5.89 -6.08 -5.74
CA ARG A 79 6.18 -7.17 -6.70
C ARG A 79 4.90 -7.71 -7.35
N SER A 80 3.87 -7.93 -6.54
CA SER A 80 2.57 -8.38 -7.08
C SER A 80 1.97 -7.34 -8.00
N TRP A 81 2.18 -6.08 -7.70
CA TRP A 81 1.72 -5.00 -8.55
C TRP A 81 2.49 -4.90 -9.87
N GLN A 82 3.77 -5.21 -9.86
CA GLN A 82 4.52 -5.19 -11.10
C GLN A 82 4.00 -6.28 -12.04
N LYS A 83 3.58 -7.41 -11.44
CA LYS A 83 2.98 -8.50 -12.23
C LYS A 83 1.61 -8.12 -12.76
N LEU A 84 0.90 -7.31 -12.00
CA LEU A 84 -0.43 -6.85 -12.38
C LEU A 84 -0.32 -6.03 -13.66
N ILE A 85 0.58 -5.08 -13.65
CA ILE A 85 0.73 -4.08 -14.71
C ILE A 85 1.36 -4.83 -15.88
N GLU A 86 2.30 -5.67 -15.55
CA GLU A 86 3.04 -6.50 -16.51
C GLU A 86 3.54 -5.61 -17.68
N PRO A 87 4.45 -4.61 -17.37
CA PRO A 87 5.00 -3.79 -18.45
C PRO A 87 6.02 -4.54 -19.31
N ALA A 88 6.33 -3.99 -20.47
CA ALA A 88 7.28 -4.63 -21.38
C ALA A 88 8.67 -4.67 -20.72
N GLY A 89 9.36 -5.81 -20.92
CA GLY A 89 10.68 -6.00 -20.33
C GLY A 89 11.25 -7.36 -20.65
N SER A 90 12.33 -7.74 -19.99
CA SER A 90 12.98 -9.02 -20.18
C SER A 90 13.27 -9.70 -18.85
N SER A 1 -9.32 -7.59 12.42
CA SER A 1 -9.55 -8.46 13.62
C SER A 1 -11.03 -8.48 13.99
N MET A 2 -11.49 -7.52 14.76
CA MET A 2 -12.88 -7.35 15.13
C MET A 2 -13.73 -6.77 14.01
N THR A 3 -14.74 -7.56 13.62
CA THR A 3 -15.73 -7.18 12.59
C THR A 3 -15.11 -6.45 11.37
N ALA A 4 -14.16 -7.09 10.72
CA ALA A 4 -13.50 -6.49 9.54
C ALA A 4 -14.58 -6.36 8.43
N ALA A 5 -14.45 -5.36 7.57
CA ALA A 5 -15.43 -5.09 6.48
C ALA A 5 -14.63 -4.68 5.25
N PRO A 6 -15.18 -4.88 4.03
CA PRO A 6 -14.46 -4.43 2.82
C PRO A 6 -14.41 -2.95 2.65
N ALA A 7 -13.39 -2.46 1.95
CA ALA A 7 -13.20 -1.03 1.72
C ALA A 7 -12.83 -0.85 0.23
N SER A 8 -13.31 0.21 -0.38
CA SER A 8 -12.98 0.49 -1.77
C SER A 8 -11.49 0.87 -1.85
N PRO A 9 -10.86 0.72 -3.00
CA PRO A 9 -9.41 1.04 -3.01
C PRO A 9 -9.11 2.52 -2.71
N GLN A 10 -10.00 3.42 -3.03
CA GLN A 10 -9.79 4.85 -2.71
C GLN A 10 -9.77 5.04 -1.19
N GLN A 11 -10.53 4.24 -0.49
CA GLN A 11 -10.61 4.38 0.98
C GLN A 11 -9.39 3.82 1.65
N ILE A 12 -8.88 2.75 1.09
CA ILE A 12 -7.71 2.12 1.67
C ILE A 12 -6.54 3.06 1.47
N ARG A 13 -6.51 3.67 0.32
CA ARG A 13 -5.50 4.71 0.03
C ARG A 13 -5.66 5.87 1.00
N ASP A 14 -6.87 6.30 1.27
CA ASP A 14 -7.06 7.42 2.19
C ASP A 14 -6.60 7.05 3.61
N ARG A 15 -6.92 5.86 4.06
CA ARG A 15 -6.43 5.38 5.38
C ARG A 15 -4.90 5.41 5.49
N LEU A 16 -4.22 5.11 4.40
CA LEU A 16 -2.73 5.21 4.36
C LEU A 16 -2.29 6.64 4.54
N LEU A 17 -2.90 7.59 3.82
CA LEU A 17 -2.52 8.99 3.95
C LEU A 17 -2.74 9.51 5.37
N GLN A 18 -3.83 9.10 6.00
CA GLN A 18 -4.17 9.46 7.39
C GLN A 18 -3.22 8.80 8.43
N ALA A 19 -2.41 7.85 8.01
CA ALA A 19 -1.52 7.14 8.91
C ALA A 19 -0.03 7.55 8.76
N ILE A 20 0.23 8.38 7.78
CA ILE A 20 1.58 8.83 7.49
C ILE A 20 1.61 10.37 7.50
N ASP A 21 2.82 10.88 7.63
CA ASP A 21 3.07 12.32 7.62
C ASP A 21 3.04 12.70 6.15
N PRO A 22 2.79 13.98 5.78
CA PRO A 22 2.83 14.27 4.35
C PRO A 22 4.18 13.96 3.67
N GLN A 23 5.24 13.91 4.46
CA GLN A 23 6.59 13.58 3.97
C GLN A 23 6.83 12.07 3.95
N SER A 24 5.74 11.34 4.16
CA SER A 24 5.68 9.86 4.10
C SER A 24 6.37 9.14 5.26
N ASN A 25 6.71 9.92 6.27
CA ASN A 25 7.32 9.39 7.49
C ASN A 25 6.19 8.73 8.28
N ILE A 26 6.49 7.65 8.96
CA ILE A 26 5.46 6.90 9.71
C ILE A 26 4.94 7.71 10.90
N ARG A 27 3.60 7.84 11.04
CA ARG A 27 3.02 8.51 12.18
C ARG A 27 2.25 7.48 12.99
N ASN A 28 1.48 6.65 12.32
CA ASN A 28 0.72 5.62 13.01
C ASN A 28 1.09 4.25 12.42
N MET A 29 2.14 3.63 12.94
CA MET A 29 2.61 2.37 12.35
C MET A 29 1.60 1.23 12.34
N VAL A 30 0.80 1.13 13.39
CA VAL A 30 -0.20 0.08 13.44
C VAL A 30 -1.11 0.20 12.26
N ALA A 31 -1.55 1.42 11.96
CA ALA A 31 -2.48 1.60 10.86
C ALA A 31 -1.76 1.37 9.54
N VAL A 32 -0.47 1.64 9.45
CA VAL A 32 0.25 1.40 8.16
C VAL A 32 0.38 -0.09 7.92
N LEU A 33 0.76 -0.85 8.93
CA LEU A 33 0.86 -2.30 8.83
C LEU A 33 -0.51 -2.84 8.48
N GLU A 34 -1.55 -2.32 9.12
CA GLU A 34 -2.90 -2.75 8.80
C GLU A 34 -3.29 -2.44 7.36
N VAL A 35 -2.78 -1.35 6.78
CA VAL A 35 -3.11 -1.04 5.38
C VAL A 35 -2.50 -2.09 4.48
N ILE A 36 -1.28 -2.52 4.76
CA ILE A 36 -0.60 -3.50 3.93
C ILE A 36 -1.45 -4.77 3.92
N SER A 37 -1.90 -5.17 5.11
CA SER A 37 -2.75 -6.35 5.34
C SER A 37 -4.06 -6.18 4.59
N SER A 38 -4.55 -4.96 4.52
CA SER A 38 -5.81 -4.66 3.85
C SER A 38 -5.71 -4.87 2.36
N LEU A 39 -4.64 -4.37 1.73
CA LEU A 39 -4.46 -4.61 0.29
C LEU A 39 -4.25 -6.07 -0.07
N GLU A 40 -3.58 -6.83 0.83
CA GLU A 40 -3.40 -8.26 0.61
C GLU A 40 -4.76 -8.94 0.59
N LYS A 41 -5.62 -8.45 1.46
CA LYS A 41 -6.96 -8.97 1.58
C LYS A 41 -7.93 -8.48 0.49
N TYR A 42 -7.72 -7.27 0.03
CA TYR A 42 -8.60 -6.65 -0.97
C TYR A 42 -7.76 -6.22 -2.18
N PRO A 43 -7.45 -7.14 -3.12
CA PRO A 43 -6.65 -6.75 -4.30
C PRO A 43 -7.19 -5.58 -5.06
N ILE A 44 -6.28 -4.74 -5.53
CA ILE A 44 -6.66 -3.60 -6.34
C ILE A 44 -6.38 -3.94 -7.83
N THR A 45 -7.15 -3.38 -8.76
CA THR A 45 -6.96 -3.65 -10.18
C THR A 45 -5.94 -2.64 -10.70
N LYS A 46 -5.28 -2.96 -11.82
CA LYS A 46 -4.25 -2.08 -12.41
C LYS A 46 -4.79 -0.72 -12.80
N GLU A 47 -6.06 -0.67 -13.14
CA GLU A 47 -6.70 0.58 -13.56
C GLU A 47 -6.81 1.58 -12.39
N ALA A 48 -7.23 1.03 -11.25
CA ALA A 48 -7.37 1.79 -10.03
C ALA A 48 -6.01 2.12 -9.41
N LEU A 49 -5.02 1.24 -9.56
CA LEU A 49 -3.69 1.52 -9.03
C LEU A 49 -3.12 2.82 -9.66
N GLU A 50 -3.40 3.09 -10.94
CA GLU A 50 -2.90 4.31 -11.61
C GLU A 50 -3.49 5.57 -10.97
N GLU A 51 -4.80 5.57 -10.76
CA GLU A 51 -5.53 6.69 -10.15
C GLU A 51 -5.11 6.98 -8.73
N THR A 52 -4.98 5.89 -7.96
CA THR A 52 -4.59 6.00 -6.55
C THR A 52 -3.10 6.24 -6.33
N ARG A 53 -2.29 5.97 -7.33
CA ARG A 53 -0.80 6.08 -7.21
C ARG A 53 -0.36 5.22 -6.03
N LEU A 54 -1.12 4.18 -5.72
CA LEU A 54 -0.81 3.36 -4.57
C LEU A 54 0.54 2.72 -4.69
N GLY A 55 0.95 2.33 -5.86
CA GLY A 55 2.26 1.75 -5.99
C GLY A 55 3.36 2.71 -5.57
N LYS A 56 3.21 3.95 -6.01
CA LYS A 56 4.19 4.97 -5.73
C LYS A 56 4.22 5.24 -4.24
N LEU A 57 3.03 5.39 -3.68
CA LEU A 57 2.84 5.67 -2.28
C LEU A 57 3.48 4.59 -1.42
N ILE A 58 3.19 3.33 -1.73
CA ILE A 58 3.76 2.21 -0.97
C ILE A 58 5.29 2.25 -1.14
N ASN A 59 5.80 2.45 -2.35
CA ASN A 59 7.26 2.44 -2.53
C ASN A 59 7.98 3.55 -1.77
N ASP A 60 7.37 4.75 -1.76
CA ASP A 60 7.96 5.88 -1.07
C ASP A 60 7.99 5.61 0.43
N VAL A 61 6.92 5.07 0.96
CA VAL A 61 6.85 4.70 2.37
C VAL A 61 7.85 3.60 2.71
N ARG A 62 8.01 2.63 1.81
CA ARG A 62 8.99 1.56 1.98
C ARG A 62 10.41 2.11 2.18
N LYS A 63 10.82 3.11 1.38
CA LYS A 63 12.16 3.65 1.52
C LYS A 63 12.28 4.65 2.67
N LYS A 64 11.16 5.21 3.11
CA LYS A 64 11.15 6.21 4.18
C LYS A 64 11.24 5.60 5.58
N THR A 65 10.58 4.47 5.76
CA THR A 65 10.56 3.81 7.06
C THR A 65 11.90 3.16 7.43
N LYS A 66 12.14 3.02 8.73
CA LYS A 66 13.33 2.33 9.19
C LYS A 66 13.05 0.86 9.41
N ASN A 67 11.78 0.55 9.66
CA ASN A 67 11.37 -0.80 10.01
C ASN A 67 11.56 -1.73 8.78
N GLU A 68 12.56 -2.61 8.86
CA GLU A 68 12.85 -3.49 7.74
C GLU A 68 11.68 -4.49 7.49
N GLU A 69 10.95 -4.94 8.51
CA GLU A 69 9.86 -5.90 8.29
C GLU A 69 8.74 -5.24 7.45
N LEU A 70 8.50 -3.95 7.75
CA LEU A 70 7.46 -3.15 7.10
C LEU A 70 7.89 -3.06 5.65
N ALA A 71 9.14 -2.69 5.42
CA ALA A 71 9.69 -2.58 4.08
C ALA A 71 9.61 -3.90 3.29
N LYS A 72 9.86 -5.04 3.94
CA LYS A 72 9.78 -6.34 3.23
C LYS A 72 8.36 -6.65 2.84
N ARG A 73 7.42 -6.34 3.74
CA ARG A 73 5.98 -6.53 3.48
C ARG A 73 5.53 -5.60 2.33
N ALA A 74 5.94 -4.37 2.39
CA ALA A 74 5.65 -3.41 1.33
C ALA A 74 6.24 -3.92 -0.02
N LYS A 75 7.48 -4.40 -0.03
CA LYS A 75 8.10 -4.92 -1.26
C LYS A 75 7.34 -6.12 -1.83
N LYS A 76 6.81 -7.01 -0.98
CA LYS A 76 5.99 -8.13 -1.44
C LYS A 76 4.75 -7.67 -2.19
N LEU A 77 4.12 -6.61 -1.66
CA LEU A 77 2.93 -6.07 -2.31
C LEU A 77 3.26 -5.42 -3.65
N LEU A 78 4.37 -4.69 -3.68
CA LEU A 78 4.84 -4.05 -4.90
C LEU A 78 5.15 -5.07 -6.02
N ARG A 79 5.76 -6.20 -5.63
CA ARG A 79 6.10 -7.27 -6.59
C ARG A 79 4.86 -7.84 -7.25
N SER A 80 3.82 -7.98 -6.45
CA SER A 80 2.55 -8.48 -6.96
C SER A 80 1.99 -7.48 -7.93
N TRP A 81 2.02 -6.21 -7.53
CA TRP A 81 1.55 -5.16 -8.38
C TRP A 81 2.35 -5.00 -9.68
N GLN A 82 3.60 -5.45 -9.72
CA GLN A 82 4.37 -5.38 -10.96
C GLN A 82 3.77 -6.34 -11.96
N LYS A 83 3.27 -7.47 -11.47
CA LYS A 83 2.66 -8.47 -12.35
C LYS A 83 1.26 -8.00 -12.73
N LEU A 84 0.66 -7.25 -11.82
CA LEU A 84 -0.68 -6.73 -12.02
C LEU A 84 -0.70 -5.73 -13.16
N ILE A 85 0.27 -4.80 -13.18
CA ILE A 85 0.37 -3.79 -14.24
C ILE A 85 0.76 -4.48 -15.54
N GLU A 86 1.60 -5.51 -15.41
CA GLU A 86 2.14 -6.23 -16.56
C GLU A 86 2.69 -5.29 -17.61
N PRO A 87 3.71 -4.46 -17.26
CA PRO A 87 4.16 -3.56 -18.29
C PRO A 87 4.93 -4.23 -19.47
N ALA A 88 4.97 -3.54 -20.60
CA ALA A 88 5.68 -4.04 -21.78
C ALA A 88 7.16 -3.69 -21.75
N GLY A 89 7.51 -2.68 -20.96
CA GLY A 89 8.91 -2.25 -20.88
C GLY A 89 9.22 -1.34 -22.00
N SER A 90 10.48 -1.12 -22.32
CA SER A 90 10.87 -0.25 -23.41
C SER A 90 10.64 -0.95 -24.73
N SER A 1 -19.12 0.89 15.33
CA SER A 1 -17.88 0.33 15.93
C SER A 1 -16.99 -0.22 14.85
N MET A 2 -15.69 -0.19 15.08
CA MET A 2 -14.78 -0.67 14.05
C MET A 2 -14.83 -2.21 14.03
N THR A 3 -14.91 -2.79 12.84
CA THR A 3 -14.91 -4.26 12.66
C THR A 3 -14.05 -4.54 11.43
N ALA A 4 -13.67 -5.79 11.23
CA ALA A 4 -12.90 -6.17 10.04
C ALA A 4 -13.92 -6.27 8.88
N ALA A 5 -13.84 -5.36 7.92
CA ALA A 5 -14.73 -5.38 6.78
C ALA A 5 -13.93 -4.93 5.52
N PRO A 6 -14.38 -5.31 4.32
CA PRO A 6 -13.63 -4.82 3.15
C PRO A 6 -13.84 -3.33 2.92
N ALA A 7 -12.85 -2.73 2.26
CA ALA A 7 -12.83 -1.30 1.96
C ALA A 7 -12.47 -1.15 0.48
N SER A 8 -12.95 -0.06 -0.12
CA SER A 8 -12.67 0.21 -1.52
C SER A 8 -11.19 0.66 -1.65
N PRO A 9 -10.59 0.52 -2.85
CA PRO A 9 -9.18 0.92 -2.98
C PRO A 9 -8.96 2.41 -2.63
N GLN A 10 -10.00 3.22 -2.87
CA GLN A 10 -9.96 4.65 -2.55
C GLN A 10 -9.91 4.85 -1.03
N GLN A 11 -10.67 4.07 -0.27
CA GLN A 11 -10.67 4.17 1.18
C GLN A 11 -9.35 3.71 1.73
N ILE A 12 -8.77 2.67 1.13
CA ILE A 12 -7.47 2.13 1.53
C ILE A 12 -6.37 3.19 1.28
N ARG A 13 -6.45 3.87 0.15
CA ARG A 13 -5.52 4.98 -0.12
C ARG A 13 -5.63 6.08 0.94
N ASP A 14 -6.84 6.47 1.25
CA ASP A 14 -7.05 7.54 2.24
C ASP A 14 -6.52 7.15 3.61
N ARG A 15 -6.78 5.92 4.05
CA ARG A 15 -6.28 5.47 5.36
C ARG A 15 -4.75 5.46 5.43
N LEU A 16 -4.10 5.25 4.30
CA LEU A 16 -2.63 5.30 4.29
C LEU A 16 -2.18 6.71 4.54
N LEU A 17 -2.84 7.65 3.89
CA LEU A 17 -2.46 9.03 4.04
C LEU A 17 -2.69 9.57 5.45
N GLN A 18 -3.70 9.05 6.11
CA GLN A 18 -3.99 9.46 7.49
C GLN A 18 -2.95 8.92 8.48
N ALA A 19 -2.23 7.89 8.08
CA ALA A 19 -1.27 7.21 8.96
C ALA A 19 0.17 7.71 8.77
N ILE A 20 0.41 8.46 7.69
CA ILE A 20 1.75 8.98 7.38
C ILE A 20 1.72 10.51 7.37
N ASP A 21 2.88 11.12 7.29
CA ASP A 21 2.99 12.57 7.20
C ASP A 21 3.19 12.92 5.69
N PRO A 22 3.10 14.21 5.31
CA PRO A 22 3.34 14.52 3.89
C PRO A 22 4.68 14.14 3.24
N GLN A 23 5.66 13.82 4.05
CA GLN A 23 6.96 13.37 3.57
C GLN A 23 7.08 11.82 3.67
N SER A 24 5.90 11.18 3.78
CA SER A 24 5.69 9.75 3.89
C SER A 24 6.34 9.07 5.11
N ASN A 25 6.68 9.87 6.11
CA ASN A 25 7.22 9.30 7.34
C ASN A 25 6.07 8.72 8.16
N ILE A 26 6.38 7.75 9.00
CA ILE A 26 5.35 7.01 9.75
C ILE A 26 4.91 7.76 10.98
N ARG A 27 3.61 8.08 11.08
CA ARG A 27 3.04 8.67 12.29
C ARG A 27 2.29 7.59 13.07
N ASN A 28 1.57 6.71 12.38
CA ASN A 28 0.83 5.60 13.04
C ASN A 28 1.24 4.23 12.44
N MET A 29 2.14 3.52 13.10
CA MET A 29 2.62 2.24 12.60
C MET A 29 1.54 1.18 12.47
N VAL A 30 0.68 1.10 13.47
CA VAL A 30 -0.35 0.07 13.52
C VAL A 30 -1.26 0.24 12.30
N ALA A 31 -1.62 1.49 12.02
CA ALA A 31 -2.48 1.82 10.88
C ALA A 31 -1.82 1.53 9.53
N VAL A 32 -0.52 1.80 9.37
CA VAL A 32 0.16 1.51 8.09
C VAL A 32 0.20 0.01 7.88
N LEU A 33 0.49 -0.72 8.93
CA LEU A 33 0.56 -2.20 8.81
C LEU A 33 -0.84 -2.75 8.49
N GLU A 34 -1.87 -2.10 9.04
CA GLU A 34 -3.25 -2.52 8.75
C GLU A 34 -3.57 -2.27 7.26
N VAL A 35 -3.10 -1.15 6.71
CA VAL A 35 -3.28 -0.88 5.28
C VAL A 35 -2.61 -1.98 4.46
N ILE A 36 -1.39 -2.38 4.78
CA ILE A 36 -0.72 -3.45 4.03
C ILE A 36 -1.54 -4.74 4.14
N SER A 37 -1.98 -5.04 5.35
CA SER A 37 -2.81 -6.22 5.60
C SER A 37 -4.10 -6.14 4.79
N SER A 38 -4.61 -4.94 4.55
CA SER A 38 -5.81 -4.77 3.74
C SER A 38 -5.56 -5.11 2.26
N LEU A 39 -4.50 -4.58 1.68
CA LEU A 39 -4.17 -4.93 0.29
C LEU A 39 -3.82 -6.40 0.09
N GLU A 40 -3.25 -7.03 1.09
CA GLU A 40 -2.95 -8.47 1.00
C GLU A 40 -4.24 -9.28 0.82
N LYS A 41 -5.32 -8.80 1.45
CA LYS A 41 -6.62 -9.47 1.35
C LYS A 41 -7.47 -9.00 0.18
N TYR A 42 -7.30 -7.73 -0.17
CA TYR A 42 -8.10 -7.07 -1.20
C TYR A 42 -7.23 -6.59 -2.33
N PRO A 43 -6.99 -7.49 -3.35
CA PRO A 43 -6.12 -7.00 -4.42
C PRO A 43 -6.78 -5.90 -5.27
N ILE A 44 -6.04 -4.84 -5.49
CA ILE A 44 -6.46 -3.72 -6.30
C ILE A 44 -6.33 -4.12 -7.77
N THR A 45 -7.13 -3.49 -8.65
CA THR A 45 -7.09 -3.80 -10.08
C THR A 45 -6.07 -2.86 -10.72
N LYS A 46 -5.54 -3.17 -11.88
CA LYS A 46 -4.49 -2.34 -12.48
C LYS A 46 -4.93 -0.89 -12.76
N GLU A 47 -6.15 -0.68 -13.24
CA GLU A 47 -6.63 0.69 -13.51
C GLU A 47 -6.89 1.45 -12.19
N ALA A 48 -7.45 0.78 -11.17
CA ALA A 48 -7.69 1.46 -9.90
C ALA A 48 -6.35 1.79 -9.25
N LEU A 49 -5.31 0.99 -9.53
CA LEU A 49 -3.99 1.25 -9.00
C LEU A 49 -3.42 2.51 -9.59
N GLU A 50 -3.73 2.77 -10.85
CA GLU A 50 -3.30 3.97 -11.56
C GLU A 50 -4.02 5.16 -10.93
N GLU A 51 -5.33 5.02 -10.72
CA GLU A 51 -6.13 6.09 -10.12
C GLU A 51 -5.62 6.46 -8.76
N THR A 52 -5.46 5.45 -7.92
CA THR A 52 -5.02 5.64 -6.52
C THR A 52 -3.55 6.05 -6.38
N ARG A 53 -2.74 5.67 -7.36
CA ARG A 53 -1.27 5.89 -7.34
C ARG A 53 -0.64 5.24 -6.11
N LEU A 54 -1.33 4.25 -5.57
CA LEU A 54 -0.92 3.56 -4.36
C LEU A 54 0.45 2.95 -4.53
N GLY A 55 0.75 2.50 -5.74
CA GLY A 55 2.07 1.92 -6.05
C GLY A 55 3.20 2.90 -5.76
N LYS A 56 3.01 4.19 -6.01
CA LYS A 56 4.04 5.18 -5.70
C LYS A 56 4.11 5.38 -4.20
N LEU A 57 2.96 5.53 -3.56
CA LEU A 57 2.89 5.83 -2.11
C LEU A 57 3.55 4.73 -1.28
N ILE A 58 3.23 3.48 -1.59
CA ILE A 58 3.80 2.31 -0.90
C ILE A 58 5.29 2.25 -1.10
N ASN A 59 5.75 2.57 -2.31
CA ASN A 59 7.19 2.54 -2.60
C ASN A 59 7.94 3.65 -1.87
N ASP A 60 7.30 4.79 -1.63
CA ASP A 60 7.93 5.87 -0.89
C ASP A 60 8.04 5.50 0.59
N VAL A 61 6.92 5.10 1.18
CA VAL A 61 6.88 4.63 2.57
C VAL A 61 7.89 3.51 2.83
N ARG A 62 8.06 2.60 1.88
CA ARG A 62 9.05 1.53 2.00
C ARG A 62 10.48 2.08 2.19
N LYS A 63 10.77 3.25 1.66
CA LYS A 63 12.11 3.88 1.79
C LYS A 63 12.23 4.68 3.07
N LYS A 64 11.13 5.30 3.49
CA LYS A 64 11.10 6.12 4.69
C LYS A 64 11.07 5.32 5.98
N THR A 65 10.47 4.15 5.99
CA THR A 65 10.38 3.39 7.23
C THR A 65 11.70 2.69 7.51
N LYS A 66 11.99 2.48 8.79
CA LYS A 66 13.17 1.69 9.22
C LYS A 66 12.71 0.32 9.72
N ASN A 67 11.41 0.10 9.70
CA ASN A 67 10.83 -1.16 10.14
C ASN A 67 10.96 -2.18 9.01
N GLU A 68 11.86 -3.14 9.20
CA GLU A 68 12.16 -4.17 8.20
C GLU A 68 10.94 -5.00 7.87
N GLU A 69 10.00 -5.22 8.79
CA GLU A 69 8.84 -6.04 8.47
C GLU A 69 8.03 -5.36 7.39
N LEU A 70 7.82 -4.07 7.62
CA LEU A 70 7.01 -3.27 6.72
C LEU A 70 7.72 -3.24 5.39
N ALA A 71 9.03 -2.97 5.40
CA ALA A 71 9.82 -2.96 4.16
C ALA A 71 9.66 -4.25 3.35
N LYS A 72 9.75 -5.40 3.99
CA LYS A 72 9.61 -6.70 3.30
C LYS A 72 8.21 -6.96 2.79
N ARG A 73 7.19 -6.65 3.60
CA ARG A 73 5.78 -6.87 3.19
C ARG A 73 5.44 -5.96 2.00
N ALA A 74 5.84 -4.69 2.08
CA ALA A 74 5.65 -3.75 0.98
C ALA A 74 6.40 -4.18 -0.28
N LYS A 75 7.57 -4.77 -0.15
CA LYS A 75 8.30 -5.26 -1.32
C LYS A 75 7.55 -6.41 -2.01
N LYS A 76 6.92 -7.28 -1.23
CA LYS A 76 6.11 -8.37 -1.83
C LYS A 76 4.97 -7.74 -2.59
N LEU A 77 4.30 -6.80 -1.97
CA LEU A 77 3.13 -6.15 -2.53
C LEU A 77 3.46 -5.46 -3.85
N LEU A 78 4.58 -4.76 -3.84
CA LEU A 78 5.05 -4.05 -5.03
C LEU A 78 5.43 -5.05 -6.14
N ARG A 79 5.93 -6.23 -5.75
CA ARG A 79 6.31 -7.27 -6.72
C ARG A 79 5.04 -7.81 -7.38
N SER A 80 3.95 -7.94 -6.61
CA SER A 80 2.69 -8.38 -7.16
C SER A 80 2.22 -7.35 -8.13
N TRP A 81 2.25 -6.10 -7.71
CA TRP A 81 1.81 -4.98 -8.53
C TRP A 81 2.61 -4.80 -9.81
N GLN A 82 3.88 -5.17 -9.82
CA GLN A 82 4.67 -5.14 -11.06
C GLN A 82 4.02 -6.06 -12.11
N LYS A 83 3.60 -7.24 -11.68
CA LYS A 83 2.95 -8.18 -12.60
C LYS A 83 1.52 -7.77 -12.95
N LEU A 84 0.88 -7.01 -12.08
CA LEU A 84 -0.49 -6.59 -12.26
C LEU A 84 -0.56 -5.50 -13.32
N ILE A 85 0.41 -4.60 -13.31
CA ILE A 85 0.46 -3.56 -14.33
C ILE A 85 0.86 -4.21 -15.65
N GLU A 86 1.87 -5.07 -15.59
CA GLU A 86 2.41 -5.74 -16.77
C GLU A 86 2.67 -4.73 -17.94
N PRO A 87 3.65 -3.83 -17.75
CA PRO A 87 3.87 -2.81 -18.77
C PRO A 87 4.72 -3.26 -19.96
N ALA A 88 4.98 -4.56 -20.13
CA ALA A 88 5.85 -5.07 -21.19
C ALA A 88 7.20 -4.35 -21.22
N GLY A 89 7.74 -4.15 -20.02
CA GLY A 89 8.97 -3.40 -19.87
C GLY A 89 9.36 -3.36 -18.39
N SER A 90 10.22 -2.44 -18.02
CA SER A 90 10.64 -2.31 -16.62
C SER A 90 9.58 -1.64 -15.76
N SER A 1 -12.78 -1.75 17.63
CA SER A 1 -13.29 -2.50 16.44
C SER A 1 -12.22 -3.47 15.92
N MET A 2 -12.62 -4.64 15.43
CA MET A 2 -11.69 -5.69 14.97
C MET A 2 -12.15 -6.34 13.68
N THR A 3 -13.29 -5.90 13.17
CA THR A 3 -13.89 -6.56 11.99
C THR A 3 -13.11 -6.12 10.73
N ALA A 4 -12.50 -7.08 10.04
CA ALA A 4 -11.73 -6.77 8.79
C ALA A 4 -12.69 -6.66 7.55
N ALA A 5 -13.70 -5.80 7.66
CA ALA A 5 -14.74 -5.62 6.64
C ALA A 5 -14.13 -5.11 5.29
N PRO A 6 -14.78 -5.41 4.14
CA PRO A 6 -14.18 -4.93 2.89
C PRO A 6 -14.19 -3.40 2.76
N ALA A 7 -13.24 -2.88 1.98
CA ALA A 7 -13.11 -1.44 1.81
C ALA A 7 -12.79 -1.20 0.34
N SER A 8 -13.15 -0.03 -0.18
CA SER A 8 -12.85 0.24 -1.57
C SER A 8 -11.36 0.55 -1.71
N PRO A 9 -10.78 0.39 -2.92
CA PRO A 9 -9.33 0.74 -2.99
C PRO A 9 -9.07 2.23 -2.65
N GLN A 10 -10.00 3.12 -2.98
CA GLN A 10 -9.82 4.55 -2.64
C GLN A 10 -9.83 4.76 -1.12
N GLN A 11 -10.66 4.01 -0.39
CA GLN A 11 -10.71 4.11 1.04
C GLN A 11 -9.40 3.63 1.62
N ILE A 12 -8.93 2.50 1.14
CA ILE A 12 -7.71 1.93 1.67
C ILE A 12 -6.56 2.90 1.49
N ARG A 13 -6.53 3.59 0.35
CA ARG A 13 -5.49 4.58 0.06
C ARG A 13 -5.57 5.78 1.01
N ASP A 14 -6.78 6.13 1.37
CA ASP A 14 -7.01 7.26 2.27
C ASP A 14 -6.53 6.94 3.66
N ARG A 15 -6.79 5.73 4.12
CA ARG A 15 -6.31 5.30 5.47
C ARG A 15 -4.81 5.41 5.55
N LEU A 16 -4.16 5.10 4.44
CA LEU A 16 -2.69 5.18 4.43
C LEU A 16 -2.27 6.63 4.64
N LEU A 17 -2.88 7.55 3.93
CA LEU A 17 -2.50 8.96 4.03
C LEU A 17 -2.77 9.48 5.41
N GLN A 18 -3.77 8.96 6.09
CA GLN A 18 -4.06 9.39 7.47
C GLN A 18 -3.04 8.77 8.43
N ALA A 19 -2.24 7.81 7.98
CA ALA A 19 -1.28 7.13 8.87
C ALA A 19 0.21 7.54 8.60
N ILE A 20 0.42 8.35 7.61
CA ILE A 20 1.75 8.81 7.24
C ILE A 20 1.68 10.31 7.17
N ASP A 21 2.83 10.92 7.16
CA ASP A 21 2.94 12.38 7.01
C ASP A 21 2.94 12.68 5.52
N PRO A 22 2.55 13.89 5.11
CA PRO A 22 2.70 14.14 3.66
C PRO A 22 4.13 13.92 3.09
N GLN A 23 5.16 13.94 3.96
CA GLN A 23 6.54 13.63 3.55
C GLN A 23 6.85 12.13 3.45
N SER A 24 5.79 11.32 3.43
CA SER A 24 5.79 9.84 3.38
C SER A 24 6.44 9.12 4.58
N ASN A 25 6.69 9.81 5.69
CA ASN A 25 7.25 9.13 6.86
C ASN A 25 6.08 8.60 7.78
N ILE A 26 6.38 7.61 8.59
CA ILE A 26 5.38 6.94 9.39
C ILE A 26 4.93 7.84 10.50
N ARG A 27 3.61 7.95 10.68
CA ARG A 27 3.01 8.67 11.81
C ARG A 27 2.30 7.73 12.75
N ASN A 28 1.64 6.72 12.21
CA ASN A 28 0.97 5.70 13.06
C ASN A 28 1.36 4.32 12.53
N MET A 29 2.33 3.67 13.18
CA MET A 29 2.80 2.34 12.74
C MET A 29 1.70 1.27 12.57
N VAL A 30 0.89 1.03 13.63
CA VAL A 30 -0.16 0.06 13.53
C VAL A 30 -1.09 0.34 12.34
N ALA A 31 -1.48 1.61 12.14
CA ALA A 31 -2.43 1.94 11.09
C ALA A 31 -1.87 1.69 9.66
N VAL A 32 -0.59 1.93 9.48
CA VAL A 32 0.10 1.63 8.21
C VAL A 32 0.14 0.11 7.95
N LEU A 33 0.43 -0.66 8.99
CA LEU A 33 0.47 -2.12 8.84
C LEU A 33 -0.92 -2.67 8.50
N GLU A 34 -1.96 -2.12 9.09
CA GLU A 34 -3.36 -2.51 8.81
C GLU A 34 -3.72 -2.27 7.34
N VAL A 35 -3.16 -1.20 6.75
CA VAL A 35 -3.41 -0.90 5.35
C VAL A 35 -2.74 -2.00 4.51
N ILE A 36 -1.52 -2.40 4.83
CA ILE A 36 -0.86 -3.48 4.08
C ILE A 36 -1.72 -4.76 4.21
N SER A 37 -2.25 -5.02 5.39
CA SER A 37 -3.06 -6.21 5.62
C SER A 37 -4.33 -6.15 4.82
N SER A 38 -4.91 -4.97 4.70
CA SER A 38 -6.11 -4.82 3.91
C SER A 38 -5.84 -5.01 2.41
N LEU A 39 -4.76 -4.39 1.87
CA LEU A 39 -4.43 -4.51 0.44
C LEU A 39 -4.09 -5.95 0.03
N GLU A 40 -3.42 -6.68 0.90
CA GLU A 40 -3.07 -8.06 0.62
C GLU A 40 -4.31 -8.94 0.57
N LYS A 41 -5.32 -8.58 1.34
CA LYS A 41 -6.60 -9.29 1.34
C LYS A 41 -7.44 -8.89 0.19
N TYR A 42 -7.41 -7.58 -0.14
CA TYR A 42 -8.24 -7.03 -1.20
C TYR A 42 -7.38 -6.54 -2.34
N PRO A 43 -7.11 -7.37 -3.37
CA PRO A 43 -6.20 -6.87 -4.38
C PRO A 43 -6.75 -5.73 -5.23
N ILE A 44 -5.93 -4.69 -5.35
CA ILE A 44 -6.19 -3.55 -6.21
C ILE A 44 -5.79 -3.87 -7.66
N THR A 45 -6.46 -3.31 -8.64
CA THR A 45 -6.13 -3.61 -10.04
C THR A 45 -5.37 -2.45 -10.65
N LYS A 46 -4.77 -2.68 -11.81
CA LYS A 46 -4.03 -1.61 -12.50
C LYS A 46 -4.88 -0.37 -12.74
N GLU A 47 -6.13 -0.55 -13.06
CA GLU A 47 -7.02 0.58 -13.40
C GLU A 47 -7.23 1.55 -12.24
N ALA A 48 -7.41 0.94 -11.08
CA ALA A 48 -7.59 1.63 -9.81
C ALA A 48 -6.24 2.26 -9.30
N LEU A 49 -5.15 1.57 -9.58
CA LEU A 49 -3.81 2.00 -9.21
C LEU A 49 -3.40 3.32 -9.93
N GLU A 50 -3.99 3.57 -11.08
CA GLU A 50 -3.82 4.84 -11.84
C GLU A 50 -4.36 6.05 -11.09
N GLU A 51 -5.44 5.86 -10.38
CA GLU A 51 -6.07 6.95 -9.65
C GLU A 51 -5.48 7.07 -8.23
N THR A 52 -5.36 5.93 -7.55
CA THR A 52 -4.87 5.91 -6.19
C THR A 52 -3.39 6.18 -6.07
N ARG A 53 -2.66 5.85 -7.15
CA ARG A 53 -1.21 5.94 -7.22
C ARG A 53 -0.58 5.24 -6.02
N LEU A 54 -1.22 4.14 -5.59
CA LEU A 54 -0.76 3.42 -4.38
C LEU A 54 0.63 2.81 -4.56
N GLY A 55 0.96 2.41 -5.77
CA GLY A 55 2.26 1.86 -6.03
C GLY A 55 3.33 2.87 -5.62
N LYS A 56 3.12 4.13 -6.03
CA LYS A 56 4.11 5.19 -5.77
C LYS A 56 4.18 5.43 -4.27
N LEU A 57 3.04 5.47 -3.62
CA LEU A 57 2.98 5.73 -2.17
C LEU A 57 3.69 4.63 -1.40
N ILE A 58 3.33 3.38 -1.69
CA ILE A 58 3.89 2.22 -0.99
C ILE A 58 5.42 2.19 -1.21
N ASN A 59 5.88 2.48 -2.43
CA ASN A 59 7.32 2.44 -2.70
C ASN A 59 8.08 3.48 -1.94
N ASP A 60 7.46 4.62 -1.80
CA ASP A 60 8.06 5.76 -1.11
C ASP A 60 8.14 5.38 0.37
N VAL A 61 7.04 4.91 0.92
CA VAL A 61 6.98 4.51 2.31
C VAL A 61 7.98 3.39 2.60
N ARG A 62 8.11 2.46 1.67
CA ARG A 62 9.07 1.35 1.81
C ARG A 62 10.51 1.86 2.07
N LYS A 63 10.86 2.97 1.46
CA LYS A 63 12.21 3.55 1.61
C LYS A 63 12.30 4.48 2.83
N LYS A 64 11.16 5.11 3.17
CA LYS A 64 11.16 6.02 4.31
C LYS A 64 11.14 5.34 5.66
N THR A 65 10.45 4.20 5.71
CA THR A 65 10.24 3.46 6.95
C THR A 65 11.53 2.91 7.55
N LYS A 66 11.57 2.89 8.88
CA LYS A 66 12.70 2.35 9.63
C LYS A 66 12.38 0.89 9.95
N ASN A 67 11.11 0.60 10.11
CA ASN A 67 10.65 -0.73 10.44
C ASN A 67 10.92 -1.64 9.24
N GLU A 68 11.81 -2.59 9.42
CA GLU A 68 12.14 -3.49 8.32
C GLU A 68 11.01 -4.42 7.95
N GLU A 69 10.13 -4.73 8.91
CA GLU A 69 9.05 -5.69 8.65
C GLU A 69 8.03 -5.05 7.72
N LEU A 70 7.94 -3.74 7.80
CA LEU A 70 7.04 -3.00 6.94
C LEU A 70 7.66 -3.01 5.56
N ALA A 71 8.97 -2.77 5.48
CA ALA A 71 9.67 -2.76 4.21
C ALA A 71 9.50 -4.10 3.44
N LYS A 72 9.68 -5.23 4.12
CA LYS A 72 9.57 -6.53 3.48
C LYS A 72 8.17 -6.78 2.97
N ARG A 73 7.15 -6.48 3.78
CA ARG A 73 5.78 -6.64 3.36
C ARG A 73 5.43 -5.71 2.15
N ALA A 74 5.92 -4.47 2.16
CA ALA A 74 5.75 -3.52 1.05
C ALA A 74 6.40 -4.05 -0.19
N LYS A 75 7.60 -4.58 -0.04
CA LYS A 75 8.34 -5.15 -1.16
C LYS A 75 7.56 -6.28 -1.81
N LYS A 76 6.90 -7.10 -1.00
CA LYS A 76 6.07 -8.19 -1.52
C LYS A 76 4.88 -7.68 -2.30
N LEU A 77 4.19 -6.63 -1.78
CA LEU A 77 3.04 -6.09 -2.48
C LEU A 77 3.43 -5.49 -3.83
N LEU A 78 4.53 -4.74 -3.82
CA LEU A 78 5.02 -4.09 -5.05
C LEU A 78 5.41 -5.13 -6.10
N ARG A 79 5.90 -6.29 -5.63
CA ARG A 79 6.26 -7.35 -6.57
C ARG A 79 5.03 -7.80 -7.33
N SER A 80 3.89 -7.88 -6.63
CA SER A 80 2.67 -8.37 -7.27
C SER A 80 2.13 -7.31 -8.21
N TRP A 81 2.30 -6.05 -7.83
CA TRP A 81 1.76 -4.92 -8.57
C TRP A 81 2.55 -4.66 -9.85
N GLN A 82 3.76 -5.23 -9.91
CA GLN A 82 4.62 -5.10 -11.08
C GLN A 82 3.99 -5.91 -12.21
N LYS A 83 3.30 -6.99 -11.87
CA LYS A 83 2.60 -7.82 -12.86
C LYS A 83 1.40 -7.08 -13.42
N LEU A 84 0.76 -6.23 -12.59
CA LEU A 84 -0.40 -5.44 -13.05
C LEU A 84 0.05 -4.36 -14.05
N ILE A 85 1.03 -3.56 -13.66
CA ILE A 85 1.46 -2.43 -14.48
C ILE A 85 2.18 -2.88 -15.70
N GLU A 86 3.09 -3.86 -15.49
CA GLU A 86 4.00 -4.39 -16.54
C GLU A 86 4.68 -3.21 -17.25
N PRO A 87 5.48 -2.43 -16.48
CA PRO A 87 6.10 -1.29 -17.17
C PRO A 87 7.41 -1.65 -17.90
N ALA A 88 7.88 -0.73 -18.74
CA ALA A 88 9.15 -0.92 -19.45
C ALA A 88 10.31 -0.80 -18.42
N GLY A 89 10.10 0.11 -17.45
CA GLY A 89 11.05 0.34 -16.38
C GLY A 89 10.60 1.42 -15.44
N SER A 90 10.29 2.61 -15.97
CA SER A 90 9.90 3.71 -15.08
C SER A 90 8.49 3.51 -14.50
N SER A 1 -9.85 -14.91 7.75
CA SER A 1 -11.09 -14.22 8.21
C SER A 1 -10.94 -12.74 8.07
N MET A 2 -12.08 -12.04 8.02
CA MET A 2 -12.07 -10.59 7.79
C MET A 2 -11.74 -9.90 9.13
N THR A 3 -10.90 -8.89 9.12
CA THR A 3 -10.54 -8.24 10.35
C THR A 3 -11.72 -7.44 10.85
N ALA A 4 -12.43 -6.85 9.88
CA ALA A 4 -13.59 -6.01 10.17
C ALA A 4 -14.59 -6.09 9.00
N ALA A 5 -14.32 -5.37 7.93
CA ALA A 5 -15.22 -5.36 6.78
C ALA A 5 -14.43 -4.95 5.53
N PRO A 6 -14.90 -5.29 4.33
CA PRO A 6 -14.14 -4.75 3.16
C PRO A 6 -14.28 -3.22 2.94
N ALA A 7 -13.30 -2.62 2.26
CA ALA A 7 -13.33 -1.19 1.94
C ALA A 7 -12.91 -1.05 0.48
N SER A 8 -13.28 0.05 -0.15
CA SER A 8 -12.88 0.32 -1.51
C SER A 8 -11.41 0.69 -1.58
N PRO A 9 -10.75 0.49 -2.74
CA PRO A 9 -9.33 0.81 -2.76
C PRO A 9 -9.01 2.28 -2.46
N GLN A 10 -9.88 3.20 -2.90
CA GLN A 10 -9.67 4.61 -2.64
C GLN A 10 -9.73 4.93 -1.15
N GLN A 11 -10.57 4.20 -0.44
CA GLN A 11 -10.65 4.35 1.00
C GLN A 11 -9.39 3.81 1.69
N ILE A 12 -8.86 2.71 1.21
CA ILE A 12 -7.67 2.10 1.82
C ILE A 12 -6.51 3.08 1.59
N ARG A 13 -6.46 3.67 0.41
CA ARG A 13 -5.47 4.71 0.09
C ARG A 13 -5.63 5.89 1.04
N ASP A 14 -6.86 6.27 1.28
CA ASP A 14 -7.08 7.39 2.15
C ASP A 14 -6.55 7.07 3.56
N ARG A 15 -6.77 5.86 4.01
CA ARG A 15 -6.33 5.48 5.34
C ARG A 15 -4.83 5.53 5.49
N LEU A 16 -4.17 5.19 4.41
CA LEU A 16 -2.72 5.20 4.39
C LEU A 16 -2.27 6.65 4.55
N LEU A 17 -2.85 7.55 3.76
CA LEU A 17 -2.46 8.97 3.81
C LEU A 17 -2.65 9.52 5.20
N GLN A 18 -3.71 9.08 5.87
CA GLN A 18 -3.98 9.54 7.24
C GLN A 18 -3.06 8.88 8.30
N ALA A 19 -2.24 7.93 7.91
CA ALA A 19 -1.31 7.28 8.84
C ALA A 19 0.19 7.62 8.57
N ILE A 20 0.42 8.40 7.53
CA ILE A 20 1.75 8.81 7.20
C ILE A 20 1.82 10.36 7.06
N ASP A 21 3.03 10.87 7.15
CA ASP A 21 3.30 12.30 6.92
C ASP A 21 3.21 12.46 5.41
N PRO A 22 2.93 13.67 4.88
CA PRO A 22 2.96 13.76 3.40
C PRO A 22 4.28 13.35 2.77
N GLN A 23 5.37 13.43 3.54
CA GLN A 23 6.71 12.98 3.02
C GLN A 23 6.88 11.46 3.17
N SER A 24 5.79 10.75 3.42
CA SER A 24 5.72 9.28 3.59
C SER A 24 6.39 8.76 4.88
N ASN A 25 6.87 9.63 5.77
CA ASN A 25 7.45 9.19 7.02
C ASN A 25 6.32 8.65 7.90
N ILE A 26 6.57 7.57 8.59
CA ILE A 26 5.51 6.92 9.38
C ILE A 26 5.00 7.86 10.50
N ARG A 27 3.68 7.91 10.70
CA ARG A 27 3.12 8.67 11.85
C ARG A 27 2.26 7.76 12.75
N ASN A 28 1.59 6.79 12.17
CA ASN A 28 0.85 5.75 12.94
C ASN A 28 1.16 4.36 12.36
N MET A 29 2.21 3.71 12.86
CA MET A 29 2.65 2.42 12.24
C MET A 29 1.62 1.29 12.20
N VAL A 30 0.85 1.10 13.29
CA VAL A 30 -0.14 0.00 13.30
C VAL A 30 -1.17 0.18 12.22
N ALA A 31 -1.57 1.42 11.96
CA ALA A 31 -2.53 1.70 10.88
C ALA A 31 -1.92 1.46 9.49
N VAL A 32 -0.62 1.70 9.32
CA VAL A 32 0.05 1.42 8.04
C VAL A 32 0.14 -0.08 7.84
N LEU A 33 0.53 -0.83 8.88
CA LEU A 33 0.59 -2.26 8.74
C LEU A 33 -0.78 -2.84 8.44
N GLU A 34 -1.82 -2.28 8.97
CA GLU A 34 -3.17 -2.73 8.70
C GLU A 34 -3.55 -2.46 7.25
N VAL A 35 -3.07 -1.34 6.72
CA VAL A 35 -3.30 -1.01 5.33
C VAL A 35 -2.61 -2.07 4.42
N ILE A 36 -1.39 -2.50 4.76
CA ILE A 36 -0.74 -3.57 3.99
C ILE A 36 -1.61 -4.83 4.09
N SER A 37 -2.16 -5.10 5.27
CA SER A 37 -2.98 -6.29 5.47
C SER A 37 -4.31 -6.23 4.73
N SER A 38 -4.81 -5.00 4.54
CA SER A 38 -6.02 -4.76 3.78
C SER A 38 -5.75 -4.98 2.29
N LEU A 39 -4.65 -4.45 1.77
CA LEU A 39 -4.39 -4.59 0.34
C LEU A 39 -4.04 -6.06 -0.04
N GLU A 40 -3.46 -6.79 0.90
CA GLU A 40 -3.21 -8.22 0.69
C GLU A 40 -4.53 -9.00 0.63
N LYS A 41 -5.46 -8.65 1.52
CA LYS A 41 -6.77 -9.30 1.55
C LYS A 41 -7.71 -8.88 0.44
N TYR A 42 -7.57 -7.63 0.05
CA TYR A 42 -8.39 -7.03 -0.99
C TYR A 42 -7.50 -6.55 -2.14
N PRO A 43 -7.15 -7.46 -3.07
CA PRO A 43 -6.27 -7.04 -4.17
C PRO A 43 -6.86 -5.94 -5.00
N ILE A 44 -6.05 -4.94 -5.28
CA ILE A 44 -6.39 -3.76 -6.08
C ILE A 44 -6.08 -4.19 -7.52
N THR A 45 -6.67 -3.52 -8.51
CA THR A 45 -6.43 -3.83 -9.93
C THR A 45 -5.48 -2.78 -10.49
N LYS A 46 -4.88 -3.06 -11.63
CA LYS A 46 -3.96 -2.11 -12.30
C LYS A 46 -4.69 -0.83 -12.69
N GLU A 47 -5.98 -0.92 -12.99
CA GLU A 47 -6.76 0.27 -13.38
C GLU A 47 -6.98 1.18 -12.16
N ALA A 48 -7.26 0.59 -11.02
CA ALA A 48 -7.44 1.36 -9.80
C ALA A 48 -6.10 1.94 -9.32
N LEU A 49 -5.01 1.27 -9.63
CA LEU A 49 -3.66 1.74 -9.21
C LEU A 49 -3.42 3.14 -9.79
N GLU A 50 -3.95 3.39 -10.98
CA GLU A 50 -3.78 4.66 -11.64
C GLU A 50 -4.44 5.80 -10.87
N GLU A 51 -5.59 5.53 -10.22
CA GLU A 51 -6.34 6.58 -9.49
C GLU A 51 -5.80 6.84 -8.09
N THR A 52 -5.42 5.73 -7.47
CA THR A 52 -4.96 5.72 -6.11
C THR A 52 -3.51 6.10 -6.00
N ARG A 53 -2.75 5.84 -7.06
CA ARG A 53 -1.29 6.09 -7.07
C ARG A 53 -0.60 5.35 -5.93
N LEU A 54 -1.21 4.27 -5.51
CA LEU A 54 -0.72 3.46 -4.40
C LEU A 54 0.67 2.87 -4.62
N GLY A 55 0.98 2.47 -5.85
CA GLY A 55 2.32 1.97 -6.07
C GLY A 55 3.36 3.01 -5.74
N LYS A 56 3.07 4.27 -6.02
CA LYS A 56 4.03 5.32 -5.73
C LYS A 56 4.16 5.50 -4.25
N LEU A 57 3.01 5.56 -3.57
CA LEU A 57 2.97 5.78 -2.11
C LEU A 57 3.66 4.66 -1.31
N ILE A 58 3.30 3.42 -1.61
CA ILE A 58 3.88 2.27 -0.86
C ILE A 58 5.36 2.24 -1.07
N ASN A 59 5.82 2.55 -2.28
CA ASN A 59 7.28 2.50 -2.54
C ASN A 59 8.04 3.55 -1.81
N ASP A 60 7.43 4.70 -1.61
CA ASP A 60 8.05 5.78 -0.91
C ASP A 60 8.09 5.49 0.61
N VAL A 61 6.99 5.00 1.14
CA VAL A 61 6.91 4.60 2.54
C VAL A 61 7.93 3.49 2.84
N ARG A 62 8.14 2.60 1.89
CA ARG A 62 9.09 1.50 2.05
C ARG A 62 10.48 2.05 2.40
N LYS A 63 10.86 3.16 1.78
CA LYS A 63 12.19 3.76 1.93
C LYS A 63 12.34 4.57 3.20
N LYS A 64 11.23 5.13 3.66
CA LYS A 64 11.21 6.00 4.81
C LYS A 64 11.12 5.32 6.17
N THR A 65 10.56 4.12 6.18
CA THR A 65 10.35 3.42 7.45
C THR A 65 11.60 2.66 7.87
N LYS A 66 11.85 2.55 9.18
CA LYS A 66 13.00 1.83 9.68
C LYS A 66 12.57 0.41 10.03
N ASN A 67 11.27 0.16 10.03
CA ASN A 67 10.76 -1.17 10.36
C ASN A 67 10.98 -2.10 9.15
N GLU A 68 11.93 -3.04 9.28
CA GLU A 68 12.25 -3.97 8.17
C GLU A 68 11.09 -4.87 7.74
N GLU A 69 10.20 -5.17 8.66
CA GLU A 69 9.01 -6.00 8.37
C GLU A 69 8.11 -5.29 7.41
N LEU A 70 7.91 -4.02 7.70
CA LEU A 70 7.04 -3.20 6.91
C LEU A 70 7.63 -3.13 5.55
N ALA A 71 8.94 -2.84 5.48
CA ALA A 71 9.61 -2.68 4.19
C ALA A 71 9.55 -3.95 3.33
N LYS A 72 9.81 -5.11 3.89
CA LYS A 72 9.78 -6.35 3.13
C LYS A 72 8.39 -6.61 2.64
N ARG A 73 7.40 -6.50 3.53
CA ARG A 73 6.00 -6.70 3.12
C ARG A 73 5.61 -5.71 2.06
N ALA A 74 6.00 -4.45 2.19
CA ALA A 74 5.71 -3.44 1.15
C ALA A 74 6.31 -3.85 -0.21
N LYS A 75 7.51 -4.39 -0.19
CA LYS A 75 8.19 -4.78 -1.42
C LYS A 75 7.51 -5.98 -2.05
N LYS A 76 6.97 -6.87 -1.22
CA LYS A 76 6.25 -8.04 -1.77
C LYS A 76 4.93 -7.61 -2.38
N LEU A 77 4.26 -6.63 -1.75
CA LEU A 77 3.03 -6.09 -2.32
C LEU A 77 3.33 -5.39 -3.64
N LEU A 78 4.42 -4.63 -3.68
CA LEU A 78 4.80 -3.93 -4.90
C LEU A 78 5.11 -4.95 -6.03
N ARG A 79 5.73 -6.07 -5.69
CA ARG A 79 6.09 -7.10 -6.69
C ARG A 79 4.83 -7.70 -7.31
N SER A 80 3.76 -7.89 -6.54
CA SER A 80 2.48 -8.34 -7.11
C SER A 80 1.99 -7.27 -8.09
N TRP A 81 2.15 -5.99 -7.73
CA TRP A 81 1.69 -4.91 -8.57
C TRP A 81 2.55 -4.77 -9.83
N GLN A 82 3.76 -5.31 -9.84
CA GLN A 82 4.56 -5.28 -11.04
C GLN A 82 3.92 -6.24 -12.03
N LYS A 83 3.38 -7.35 -11.53
CA LYS A 83 2.77 -8.36 -12.43
C LYS A 83 1.37 -7.90 -12.83
N LEU A 84 0.76 -7.03 -12.04
CA LEU A 84 -0.52 -6.42 -12.41
C LEU A 84 -0.40 -5.71 -13.73
N ILE A 85 0.59 -4.80 -13.85
CA ILE A 85 0.80 -4.02 -15.08
C ILE A 85 1.52 -4.83 -16.13
N GLU A 86 2.53 -5.55 -15.67
CA GLU A 86 3.39 -6.39 -16.50
C GLU A 86 3.97 -5.63 -17.73
N PRO A 87 4.79 -4.58 -17.49
CA PRO A 87 5.33 -3.85 -18.62
C PRO A 87 6.43 -4.63 -19.30
N ALA A 88 6.61 -4.32 -20.57
CA ALA A 88 7.65 -4.96 -21.36
C ALA A 88 8.99 -4.35 -21.00
N GLY A 89 10.05 -5.07 -21.26
CA GLY A 89 11.37 -4.60 -20.92
C GLY A 89 11.59 -4.70 -19.43
N SER A 90 12.72 -4.20 -18.96
CA SER A 90 13.05 -4.16 -17.52
C SER A 90 12.23 -3.08 -16.82
N SER A 1 -9.70 -10.99 10.31
CA SER A 1 -10.62 -9.94 10.76
C SER A 1 -12.01 -10.49 10.77
N MET A 2 -12.83 -10.15 11.75
CA MET A 2 -14.23 -10.63 11.81
C MET A 2 -15.01 -10.11 10.61
N THR A 3 -14.61 -8.95 10.13
CA THR A 3 -15.29 -8.32 9.01
C THR A 3 -14.52 -8.81 7.76
N ALA A 4 -15.20 -9.46 6.84
CA ALA A 4 -14.56 -9.97 5.61
C ALA A 4 -14.91 -9.06 4.42
N ALA A 5 -15.91 -8.17 4.57
CA ALA A 5 -16.34 -7.26 3.53
C ALA A 5 -15.18 -6.34 3.11
N PRO A 6 -14.97 -6.12 1.82
CA PRO A 6 -13.87 -5.28 1.36
C PRO A 6 -14.21 -3.80 1.42
N ALA A 7 -13.19 -2.98 1.18
CA ALA A 7 -13.34 -1.51 1.10
C ALA A 7 -12.98 -1.10 -0.32
N SER A 8 -13.31 0.13 -0.69
CA SER A 8 -12.95 0.60 -2.03
C SER A 8 -11.45 0.87 -1.98
N PRO A 9 -10.77 0.79 -3.11
CA PRO A 9 -9.33 1.06 -3.05
C PRO A 9 -9.04 2.49 -2.66
N GLN A 10 -9.99 3.39 -2.81
CA GLN A 10 -9.79 4.80 -2.46
C GLN A 10 -9.82 4.93 -0.91
N GLN A 11 -10.70 4.16 -0.27
CA GLN A 11 -10.83 4.20 1.18
C GLN A 11 -9.54 3.72 1.79
N ILE A 12 -9.01 2.65 1.24
CA ILE A 12 -7.75 2.07 1.74
C ILE A 12 -6.60 3.07 1.52
N ARG A 13 -6.56 3.69 0.33
CA ARG A 13 -5.58 4.70 -0.05
C ARG A 13 -5.63 5.88 0.97
N ASP A 14 -6.82 6.27 1.38
CA ASP A 14 -7.04 7.40 2.29
C ASP A 14 -6.58 7.04 3.72
N ARG A 15 -6.74 5.78 4.11
CA ARG A 15 -6.32 5.34 5.45
C ARG A 15 -4.83 5.37 5.55
N LEU A 16 -4.14 5.05 4.43
CA LEU A 16 -2.68 5.19 4.38
C LEU A 16 -2.28 6.64 4.55
N LEU A 17 -2.93 7.53 3.81
CA LEU A 17 -2.66 8.97 3.89
C LEU A 17 -3.00 9.55 5.27
N GLN A 18 -3.97 8.96 6.00
CA GLN A 18 -4.26 9.39 7.37
C GLN A 18 -3.23 8.85 8.35
N ALA A 19 -2.32 7.99 7.89
CA ALA A 19 -1.34 7.35 8.79
C ALA A 19 0.11 7.69 8.55
N ILE A 20 0.37 8.47 7.49
CA ILE A 20 1.73 8.92 7.16
C ILE A 20 1.76 10.46 7.07
N ASP A 21 2.95 10.99 7.17
CA ASP A 21 3.19 12.40 7.05
C ASP A 21 3.26 12.76 5.55
N PRO A 22 3.01 14.02 5.18
CA PRO A 22 3.24 14.36 3.76
C PRO A 22 4.66 14.05 3.28
N GLN A 23 5.64 13.88 4.17
CA GLN A 23 7.03 13.49 3.80
C GLN A 23 7.18 11.94 3.73
N SER A 24 6.03 11.24 3.83
CA SER A 24 5.94 9.78 3.80
C SER A 24 6.56 9.13 5.01
N ASN A 25 6.82 9.94 6.05
CA ASN A 25 7.35 9.42 7.30
C ASN A 25 6.13 8.77 7.99
N ILE A 26 6.38 7.68 8.73
CA ILE A 26 5.30 6.96 9.44
C ILE A 26 4.80 7.86 10.58
N ARG A 27 3.52 8.07 10.69
CA ARG A 27 2.93 8.75 11.88
C ARG A 27 2.25 7.71 12.74
N ASN A 28 1.55 6.79 12.07
CA ASN A 28 0.83 5.75 12.78
C ASN A 28 1.15 4.33 12.26
N MET A 29 2.14 3.69 12.90
CA MET A 29 2.65 2.41 12.51
C MET A 29 1.54 1.36 12.48
N VAL A 30 0.74 1.31 13.56
CA VAL A 30 -0.29 0.28 13.68
C VAL A 30 -1.33 0.45 12.56
N ALA A 31 -1.67 1.68 12.22
CA ALA A 31 -2.58 1.92 11.12
C ALA A 31 -1.86 1.66 9.76
N VAL A 32 -0.59 1.92 9.58
CA VAL A 32 0.04 1.65 8.27
C VAL A 32 0.13 0.16 8.00
N LEU A 33 0.44 -0.63 9.04
CA LEU A 33 0.53 -2.08 8.87
C LEU A 33 -0.83 -2.66 8.57
N GLU A 34 -1.87 -2.02 9.06
CA GLU A 34 -3.25 -2.45 8.80
C GLU A 34 -3.57 -2.24 7.33
N VAL A 35 -3.00 -1.22 6.74
CA VAL A 35 -3.23 -0.95 5.34
C VAL A 35 -2.58 -2.02 4.48
N ILE A 36 -1.38 -2.39 4.86
CA ILE A 36 -0.65 -3.43 4.14
C ILE A 36 -1.45 -4.70 4.23
N SER A 37 -1.97 -4.99 5.42
CA SER A 37 -2.76 -6.21 5.67
C SER A 37 -4.06 -6.20 4.88
N SER A 38 -4.62 -5.00 4.70
CA SER A 38 -5.84 -4.85 3.93
C SER A 38 -5.60 -5.09 2.44
N LEU A 39 -4.53 -4.55 1.88
CA LEU A 39 -4.26 -4.77 0.45
C LEU A 39 -3.85 -6.20 0.18
N GLU A 40 -3.24 -6.85 1.18
CA GLU A 40 -2.93 -8.29 1.09
C GLU A 40 -4.22 -9.10 0.93
N LYS A 41 -5.25 -8.70 1.69
CA LYS A 41 -6.52 -9.40 1.70
C LYS A 41 -7.38 -9.03 0.50
N TYR A 42 -7.31 -7.74 0.14
CA TYR A 42 -8.10 -7.17 -0.92
C TYR A 42 -7.20 -6.60 -2.01
N PRO A 43 -6.88 -7.42 -3.04
CA PRO A 43 -6.00 -6.96 -4.15
C PRO A 43 -6.64 -5.84 -4.98
N ILE A 44 -5.82 -4.98 -5.61
CA ILE A 44 -6.29 -3.79 -6.34
C ILE A 44 -5.97 -4.02 -7.82
N THR A 45 -6.80 -3.45 -8.70
CA THR A 45 -6.63 -3.61 -10.19
C THR A 45 -5.61 -2.58 -10.67
N LYS A 46 -5.02 -2.79 -11.83
CA LYS A 46 -4.06 -1.82 -12.39
C LYS A 46 -4.69 -0.46 -12.62
N GLU A 47 -5.93 -0.45 -13.01
CA GLU A 47 -6.67 0.78 -13.34
C GLU A 47 -6.87 1.59 -12.04
N ALA A 48 -7.22 0.89 -10.96
CA ALA A 48 -7.46 1.60 -9.70
C ALA A 48 -6.12 2.06 -9.08
N LEU A 49 -5.05 1.28 -9.32
CA LEU A 49 -3.69 1.66 -8.88
C LEU A 49 -3.24 3.01 -9.41
N GLU A 50 -3.58 3.33 -10.65
CA GLU A 50 -3.16 4.63 -11.26
C GLU A 50 -3.91 5.78 -10.64
N GLU A 51 -5.17 5.56 -10.24
CA GLU A 51 -5.92 6.65 -9.61
C GLU A 51 -5.47 6.87 -8.17
N THR A 52 -5.22 5.77 -7.46
CA THR A 52 -4.79 5.86 -6.08
C THR A 52 -3.31 6.23 -5.93
N ARG A 53 -2.53 5.98 -6.97
CA ARG A 53 -1.07 6.11 -6.95
C ARG A 53 -0.54 5.34 -5.76
N LEU A 54 -1.26 4.25 -5.41
CA LEU A 54 -0.88 3.45 -4.26
C LEU A 54 0.47 2.83 -4.46
N GLY A 55 0.75 2.43 -5.68
CA GLY A 55 2.04 1.78 -5.97
C GLY A 55 3.18 2.73 -5.73
N LYS A 56 2.93 3.98 -6.06
CA LYS A 56 3.93 5.03 -5.92
C LYS A 56 4.13 5.36 -4.44
N LEU A 57 3.02 5.40 -3.72
CA LEU A 57 3.01 5.71 -2.29
C LEU A 57 3.69 4.63 -1.45
N ILE A 58 3.34 3.37 -1.71
CA ILE A 58 3.88 2.24 -0.91
C ILE A 58 5.39 2.13 -1.14
N ASN A 59 5.83 2.41 -2.34
CA ASN A 59 7.25 2.34 -2.61
C ASN A 59 8.03 3.35 -1.84
N ASP A 60 7.48 4.56 -1.77
CA ASP A 60 8.12 5.69 -1.09
C ASP A 60 8.16 5.39 0.46
N VAL A 61 7.05 4.91 0.97
CA VAL A 61 6.92 4.53 2.41
C VAL A 61 7.91 3.39 2.74
N ARG A 62 8.12 2.48 1.79
CA ARG A 62 9.09 1.38 1.99
C ARG A 62 10.50 1.94 2.26
N LYS A 63 10.83 3.05 1.64
CA LYS A 63 12.13 3.67 1.79
C LYS A 63 12.17 4.51 3.07
N LYS A 64 11.03 5.15 3.42
CA LYS A 64 10.99 6.03 4.62
C LYS A 64 10.88 5.31 5.93
N THR A 65 10.28 4.12 5.95
CA THR A 65 10.15 3.44 7.23
C THR A 65 11.44 2.75 7.61
N LYS A 66 11.71 2.66 8.91
CA LYS A 66 12.89 1.93 9.43
C LYS A 66 12.48 0.51 9.81
N ASN A 67 11.18 0.23 9.74
CA ASN A 67 10.65 -1.06 10.13
C ASN A 67 10.96 -2.07 9.02
N GLU A 68 11.89 -2.95 9.24
CA GLU A 68 12.29 -3.95 8.25
C GLU A 68 11.14 -4.81 7.75
N GLU A 69 10.25 -5.18 8.64
CA GLU A 69 9.10 -6.03 8.32
C GLU A 69 8.14 -5.29 7.38
N LEU A 70 7.90 -4.06 7.62
CA LEU A 70 6.99 -3.29 6.78
C LEU A 70 7.65 -3.17 5.41
N ALA A 71 8.95 -2.92 5.42
CA ALA A 71 9.68 -2.80 4.17
C ALA A 71 9.58 -4.11 3.38
N LYS A 72 9.73 -5.24 4.00
CA LYS A 72 9.69 -6.54 3.28
C LYS A 72 8.30 -6.87 2.76
N ARG A 73 7.26 -6.52 3.52
CA ARG A 73 5.91 -6.78 3.08
C ARG A 73 5.60 -5.89 1.91
N ALA A 74 6.06 -4.66 2.02
CA ALA A 74 5.79 -3.68 0.96
C ALA A 74 6.45 -4.12 -0.36
N LYS A 75 7.65 -4.70 -0.29
CA LYS A 75 8.38 -5.15 -1.47
C LYS A 75 7.61 -6.29 -2.14
N LYS A 76 7.09 -7.24 -1.36
CA LYS A 76 6.34 -8.34 -1.95
C LYS A 76 5.09 -7.86 -2.60
N LEU A 77 4.44 -6.92 -1.94
CA LEU A 77 3.21 -6.32 -2.44
C LEU A 77 3.46 -5.56 -3.77
N LEU A 78 4.55 -4.82 -3.85
CA LEU A 78 4.88 -4.08 -5.08
C LEU A 78 5.27 -5.03 -6.21
N ARG A 79 5.86 -6.16 -5.91
CA ARG A 79 6.19 -7.18 -6.93
C ARG A 79 4.90 -7.69 -7.58
N SER A 80 3.87 -7.87 -6.77
CA SER A 80 2.62 -8.33 -7.29
C SER A 80 1.98 -7.30 -8.21
N TRP A 81 2.13 -6.03 -7.80
CA TRP A 81 1.58 -4.88 -8.51
C TRP A 81 2.31 -4.60 -9.83
N GLN A 82 3.61 -4.85 -9.89
CA GLN A 82 4.35 -4.70 -11.15
C GLN A 82 3.82 -5.65 -12.22
N LYS A 83 3.31 -6.80 -11.82
CA LYS A 83 2.70 -7.77 -12.77
C LYS A 83 1.39 -7.18 -13.28
N LEU A 84 0.70 -6.42 -12.44
CA LEU A 84 -0.58 -5.80 -12.84
C LEU A 84 -0.42 -4.67 -13.81
N ILE A 85 0.51 -3.79 -13.45
CA ILE A 85 0.69 -2.56 -14.19
C ILE A 85 1.34 -2.78 -15.50
N GLU A 86 2.30 -3.70 -15.52
CA GLU A 86 3.08 -4.03 -16.73
C GLU A 86 3.74 -2.77 -17.32
N PRO A 87 4.65 -2.10 -16.58
CA PRO A 87 5.21 -0.84 -17.08
C PRO A 87 6.28 -0.93 -18.18
N ALA A 88 6.50 -2.14 -18.70
CA ALA A 88 7.54 -2.40 -19.72
C ALA A 88 8.93 -1.99 -19.19
N GLY A 89 9.22 -2.44 -17.97
CA GLY A 89 10.43 -2.05 -17.28
C GLY A 89 11.51 -3.12 -17.51
N SER A 90 12.71 -2.92 -16.99
CA SER A 90 13.79 -3.92 -17.14
C SER A 90 13.62 -5.01 -16.04
N SER A 1 -15.59 -14.68 12.17
CA SER A 1 -16.02 -13.79 11.06
C SER A 1 -15.04 -13.89 9.91
N MET A 2 -15.26 -13.19 8.80
CA MET A 2 -14.32 -13.22 7.65
C MET A 2 -13.20 -12.17 7.77
N THR A 3 -13.06 -11.58 8.95
CA THR A 3 -12.07 -10.54 9.21
C THR A 3 -12.28 -9.36 8.25
N ALA A 4 -13.52 -8.83 8.31
CA ALA A 4 -14.00 -7.67 7.58
C ALA A 4 -14.12 -7.82 6.04
N ALA A 5 -15.16 -7.15 5.56
CA ALA A 5 -15.50 -7.17 4.15
C ALA A 5 -14.52 -6.22 3.44
N PRO A 6 -14.43 -6.30 2.09
CA PRO A 6 -13.46 -5.39 1.46
C PRO A 6 -13.85 -3.95 1.56
N ALA A 7 -12.85 -3.12 1.43
CA ALA A 7 -13.00 -1.66 1.43
C ALA A 7 -12.59 -1.17 -0.01
N SER A 8 -13.09 -0.05 -0.51
CA SER A 8 -12.76 0.32 -1.89
C SER A 8 -11.27 0.67 -1.91
N PRO A 9 -10.62 0.56 -3.11
CA PRO A 9 -9.20 0.96 -3.08
C PRO A 9 -8.90 2.40 -2.70
N GLN A 10 -9.84 3.30 -2.97
CA GLN A 10 -9.68 4.69 -2.58
C GLN A 10 -9.76 4.87 -1.08
N GLN A 11 -10.62 4.09 -0.41
CA GLN A 11 -10.77 4.17 1.06
C GLN A 11 -9.51 3.62 1.73
N ILE A 12 -8.99 2.53 1.19
CA ILE A 12 -7.75 1.94 1.69
C ILE A 12 -6.59 2.94 1.53
N ARG A 13 -6.49 3.53 0.35
CA ARG A 13 -5.47 4.58 0.10
C ARG A 13 -5.61 5.76 1.05
N ASP A 14 -6.83 6.12 1.42
CA ASP A 14 -7.09 7.27 2.29
C ASP A 14 -6.59 7.00 3.69
N ARG A 15 -6.82 5.79 4.18
CA ARG A 15 -6.34 5.43 5.52
C ARG A 15 -4.80 5.59 5.55
N LEU A 16 -4.13 5.27 4.46
CA LEU A 16 -2.67 5.35 4.39
C LEU A 16 -2.18 6.74 4.56
N LEU A 17 -2.78 7.65 3.81
CA LEU A 17 -2.38 9.05 3.89
C LEU A 17 -2.65 9.55 5.31
N GLN A 18 -3.70 9.10 5.97
CA GLN A 18 -3.97 9.61 7.32
C GLN A 18 -2.91 9.12 8.32
N ALA A 19 -2.35 7.94 8.04
CA ALA A 19 -1.40 7.28 8.93
C ALA A 19 0.09 7.66 8.69
N ILE A 20 0.38 8.44 7.65
CA ILE A 20 1.73 8.85 7.34
C ILE A 20 1.86 10.39 7.29
N ASP A 21 3.07 10.90 7.19
CA ASP A 21 3.31 12.32 7.01
C ASP A 21 3.30 12.50 5.52
N PRO A 22 3.03 13.71 5.00
CA PRO A 22 3.21 13.89 3.55
C PRO A 22 4.61 13.51 3.04
N GLN A 23 5.63 13.54 3.89
CA GLN A 23 6.99 13.19 3.50
C GLN A 23 7.24 11.66 3.48
N SER A 24 6.15 10.90 3.65
CA SER A 24 6.08 9.41 3.64
C SER A 24 6.70 8.79 4.89
N ASN A 25 6.92 9.61 5.91
CA ASN A 25 7.45 9.12 7.18
C ASN A 25 6.29 8.64 8.02
N ILE A 26 6.51 7.61 8.84
CA ILE A 26 5.39 7.00 9.56
C ILE A 26 4.86 7.88 10.71
N ARG A 27 3.53 8.00 10.84
CA ARG A 27 2.92 8.72 11.99
C ARG A 27 2.17 7.75 12.85
N ASN A 28 1.47 6.81 12.25
CA ASN A 28 0.71 5.78 12.98
C ASN A 28 1.02 4.38 12.46
N MET A 29 2.07 3.79 12.96
CA MET A 29 2.56 2.45 12.51
C MET A 29 1.48 1.35 12.50
N VAL A 30 0.65 1.28 13.55
CA VAL A 30 -0.37 0.23 13.60
C VAL A 30 -1.35 0.36 12.43
N ALA A 31 -1.61 1.58 12.04
CA ALA A 31 -2.50 1.88 10.95
C ALA A 31 -1.85 1.58 9.62
N VAL A 32 -0.59 1.89 9.49
CA VAL A 32 0.06 1.62 8.25
C VAL A 32 0.15 0.10 7.98
N LEU A 33 0.45 -0.68 8.99
CA LEU A 33 0.54 -2.12 8.85
C LEU A 33 -0.86 -2.68 8.53
N GLU A 34 -1.92 -2.07 9.08
CA GLU A 34 -3.31 -2.50 8.82
C GLU A 34 -3.61 -2.30 7.35
N VAL A 35 -3.14 -1.21 6.75
CA VAL A 35 -3.35 -0.95 5.35
C VAL A 35 -2.68 -2.03 4.51
N ILE A 36 -1.43 -2.36 4.84
CA ILE A 36 -0.67 -3.40 4.13
C ILE A 36 -1.43 -4.70 4.27
N SER A 37 -1.92 -5.02 5.45
CA SER A 37 -2.66 -6.25 5.61
C SER A 37 -3.91 -6.25 4.77
N SER A 38 -4.57 -5.09 4.71
CA SER A 38 -5.80 -4.97 3.94
C SER A 38 -5.60 -5.07 2.44
N LEU A 39 -4.49 -4.55 1.93
CA LEU A 39 -4.21 -4.61 0.48
C LEU A 39 -3.86 -6.06 0.11
N GLU A 40 -3.17 -6.74 0.98
CA GLU A 40 -2.89 -8.18 0.76
C GLU A 40 -4.23 -8.91 0.65
N LYS A 41 -5.17 -8.53 1.51
CA LYS A 41 -6.47 -9.24 1.56
C LYS A 41 -7.43 -8.86 0.45
N TYR A 42 -7.38 -7.60 0.05
CA TYR A 42 -8.27 -7.01 -0.95
C TYR A 42 -7.38 -6.59 -2.14
N PRO A 43 -7.21 -7.44 -3.14
CA PRO A 43 -6.33 -7.04 -4.26
C PRO A 43 -6.82 -5.85 -5.10
N ILE A 44 -5.92 -4.91 -5.35
CA ILE A 44 -6.24 -3.73 -6.12
C ILE A 44 -5.90 -3.99 -7.57
N THR A 45 -6.53 -3.31 -8.52
CA THR A 45 -6.28 -3.58 -9.93
C THR A 45 -5.30 -2.58 -10.53
N LYS A 46 -4.68 -2.87 -11.68
CA LYS A 46 -3.79 -1.85 -12.30
C LYS A 46 -4.54 -0.58 -12.67
N GLU A 47 -5.83 -0.78 -12.96
CA GLU A 47 -6.73 0.31 -13.33
C GLU A 47 -6.91 1.27 -12.14
N ALA A 48 -7.13 0.72 -10.97
CA ALA A 48 -7.32 1.52 -9.76
C ALA A 48 -6.01 2.14 -9.29
N LEU A 49 -4.89 1.47 -9.58
CA LEU A 49 -3.57 1.98 -9.21
C LEU A 49 -3.31 3.34 -9.94
N GLU A 50 -3.78 3.53 -11.15
CA GLU A 50 -3.66 4.81 -11.88
C GLU A 50 -4.22 6.01 -11.12
N GLU A 51 -5.40 5.82 -10.49
CA GLU A 51 -6.10 6.84 -9.70
C GLU A 51 -5.56 7.01 -8.27
N THR A 52 -5.32 5.87 -7.60
CA THR A 52 -4.93 5.89 -6.19
C THR A 52 -3.45 6.18 -6.01
N ARG A 53 -2.72 5.93 -7.06
CA ARG A 53 -1.28 6.05 -7.13
C ARG A 53 -0.61 5.25 -6.01
N LEU A 54 -1.31 4.26 -5.53
CA LEU A 54 -0.86 3.43 -4.42
C LEU A 54 0.51 2.79 -4.64
N GLY A 55 0.85 2.37 -5.87
CA GLY A 55 2.22 1.83 -6.10
C GLY A 55 3.30 2.85 -5.72
N LYS A 56 3.08 4.10 -6.04
CA LYS A 56 4.00 5.20 -5.68
C LYS A 56 4.05 5.34 -4.20
N LEU A 57 2.86 5.47 -3.58
CA LEU A 57 2.79 5.65 -2.14
C LEU A 57 3.49 4.53 -1.35
N ILE A 58 3.17 3.29 -1.66
CA ILE A 58 3.77 2.19 -0.93
C ILE A 58 5.30 2.20 -1.12
N ASN A 59 5.75 2.47 -2.32
CA ASN A 59 7.20 2.41 -2.56
C ASN A 59 7.95 3.55 -1.82
N ASP A 60 7.32 4.71 -1.70
CA ASP A 60 7.94 5.84 -1.03
C ASP A 60 7.99 5.55 0.46
N VAL A 61 6.91 4.98 1.00
CA VAL A 61 6.88 4.58 2.42
C VAL A 61 7.94 3.54 2.67
N ARG A 62 8.04 2.57 1.76
CA ARG A 62 8.98 1.42 1.92
C ARG A 62 10.42 1.88 2.10
N LYS A 63 10.80 2.93 1.39
CA LYS A 63 12.20 3.40 1.46
C LYS A 63 12.41 4.35 2.65
N LYS A 64 11.32 4.97 3.10
CA LYS A 64 11.37 5.91 4.24
C LYS A 64 11.35 5.20 5.61
N THR A 65 10.62 4.11 5.74
CA THR A 65 10.49 3.42 7.03
C THR A 65 11.78 2.77 7.55
N LYS A 66 11.98 2.87 8.85
CA LYS A 66 13.13 2.22 9.46
C LYS A 66 12.82 0.76 9.80
N ASN A 67 11.59 0.38 9.61
CA ASN A 67 11.11 -0.94 9.96
C ASN A 67 11.19 -1.90 8.76
N GLU A 68 12.12 -2.87 8.90
CA GLU A 68 12.36 -3.88 7.87
C GLU A 68 11.12 -4.76 7.63
N GLU A 69 10.37 -5.11 8.69
CA GLU A 69 9.17 -5.94 8.53
C GLU A 69 8.18 -5.29 7.56
N LEU A 70 8.04 -3.98 7.66
CA LEU A 70 7.12 -3.23 6.79
C LEU A 70 7.76 -3.18 5.39
N ALA A 71 9.04 -2.95 5.33
CA ALA A 71 9.73 -2.86 4.03
C ALA A 71 9.61 -4.16 3.19
N LYS A 72 9.74 -5.31 3.86
CA LYS A 72 9.61 -6.61 3.17
C LYS A 72 8.18 -6.86 2.69
N ARG A 73 7.19 -6.61 3.54
CA ARG A 73 5.79 -6.82 3.16
C ARG A 73 5.40 -5.86 2.06
N ALA A 74 5.92 -4.64 2.11
CA ALA A 74 5.69 -3.68 1.04
C ALA A 74 6.33 -4.16 -0.26
N LYS A 75 7.56 -4.66 -0.21
CA LYS A 75 8.25 -5.11 -1.42
C LYS A 75 7.49 -6.30 -1.99
N LYS A 76 6.97 -7.15 -1.12
CA LYS A 76 6.19 -8.32 -1.57
C LYS A 76 4.95 -7.85 -2.32
N LEU A 77 4.29 -6.86 -1.77
CA LEU A 77 3.08 -6.29 -2.33
C LEU A 77 3.36 -5.62 -3.68
N LEU A 78 4.42 -4.81 -3.72
CA LEU A 78 4.77 -4.09 -4.94
C LEU A 78 5.17 -5.06 -6.06
N ARG A 79 5.76 -6.16 -5.70
CA ARG A 79 6.18 -7.17 -6.68
C ARG A 79 5.00 -7.60 -7.50
N SER A 80 3.88 -7.80 -6.83
CA SER A 80 2.62 -8.22 -7.51
C SER A 80 2.09 -7.09 -8.38
N TRP A 81 2.29 -5.87 -7.93
CA TRP A 81 1.85 -4.71 -8.72
C TRP A 81 2.72 -4.47 -9.90
N GLN A 82 3.96 -4.96 -9.84
CA GLN A 82 4.82 -4.88 -11.02
C GLN A 82 4.26 -5.77 -12.10
N LYS A 83 3.71 -6.90 -11.67
CA LYS A 83 3.11 -7.85 -12.62
C LYS A 83 1.73 -7.40 -13.08
N LEU A 84 1.16 -6.43 -12.41
CA LEU A 84 -0.14 -5.91 -12.84
C LEU A 84 0.03 -4.94 -13.98
N ILE A 85 0.93 -4.00 -13.80
CA ILE A 85 1.14 -2.98 -14.80
C ILE A 85 1.97 -3.52 -15.96
N GLU A 86 2.95 -4.39 -15.65
CA GLU A 86 4.00 -4.85 -16.62
C GLU A 86 4.57 -3.75 -17.54
N PRO A 87 5.20 -2.71 -16.96
CA PRO A 87 5.62 -1.63 -17.82
C PRO A 87 6.86 -1.94 -18.67
N ALA A 88 6.99 -1.17 -19.78
CA ALA A 88 8.17 -1.24 -20.63
C ALA A 88 8.71 0.18 -20.92
N GLY A 89 8.52 1.09 -19.95
CA GLY A 89 8.91 2.50 -20.12
C GLY A 89 10.37 2.72 -20.53
N SER A 90 11.22 1.88 -19.98
CA SER A 90 12.67 1.87 -20.28
C SER A 90 13.29 3.22 -19.91
#